data_2DUN
#
_entry.id   2DUN
#
_entity_poly.entity_id   1
_entity_poly.type   'polypeptide(L)'
_entity_poly.pdbx_seq_one_letter_code
;GSSGSSGSTRFPGVAIYLVEPRMGRSRRAFLTGLARSKGFRVLDACSSEATHVVMEETSAEEAVSWQERRMAAAPPGCTP
PALLDISWLTESLGAGQPVPVECRHRLEVAGPRKGPLSPAWMPAYACSGPSSG
;
_entity_poly.pdbx_strand_id   A
#
# COMPACT_ATOMS: atom_id res chain seq x y z
N GLY A 1 5.55 -21.60 -22.51
CA GLY A 1 4.39 -22.41 -22.18
C GLY A 1 4.76 -23.81 -21.76
N SER A 2 5.68 -24.42 -22.50
CA SER A 2 6.13 -25.78 -22.20
C SER A 2 7.31 -25.77 -21.25
N SER A 3 8.28 -24.91 -21.53
CA SER A 3 9.48 -24.80 -20.70
C SER A 3 9.16 -24.10 -19.39
N GLY A 4 10.12 -24.11 -18.46
CA GLY A 4 9.93 -23.47 -17.18
C GLY A 4 11.17 -22.76 -16.69
N SER A 5 11.60 -21.75 -17.44
CA SER A 5 12.79 -20.99 -17.08
C SER A 5 12.42 -19.55 -16.70
N SER A 6 13.29 -18.91 -15.93
CA SER A 6 13.05 -17.54 -15.49
C SER A 6 14.36 -16.82 -15.20
N GLY A 7 14.41 -15.54 -15.51
CA GLY A 7 15.62 -14.76 -15.28
C GLY A 7 15.32 -13.33 -14.88
N SER A 8 14.54 -12.63 -15.71
CA SER A 8 14.18 -11.25 -15.43
C SER A 8 12.66 -11.08 -15.38
N THR A 9 12.15 -10.81 -14.17
CA THR A 9 10.72 -10.62 -13.98
C THR A 9 10.11 -9.81 -15.12
N ARG A 10 8.84 -10.06 -15.42
CA ARG A 10 8.14 -9.35 -16.48
C ARG A 10 8.14 -7.84 -16.21
N PHE A 11 7.92 -7.47 -14.96
CA PHE A 11 7.90 -6.06 -14.57
C PHE A 11 8.89 -5.79 -13.44
N PRO A 12 10.17 -5.62 -13.80
CA PRO A 12 11.23 -5.35 -12.83
C PRO A 12 11.11 -3.95 -12.21
N GLY A 13 10.72 -2.99 -13.03
CA GLY A 13 10.57 -1.62 -12.54
C GLY A 13 9.71 -1.54 -11.30
N VAL A 14 8.72 -2.43 -11.21
CA VAL A 14 7.81 -2.45 -10.07
C VAL A 14 8.16 -3.58 -9.11
N ALA A 15 8.59 -3.22 -7.91
CA ALA A 15 8.95 -4.20 -6.90
C ALA A 15 7.99 -4.17 -5.72
N ILE A 16 7.24 -5.25 -5.54
CA ILE A 16 6.27 -5.35 -4.44
C ILE A 16 6.89 -6.00 -3.22
N TYR A 17 6.67 -5.41 -2.06
CA TYR A 17 7.21 -5.95 -0.81
C TYR A 17 6.12 -6.02 0.26
N LEU A 18 6.08 -7.14 0.98
CA LEU A 18 5.09 -7.33 2.03
C LEU A 18 5.71 -7.11 3.41
N VAL A 19 4.86 -6.97 4.42
CA VAL A 19 5.33 -6.76 5.78
C VAL A 19 5.10 -8.01 6.65
N GLU A 20 6.05 -8.27 7.53
CA GLU A 20 5.96 -9.43 8.42
C GLU A 20 4.86 -9.22 9.47
N PRO A 21 4.99 -8.15 10.25
CA PRO A 21 4.02 -7.81 11.30
C PRO A 21 2.68 -7.38 10.74
N ARG A 22 2.54 -7.46 9.42
CA ARG A 22 1.30 -7.07 8.75
C ARG A 22 0.75 -8.22 7.92
N MET A 23 1.64 -9.06 7.39
CA MET A 23 1.24 -10.19 6.57
C MET A 23 1.53 -11.51 7.30
N GLY A 24 2.71 -11.59 7.90
CA GLY A 24 3.08 -12.80 8.62
C GLY A 24 4.27 -13.51 7.99
N ARG A 25 4.76 -14.55 8.64
CA ARG A 25 5.90 -15.31 8.14
C ARG A 25 5.44 -16.40 7.19
N SER A 26 4.30 -17.00 7.49
CA SER A 26 3.74 -18.07 6.67
C SER A 26 2.93 -17.50 5.50
N ARG A 27 1.91 -16.72 5.83
CA ARG A 27 1.05 -16.12 4.82
C ARG A 27 1.89 -15.41 3.76
N ARG A 28 2.80 -14.56 4.22
CA ARG A 28 3.66 -13.81 3.31
C ARG A 28 4.08 -14.67 2.11
N ALA A 29 4.64 -15.84 2.41
CA ALA A 29 5.08 -16.76 1.37
C ALA A 29 3.99 -16.98 0.34
N PHE A 30 2.78 -17.26 0.81
CA PHE A 30 1.64 -17.49 -0.08
C PHE A 30 1.67 -16.53 -1.26
N LEU A 31 1.50 -15.24 -0.98
CA LEU A 31 1.50 -14.22 -2.02
C LEU A 31 2.89 -14.08 -2.64
N THR A 32 3.91 -14.03 -1.79
CA THR A 32 5.28 -13.91 -2.26
C THR A 32 5.54 -14.77 -3.49
N GLY A 33 5.19 -16.06 -3.37
CA GLY A 33 5.39 -16.98 -4.48
C GLY A 33 4.36 -16.79 -5.57
N LEU A 34 3.10 -16.64 -5.18
CA LEU A 34 2.02 -16.46 -6.14
C LEU A 34 2.36 -15.35 -7.14
N ALA A 35 2.65 -14.17 -6.63
CA ALA A 35 3.00 -13.04 -7.48
C ALA A 35 4.14 -13.39 -8.42
N ARG A 36 5.26 -13.84 -7.86
CA ARG A 36 6.44 -14.21 -8.65
C ARG A 36 6.01 -15.00 -9.88
N SER A 37 5.07 -15.92 -9.70
CA SER A 37 4.59 -16.75 -10.80
C SER A 37 3.87 -15.90 -11.84
N LYS A 38 3.14 -14.90 -11.37
CA LYS A 38 2.39 -14.01 -12.27
C LYS A 38 3.35 -13.15 -13.09
N GLY A 39 4.25 -12.45 -12.41
CA GLY A 39 5.20 -11.60 -13.10
C GLY A 39 5.62 -10.41 -12.26
N PHE A 40 5.71 -10.61 -10.95
CA PHE A 40 6.10 -9.54 -10.03
C PHE A 40 7.33 -9.93 -9.23
N ARG A 41 8.21 -8.96 -9.00
CA ARG A 41 9.44 -9.21 -8.24
C ARG A 41 9.22 -8.92 -6.77
N VAL A 42 9.33 -9.96 -5.94
CA VAL A 42 9.15 -9.81 -4.49
C VAL A 42 10.49 -9.65 -3.79
N LEU A 43 10.61 -8.58 -3.01
CA LEU A 43 11.84 -8.30 -2.28
C LEU A 43 11.81 -8.94 -0.89
N ASP A 44 12.88 -9.64 -0.55
CA ASP A 44 12.98 -10.30 0.76
C ASP A 44 13.14 -9.28 1.87
N ALA A 45 14.18 -8.46 1.77
CA ALA A 45 14.46 -7.44 2.77
C ALA A 45 14.19 -6.04 2.22
N CYS A 46 13.68 -5.15 3.07
CA CYS A 46 13.38 -3.79 2.66
C CYS A 46 14.57 -3.16 1.93
N SER A 47 14.38 -2.85 0.66
CA SER A 47 15.43 -2.25 -0.15
C SER A 47 14.90 -1.08 -0.96
N SER A 48 15.77 -0.11 -1.25
CA SER A 48 15.39 1.06 -2.01
C SER A 48 14.52 0.67 -3.21
N GLU A 49 14.84 -0.46 -3.82
CA GLU A 49 14.08 -0.94 -4.97
C GLU A 49 12.59 -0.95 -4.69
N ALA A 50 12.23 -1.36 -3.47
CA ALA A 50 10.83 -1.42 -3.07
C ALA A 50 10.08 -0.17 -3.53
N THR A 51 9.12 -0.37 -4.43
CA THR A 51 8.33 0.74 -4.95
C THR A 51 6.90 0.70 -4.41
N HIS A 52 6.37 -0.51 -4.25
CA HIS A 52 5.02 -0.68 -3.73
C HIS A 52 5.00 -1.62 -2.54
N VAL A 53 4.34 -1.21 -1.46
CA VAL A 53 4.25 -2.03 -0.26
C VAL A 53 2.84 -2.58 -0.07
N VAL A 54 2.75 -3.88 0.17
CA VAL A 54 1.46 -4.53 0.37
C VAL A 54 1.17 -4.72 1.86
N MET A 55 0.10 -4.08 2.33
CA MET A 55 -0.29 -4.17 3.72
C MET A 55 -1.72 -4.70 3.86
N GLU A 56 -1.91 -5.63 4.78
CA GLU A 56 -3.23 -6.23 5.01
C GLU A 56 -3.84 -5.72 6.31
N GLU A 57 -5.09 -5.28 6.23
CA GLU A 57 -5.79 -4.77 7.41
C GLU A 57 -5.06 -3.56 8.00
N THR A 58 -4.68 -2.64 7.13
CA THR A 58 -3.97 -1.43 7.55
C THR A 58 -4.76 -0.18 7.20
N SER A 59 -4.85 0.75 8.15
CA SER A 59 -5.58 2.00 7.94
C SER A 59 -4.76 2.97 7.09
N ALA A 60 -5.45 3.83 6.36
CA ALA A 60 -4.79 4.81 5.51
C ALA A 60 -3.62 5.46 6.23
N GLU A 61 -3.82 5.79 7.50
CA GLU A 61 -2.78 6.43 8.30
C GLU A 61 -1.76 5.39 8.78
N GLU A 62 -2.26 4.30 9.35
CA GLU A 62 -1.40 3.24 9.86
C GLU A 62 -0.21 3.01 8.92
N ALA A 63 -0.51 2.82 7.64
CA ALA A 63 0.53 2.60 6.64
C ALA A 63 1.67 3.59 6.79
N VAL A 64 1.33 4.88 6.79
CA VAL A 64 2.33 5.93 6.93
C VAL A 64 3.26 5.65 8.11
N SER A 65 2.68 5.34 9.25
CA SER A 65 3.46 5.05 10.45
C SER A 65 4.60 4.07 10.14
N TRP A 66 4.28 3.03 9.39
CA TRP A 66 5.27 2.03 9.02
C TRP A 66 6.20 2.56 7.94
N GLN A 67 5.73 3.54 7.18
CA GLN A 67 6.52 4.14 6.11
C GLN A 67 7.65 4.98 6.68
N GLU A 68 7.39 5.63 7.80
CA GLU A 68 8.40 6.48 8.45
C GLU A 68 9.68 5.70 8.69
N ARG A 69 9.54 4.47 9.19
CA ARG A 69 10.68 3.62 9.48
C ARG A 69 11.65 3.58 8.29
N ARG A 70 11.09 3.58 7.09
CA ARG A 70 11.89 3.54 5.88
C ARG A 70 12.79 4.78 5.78
N MET A 71 12.18 5.95 5.75
CA MET A 71 12.93 7.20 5.66
C MET A 71 13.97 7.29 6.77
N ALA A 72 13.75 6.53 7.84
CA ALA A 72 14.67 6.52 8.97
C ALA A 72 15.95 5.74 8.64
N ALA A 73 15.78 4.60 7.99
CA ALA A 73 16.91 3.77 7.62
C ALA A 73 17.11 3.76 6.10
N ALA A 74 16.55 4.75 5.43
CA ALA A 74 16.67 4.86 3.98
C ALA A 74 17.62 5.99 3.59
N PRO A 75 18.31 5.81 2.45
CA PRO A 75 19.27 6.80 1.94
C PRO A 75 18.58 8.07 1.44
N PRO A 76 19.34 9.16 1.36
CA PRO A 76 18.83 10.46 0.91
C PRO A 76 18.51 10.45 -0.59
N GLY A 77 17.50 11.22 -0.97
CA GLY A 77 17.10 11.29 -2.36
C GLY A 77 16.19 10.15 -2.77
N CYS A 78 16.37 9.00 -2.12
CA CYS A 78 15.55 7.83 -2.42
C CYS A 78 14.08 8.10 -2.11
N THR A 79 13.23 7.91 -3.12
CA THR A 79 11.80 8.13 -2.95
C THR A 79 11.13 6.96 -2.24
N PRO A 80 10.22 7.26 -1.32
CA PRO A 80 9.49 6.24 -0.55
C PRO A 80 8.50 5.47 -1.41
N PRO A 81 8.36 4.16 -1.12
CA PRO A 81 7.45 3.28 -1.85
C PRO A 81 5.99 3.61 -1.58
N ALA A 82 5.16 3.50 -2.62
CA ALA A 82 3.74 3.78 -2.50
C ALA A 82 3.04 2.71 -1.67
N LEU A 83 2.53 3.11 -0.50
CA LEU A 83 1.83 2.19 0.39
C LEU A 83 0.44 1.88 -0.13
N LEU A 84 0.17 0.61 -0.38
CA LEU A 84 -1.13 0.17 -0.89
C LEU A 84 -1.71 -0.93 -0.01
N ASP A 85 -2.93 -1.36 -0.34
CA ASP A 85 -3.59 -2.42 0.41
C ASP A 85 -3.60 -3.72 -0.38
N ILE A 86 -4.10 -4.78 0.25
CA ILE A 86 -4.17 -6.09 -0.39
C ILE A 86 -5.05 -6.05 -1.62
N SER A 87 -6.10 -5.22 -1.57
CA SER A 87 -7.02 -5.09 -2.69
C SER A 87 -6.27 -4.92 -4.01
N TRP A 88 -5.31 -4.00 -4.02
CA TRP A 88 -4.52 -3.74 -5.21
C TRP A 88 -3.85 -5.02 -5.71
N LEU A 89 -3.10 -5.67 -4.84
CA LEU A 89 -2.40 -6.90 -5.20
C LEU A 89 -3.37 -7.91 -5.81
N THR A 90 -4.34 -8.35 -5.02
CA THR A 90 -5.33 -9.32 -5.49
C THR A 90 -5.78 -8.99 -6.91
N GLU A 91 -6.19 -7.75 -7.13
CA GLU A 91 -6.65 -7.31 -8.45
C GLU A 91 -5.56 -7.52 -9.50
N SER A 92 -4.31 -7.34 -9.09
CA SER A 92 -3.18 -7.51 -9.99
C SER A 92 -2.99 -8.97 -10.36
N LEU A 93 -2.93 -9.83 -9.35
CA LEU A 93 -2.74 -11.26 -9.56
C LEU A 93 -3.80 -11.81 -10.51
N GLY A 94 -5.06 -11.47 -10.25
CA GLY A 94 -6.14 -11.94 -11.09
C GLY A 94 -6.07 -11.37 -12.50
N ALA A 95 -5.36 -10.25 -12.64
CA ALA A 95 -5.21 -9.61 -13.94
C ALA A 95 -3.91 -10.03 -14.62
N GLY A 96 -3.03 -10.66 -13.86
CA GLY A 96 -1.76 -11.10 -14.41
C GLY A 96 -0.77 -9.97 -14.57
N GLN A 97 -1.25 -8.74 -14.45
CA GLN A 97 -0.40 -7.56 -14.59
C GLN A 97 -0.67 -6.56 -13.47
N PRO A 98 0.35 -5.76 -13.13
CA PRO A 98 0.26 -4.74 -12.08
C PRO A 98 -0.64 -3.58 -12.48
N VAL A 99 -1.82 -3.51 -11.87
CA VAL A 99 -2.78 -2.44 -12.15
C VAL A 99 -2.26 -1.10 -11.68
N PRO A 100 -2.70 -0.01 -12.34
CA PRO A 100 -2.30 1.35 -12.00
C PRO A 100 -2.87 1.81 -10.66
N VAL A 101 -1.97 2.15 -9.73
CA VAL A 101 -2.38 2.60 -8.41
C VAL A 101 -3.49 3.65 -8.51
N GLU A 102 -4.31 3.74 -7.48
CA GLU A 102 -5.41 4.69 -7.44
C GLU A 102 -5.58 5.28 -6.05
N CYS A 103 -6.24 6.43 -5.98
CA CYS A 103 -6.47 7.11 -4.70
C CYS A 103 -6.85 6.09 -3.62
N ARG A 104 -7.90 5.32 -3.88
CA ARG A 104 -8.36 4.32 -2.92
C ARG A 104 -7.21 3.45 -2.44
N HIS A 105 -6.32 3.08 -3.36
CA HIS A 105 -5.17 2.25 -3.03
C HIS A 105 -4.21 2.99 -2.11
N ARG A 106 -3.84 4.20 -2.52
CA ARG A 106 -2.91 5.03 -1.74
C ARG A 106 -3.35 5.09 -0.28
N LEU A 107 -2.41 4.82 0.63
CA LEU A 107 -2.69 4.84 2.05
C LEU A 107 -2.06 6.06 2.72
N GLU A 108 -2.87 7.11 2.89
CA GLU A 108 -2.39 8.34 3.51
C GLU A 108 -3.49 9.01 4.32
N VAL A 109 -3.11 9.91 5.21
CA VAL A 109 -4.06 10.63 6.05
C VAL A 109 -3.75 12.11 6.10
N ALA A 110 -4.67 12.88 6.68
CA ALA A 110 -4.49 14.32 6.79
C ALA A 110 -5.63 14.96 7.59
N GLY A 111 -5.28 15.87 8.49
CA GLY A 111 -6.29 16.53 9.30
C GLY A 111 -7.31 15.57 9.86
N PRO A 112 -6.85 14.67 10.76
CA PRO A 112 -7.71 13.66 11.39
C PRO A 112 -8.71 14.29 12.37
N ARG A 113 -9.77 13.55 12.69
CA ARG A 113 -10.78 14.03 13.61
C ARG A 113 -10.65 13.34 14.97
N LYS A 114 -11.30 13.91 15.97
CA LYS A 114 -11.25 13.36 17.33
C LYS A 114 -12.61 13.47 18.00
N GLY A 115 -12.78 12.75 19.11
CA GLY A 115 -14.03 12.78 19.83
C GLY A 115 -14.86 11.53 19.60
N PRO A 116 -15.86 11.31 20.48
CA PRO A 116 -16.74 10.15 20.40
C PRO A 116 -17.69 10.22 19.21
N LEU A 117 -18.42 9.15 18.97
CA LEU A 117 -19.37 9.09 17.85
C LEU A 117 -20.81 9.09 18.36
N SER A 118 -21.61 10.02 17.87
CA SER A 118 -23.01 10.13 18.27
C SER A 118 -23.81 10.90 17.23
N PRO A 119 -25.10 10.57 17.13
CA PRO A 119 -26.02 11.22 16.18
C PRO A 119 -26.32 12.67 16.56
N ALA A 120 -26.71 12.88 17.81
CA ALA A 120 -27.02 14.22 18.30
C ALA A 120 -27.88 14.98 17.30
N TRP A 121 -28.69 14.25 16.55
CA TRP A 121 -29.57 14.86 15.55
C TRP A 121 -30.94 15.17 16.14
N MET A 122 -31.81 15.75 15.32
CA MET A 122 -33.16 16.08 15.77
C MET A 122 -34.20 15.22 15.05
N PRO A 123 -35.25 14.82 15.79
CA PRO A 123 -36.33 14.00 15.23
C PRO A 123 -37.19 14.75 14.23
N ALA A 124 -38.33 14.17 13.88
CA ALA A 124 -39.26 14.80 12.95
C ALA A 124 -40.08 15.88 13.62
N TYR A 125 -40.45 15.65 14.87
CA TYR A 125 -41.24 16.61 15.63
C TYR A 125 -40.36 17.66 16.29
N ALA A 126 -39.29 18.05 15.59
CA ALA A 126 -38.36 19.05 16.10
C ALA A 126 -38.35 20.29 15.23
N CYS A 127 -39.54 20.70 14.79
CA CYS A 127 -39.68 21.88 13.94
C CYS A 127 -40.84 22.75 14.41
N SER A 128 -40.59 24.05 14.53
CA SER A 128 -41.63 24.98 14.97
C SER A 128 -41.39 26.37 14.38
N GLY A 129 -42.34 27.27 14.59
CA GLY A 129 -42.22 28.62 14.07
C GLY A 129 -43.56 29.29 13.90
N PRO A 130 -43.59 30.62 14.11
CA PRO A 130 -44.82 31.42 13.99
C PRO A 130 -45.28 31.54 12.53
N SER A 131 -46.48 32.07 12.34
CA SER A 131 -47.04 32.24 11.01
C SER A 131 -48.22 33.21 11.03
N SER A 132 -48.67 33.61 9.85
CA SER A 132 -49.79 34.53 9.74
C SER A 132 -50.52 34.35 8.41
N GLY A 133 -51.77 34.81 8.34
CA GLY A 133 -52.55 34.68 7.13
C GLY A 133 -53.93 34.12 7.40
N GLY A 1 17.92 -19.88 3.10
CA GLY A 1 18.93 -19.44 2.15
C GLY A 1 19.48 -20.60 1.33
N SER A 2 19.35 -20.49 0.01
CA SER A 2 19.84 -21.54 -0.88
C SER A 2 20.49 -20.93 -2.11
N SER A 3 21.35 -21.72 -2.77
CA SER A 3 22.05 -21.25 -3.96
C SER A 3 21.05 -20.89 -5.07
N GLY A 4 21.25 -19.72 -5.66
CA GLY A 4 20.37 -19.26 -6.73
C GLY A 4 20.81 -17.95 -7.34
N SER A 5 21.20 -18.00 -8.61
CA SER A 5 21.66 -16.80 -9.30
C SER A 5 20.64 -16.36 -10.35
N SER A 6 19.36 -16.40 -9.98
CA SER A 6 18.29 -16.01 -10.89
C SER A 6 18.07 -14.50 -10.84
N GLY A 7 17.58 -13.95 -11.96
CA GLY A 7 17.33 -12.52 -12.03
C GLY A 7 16.57 -12.13 -13.28
N SER A 8 15.25 -12.33 -13.24
CA SER A 8 14.40 -12.00 -14.38
C SER A 8 12.93 -11.94 -13.96
N THR A 9 12.18 -11.06 -14.60
CA THR A 9 10.76 -10.90 -14.29
C THR A 9 10.03 -10.19 -15.43
N ARG A 10 8.75 -10.53 -15.60
CA ARG A 10 7.95 -9.93 -16.66
C ARG A 10 7.96 -8.41 -16.55
N PHE A 11 7.72 -7.90 -15.35
CA PHE A 11 7.70 -6.46 -15.11
C PHE A 11 8.72 -6.07 -14.04
N PRO A 12 9.99 -5.93 -14.45
CA PRO A 12 11.08 -5.56 -13.54
C PRO A 12 10.96 -4.12 -13.06
N GLY A 13 10.39 -3.26 -13.89
CA GLY A 13 10.23 -1.86 -13.52
C GLY A 13 9.43 -1.68 -12.24
N VAL A 14 8.47 -2.57 -12.03
CA VAL A 14 7.64 -2.51 -10.83
C VAL A 14 8.07 -3.54 -9.80
N ALA A 15 8.56 -3.05 -8.66
CA ALA A 15 9.01 -3.94 -7.59
C ALA A 15 8.11 -3.82 -6.37
N ILE A 16 7.39 -4.89 -6.06
CA ILE A 16 6.49 -4.91 -4.91
C ILE A 16 7.19 -5.42 -3.67
N TYR A 17 6.70 -5.00 -2.51
CA TYR A 17 7.29 -5.41 -1.24
C TYR A 17 6.21 -5.84 -0.25
N LEU A 18 6.51 -6.86 0.55
CA LEU A 18 5.57 -7.36 1.54
C LEU A 18 6.09 -7.16 2.95
N VAL A 19 5.20 -6.80 3.86
CA VAL A 19 5.57 -6.56 5.26
C VAL A 19 5.69 -7.88 6.02
N GLU A 20 6.39 -7.84 7.15
CA GLU A 20 6.58 -9.03 7.97
C GLU A 20 5.44 -9.20 8.95
N PRO A 21 5.36 -8.29 9.94
CA PRO A 21 4.31 -8.31 10.96
C PRO A 21 2.93 -7.97 10.39
N ARG A 22 2.85 -6.85 9.69
CA ARG A 22 1.59 -6.40 9.09
C ARG A 22 0.93 -7.52 8.32
N MET A 23 1.62 -8.02 7.29
CA MET A 23 1.09 -9.10 6.47
C MET A 23 1.16 -10.42 7.22
N GLY A 24 2.35 -10.78 7.68
CA GLY A 24 2.54 -12.02 8.41
C GLY A 24 3.56 -12.93 7.76
N ARG A 25 4.30 -13.66 8.58
CA ARG A 25 5.33 -14.56 8.09
C ARG A 25 4.75 -15.52 7.03
N SER A 26 3.65 -16.17 7.38
CA SER A 26 3.00 -17.11 6.48
C SER A 26 2.22 -16.37 5.40
N ARG A 27 1.35 -15.46 5.83
CA ARG A 27 0.53 -14.69 4.90
C ARG A 27 1.38 -14.13 3.76
N ARG A 28 2.43 -13.39 4.12
CA ARG A 28 3.33 -12.81 3.13
C ARG A 28 3.86 -13.87 2.17
N ALA A 29 4.56 -14.85 2.73
CA ALA A 29 5.13 -15.93 1.94
C ALA A 29 4.17 -16.35 0.82
N PHE A 30 2.96 -16.73 1.20
CA PHE A 30 1.95 -17.15 0.24
C PHE A 30 1.99 -16.28 -1.01
N LEU A 31 1.84 -14.97 -0.81
CA LEU A 31 1.86 -14.02 -1.92
C LEU A 31 3.21 -14.03 -2.62
N THR A 32 4.28 -13.96 -1.84
CA THR A 32 5.63 -13.96 -2.40
C THR A 32 5.74 -14.90 -3.59
N GLY A 33 5.56 -16.20 -3.34
CA GLY A 33 5.64 -17.16 -4.41
C GLY A 33 4.61 -16.91 -5.51
N LEU A 34 3.38 -16.63 -5.10
CA LEU A 34 2.31 -16.37 -6.07
C LEU A 34 2.71 -15.27 -7.04
N ALA A 35 2.89 -14.06 -6.54
CA ALA A 35 3.28 -12.93 -7.37
C ALA A 35 4.35 -13.33 -8.38
N ARG A 36 5.53 -13.68 -7.87
CA ARG A 36 6.64 -14.08 -8.73
C ARG A 36 6.13 -14.90 -9.92
N SER A 37 5.24 -15.85 -9.64
CA SER A 37 4.69 -16.70 -10.69
C SER A 37 3.82 -15.90 -11.64
N LYS A 38 2.99 -15.01 -11.08
CA LYS A 38 2.11 -14.18 -11.88
C LYS A 38 2.91 -13.26 -12.80
N GLY A 39 3.89 -12.56 -12.23
CA GLY A 39 4.71 -11.67 -13.01
C GLY A 39 5.17 -10.46 -12.22
N PHE A 40 5.40 -10.66 -10.93
CA PHE A 40 5.84 -9.57 -10.05
C PHE A 40 7.05 -10.01 -9.22
N ARG A 41 8.10 -9.19 -9.25
CA ARG A 41 9.31 -9.48 -8.49
C ARG A 41 9.19 -9.00 -7.05
N VAL A 42 9.22 -9.94 -6.11
CA VAL A 42 9.11 -9.61 -4.70
C VAL A 42 10.49 -9.35 -4.09
N LEU A 43 10.61 -8.23 -3.38
CA LEU A 43 11.86 -7.85 -2.75
C LEU A 43 11.94 -8.38 -1.32
N ASP A 44 13.13 -8.79 -0.91
CA ASP A 44 13.32 -9.32 0.45
C ASP A 44 13.70 -8.20 1.42
N ALA A 45 13.32 -6.97 1.06
CA ALA A 45 13.62 -5.81 1.90
C ALA A 45 12.91 -4.57 1.38
N CYS A 46 13.12 -3.45 2.05
CA CYS A 46 12.50 -2.19 1.67
C CYS A 46 13.54 -1.18 1.20
N SER A 47 13.94 -1.29 -0.06
CA SER A 47 14.94 -0.39 -0.64
C SER A 47 14.32 0.49 -1.71
N SER A 48 15.13 1.39 -2.27
CA SER A 48 14.66 2.30 -3.31
C SER A 48 13.91 1.54 -4.40
N GLU A 49 14.44 0.37 -4.76
CA GLU A 49 13.83 -0.45 -5.79
C GLU A 49 12.32 -0.58 -5.56
N ALA A 50 11.93 -0.81 -4.31
CA ALA A 50 10.52 -0.93 -3.95
C ALA A 50 9.70 0.21 -4.54
N THR A 51 8.81 -0.12 -5.46
CA THR A 51 7.97 0.88 -6.09
C THR A 51 6.58 0.90 -5.46
N HIS A 52 6.14 -0.25 -4.96
CA HIS A 52 4.84 -0.36 -4.31
C HIS A 52 4.91 -1.24 -3.06
N VAL A 53 4.04 -0.95 -2.10
CA VAL A 53 4.01 -1.71 -0.86
C VAL A 53 2.62 -2.28 -0.59
N VAL A 54 2.57 -3.57 -0.28
CA VAL A 54 1.30 -4.23 -0.01
C VAL A 54 1.11 -4.48 1.48
N MET A 55 -0.02 -4.07 2.02
CA MET A 55 -0.33 -4.24 3.43
C MET A 55 -1.76 -4.72 3.63
N GLU A 56 -1.94 -5.77 4.43
CA GLU A 56 -3.26 -6.31 4.70
C GLU A 56 -3.82 -5.77 6.02
N GLU A 57 -5.12 -5.55 6.05
CA GLU A 57 -5.77 -5.03 7.25
C GLU A 57 -5.06 -3.78 7.76
N THR A 58 -4.62 -2.94 6.83
CA THR A 58 -3.92 -1.71 7.18
C THR A 58 -4.66 -0.48 6.67
N SER A 59 -4.76 0.54 7.52
CA SER A 59 -5.46 1.77 7.15
C SER A 59 -4.50 2.75 6.48
N ALA A 60 -5.03 3.90 6.07
CA ALA A 60 -4.23 4.93 5.42
C ALA A 60 -3.20 5.50 6.38
N GLU A 61 -3.64 5.84 7.59
CA GLU A 61 -2.76 6.40 8.60
C GLU A 61 -1.72 5.37 9.05
N GLU A 62 -2.19 4.19 9.44
CA GLU A 62 -1.31 3.12 9.89
C GLU A 62 -0.12 2.96 8.94
N ALA A 63 -0.41 2.84 7.66
CA ALA A 63 0.62 2.67 6.65
C ALA A 63 1.75 3.69 6.84
N VAL A 64 1.40 4.97 6.76
CA VAL A 64 2.38 6.04 6.94
C VAL A 64 3.25 5.79 8.16
N SER A 65 2.61 5.44 9.28
CA SER A 65 3.33 5.17 10.52
C SER A 65 4.44 4.14 10.30
N TRP A 66 4.06 2.99 9.74
CA TRP A 66 5.03 1.92 9.47
C TRP A 66 6.04 2.36 8.42
N GLN A 67 5.63 3.26 7.54
CA GLN A 67 6.50 3.76 6.49
C GLN A 67 7.62 4.61 7.07
N GLU A 68 7.29 5.43 8.07
CA GLU A 68 8.27 6.29 8.71
C GLU A 68 9.33 5.47 9.44
N ARG A 69 8.90 4.38 10.04
CA ARG A 69 9.81 3.51 10.78
C ARG A 69 11.05 3.19 9.96
N ARG A 70 10.85 2.53 8.83
CA ARG A 70 11.96 2.17 7.95
C ARG A 70 12.59 3.41 7.33
N MET A 71 11.77 4.21 6.66
CA MET A 71 12.25 5.43 6.02
C MET A 71 13.24 6.17 6.93
N ALA A 72 13.06 6.01 8.24
CA ALA A 72 13.93 6.66 9.21
C ALA A 72 15.33 6.04 9.20
N ALA A 73 15.38 4.72 9.37
CA ALA A 73 16.66 4.01 9.38
C ALA A 73 17.10 3.66 7.96
N ALA A 74 16.38 4.19 6.98
CA ALA A 74 16.70 3.94 5.57
C ALA A 74 17.96 4.68 5.15
N PRO A 75 18.61 4.19 4.09
CA PRO A 75 19.83 4.80 3.56
C PRO A 75 19.57 6.15 2.91
N PRO A 76 20.65 6.93 2.69
CA PRO A 76 20.56 8.25 2.07
C PRO A 76 20.21 8.17 0.59
N GLY A 77 19.23 8.98 0.18
CA GLY A 77 18.81 8.99 -1.21
C GLY A 77 17.61 8.10 -1.46
N CYS A 78 17.31 7.24 -0.50
CA CYS A 78 16.17 6.34 -0.62
C CYS A 78 14.86 7.11 -0.66
N THR A 79 13.98 6.71 -1.58
CA THR A 79 12.68 7.37 -1.74
C THR A 79 11.56 6.52 -1.16
N PRO A 80 10.62 7.17 -0.47
CA PRO A 80 9.47 6.48 0.14
C PRO A 80 8.49 5.96 -0.90
N PRO A 81 8.27 4.63 -0.88
CA PRO A 81 7.35 3.97 -1.82
C PRO A 81 5.89 4.32 -1.54
N ALA A 82 5.02 3.97 -2.48
CA ALA A 82 3.60 4.24 -2.33
C ALA A 82 2.90 3.12 -1.55
N LEU A 83 2.46 3.44 -0.34
CA LEU A 83 1.78 2.47 0.52
C LEU A 83 0.40 2.14 -0.04
N LEU A 84 0.21 0.89 -0.43
CA LEU A 84 -1.06 0.44 -0.97
C LEU A 84 -1.66 -0.68 -0.12
N ASP A 85 -2.91 -1.04 -0.41
CA ASP A 85 -3.59 -2.11 0.32
C ASP A 85 -3.72 -3.35 -0.53
N ILE A 86 -3.72 -4.51 0.12
CA ILE A 86 -3.84 -5.79 -0.58
C ILE A 86 -4.78 -5.67 -1.77
N SER A 87 -5.82 -4.87 -1.62
CA SER A 87 -6.80 -4.67 -2.69
C SER A 87 -6.10 -4.52 -4.04
N TRP A 88 -5.08 -3.67 -4.09
CA TRP A 88 -4.34 -3.44 -5.31
C TRP A 88 -3.70 -4.73 -5.81
N LEU A 89 -2.91 -5.37 -4.95
CA LEU A 89 -2.23 -6.61 -5.31
C LEU A 89 -3.24 -7.66 -5.79
N THR A 90 -4.16 -8.05 -4.90
CA THR A 90 -5.18 -9.03 -5.23
C THR A 90 -5.67 -8.86 -6.66
N GLU A 91 -6.12 -7.66 -6.99
CA GLU A 91 -6.61 -7.36 -8.33
C GLU A 91 -5.53 -7.62 -9.38
N SER A 92 -4.29 -7.37 -9.01
CA SER A 92 -3.16 -7.56 -9.91
C SER A 92 -2.90 -9.05 -10.14
N LEU A 93 -2.91 -9.82 -9.06
CA LEU A 93 -2.67 -11.26 -9.14
C LEU A 93 -3.71 -11.93 -10.04
N GLY A 94 -4.99 -11.74 -9.72
CA GLY A 94 -6.05 -12.33 -10.51
C GLY A 94 -6.05 -11.84 -11.94
N ALA A 95 -5.31 -10.75 -12.18
CA ALA A 95 -5.23 -10.17 -13.52
C ALA A 95 -3.94 -10.58 -14.22
N GLY A 96 -3.00 -11.09 -13.44
CA GLY A 96 -1.72 -11.51 -14.00
C GLY A 96 -0.81 -10.33 -14.32
N GLN A 97 -1.35 -9.13 -14.23
CA GLN A 97 -0.58 -7.93 -14.52
C GLN A 97 -0.82 -6.87 -13.44
N PRO A 98 0.19 -5.99 -13.25
CA PRO A 98 0.12 -4.92 -12.25
C PRO A 98 -0.88 -3.83 -12.65
N VAL A 99 -2.00 -3.77 -11.94
CA VAL A 99 -3.04 -2.79 -12.22
C VAL A 99 -2.57 -1.39 -11.82
N PRO A 100 -3.09 -0.37 -12.52
CA PRO A 100 -2.75 1.03 -12.26
C PRO A 100 -3.31 1.53 -10.94
N VAL A 101 -2.46 1.55 -9.91
CA VAL A 101 -2.87 2.00 -8.59
C VAL A 101 -3.78 3.23 -8.69
N GLU A 102 -4.71 3.34 -7.76
CA GLU A 102 -5.64 4.46 -7.74
C GLU A 102 -5.52 5.25 -6.43
N CYS A 103 -6.14 6.42 -6.40
CA CYS A 103 -6.10 7.27 -5.21
C CYS A 103 -6.60 6.52 -3.98
N ARG A 104 -7.60 5.67 -4.19
CA ARG A 104 -8.19 4.89 -3.10
C ARG A 104 -7.17 3.85 -2.58
N HIS A 105 -6.30 3.38 -3.48
CA HIS A 105 -5.29 2.40 -3.12
C HIS A 105 -4.27 3.00 -2.17
N ARG A 106 -3.69 4.13 -2.57
CA ARG A 106 -2.68 4.80 -1.75
C ARG A 106 -3.09 4.83 -0.29
N LEU A 107 -2.12 4.71 0.61
CA LEU A 107 -2.40 4.72 2.04
C LEU A 107 -1.74 5.92 2.71
N GLU A 108 -2.52 6.97 2.93
CA GLU A 108 -2.01 8.18 3.56
C GLU A 108 -3.10 8.88 4.38
N VAL A 109 -2.69 9.63 5.38
CA VAL A 109 -3.64 10.34 6.24
C VAL A 109 -3.26 11.82 6.36
N ALA A 110 -4.18 12.61 6.90
CA ALA A 110 -3.94 14.04 7.07
C ALA A 110 -5.04 14.68 7.92
N GLY A 111 -4.65 15.18 9.09
CA GLY A 111 -5.62 15.82 9.97
C GLY A 111 -6.62 14.83 10.54
N PRO A 112 -6.11 13.82 11.27
CA PRO A 112 -6.94 12.79 11.88
C PRO A 112 -7.78 13.33 13.04
N ARG A 113 -9.08 13.04 13.00
CA ARG A 113 -9.99 13.50 14.05
C ARG A 113 -10.37 12.36 14.98
N LYS A 114 -9.59 12.19 16.05
CA LYS A 114 -9.85 11.13 17.01
C LYS A 114 -10.15 11.72 18.39
N GLY A 115 -11.14 11.14 19.07
CA GLY A 115 -11.50 11.62 20.40
C GLY A 115 -12.93 11.28 20.76
N PRO A 116 -13.20 9.98 20.98
CA PRO A 116 -14.55 9.51 21.33
C PRO A 116 -14.96 9.92 22.73
N LEU A 117 -16.16 9.55 23.14
CA LEU A 117 -16.68 9.88 24.46
C LEU A 117 -16.58 8.69 25.40
N SER A 118 -15.71 7.74 25.06
CA SER A 118 -15.52 6.55 25.87
C SER A 118 -14.12 5.99 25.70
N PRO A 119 -13.63 5.29 26.73
CA PRO A 119 -12.29 4.69 26.72
C PRO A 119 -12.19 3.52 25.75
N ALA A 120 -13.17 2.62 25.80
CA ALA A 120 -13.19 1.46 24.91
C ALA A 120 -14.52 0.73 24.98
N TRP A 121 -14.68 -0.30 24.15
CA TRP A 121 -15.91 -1.06 24.13
C TRP A 121 -15.64 -2.54 24.44
N MET A 122 -16.69 -3.25 24.85
CA MET A 122 -16.56 -4.66 25.17
C MET A 122 -17.93 -5.29 25.43
N PRO A 123 -18.10 -6.55 25.00
CA PRO A 123 -19.35 -7.28 25.17
C PRO A 123 -19.63 -7.64 26.63
N ALA A 124 -20.72 -8.35 26.87
CA ALA A 124 -21.09 -8.75 28.22
C ALA A 124 -20.92 -10.25 28.41
N TYR A 125 -21.07 -11.01 27.32
CA TYR A 125 -20.94 -12.45 27.37
C TYR A 125 -19.48 -12.87 27.17
N ALA A 126 -18.57 -12.05 27.68
CA ALA A 126 -17.14 -12.33 27.57
C ALA A 126 -16.70 -13.37 28.61
N CYS A 127 -16.73 -14.63 28.21
CA CYS A 127 -16.35 -15.72 29.10
C CYS A 127 -16.21 -17.03 28.34
N SER A 128 -15.60 -18.03 28.98
CA SER A 128 -15.42 -19.33 28.36
C SER A 128 -14.91 -20.35 29.37
N GLY A 129 -15.34 -21.60 29.22
CA GLY A 129 -14.92 -22.66 30.12
C GLY A 129 -15.91 -23.80 30.19
N PRO A 130 -16.02 -24.54 29.08
CA PRO A 130 -16.94 -25.68 28.98
C PRO A 130 -16.49 -26.86 29.83
N SER A 131 -17.45 -27.64 30.30
CA SER A 131 -17.16 -28.80 31.13
C SER A 131 -18.39 -29.69 31.28
N SER A 132 -18.26 -30.94 30.84
CA SER A 132 -19.36 -31.90 30.91
C SER A 132 -18.89 -33.21 31.52
N GLY A 133 -18.97 -33.31 32.84
CA GLY A 133 -18.56 -34.52 33.53
C GLY A 133 -17.86 -34.24 34.84
N GLY A 1 10.27 5.65 -30.26
CA GLY A 1 10.07 5.18 -28.90
C GLY A 1 9.75 3.71 -28.84
N SER A 2 10.56 2.95 -28.11
CA SER A 2 10.35 1.51 -27.97
C SER A 2 11.35 0.90 -26.98
N SER A 3 10.83 0.14 -26.03
CA SER A 3 11.67 -0.49 -25.02
C SER A 3 11.18 -1.91 -24.71
N GLY A 4 12.12 -2.79 -24.39
CA GLY A 4 11.76 -4.16 -24.07
C GLY A 4 12.96 -5.00 -23.67
N SER A 5 12.70 -6.16 -23.10
CA SER A 5 13.77 -7.06 -22.67
C SER A 5 13.25 -8.48 -22.50
N SER A 6 14.09 -9.46 -22.84
CA SER A 6 13.72 -10.86 -22.75
C SER A 6 14.38 -11.51 -21.53
N GLY A 7 13.73 -12.53 -20.97
CA GLY A 7 14.27 -13.22 -19.82
C GLY A 7 13.83 -12.59 -18.51
N SER A 8 14.46 -11.48 -18.15
CA SER A 8 14.13 -10.78 -16.91
C SER A 8 12.63 -10.78 -16.67
N THR A 9 12.23 -10.59 -15.41
CA THR A 9 10.82 -10.56 -15.05
C THR A 9 9.98 -9.94 -16.15
N ARG A 10 8.76 -10.43 -16.32
CA ARG A 10 7.85 -9.92 -17.34
C ARG A 10 7.77 -8.39 -17.29
N PHE A 11 7.68 -7.85 -16.07
CA PHE A 11 7.60 -6.41 -15.88
C PHE A 11 8.80 -5.90 -15.08
N PRO A 12 9.92 -5.67 -15.79
CA PRO A 12 11.16 -5.18 -15.17
C PRO A 12 11.04 -3.73 -14.71
N GLY A 13 10.42 -3.54 -13.55
CA GLY A 13 10.26 -2.20 -13.02
C GLY A 13 9.35 -2.17 -11.79
N VAL A 14 8.39 -3.07 -11.76
CA VAL A 14 7.45 -3.15 -10.64
C VAL A 14 7.93 -4.15 -9.60
N ALA A 15 8.39 -3.63 -8.46
CA ALA A 15 8.87 -4.48 -7.37
C ALA A 15 8.02 -4.31 -6.12
N ILE A 16 7.26 -5.35 -5.78
CA ILE A 16 6.40 -5.31 -4.60
C ILE A 16 7.12 -5.87 -3.38
N TYR A 17 6.94 -5.21 -2.24
CA TYR A 17 7.58 -5.63 -1.00
C TYR A 17 6.53 -6.01 0.04
N LEU A 18 6.66 -7.22 0.58
CA LEU A 18 5.72 -7.71 1.58
C LEU A 18 6.18 -7.31 2.99
N VAL A 19 5.29 -6.68 3.73
CA VAL A 19 5.59 -6.25 5.10
C VAL A 19 5.47 -7.41 6.07
N GLU A 20 6.60 -8.02 6.41
CA GLU A 20 6.62 -9.15 7.34
C GLU A 20 5.55 -8.98 8.41
N PRO A 21 5.66 -7.89 9.18
CA PRO A 21 4.70 -7.59 10.26
C PRO A 21 3.34 -7.20 9.73
N ARG A 22 2.29 -7.62 10.44
CA ARG A 22 0.92 -7.32 10.05
C ARG A 22 0.62 -7.88 8.65
N MET A 23 1.08 -9.11 8.41
CA MET A 23 0.86 -9.77 7.12
C MET A 23 0.34 -11.19 7.32
N GLY A 24 1.04 -11.96 8.14
CA GLY A 24 0.63 -13.33 8.40
C GLY A 24 1.79 -14.29 8.39
N ARG A 25 1.58 -15.49 8.92
CA ARG A 25 2.63 -16.50 8.98
C ARG A 25 2.77 -17.21 7.63
N SER A 26 1.70 -17.87 7.20
CA SER A 26 1.71 -18.59 5.93
C SER A 26 1.34 -17.66 4.78
N ARG A 27 0.22 -16.98 4.90
CA ARG A 27 -0.24 -16.04 3.88
C ARG A 27 0.93 -15.27 3.28
N ARG A 28 1.72 -14.65 4.15
CA ARG A 28 2.87 -13.87 3.71
C ARG A 28 3.59 -14.57 2.57
N ALA A 29 3.86 -15.86 2.74
CA ALA A 29 4.56 -16.64 1.71
C ALA A 29 3.64 -16.89 0.52
N PHE A 30 2.40 -17.28 0.79
CA PHE A 30 1.44 -17.55 -0.26
C PHE A 30 1.55 -16.53 -1.38
N LEU A 31 1.53 -15.25 -1.02
CA LEU A 31 1.64 -14.17 -1.99
C LEU A 31 3.03 -14.13 -2.62
N THR A 32 4.05 -14.28 -1.78
CA THR A 32 5.43 -14.26 -2.25
C THR A 32 5.58 -15.03 -3.56
N GLY A 33 5.29 -16.32 -3.52
CA GLY A 33 5.39 -17.15 -4.71
C GLY A 33 4.32 -16.83 -5.73
N LEU A 34 3.09 -16.61 -5.25
CA LEU A 34 1.98 -16.29 -6.14
C LEU A 34 2.36 -15.20 -7.14
N ALA A 35 2.78 -14.05 -6.61
CA ALA A 35 3.18 -12.93 -7.45
C ALA A 35 4.24 -13.35 -8.46
N ARG A 36 5.37 -13.84 -7.95
CA ARG A 36 6.47 -14.28 -8.80
C ARG A 36 5.95 -15.10 -9.98
N SER A 37 4.99 -15.98 -9.71
CA SER A 37 4.41 -16.83 -10.75
C SER A 37 3.67 -15.99 -11.77
N LYS A 38 2.98 -14.96 -11.31
CA LYS A 38 2.23 -14.07 -12.19
C LYS A 38 3.16 -13.27 -13.09
N GLY A 39 4.10 -12.56 -12.46
CA GLY A 39 5.05 -11.76 -13.22
C GLY A 39 5.51 -10.54 -12.45
N PHE A 40 5.64 -10.67 -11.13
CA PHE A 40 6.07 -9.58 -10.29
C PHE A 40 7.36 -9.94 -9.55
N ARG A 41 8.27 -8.97 -9.46
CA ARG A 41 9.54 -9.18 -8.77
C ARG A 41 9.39 -9.00 -7.27
N VAL A 42 9.50 -10.10 -6.53
CA VAL A 42 9.37 -10.07 -5.08
C VAL A 42 10.74 -9.94 -4.41
N LEU A 43 10.89 -8.93 -3.57
CA LEU A 43 12.15 -8.71 -2.86
C LEU A 43 12.18 -9.47 -1.54
N ASP A 44 13.22 -10.26 -1.34
CA ASP A 44 13.37 -11.03 -0.11
C ASP A 44 13.45 -10.11 1.11
N ALA A 45 14.32 -9.11 1.02
CA ALA A 45 14.48 -8.15 2.12
C ALA A 45 14.22 -6.73 1.65
N CYS A 46 14.00 -5.83 2.61
CA CYS A 46 13.73 -4.44 2.29
C CYS A 46 14.90 -3.82 1.53
N SER A 47 14.62 -3.37 0.30
CA SER A 47 15.64 -2.77 -0.54
C SER A 47 15.09 -1.56 -1.28
N SER A 48 15.98 -0.62 -1.63
CA SER A 48 15.59 0.58 -2.34
C SER A 48 14.71 0.25 -3.55
N GLU A 49 14.91 -0.95 -4.10
CA GLU A 49 14.14 -1.38 -5.26
C GLU A 49 12.65 -1.35 -4.96
N ALA A 50 12.27 -1.76 -3.76
CA ALA A 50 10.88 -1.78 -3.36
C ALA A 50 10.12 -0.58 -3.95
N THR A 51 9.25 -0.88 -4.92
CA THR A 51 8.47 0.17 -5.57
C THR A 51 7.09 0.30 -4.92
N HIS A 52 6.43 -0.82 -4.72
CA HIS A 52 5.10 -0.83 -4.11
C HIS A 52 5.08 -1.73 -2.87
N VAL A 53 4.33 -1.30 -1.85
CA VAL A 53 4.22 -2.07 -0.62
C VAL A 53 2.79 -2.56 -0.40
N VAL A 54 2.65 -3.80 0.05
CA VAL A 54 1.34 -4.38 0.30
C VAL A 54 1.07 -4.48 1.80
N MET A 55 -0.05 -3.90 2.22
CA MET A 55 -0.44 -3.92 3.63
C MET A 55 -1.86 -4.42 3.80
N GLU A 56 -2.03 -5.54 4.49
CA GLU A 56 -3.34 -6.12 4.71
C GLU A 56 -3.94 -5.64 6.03
N GLU A 57 -5.24 -5.36 6.02
CA GLU A 57 -5.92 -4.89 7.21
C GLU A 57 -5.13 -3.77 7.89
N THR A 58 -4.67 -2.81 7.09
CA THR A 58 -3.89 -1.69 7.61
C THR A 58 -4.57 -0.36 7.31
N SER A 59 -4.69 0.49 8.32
CA SER A 59 -5.32 1.80 8.16
C SER A 59 -4.45 2.71 7.30
N ALA A 60 -5.08 3.74 6.72
CA ALA A 60 -4.37 4.69 5.88
C ALA A 60 -3.25 5.38 6.65
N GLU A 61 -3.54 5.74 7.90
CA GLU A 61 -2.57 6.42 8.74
C GLU A 61 -1.52 5.44 9.26
N GLU A 62 -1.99 4.26 9.68
CA GLU A 62 -1.09 3.23 10.20
C GLU A 62 0.03 2.94 9.21
N ALA A 63 -0.33 2.81 7.94
CA ALA A 63 0.64 2.52 6.90
C ALA A 63 1.78 3.54 6.91
N VAL A 64 1.42 4.82 6.92
CA VAL A 64 2.41 5.89 6.94
C VAL A 64 3.39 5.71 8.10
N SER A 65 2.85 5.52 9.30
CA SER A 65 3.67 5.34 10.49
C SER A 65 4.76 4.29 10.25
N TRP A 66 4.32 3.06 10.00
CA TRP A 66 5.26 1.97 9.76
C TRP A 66 6.39 2.42 8.82
N GLN A 67 6.04 3.19 7.80
CA GLN A 67 7.01 3.67 6.84
C GLN A 67 7.98 4.65 7.50
N GLU A 68 7.43 5.66 8.18
CA GLU A 68 8.24 6.66 8.85
C GLU A 68 9.48 6.03 9.48
N ARG A 69 9.27 4.95 10.22
CA ARG A 69 10.37 4.24 10.87
C ARG A 69 11.62 4.26 10.01
N ARG A 70 11.45 3.93 8.73
CA ARG A 70 12.57 3.90 7.79
C ARG A 70 13.18 5.29 7.64
N MET A 71 12.37 6.24 7.19
CA MET A 71 12.84 7.61 7.01
C MET A 71 13.76 8.04 8.14
N ALA A 72 13.49 7.54 9.34
CA ALA A 72 14.29 7.86 10.51
C ALA A 72 15.69 7.27 10.38
N ALA A 73 15.76 5.96 10.17
CA ALA A 73 17.05 5.28 10.03
C ALA A 73 17.40 5.06 8.57
N ALA A 74 16.85 5.92 7.71
CA ALA A 74 17.11 5.82 6.27
C ALA A 74 18.03 6.94 5.80
N PRO A 75 18.79 6.68 4.74
CA PRO A 75 19.73 7.65 4.17
C PRO A 75 19.01 8.81 3.49
N PRO A 76 19.72 9.94 3.35
CA PRO A 76 19.17 11.15 2.72
C PRO A 76 18.97 10.97 1.21
N GLY A 77 17.79 11.38 0.73
CA GLY A 77 17.49 11.25 -0.69
C GLY A 77 16.61 10.06 -1.00
N CYS A 78 16.73 9.02 -0.17
CA CYS A 78 15.93 7.81 -0.36
C CYS A 78 14.44 8.14 -0.39
N THR A 79 13.77 7.69 -1.45
CA THR A 79 12.33 7.94 -1.60
C THR A 79 11.52 6.73 -1.16
N PRO A 80 10.51 6.96 -0.32
CA PRO A 80 9.63 5.91 0.19
C PRO A 80 8.72 5.34 -0.89
N PRO A 81 8.47 4.03 -0.82
CA PRO A 81 7.62 3.32 -1.79
C PRO A 81 6.15 3.71 -1.65
N ALA A 82 5.33 3.25 -2.58
CA ALA A 82 3.90 3.54 -2.56
C ALA A 82 3.16 2.55 -1.67
N LEU A 83 2.63 3.04 -0.56
CA LEU A 83 1.90 2.20 0.38
C LEU A 83 0.50 1.90 -0.14
N LEU A 84 0.30 0.67 -0.60
CA LEU A 84 -1.00 0.26 -1.12
C LEU A 84 -1.65 -0.78 -0.21
N ASP A 85 -2.89 -1.14 -0.52
CA ASP A 85 -3.63 -2.13 0.27
C ASP A 85 -3.76 -3.44 -0.48
N ILE A 86 -3.93 -4.52 0.27
CA ILE A 86 -4.07 -5.84 -0.33
C ILE A 86 -5.03 -5.82 -1.51
N SER A 87 -5.91 -4.82 -1.54
CA SER A 87 -6.88 -4.69 -2.62
C SER A 87 -6.18 -4.57 -3.96
N TRP A 88 -5.12 -3.78 -4.01
CA TRP A 88 -4.36 -3.58 -5.25
C TRP A 88 -3.71 -4.87 -5.69
N LEU A 89 -2.95 -5.49 -4.80
CA LEU A 89 -2.26 -6.74 -5.10
C LEU A 89 -3.24 -7.76 -5.68
N THR A 90 -4.24 -8.13 -4.90
CA THR A 90 -5.24 -9.10 -5.34
C THR A 90 -5.73 -8.78 -6.74
N GLU A 91 -6.00 -7.50 -6.99
CA GLU A 91 -6.49 -7.06 -8.29
C GLU A 91 -5.47 -7.38 -9.38
N SER A 92 -4.19 -7.14 -9.09
CA SER A 92 -3.12 -7.40 -10.04
C SER A 92 -2.97 -8.89 -10.29
N LEU A 93 -2.92 -9.66 -9.22
CA LEU A 93 -2.77 -11.11 -9.32
C LEU A 93 -3.92 -11.72 -10.12
N GLY A 94 -5.14 -11.38 -9.74
CA GLY A 94 -6.31 -11.91 -10.44
C GLY A 94 -6.36 -11.48 -11.88
N ALA A 95 -5.54 -10.49 -12.23
CA ALA A 95 -5.49 -9.99 -13.60
C ALA A 95 -4.23 -10.45 -14.31
N GLY A 96 -3.28 -10.98 -13.54
CA GLY A 96 -2.03 -11.45 -14.12
C GLY A 96 -1.07 -10.32 -14.42
N GLN A 97 -1.57 -9.09 -14.38
CA GLN A 97 -0.74 -7.91 -14.65
C GLN A 97 -0.95 -6.84 -13.60
N PRO A 98 0.08 -6.01 -13.38
CA PRO A 98 0.03 -4.93 -12.39
C PRO A 98 -0.91 -3.80 -12.80
N VAL A 99 -2.04 -3.70 -12.12
CA VAL A 99 -3.02 -2.67 -12.41
C VAL A 99 -2.51 -1.28 -12.00
N PRO A 100 -3.00 -0.24 -12.70
CA PRO A 100 -2.61 1.14 -12.42
C PRO A 100 -3.15 1.65 -11.09
N VAL A 101 -2.34 1.52 -10.05
CA VAL A 101 -2.74 1.96 -8.71
C VAL A 101 -3.51 3.28 -8.78
N GLU A 102 -4.43 3.47 -7.84
CA GLU A 102 -5.23 4.69 -7.80
C GLU A 102 -5.23 5.28 -6.39
N CYS A 103 -5.74 6.50 -6.27
CA CYS A 103 -5.80 7.18 -4.98
C CYS A 103 -6.41 6.29 -3.92
N ARG A 104 -7.56 5.70 -4.24
CA ARG A 104 -8.25 4.80 -3.31
C ARG A 104 -7.29 3.76 -2.74
N HIS A 105 -6.45 3.22 -3.60
CA HIS A 105 -5.49 2.20 -3.18
C HIS A 105 -4.43 2.80 -2.25
N ARG A 106 -3.95 3.99 -2.61
CA ARG A 106 -2.94 4.67 -1.81
C ARG A 106 -3.39 4.80 -0.36
N LEU A 107 -2.49 4.45 0.57
CA LEU A 107 -2.80 4.52 1.99
C LEU A 107 -2.16 5.76 2.63
N GLU A 108 -2.93 6.83 2.74
CA GLU A 108 -2.44 8.06 3.33
C GLU A 108 -3.53 8.75 4.16
N VAL A 109 -3.10 9.53 5.14
CA VAL A 109 -4.05 10.25 6.01
C VAL A 109 -3.80 11.74 5.98
N ALA A 110 -4.75 12.51 6.51
CA ALA A 110 -4.64 13.96 6.55
C ALA A 110 -5.79 14.58 7.32
N GLY A 111 -5.46 15.48 8.24
CA GLY A 111 -6.48 16.13 9.04
C GLY A 111 -7.39 15.15 9.74
N PRO A 112 -6.82 14.34 10.64
CA PRO A 112 -7.57 13.33 11.40
C PRO A 112 -8.51 13.96 12.41
N ARG A 113 -9.40 13.14 12.96
CA ARG A 113 -10.37 13.62 13.96
C ARG A 113 -10.13 12.94 15.31
N LYS A 114 -10.85 13.40 16.32
CA LYS A 114 -10.72 12.84 17.66
C LYS A 114 -12.05 12.92 18.42
N GLY A 115 -12.36 11.89 19.18
CA GLY A 115 -13.60 11.86 19.94
C GLY A 115 -14.82 11.64 19.06
N PRO A 116 -15.69 12.66 18.98
CA PRO A 116 -16.90 12.59 18.18
C PRO A 116 -16.62 12.60 16.67
N LEU A 117 -17.67 12.61 15.87
CA LEU A 117 -17.53 12.63 14.42
C LEU A 117 -18.39 13.70 13.79
N SER A 118 -17.90 14.31 12.71
CA SER A 118 -18.65 15.35 12.03
C SER A 118 -18.12 15.53 10.60
N PRO A 119 -19.04 15.84 9.66
CA PRO A 119 -18.70 16.04 8.25
C PRO A 119 -17.92 17.33 8.03
N ALA A 120 -18.39 18.42 8.62
CA ALA A 120 -17.73 19.71 8.49
C ALA A 120 -18.34 20.74 9.43
N TRP A 121 -17.85 21.97 9.35
CA TRP A 121 -18.34 23.05 10.20
C TRP A 121 -19.07 24.11 9.37
N MET A 122 -20.13 24.66 9.94
CA MET A 122 -20.91 25.68 9.26
C MET A 122 -21.58 26.62 10.25
N PRO A 123 -21.56 27.93 9.94
CA PRO A 123 -22.17 28.95 10.81
C PRO A 123 -23.69 28.87 10.82
N ALA A 124 -24.32 29.77 11.58
CA ALA A 124 -25.77 29.80 11.68
C ALA A 124 -26.37 30.87 10.77
N TYR A 125 -25.62 31.96 10.58
CA TYR A 125 -26.07 33.05 9.73
C TYR A 125 -25.73 32.79 8.27
N ALA A 126 -25.80 31.52 7.87
CA ALA A 126 -25.50 31.14 6.50
C ALA A 126 -26.75 31.23 5.62
N CYS A 127 -27.02 32.42 5.12
CA CYS A 127 -28.18 32.64 4.27
C CYS A 127 -27.79 33.35 2.98
N SER A 128 -28.55 33.11 1.91
CA SER A 128 -28.28 33.72 0.62
C SER A 128 -29.52 33.73 -0.26
N GLY A 129 -29.94 34.92 -0.66
CA GLY A 129 -31.13 35.05 -1.49
C GLY A 129 -30.81 35.66 -2.84
N PRO A 130 -30.36 34.82 -3.79
CA PRO A 130 -30.01 35.27 -5.14
C PRO A 130 -31.25 35.67 -5.95
N SER A 131 -31.61 36.96 -5.88
CA SER A 131 -32.77 37.46 -6.61
C SER A 131 -32.57 38.92 -7.00
N SER A 132 -33.31 39.35 -8.02
CA SER A 132 -33.21 40.73 -8.50
C SER A 132 -34.56 41.43 -8.41
N GLY A 133 -35.56 40.86 -9.07
CA GLY A 133 -36.89 41.43 -9.06
C GLY A 133 -37.62 41.25 -10.38
N GLY A 1 -1.29 -26.42 -16.20
CA GLY A 1 -0.36 -25.37 -16.53
C GLY A 1 0.85 -25.36 -15.62
N SER A 2 2.02 -25.69 -16.17
CA SER A 2 3.24 -25.73 -15.39
C SER A 2 4.16 -24.56 -15.75
N SER A 3 4.33 -23.64 -14.81
CA SER A 3 5.17 -22.46 -15.02
C SER A 3 6.34 -22.43 -14.04
N GLY A 4 7.50 -22.85 -14.51
CA GLY A 4 8.68 -22.87 -13.66
C GLY A 4 9.51 -21.60 -13.80
N SER A 5 10.41 -21.39 -12.85
CA SER A 5 11.28 -20.21 -12.87
C SER A 5 11.99 -20.08 -14.21
N SER A 6 11.60 -19.08 -14.99
CA SER A 6 12.20 -18.84 -16.29
C SER A 6 13.48 -18.01 -16.17
N GLY A 7 13.35 -16.84 -15.55
CA GLY A 7 14.50 -15.97 -15.39
C GLY A 7 14.13 -14.50 -15.39
N SER A 8 14.04 -13.92 -16.59
CA SER A 8 13.69 -12.51 -16.73
C SER A 8 12.24 -12.27 -16.34
N THR A 9 12.03 -11.65 -15.19
CA THR A 9 10.68 -11.36 -14.70
C THR A 9 9.87 -10.62 -15.76
N ARG A 10 8.58 -10.95 -15.84
CA ARG A 10 7.69 -10.32 -16.80
C ARG A 10 7.78 -8.80 -16.71
N PHE A 11 7.71 -8.28 -15.49
CA PHE A 11 7.78 -6.85 -15.26
C PHE A 11 8.94 -6.49 -14.33
N PRO A 12 10.15 -6.37 -14.91
CA PRO A 12 11.36 -6.03 -14.16
C PRO A 12 11.34 -4.60 -13.64
N GLY A 13 10.37 -3.82 -14.10
CA GLY A 13 10.26 -2.44 -13.68
C GLY A 13 9.25 -2.24 -12.57
N VAL A 14 9.06 -3.28 -11.76
CA VAL A 14 8.10 -3.22 -10.66
C VAL A 14 8.58 -4.06 -9.48
N ALA A 15 8.79 -3.41 -8.34
CA ALA A 15 9.24 -4.11 -7.14
C ALA A 15 8.22 -3.97 -6.00
N ILE A 16 7.65 -5.09 -5.59
CA ILE A 16 6.66 -5.09 -4.51
C ILE A 16 7.25 -5.68 -3.23
N TYR A 17 6.91 -5.07 -2.10
CA TYR A 17 7.40 -5.54 -0.81
C TYR A 17 6.24 -5.91 0.11
N LEU A 18 6.26 -7.14 0.61
CA LEU A 18 5.21 -7.62 1.50
C LEU A 18 5.65 -7.52 2.96
N VAL A 19 4.79 -6.94 3.79
CA VAL A 19 5.08 -6.78 5.21
C VAL A 19 5.23 -8.13 5.89
N GLU A 20 6.06 -8.18 6.93
CA GLU A 20 6.30 -9.41 7.66
C GLU A 20 5.28 -9.58 8.79
N PRO A 21 5.37 -8.72 9.81
CA PRO A 21 4.46 -8.75 10.96
C PRO A 21 3.05 -8.30 10.58
N ARG A 22 2.95 -7.14 9.95
CA ARG A 22 1.65 -6.60 9.54
C ARG A 22 0.80 -7.67 8.87
N MET A 23 1.46 -8.68 8.32
CA MET A 23 0.77 -9.77 7.64
C MET A 23 1.05 -11.10 8.34
N GLY A 24 2.29 -11.57 8.24
CA GLY A 24 2.66 -12.83 8.86
C GLY A 24 3.66 -13.60 8.04
N ARG A 25 4.13 -14.73 8.58
CA ARG A 25 5.10 -15.56 7.89
C ARG A 25 4.44 -16.38 6.80
N SER A 26 3.41 -17.14 7.17
CA SER A 26 2.69 -17.97 6.22
C SER A 26 1.89 -17.11 5.24
N ARG A 27 0.99 -16.29 5.77
CA ARG A 27 0.16 -15.43 4.96
C ARG A 27 0.99 -14.73 3.89
N ARG A 28 2.21 -14.34 4.25
CA ARG A 28 3.11 -13.67 3.31
C ARG A 28 3.58 -14.63 2.22
N ALA A 29 4.21 -15.72 2.63
CA ALA A 29 4.72 -16.72 1.70
C ALA A 29 3.70 -16.98 0.59
N PHE A 30 2.45 -17.18 0.98
CA PHE A 30 1.38 -17.45 0.01
C PHE A 30 1.48 -16.51 -1.18
N LEU A 31 1.28 -15.22 -0.93
CA LEU A 31 1.35 -14.20 -1.98
C LEU A 31 2.73 -14.17 -2.61
N THR A 32 3.76 -14.19 -1.77
CA THR A 32 5.14 -14.16 -2.24
C THR A 32 5.32 -15.04 -3.47
N GLY A 33 5.08 -16.34 -3.30
CA GLY A 33 5.22 -17.27 -4.40
C GLY A 33 4.30 -16.95 -5.56
N LEU A 34 3.04 -16.73 -5.26
CA LEU A 34 2.04 -16.41 -6.28
C LEU A 34 2.56 -15.31 -7.22
N ALA A 35 2.89 -14.15 -6.63
CA ALA A 35 3.40 -13.03 -7.40
C ALA A 35 4.48 -13.48 -8.38
N ARG A 36 5.60 -13.96 -7.84
CA ARG A 36 6.71 -14.42 -8.67
C ARG A 36 6.19 -15.13 -9.92
N SER A 37 5.13 -15.91 -9.76
CA SER A 37 4.54 -16.66 -10.86
C SER A 37 3.81 -15.72 -11.82
N LYS A 38 3.02 -14.80 -11.27
CA LYS A 38 2.27 -13.85 -12.08
C LYS A 38 3.21 -13.01 -12.93
N GLY A 39 4.33 -12.58 -12.35
CA GLY A 39 5.29 -11.78 -13.06
C GLY A 39 5.71 -10.54 -12.31
N PHE A 40 5.62 -10.61 -10.97
CA PHE A 40 6.00 -9.48 -10.13
C PHE A 40 7.29 -9.78 -9.37
N ARG A 41 8.11 -8.75 -9.18
CA ARG A 41 9.37 -8.91 -8.48
C ARG A 41 9.21 -8.65 -6.99
N VAL A 42 9.43 -9.69 -6.18
CA VAL A 42 9.29 -9.59 -4.73
C VAL A 42 10.66 -9.40 -4.07
N LEU A 43 10.74 -8.44 -3.16
CA LEU A 43 11.98 -8.17 -2.45
C LEU A 43 12.04 -8.94 -1.14
N ASP A 44 13.25 -9.32 -0.74
CA ASP A 44 13.44 -10.06 0.50
C ASP A 44 13.56 -9.12 1.69
N ALA A 45 14.34 -8.06 1.52
CA ALA A 45 14.54 -7.07 2.57
C ALA A 45 14.39 -5.65 2.04
N CYS A 46 14.33 -4.68 2.95
CA CYS A 46 14.18 -3.28 2.57
C CYS A 46 15.24 -2.89 1.55
N SER A 47 14.87 -1.98 0.64
CA SER A 47 15.78 -1.52 -0.39
C SER A 47 15.16 -0.36 -1.18
N SER A 48 15.90 0.12 -2.17
CA SER A 48 15.43 1.23 -3.00
C SER A 48 14.49 0.74 -4.10
N GLU A 49 14.47 -0.58 -4.28
CA GLU A 49 13.61 -1.18 -5.30
C GLU A 49 12.15 -1.08 -4.90
N ALA A 50 11.88 -1.12 -3.61
CA ALA A 50 10.52 -1.03 -3.10
C ALA A 50 9.73 0.08 -3.80
N THR A 51 8.81 -0.31 -4.67
CA THR A 51 8.00 0.65 -5.41
C THR A 51 6.54 0.57 -5.00
N HIS A 52 6.13 -0.60 -4.53
CA HIS A 52 4.75 -0.81 -4.10
C HIS A 52 4.69 -1.77 -2.92
N VAL A 53 4.36 -1.23 -1.75
CA VAL A 53 4.26 -2.04 -0.54
C VAL A 53 2.82 -2.45 -0.26
N VAL A 54 2.60 -3.76 -0.18
CA VAL A 54 1.25 -4.29 0.09
C VAL A 54 1.04 -4.53 1.57
N MET A 55 -0.17 -4.23 2.04
CA MET A 55 -0.51 -4.41 3.45
C MET A 55 -1.92 -4.95 3.61
N GLU A 56 -2.24 -5.41 4.81
CA GLU A 56 -3.57 -5.96 5.09
C GLU A 56 -4.12 -5.41 6.40
N GLU A 57 -5.44 -5.22 6.44
CA GLU A 57 -6.09 -4.70 7.64
C GLU A 57 -5.30 -3.54 8.23
N THR A 58 -4.69 -2.73 7.36
CA THR A 58 -3.89 -1.59 7.79
C THR A 58 -4.57 -0.28 7.41
N SER A 59 -4.88 0.54 8.41
CA SER A 59 -5.52 1.83 8.16
C SER A 59 -4.70 2.68 7.20
N ALA A 60 -5.18 3.89 6.94
CA ALA A 60 -4.49 4.80 6.03
C ALA A 60 -3.31 5.47 6.73
N GLU A 61 -3.43 5.66 8.04
CA GLU A 61 -2.37 6.29 8.82
C GLU A 61 -1.34 5.26 9.27
N GLU A 62 -1.81 4.07 9.61
CA GLU A 62 -0.93 3.00 10.07
C GLU A 62 0.17 2.72 9.03
N ALA A 63 -0.17 2.89 7.76
CA ALA A 63 0.77 2.66 6.68
C ALA A 63 1.88 3.72 6.69
N VAL A 64 1.48 4.98 6.74
CA VAL A 64 2.44 6.08 6.75
C VAL A 64 3.34 6.02 7.98
N SER A 65 2.81 5.47 9.06
CA SER A 65 3.56 5.35 10.31
C SER A 65 4.58 4.21 10.22
N TRP A 66 4.22 3.16 9.48
CA TRP A 66 5.08 2.01 9.31
C TRP A 66 6.22 2.32 8.35
N GLN A 67 5.98 3.27 7.46
CA GLN A 67 6.98 3.66 6.48
C GLN A 67 7.90 4.74 7.04
N GLU A 68 7.44 5.43 8.08
CA GLU A 68 8.22 6.48 8.70
C GLU A 68 9.49 5.92 9.34
N ARG A 69 9.33 4.90 10.16
CA ARG A 69 10.47 4.26 10.82
C ARG A 69 11.60 4.00 9.84
N ARG A 70 11.24 3.74 8.58
CA ARG A 70 12.22 3.46 7.55
C ARG A 70 12.87 4.75 7.06
N MET A 71 12.07 5.63 6.47
CA MET A 71 12.56 6.91 5.97
C MET A 71 13.45 7.60 7.00
N ALA A 72 13.28 7.22 8.27
CA ALA A 72 14.06 7.80 9.35
C ALA A 72 15.52 7.35 9.27
N ALA A 73 15.73 6.05 9.15
CA ALA A 73 17.07 5.49 9.06
C ALA A 73 17.45 5.17 7.61
N ALA A 74 16.62 5.64 6.68
CA ALA A 74 16.86 5.41 5.25
C ALA A 74 17.88 6.39 4.70
N PRO A 75 18.56 6.01 3.62
CA PRO A 75 19.57 6.84 2.97
C PRO A 75 18.95 8.05 2.27
N PRO A 76 19.75 9.12 2.11
CA PRO A 76 19.31 10.36 1.46
C PRO A 76 19.10 10.17 -0.04
N GLY A 77 18.00 10.73 -0.56
CA GLY A 77 17.71 10.62 -1.97
C GLY A 77 16.76 9.48 -2.28
N CYS A 78 16.69 8.52 -1.37
CA CYS A 78 15.81 7.35 -1.55
C CYS A 78 14.35 7.79 -1.62
N THR A 79 13.67 7.40 -2.70
CA THR A 79 12.27 7.74 -2.89
C THR A 79 11.37 6.87 -2.04
N PRO A 80 10.34 7.47 -1.43
CA PRO A 80 9.39 6.76 -0.58
C PRO A 80 8.48 5.83 -1.38
N PRO A 81 8.40 4.57 -0.94
CA PRO A 81 7.57 3.55 -1.61
C PRO A 81 6.08 3.82 -1.43
N ALA A 82 5.32 3.65 -2.50
CA ALA A 82 3.87 3.86 -2.46
C ALA A 82 3.18 2.76 -1.67
N LEU A 83 2.73 3.10 -0.46
CA LEU A 83 2.06 2.14 0.39
C LEU A 83 0.66 1.83 -0.13
N LEU A 84 0.47 0.61 -0.62
CA LEU A 84 -0.81 0.19 -1.15
C LEU A 84 -1.47 -0.84 -0.24
N ASP A 85 -2.73 -1.16 -0.53
CA ASP A 85 -3.47 -2.14 0.27
C ASP A 85 -3.62 -3.46 -0.49
N ILE A 86 -3.82 -4.54 0.27
CA ILE A 86 -3.97 -5.86 -0.33
C ILE A 86 -4.92 -5.82 -1.53
N SER A 87 -5.82 -4.84 -1.53
CA SER A 87 -6.78 -4.69 -2.62
C SER A 87 -6.07 -4.52 -3.95
N TRP A 88 -5.01 -3.70 -3.94
CA TRP A 88 -4.24 -3.44 -5.16
C TRP A 88 -3.58 -4.71 -5.67
N LEU A 89 -3.03 -5.49 -4.75
CA LEU A 89 -2.36 -6.74 -5.10
C LEU A 89 -3.33 -7.71 -5.75
N THR A 90 -4.42 -8.01 -5.05
CA THR A 90 -5.44 -8.93 -5.55
C THR A 90 -5.88 -8.54 -6.96
N GLU A 91 -5.79 -7.25 -7.26
CA GLU A 91 -6.18 -6.74 -8.57
C GLU A 91 -5.18 -7.17 -9.64
N SER A 92 -3.90 -7.04 -9.33
CA SER A 92 -2.84 -7.41 -10.26
C SER A 92 -2.71 -8.93 -10.38
N LEU A 93 -2.89 -9.61 -9.25
CA LEU A 93 -2.80 -11.06 -9.22
C LEU A 93 -3.87 -11.70 -10.11
N GLY A 94 -5.10 -11.20 -9.98
CA GLY A 94 -6.20 -11.73 -10.78
C GLY A 94 -6.19 -11.18 -12.20
N ALA A 95 -5.34 -10.21 -12.45
CA ALA A 95 -5.25 -9.61 -13.77
C ALA A 95 -3.96 -10.03 -14.48
N GLY A 96 -3.03 -10.60 -13.72
CA GLY A 96 -1.77 -11.04 -14.28
C GLY A 96 -0.79 -9.90 -14.48
N GLN A 97 -1.30 -8.67 -14.46
CA GLN A 97 -0.46 -7.49 -14.64
C GLN A 97 -0.70 -6.48 -13.52
N PRO A 98 0.34 -5.68 -13.21
CA PRO A 98 0.27 -4.66 -12.16
C PRO A 98 -0.64 -3.50 -12.55
N VAL A 99 -1.80 -3.43 -11.89
CA VAL A 99 -2.76 -2.36 -12.17
C VAL A 99 -2.25 -1.02 -11.65
N PRO A 100 -2.69 0.07 -12.30
CA PRO A 100 -2.30 1.43 -11.93
C PRO A 100 -2.90 1.86 -10.60
N VAL A 101 -2.05 2.31 -9.68
CA VAL A 101 -2.50 2.76 -8.37
C VAL A 101 -3.77 3.60 -8.48
N GLU A 102 -4.70 3.37 -7.56
CA GLU A 102 -5.95 4.11 -7.55
C GLU A 102 -6.09 4.96 -6.28
N CYS A 103 -6.97 5.96 -6.34
CA CYS A 103 -7.18 6.84 -5.19
C CYS A 103 -7.59 6.03 -3.96
N ARG A 104 -8.18 4.87 -4.18
CA ARG A 104 -8.62 4.01 -3.08
C ARG A 104 -7.45 3.17 -2.56
N HIS A 105 -6.51 2.85 -3.45
CA HIS A 105 -5.35 2.06 -3.07
C HIS A 105 -4.41 2.85 -2.17
N ARG A 106 -4.10 4.07 -2.58
CA ARG A 106 -3.21 4.93 -1.81
C ARG A 106 -3.54 4.86 -0.32
N LEU A 107 -2.49 4.74 0.50
CA LEU A 107 -2.67 4.66 1.94
C LEU A 107 -1.98 5.84 2.65
N GLU A 108 -2.75 6.87 2.96
CA GLU A 108 -2.21 8.04 3.64
C GLU A 108 -3.28 8.74 4.46
N VAL A 109 -2.85 9.47 5.48
CA VAL A 109 -3.78 10.18 6.35
C VAL A 109 -3.54 11.69 6.29
N ALA A 110 -4.45 12.45 6.88
CA ALA A 110 -4.34 13.90 6.89
C ALA A 110 -5.44 14.53 7.74
N GLY A 111 -5.06 15.08 8.89
CA GLY A 111 -6.03 15.70 9.78
C GLY A 111 -6.92 14.68 10.47
N PRO A 112 -6.34 13.94 11.42
CA PRO A 112 -7.07 12.92 12.18
C PRO A 112 -8.09 13.52 13.13
N ARG A 113 -9.30 12.98 13.12
CA ARG A 113 -10.37 13.47 13.99
C ARG A 113 -10.30 12.82 15.36
N LYS A 114 -10.91 13.45 16.35
CA LYS A 114 -10.91 12.93 17.71
C LYS A 114 -12.30 13.05 18.33
N GLY A 115 -12.87 11.91 18.70
CA GLY A 115 -14.20 11.90 19.31
C GLY A 115 -15.29 12.26 18.32
N PRO A 116 -16.53 11.91 18.65
CA PRO A 116 -17.69 12.19 17.79
C PRO A 116 -18.02 13.68 17.74
N LEU A 117 -19.05 14.03 16.97
CA LEU A 117 -19.46 15.42 16.83
C LEU A 117 -20.98 15.54 16.94
N SER A 118 -21.44 16.58 17.63
CA SER A 118 -22.86 16.82 17.81
C SER A 118 -23.21 18.29 17.58
N PRO A 119 -24.36 18.53 16.95
CA PRO A 119 -24.84 19.88 16.64
C PRO A 119 -25.25 20.65 17.91
N ALA A 120 -26.08 20.02 18.73
CA ALA A 120 -26.53 20.64 19.96
C ALA A 120 -27.29 19.64 20.84
N TRP A 121 -27.81 20.11 21.96
CA TRP A 121 -28.54 19.26 22.89
C TRP A 121 -30.02 19.62 22.91
N MET A 122 -30.88 18.61 22.89
CA MET A 122 -32.32 18.82 22.91
C MET A 122 -33.02 17.77 23.77
N PRO A 123 -33.85 18.25 24.71
CA PRO A 123 -34.59 17.36 25.62
C PRO A 123 -35.69 16.59 24.91
N ALA A 124 -36.46 15.83 25.67
CA ALA A 124 -37.55 15.03 25.11
C ALA A 124 -38.89 15.75 25.27
N TYR A 125 -39.00 16.58 26.30
CA TYR A 125 -40.23 17.32 26.56
C TYR A 125 -40.26 18.61 25.75
N ALA A 126 -39.52 18.64 24.66
CA ALA A 126 -39.47 19.81 23.80
C ALA A 126 -40.56 19.76 22.74
N CYS A 127 -41.76 20.21 23.11
CA CYS A 127 -42.90 20.22 22.18
C CYS A 127 -43.85 21.36 22.51
N SER A 128 -44.21 22.13 21.49
CA SER A 128 -45.11 23.26 21.67
C SER A 128 -45.82 23.60 20.37
N GLY A 129 -46.80 24.50 20.45
CA GLY A 129 -47.54 24.90 19.26
C GLY A 129 -48.50 26.04 19.53
N PRO A 130 -48.71 26.89 18.52
CA PRO A 130 -49.61 28.04 18.63
C PRO A 130 -51.08 27.63 18.72
N SER A 131 -51.82 28.25 19.63
CA SER A 131 -53.22 27.94 19.81
C SER A 131 -54.10 29.13 19.46
N SER A 132 -55.28 28.86 18.94
CA SER A 132 -56.21 29.93 18.55
C SER A 132 -57.66 29.47 18.70
N GLY A 133 -58.59 30.38 18.49
CA GLY A 133 -60.00 30.05 18.60
C GLY A 133 -60.46 29.11 17.50
N GLY A 1 28.99 -15.32 -23.63
CA GLY A 1 29.17 -16.67 -24.13
C GLY A 1 28.06 -17.61 -23.67
N SER A 2 28.40 -18.47 -22.71
CA SER A 2 27.43 -19.42 -22.18
C SER A 2 27.52 -19.49 -20.66
N SER A 3 26.47 -19.01 -19.99
CA SER A 3 26.44 -19.01 -18.53
C SER A 3 25.12 -19.61 -18.04
N GLY A 4 25.06 -19.88 -16.73
CA GLY A 4 23.86 -20.46 -16.15
C GLY A 4 23.14 -19.49 -15.23
N SER A 5 22.84 -18.30 -15.75
CA SER A 5 22.15 -17.28 -14.97
C SER A 5 20.85 -16.86 -15.66
N SER A 6 19.74 -17.06 -14.96
CA SER A 6 18.43 -16.70 -15.50
C SER A 6 17.67 -15.81 -14.52
N GLY A 7 17.22 -14.65 -15.01
CA GLY A 7 16.49 -13.72 -14.17
C GLY A 7 15.72 -12.70 -14.98
N SER A 8 14.77 -13.17 -15.78
CA SER A 8 13.97 -12.28 -16.62
C SER A 8 12.51 -12.30 -16.18
N THR A 9 12.06 -11.21 -15.57
CA THR A 9 10.68 -11.11 -15.11
C THR A 9 9.81 -10.39 -16.13
N ARG A 10 8.55 -10.80 -16.21
CA ARG A 10 7.61 -10.20 -17.15
C ARG A 10 7.61 -8.68 -17.02
N PHE A 11 7.54 -8.20 -15.79
CA PHE A 11 7.52 -6.77 -15.52
C PHE A 11 8.72 -6.37 -14.66
N PRO A 12 9.87 -6.15 -15.31
CA PRO A 12 11.10 -5.76 -14.61
C PRO A 12 11.03 -4.33 -14.07
N GLY A 13 9.94 -3.63 -14.38
CA GLY A 13 9.78 -2.26 -13.92
C GLY A 13 8.77 -2.17 -12.79
N VAL A 14 8.66 -3.22 -12.00
CA VAL A 14 7.73 -3.25 -10.87
C VAL A 14 8.27 -4.09 -9.73
N ALA A 15 8.61 -3.44 -8.63
CA ALA A 15 9.14 -4.13 -7.45
C ALA A 15 8.19 -4.00 -6.27
N ILE A 16 7.58 -5.12 -5.88
CA ILE A 16 6.66 -5.14 -4.76
C ILE A 16 7.32 -5.67 -3.50
N TYR A 17 7.08 -4.99 -2.38
CA TYR A 17 7.67 -5.40 -1.10
C TYR A 17 6.57 -5.75 -0.10
N LEU A 18 6.72 -6.90 0.55
CA LEU A 18 5.75 -7.35 1.54
C LEU A 18 6.20 -7.00 2.96
N VAL A 19 5.27 -6.51 3.77
CA VAL A 19 5.58 -6.14 5.15
C VAL A 19 5.77 -7.38 6.02
N GLU A 20 6.46 -7.20 7.13
CA GLU A 20 6.72 -8.31 8.06
C GLU A 20 5.58 -8.44 9.07
N PRO A 21 5.47 -7.46 9.97
CA PRO A 21 4.42 -7.45 11.00
C PRO A 21 3.03 -7.22 10.42
N ARG A 22 2.90 -6.16 9.62
CA ARG A 22 1.62 -5.82 9.01
C ARG A 22 1.04 -7.02 8.26
N MET A 23 1.85 -7.60 7.39
CA MET A 23 1.41 -8.77 6.62
C MET A 23 1.48 -10.04 7.45
N GLY A 24 2.67 -10.36 7.96
CA GLY A 24 2.84 -11.54 8.78
C GLY A 24 4.06 -12.35 8.37
N ARG A 25 4.29 -13.46 9.07
CA ARG A 25 5.42 -14.32 8.78
C ARG A 25 5.09 -15.30 7.66
N SER A 26 4.05 -16.09 7.87
CA SER A 26 3.62 -17.08 6.87
C SER A 26 2.96 -16.40 5.68
N ARG A 27 1.94 -15.60 5.95
CA ARG A 27 1.22 -14.90 4.89
C ARG A 27 2.19 -14.44 3.80
N ARG A 28 3.36 -13.96 4.20
CA ARG A 28 4.36 -13.49 3.26
C ARG A 28 4.60 -14.52 2.17
N ALA A 29 5.09 -15.70 2.56
CA ALA A 29 5.37 -16.77 1.63
C ALA A 29 4.21 -16.97 0.65
N PHE A 30 3.01 -17.09 1.20
CA PHE A 30 1.81 -17.28 0.38
C PHE A 30 1.89 -16.43 -0.89
N LEU A 31 1.79 -15.12 -0.72
CA LEU A 31 1.84 -14.20 -1.86
C LEU A 31 3.20 -14.27 -2.55
N THR A 32 4.26 -14.27 -1.77
CA THR A 32 5.62 -14.35 -2.31
C THR A 32 5.67 -15.29 -3.52
N GLY A 33 5.20 -16.51 -3.33
CA GLY A 33 5.21 -17.49 -4.41
C GLY A 33 4.19 -17.16 -5.48
N LEU A 34 3.00 -16.75 -5.06
CA LEU A 34 1.93 -16.41 -5.99
C LEU A 34 2.38 -15.35 -6.99
N ALA A 35 2.76 -14.18 -6.47
CA ALA A 35 3.22 -13.09 -7.31
C ALA A 35 4.28 -13.56 -8.30
N ARG A 36 5.37 -14.10 -7.77
CA ARG A 36 6.46 -14.60 -8.61
C ARG A 36 5.91 -15.39 -9.79
N SER A 37 4.89 -16.21 -9.53
CA SER A 37 4.29 -17.03 -10.57
C SER A 37 3.56 -16.16 -11.60
N LYS A 38 2.93 -15.10 -11.11
CA LYS A 38 2.19 -14.18 -11.98
C LYS A 38 3.14 -13.43 -12.90
N GLY A 39 4.07 -12.68 -12.31
CA GLY A 39 5.02 -11.92 -13.11
C GLY A 39 5.52 -10.69 -12.38
N PHE A 40 5.65 -10.79 -11.07
CA PHE A 40 6.11 -9.66 -10.27
C PHE A 40 7.40 -10.02 -9.52
N ARG A 41 8.27 -9.04 -9.35
CA ARG A 41 9.54 -9.26 -8.66
C ARG A 41 9.40 -8.94 -7.17
N VAL A 42 9.52 -9.97 -6.35
CA VAL A 42 9.41 -9.82 -4.90
C VAL A 42 10.77 -9.53 -4.28
N LEU A 43 10.82 -8.48 -3.46
CA LEU A 43 12.07 -8.11 -2.80
C LEU A 43 12.12 -8.65 -1.38
N ASP A 44 13.32 -9.07 -0.96
CA ASP A 44 13.50 -9.62 0.38
C ASP A 44 13.87 -8.52 1.38
N ALA A 45 14.63 -7.54 0.90
CA ALA A 45 15.05 -6.42 1.75
C ALA A 45 14.91 -5.09 1.01
N CYS A 46 15.02 -4.00 1.75
CA CYS A 46 14.92 -2.67 1.17
C CYS A 46 16.12 -2.36 0.29
N SER A 47 15.93 -2.46 -1.02
CA SER A 47 17.00 -2.20 -1.97
C SER A 47 16.63 -1.07 -2.92
N SER A 48 16.11 0.02 -2.36
CA SER A 48 15.70 1.17 -3.16
C SER A 48 14.97 0.71 -4.42
N GLU A 49 14.18 -0.36 -4.31
CA GLU A 49 13.44 -0.89 -5.43
C GLU A 49 11.94 -0.89 -5.14
N ALA A 50 11.59 -1.16 -3.89
CA ALA A 50 10.20 -1.19 -3.47
C ALA A 50 9.43 0.00 -4.03
N THR A 51 8.63 -0.25 -5.06
CA THR A 51 7.84 0.81 -5.69
C THR A 51 6.39 0.75 -5.23
N HIS A 52 5.95 -0.42 -4.80
CA HIS A 52 4.58 -0.60 -4.32
C HIS A 52 4.54 -1.48 -3.08
N VAL A 53 4.06 -0.92 -1.98
CA VAL A 53 3.96 -1.65 -0.72
C VAL A 53 2.59 -2.28 -0.55
N VAL A 54 2.57 -3.55 -0.18
CA VAL A 54 1.32 -4.28 0.02
C VAL A 54 0.99 -4.41 1.51
N MET A 55 -0.12 -3.82 1.92
CA MET A 55 -0.54 -3.88 3.32
C MET A 55 -1.98 -4.38 3.44
N GLU A 56 -2.20 -5.33 4.34
CA GLU A 56 -3.52 -5.90 4.54
C GLU A 56 -3.99 -5.68 5.98
N GLU A 57 -5.27 -5.33 6.13
CA GLU A 57 -5.84 -5.09 7.45
C GLU A 57 -5.12 -3.95 8.15
N THR A 58 -5.01 -2.81 7.47
CA THR A 58 -4.34 -1.64 8.03
C THR A 58 -5.08 -0.36 7.67
N SER A 59 -5.10 0.59 8.61
CA SER A 59 -5.78 1.85 8.40
C SER A 59 -4.95 2.76 7.49
N ALA A 60 -5.55 3.89 7.09
CA ALA A 60 -4.87 4.84 6.21
C ALA A 60 -3.70 5.50 6.93
N GLU A 61 -3.92 5.89 8.19
CA GLU A 61 -2.88 6.53 8.98
C GLU A 61 -1.84 5.52 9.42
N GLU A 62 -2.29 4.40 9.96
CA GLU A 62 -1.40 3.35 10.44
C GLU A 62 -0.27 3.10 9.44
N ALA A 63 -0.65 2.94 8.17
CA ALA A 63 0.33 2.70 7.11
C ALA A 63 1.47 3.72 7.17
N VAL A 64 1.11 5.00 7.21
CA VAL A 64 2.10 6.07 7.27
C VAL A 64 3.09 5.83 8.41
N SER A 65 2.57 5.40 9.55
CA SER A 65 3.41 5.15 10.72
C SER A 65 4.53 4.17 10.39
N TRP A 66 4.14 2.99 9.91
CA TRP A 66 5.11 1.96 9.54
C TRP A 66 6.11 2.49 8.53
N GLN A 67 5.65 3.38 7.66
CA GLN A 67 6.51 3.96 6.63
C GLN A 67 7.63 4.78 7.25
N GLU A 68 7.30 5.48 8.34
CA GLU A 68 8.29 6.31 9.04
C GLU A 68 9.49 5.48 9.45
N ARG A 69 9.24 4.27 9.94
CA ARG A 69 10.31 3.39 10.37
C ARG A 69 11.44 3.33 9.34
N ARG A 70 11.05 3.25 8.07
CA ARG A 70 12.01 3.20 6.98
C ARG A 70 12.88 4.45 6.96
N MET A 71 12.25 5.60 6.74
CA MET A 71 12.96 6.87 6.69
C MET A 71 14.01 6.95 7.80
N ALA A 72 13.71 6.32 8.92
CA ALA A 72 14.63 6.32 10.06
C ALA A 72 15.84 5.43 9.79
N ALA A 73 15.58 4.21 9.32
CA ALA A 73 16.65 3.27 9.01
C ALA A 73 16.88 3.16 7.51
N ALA A 74 16.56 4.24 6.79
CA ALA A 74 16.73 4.26 5.34
C ALA A 74 18.03 4.97 4.96
N PRO A 75 18.58 4.61 3.79
CA PRO A 75 19.82 5.20 3.29
C PRO A 75 19.64 6.65 2.85
N PRO A 76 20.77 7.34 2.64
CA PRO A 76 20.76 8.75 2.22
C PRO A 76 20.26 8.92 0.79
N GLY A 77 19.32 9.85 0.61
CA GLY A 77 18.77 10.10 -0.72
C GLY A 77 17.78 9.04 -1.14
N CYS A 78 17.23 8.32 -0.17
CA CYS A 78 16.25 7.27 -0.45
C CYS A 78 14.93 7.87 -0.92
N THR A 79 14.15 7.07 -1.64
CA THR A 79 12.86 7.52 -2.16
C THR A 79 11.71 6.79 -1.47
N PRO A 80 10.70 7.57 -1.04
CA PRO A 80 9.52 7.02 -0.36
C PRO A 80 8.63 6.21 -1.30
N PRO A 81 8.41 4.94 -0.95
CA PRO A 81 7.59 4.03 -1.75
C PRO A 81 6.11 4.39 -1.70
N ALA A 82 5.30 3.72 -2.52
CA ALA A 82 3.87 3.97 -2.56
C ALA A 82 3.12 3.05 -1.61
N LEU A 83 2.62 3.60 -0.52
CA LEU A 83 1.87 2.83 0.47
C LEU A 83 0.51 2.40 -0.08
N LEU A 84 0.44 1.18 -0.58
CA LEU A 84 -0.80 0.64 -1.13
C LEU A 84 -1.37 -0.44 -0.23
N ASP A 85 -2.60 -0.87 -0.54
CA ASP A 85 -3.27 -1.90 0.24
C ASP A 85 -3.40 -3.19 -0.57
N ILE A 86 -3.60 -4.30 0.13
CA ILE A 86 -3.74 -5.60 -0.52
C ILE A 86 -4.69 -5.51 -1.71
N SER A 87 -5.71 -4.66 -1.58
CA SER A 87 -6.70 -4.49 -2.64
C SER A 87 -6.01 -4.34 -4.00
N TRP A 88 -4.87 -3.64 -4.00
CA TRP A 88 -4.12 -3.43 -5.23
C TRP A 88 -3.49 -4.72 -5.73
N LEU A 89 -2.96 -5.51 -4.79
CA LEU A 89 -2.32 -6.77 -5.13
C LEU A 89 -3.35 -7.79 -5.60
N THR A 90 -4.34 -8.07 -4.76
CA THR A 90 -5.39 -9.02 -5.10
C THR A 90 -5.95 -8.75 -6.49
N GLU A 91 -5.89 -7.50 -6.91
CA GLU A 91 -6.39 -7.12 -8.22
C GLU A 91 -5.35 -7.36 -9.31
N SER A 92 -4.08 -7.17 -8.96
CA SER A 92 -2.98 -7.37 -9.88
C SER A 92 -2.78 -8.85 -10.17
N LEU A 93 -2.97 -9.67 -9.15
CA LEU A 93 -2.81 -11.12 -9.28
C LEU A 93 -3.89 -11.71 -10.20
N GLY A 94 -5.14 -11.44 -9.87
CA GLY A 94 -6.24 -11.95 -10.67
C GLY A 94 -6.23 -11.41 -12.08
N ALA A 95 -5.41 -10.39 -12.32
CA ALA A 95 -5.31 -9.78 -13.63
C ALA A 95 -4.05 -10.23 -14.36
N GLY A 96 -3.08 -10.75 -13.59
CA GLY A 96 -1.85 -11.22 -14.17
C GLY A 96 -0.86 -10.10 -14.46
N GLN A 97 -1.36 -8.87 -14.42
CA GLN A 97 -0.52 -7.70 -14.67
C GLN A 97 -0.72 -6.65 -13.59
N PRO A 98 0.33 -5.83 -13.35
CA PRO A 98 0.30 -4.77 -12.34
C PRO A 98 -0.62 -3.62 -12.74
N VAL A 99 -1.76 -3.52 -12.05
CA VAL A 99 -2.73 -2.47 -12.34
C VAL A 99 -2.20 -1.10 -11.89
N PRO A 100 -2.63 -0.05 -12.59
CA PRO A 100 -2.23 1.33 -12.29
C PRO A 100 -2.81 1.83 -10.97
N VAL A 101 -2.07 1.65 -9.88
CA VAL A 101 -2.51 2.08 -8.56
C VAL A 101 -3.32 3.38 -8.66
N GLU A 102 -4.35 3.49 -7.83
CA GLU A 102 -5.20 4.67 -7.82
C GLU A 102 -5.13 5.38 -6.47
N CYS A 103 -5.71 6.58 -6.40
CA CYS A 103 -5.71 7.35 -5.17
C CYS A 103 -6.43 6.60 -4.05
N ARG A 104 -7.25 5.63 -4.43
CA ARG A 104 -8.00 4.84 -3.46
C ARG A 104 -7.11 3.75 -2.85
N HIS A 105 -6.30 3.12 -3.69
CA HIS A 105 -5.41 2.05 -3.23
C HIS A 105 -4.36 2.62 -2.27
N ARG A 106 -3.81 3.77 -2.60
CA ARG A 106 -2.80 4.40 -1.77
C ARG A 106 -3.28 4.53 -0.33
N LEU A 107 -2.34 4.68 0.60
CA LEU A 107 -2.67 4.81 2.02
C LEU A 107 -2.16 6.13 2.58
N GLU A 108 -3.05 6.88 3.22
CA GLU A 108 -2.69 8.17 3.79
C GLU A 108 -3.86 8.75 4.59
N VAL A 109 -3.54 9.57 5.59
CA VAL A 109 -4.56 10.20 6.42
C VAL A 109 -4.49 11.71 6.33
N ALA A 110 -5.56 12.38 6.76
CA ALA A 110 -5.62 13.83 6.73
C ALA A 110 -6.84 14.35 7.48
N GLY A 111 -6.61 15.27 8.41
CA GLY A 111 -7.70 15.84 9.19
C GLY A 111 -8.41 14.78 10.02
N PRO A 112 -7.64 14.06 10.84
CA PRO A 112 -8.19 13.00 11.71
C PRO A 112 -9.03 13.57 12.84
N ARG A 113 -10.27 13.09 12.95
CA ARG A 113 -11.17 13.55 13.99
C ARG A 113 -11.82 12.37 14.71
N LYS A 114 -12.42 12.64 15.87
CA LYS A 114 -13.07 11.60 16.65
C LYS A 114 -14.59 11.75 16.59
N GLY A 115 -15.29 10.62 16.54
CA GLY A 115 -16.74 10.64 16.47
C GLY A 115 -17.27 10.07 15.18
N PRO A 116 -18.47 10.54 14.77
CA PRO A 116 -19.11 10.07 13.53
C PRO A 116 -18.37 10.54 12.28
N LEU A 117 -18.81 10.04 11.13
CA LEU A 117 -18.20 10.41 9.86
C LEU A 117 -19.13 11.28 9.03
N SER A 118 -18.60 11.88 7.97
CA SER A 118 -19.39 12.74 7.09
C SER A 118 -19.78 12.01 5.82
N PRO A 119 -20.91 12.40 5.23
CA PRO A 119 -21.42 11.79 3.99
C PRO A 119 -20.56 12.16 2.78
N ALA A 120 -20.26 13.44 2.63
CA ALA A 120 -19.44 13.90 1.52
C ALA A 120 -19.06 15.37 1.69
N TRP A 121 -18.41 15.94 0.69
CA TRP A 121 -17.99 17.32 0.73
C TRP A 121 -18.00 17.95 -0.67
N MET A 122 -18.29 19.24 -0.73
CA MET A 122 -18.34 19.95 -2.01
C MET A 122 -17.94 21.41 -1.84
N PRO A 123 -17.20 21.94 -2.82
CA PRO A 123 -16.74 23.34 -2.79
C PRO A 123 -17.88 24.33 -2.99
N ALA A 124 -17.53 25.57 -3.28
CA ALA A 124 -18.54 26.62 -3.49
C ALA A 124 -18.50 27.11 -4.93
N TYR A 125 -17.34 27.05 -5.56
CA TYR A 125 -17.18 27.50 -6.93
C TYR A 125 -17.48 26.37 -7.92
N ALA A 126 -18.33 25.44 -7.49
CA ALA A 126 -18.70 24.31 -8.33
C ALA A 126 -19.78 24.70 -9.33
N CYS A 127 -19.35 25.09 -10.52
CA CYS A 127 -20.28 25.49 -11.58
C CYS A 127 -19.72 25.17 -12.96
N SER A 128 -20.53 24.54 -13.79
CA SER A 128 -20.11 24.17 -15.15
C SER A 128 -21.31 23.93 -16.04
N GLY A 129 -21.35 24.63 -17.18
CA GLY A 129 -22.45 24.47 -18.10
C GLY A 129 -22.00 24.55 -19.56
N PRO A 130 -22.69 23.81 -20.43
CA PRO A 130 -22.38 23.79 -21.87
C PRO A 130 -22.73 25.11 -22.56
N SER A 131 -21.70 25.83 -23.00
CA SER A 131 -21.91 27.11 -23.67
C SER A 131 -20.92 27.27 -24.82
N SER A 132 -21.42 27.12 -26.05
CA SER A 132 -20.59 27.26 -27.24
C SER A 132 -19.61 28.42 -27.09
N GLY A 133 -20.15 29.61 -26.86
CA GLY A 133 -19.31 30.79 -26.70
C GLY A 133 -19.77 31.94 -27.57
N GLY A 1 1.72 -22.45 -17.66
CA GLY A 1 2.29 -21.65 -16.59
C GLY A 1 3.56 -22.23 -16.03
N SER A 2 4.68 -21.93 -16.68
CA SER A 2 5.97 -22.45 -16.24
C SER A 2 6.92 -21.31 -15.90
N SER A 3 7.19 -21.14 -14.60
CA SER A 3 8.07 -20.07 -14.13
C SER A 3 9.39 -20.09 -14.90
N GLY A 4 10.22 -19.10 -14.65
CA GLY A 4 11.52 -19.02 -15.32
C GLY A 4 12.66 -18.80 -14.36
N SER A 5 13.67 -18.08 -14.80
CA SER A 5 14.85 -17.81 -13.96
C SER A 5 14.84 -16.36 -13.47
N SER A 6 15.53 -16.12 -12.36
CA SER A 6 15.59 -14.79 -11.77
C SER A 6 16.06 -13.77 -12.81
N GLY A 7 15.66 -12.52 -12.62
CA GLY A 7 16.04 -11.46 -13.53
C GLY A 7 15.03 -11.29 -14.66
N SER A 8 14.69 -12.39 -15.32
CA SER A 8 13.74 -12.36 -16.43
C SER A 8 12.30 -12.38 -15.91
N THR A 9 11.66 -11.22 -15.90
CA THR A 9 10.29 -11.11 -15.42
C THR A 9 9.44 -10.27 -16.38
N ARG A 10 8.14 -10.54 -16.40
CA ARG A 10 7.23 -9.80 -17.27
C ARG A 10 7.43 -8.29 -17.12
N PHE A 11 7.52 -7.84 -15.87
CA PHE A 11 7.71 -6.42 -15.60
C PHE A 11 8.86 -6.21 -14.61
N PRO A 12 10.09 -6.12 -15.14
CA PRO A 12 11.29 -5.92 -14.32
C PRO A 12 11.36 -4.53 -13.70
N GLY A 13 10.31 -3.74 -13.95
CA GLY A 13 10.26 -2.39 -13.41
C GLY A 13 9.21 -2.23 -12.33
N VAL A 14 8.97 -3.30 -11.57
CA VAL A 14 7.98 -3.27 -10.50
C VAL A 14 8.36 -4.21 -9.37
N ALA A 15 8.68 -3.63 -8.22
CA ALA A 15 9.07 -4.42 -7.05
C ALA A 15 8.07 -4.25 -5.91
N ILE A 16 7.68 -5.36 -5.30
CA ILE A 16 6.72 -5.33 -4.20
C ILE A 16 7.35 -5.85 -2.92
N TYR A 17 6.84 -5.39 -1.79
CA TYR A 17 7.36 -5.81 -0.48
C TYR A 17 6.22 -6.21 0.44
N LEU A 18 6.55 -6.96 1.49
CA LEU A 18 5.56 -7.42 2.45
C LEU A 18 6.04 -7.20 3.88
N VAL A 19 5.10 -6.95 4.79
CA VAL A 19 5.44 -6.72 6.19
C VAL A 19 5.26 -7.98 7.01
N GLU A 20 6.25 -8.31 7.83
CA GLU A 20 6.20 -9.50 8.66
C GLU A 20 5.14 -9.35 9.76
N PRO A 21 5.25 -8.28 10.55
CA PRO A 21 4.31 -8.00 11.64
C PRO A 21 2.93 -7.59 11.12
N ARG A 22 2.74 -7.73 9.82
CA ARG A 22 1.46 -7.37 9.20
C ARG A 22 0.84 -8.58 8.51
N MET A 23 1.51 -9.07 7.47
CA MET A 23 1.02 -10.23 6.73
C MET A 23 1.15 -11.50 7.55
N GLY A 24 2.36 -11.79 8.00
CA GLY A 24 2.59 -12.98 8.79
C GLY A 24 3.81 -13.76 8.34
N ARG A 25 4.09 -14.88 9.01
CA ARG A 25 5.23 -15.71 8.67
C ARG A 25 4.95 -16.53 7.41
N SER A 26 3.76 -17.10 7.34
CA SER A 26 3.36 -17.92 6.18
C SER A 26 2.76 -17.05 5.09
N ARG A 27 1.78 -16.24 5.46
CA ARG A 27 1.11 -15.36 4.51
C ARG A 27 2.12 -14.76 3.53
N ARG A 28 3.05 -13.97 4.05
CA ARG A 28 4.07 -13.33 3.22
C ARG A 28 4.47 -14.24 2.06
N ALA A 29 4.91 -15.45 2.39
CA ALA A 29 5.33 -16.41 1.37
C ALA A 29 4.16 -16.81 0.48
N PHE A 30 3.01 -17.05 1.10
CA PHE A 30 1.81 -17.45 0.35
C PHE A 30 1.60 -16.52 -0.85
N LEU A 31 1.70 -15.22 -0.61
CA LEU A 31 1.51 -14.24 -1.68
C LEU A 31 2.77 -14.13 -2.55
N THR A 32 3.93 -14.04 -1.89
CA THR A 32 5.20 -13.93 -2.59
C THR A 32 5.27 -14.90 -3.77
N GLY A 33 5.09 -16.19 -3.48
CA GLY A 33 5.14 -17.19 -4.52
C GLY A 33 4.03 -17.01 -5.54
N LEU A 34 2.85 -16.60 -5.08
CA LEU A 34 1.71 -16.40 -5.95
C LEU A 34 2.00 -15.31 -6.98
N ALA A 35 2.30 -14.11 -6.50
CA ALA A 35 2.61 -12.98 -7.37
C ALA A 35 3.71 -13.34 -8.37
N ARG A 36 4.77 -13.98 -7.87
CA ARG A 36 5.88 -14.37 -8.71
C ARG A 36 5.39 -15.14 -9.94
N SER A 37 4.54 -16.14 -9.71
CA SER A 37 4.01 -16.95 -10.80
C SER A 37 3.25 -16.08 -11.81
N LYS A 38 2.66 -14.99 -11.31
CA LYS A 38 1.91 -14.08 -12.16
C LYS A 38 2.85 -13.26 -13.05
N GLY A 39 3.79 -12.56 -12.42
CA GLY A 39 4.72 -11.75 -13.17
C GLY A 39 5.19 -10.53 -12.40
N PHE A 40 5.34 -10.69 -11.09
CA PHE A 40 5.78 -9.60 -10.23
C PHE A 40 7.03 -10.00 -9.43
N ARG A 41 8.06 -9.16 -9.49
CA ARG A 41 9.30 -9.43 -8.77
C ARG A 41 9.19 -8.99 -7.32
N VAL A 42 9.13 -9.95 -6.41
CA VAL A 42 9.03 -9.67 -4.99
C VAL A 42 10.40 -9.71 -4.32
N LEU A 43 10.66 -8.74 -3.45
CA LEU A 43 11.93 -8.67 -2.74
C LEU A 43 11.83 -9.35 -1.38
N ASP A 44 12.81 -10.19 -1.07
CA ASP A 44 12.83 -10.90 0.20
C ASP A 44 13.16 -9.94 1.36
N ALA A 45 14.05 -8.99 1.10
CA ALA A 45 14.44 -8.01 2.10
C ALA A 45 14.19 -6.59 1.62
N CYS A 46 14.27 -5.62 2.53
CA CYS A 46 14.05 -4.23 2.20
C CYS A 46 15.21 -3.67 1.39
N SER A 47 14.90 -2.83 0.41
CA SER A 47 15.92 -2.23 -0.44
C SER A 47 15.35 -1.04 -1.21
N SER A 48 16.18 -0.44 -2.06
CA SER A 48 15.77 0.70 -2.85
C SER A 48 14.90 0.27 -4.03
N GLU A 49 15.09 -0.96 -4.47
CA GLU A 49 14.33 -1.49 -5.59
C GLU A 49 12.84 -1.50 -5.27
N ALA A 50 12.52 -1.74 -4.00
CA ALA A 50 11.12 -1.77 -3.57
C ALA A 50 10.38 -0.52 -4.00
N THR A 51 9.53 -0.66 -5.00
CA THR A 51 8.75 0.47 -5.52
C THR A 51 7.36 0.51 -4.90
N HIS A 52 6.86 -0.66 -4.52
CA HIS A 52 5.53 -0.76 -3.91
C HIS A 52 5.57 -1.67 -2.69
N VAL A 53 4.62 -1.46 -1.78
CA VAL A 53 4.53 -2.26 -0.56
C VAL A 53 3.11 -2.74 -0.31
N VAL A 54 2.97 -4.02 0.03
CA VAL A 54 1.67 -4.61 0.29
C VAL A 54 1.43 -4.75 1.80
N MET A 55 0.29 -4.22 2.25
CA MET A 55 -0.07 -4.30 3.67
C MET A 55 -1.53 -4.69 3.85
N GLU A 56 -1.81 -5.44 4.90
CA GLU A 56 -3.16 -5.89 5.18
C GLU A 56 -3.68 -5.29 6.50
N GLU A 57 -4.99 -5.24 6.65
CA GLU A 57 -5.61 -4.71 7.85
C GLU A 57 -4.90 -3.42 8.30
N THR A 58 -4.30 -2.73 7.34
CA THR A 58 -3.58 -1.49 7.63
C THR A 58 -4.32 -0.29 7.06
N SER A 59 -4.76 0.61 7.95
CA SER A 59 -5.49 1.79 7.53
C SER A 59 -4.55 2.78 6.85
N ALA A 60 -5.13 3.77 6.16
CA ALA A 60 -4.36 4.78 5.46
C ALA A 60 -3.34 5.44 6.40
N GLU A 61 -3.82 5.89 7.55
CA GLU A 61 -2.96 6.54 8.53
C GLU A 61 -1.94 5.56 9.10
N GLU A 62 -2.33 4.29 9.17
CA GLU A 62 -1.46 3.25 9.70
C GLU A 62 -0.23 3.08 8.81
N ALA A 63 -0.46 2.88 7.52
CA ALA A 63 0.63 2.69 6.57
C ALA A 63 1.72 3.75 6.77
N VAL A 64 1.32 5.01 6.75
CA VAL A 64 2.26 6.11 6.93
C VAL A 64 3.18 5.85 8.12
N SER A 65 2.63 5.27 9.17
CA SER A 65 3.41 4.98 10.38
C SER A 65 4.55 4.02 10.07
N TRP A 66 4.21 2.86 9.49
CA TRP A 66 5.21 1.87 9.14
C TRP A 66 6.22 2.43 8.14
N GLN A 67 5.86 3.55 7.51
CA GLN A 67 6.73 4.19 6.54
C GLN A 67 7.75 5.10 7.22
N GLU A 68 7.26 5.91 8.15
CA GLU A 68 8.12 6.83 8.89
C GLU A 68 9.39 6.13 9.37
N ARG A 69 9.22 4.93 9.90
CA ARG A 69 10.34 4.16 10.41
C ARG A 69 11.42 3.99 9.33
N ARG A 70 10.97 3.77 8.10
CA ARG A 70 11.90 3.60 6.97
C ARG A 70 12.64 4.90 6.68
N MET A 71 11.89 5.93 6.31
CA MET A 71 12.49 7.24 6.00
C MET A 71 13.47 7.66 7.08
N ALA A 72 13.32 7.07 8.27
CA ALA A 72 14.21 7.38 9.39
C ALA A 72 15.50 6.59 9.31
N ALA A 73 15.37 5.28 9.12
CA ALA A 73 16.54 4.40 9.02
C ALA A 73 16.93 4.15 7.57
N ALA A 74 16.51 5.06 6.69
CA ALA A 74 16.82 4.95 5.27
C ALA A 74 17.95 5.88 4.88
N PRO A 75 18.71 5.48 3.84
CA PRO A 75 19.85 6.26 3.36
C PRO A 75 19.42 7.56 2.67
N PRO A 76 20.32 8.55 2.65
CA PRO A 76 20.05 9.85 2.03
C PRO A 76 19.97 9.76 0.51
N GLY A 77 18.98 10.43 -0.07
CA GLY A 77 18.80 10.41 -1.52
C GLY A 77 17.89 9.30 -1.98
N CYS A 78 17.52 8.41 -1.06
CA CYS A 78 16.65 7.30 -1.39
C CYS A 78 15.18 7.72 -1.33
N THR A 79 14.37 7.21 -2.26
CA THR A 79 12.97 7.53 -2.31
C THR A 79 12.12 6.42 -1.71
N PRO A 80 11.16 6.79 -0.84
CA PRO A 80 10.27 5.83 -0.19
C PRO A 80 9.27 5.21 -1.16
N PRO A 81 8.94 3.93 -0.94
CA PRO A 81 7.99 3.20 -1.78
C PRO A 81 6.57 3.70 -1.61
N ALA A 82 5.66 3.19 -2.45
CA ALA A 82 4.26 3.58 -2.39
C ALA A 82 3.46 2.63 -1.50
N LEU A 83 2.89 3.18 -0.43
CA LEU A 83 2.10 2.38 0.50
C LEU A 83 0.72 2.08 -0.07
N LEU A 84 0.52 0.84 -0.51
CA LEU A 84 -0.76 0.43 -1.08
C LEU A 84 -1.43 -0.64 -0.22
N ASP A 85 -2.66 -0.99 -0.57
CA ASP A 85 -3.40 -2.00 0.17
C ASP A 85 -3.47 -3.31 -0.61
N ILE A 86 -3.70 -4.40 0.10
CA ILE A 86 -3.79 -5.72 -0.54
C ILE A 86 -4.76 -5.69 -1.72
N SER A 87 -5.76 -4.83 -1.63
CA SER A 87 -6.76 -4.72 -2.70
C SER A 87 -6.08 -4.49 -4.05
N TRP A 88 -4.89 -3.89 -4.01
CA TRP A 88 -4.15 -3.61 -5.23
C TRP A 88 -3.50 -4.87 -5.78
N LEU A 89 -2.77 -5.58 -4.92
CA LEU A 89 -2.11 -6.81 -5.32
C LEU A 89 -3.09 -7.79 -5.95
N THR A 90 -4.13 -8.13 -5.21
CA THR A 90 -5.15 -9.05 -5.69
C THR A 90 -5.62 -8.68 -7.09
N GLU A 91 -5.87 -7.39 -7.30
CA GLU A 91 -6.32 -6.91 -8.61
C GLU A 91 -5.24 -7.12 -9.66
N SER A 92 -3.98 -7.05 -9.25
CA SER A 92 -2.86 -7.23 -10.16
C SER A 92 -2.64 -8.72 -10.44
N LEU A 93 -2.96 -9.56 -9.48
CA LEU A 93 -2.80 -11.00 -9.62
C LEU A 93 -3.83 -11.56 -10.59
N GLY A 94 -5.11 -11.25 -10.34
CA GLY A 94 -6.17 -11.75 -11.18
C GLY A 94 -6.10 -11.17 -12.59
N ALA A 95 -5.31 -10.12 -12.75
CA ALA A 95 -5.16 -9.48 -14.06
C ALA A 95 -3.86 -9.91 -14.73
N GLY A 96 -2.94 -10.46 -13.95
CA GLY A 96 -1.67 -10.91 -14.49
C GLY A 96 -0.70 -9.77 -14.72
N GLN A 97 -1.20 -8.54 -14.60
CA GLN A 97 -0.37 -7.36 -14.79
C GLN A 97 -0.59 -6.35 -13.67
N PRO A 98 0.45 -5.54 -13.39
CA PRO A 98 0.39 -4.53 -12.34
C PRO A 98 -0.53 -3.37 -12.70
N VAL A 99 -1.68 -3.30 -12.04
CA VAL A 99 -2.65 -2.23 -12.30
C VAL A 99 -2.18 -0.90 -11.71
N PRO A 100 -2.60 0.20 -12.33
CA PRO A 100 -2.24 1.55 -11.89
C PRO A 100 -2.90 1.92 -10.58
N VAL A 101 -2.08 2.13 -9.55
CA VAL A 101 -2.59 2.50 -8.23
C VAL A 101 -3.81 3.41 -8.34
N GLU A 102 -4.67 3.35 -7.33
CA GLU A 102 -5.88 4.17 -7.32
C GLU A 102 -5.96 5.00 -6.04
N CYS A 103 -6.97 5.85 -5.96
CA CYS A 103 -7.17 6.70 -4.79
C CYS A 103 -7.51 5.87 -3.56
N ARG A 104 -8.22 4.76 -3.78
CA ARG A 104 -8.61 3.88 -2.69
C ARG A 104 -7.42 3.05 -2.20
N HIS A 105 -6.45 2.86 -3.07
CA HIS A 105 -5.26 2.09 -2.73
C HIS A 105 -4.33 2.89 -1.83
N ARG A 106 -3.97 4.09 -2.27
CA ARG A 106 -3.09 4.96 -1.50
C ARG A 106 -3.44 4.92 -0.02
N LEU A 107 -2.49 4.50 0.80
CA LEU A 107 -2.69 4.42 2.24
C LEU A 107 -2.14 5.66 2.95
N GLU A 108 -2.80 6.79 2.74
CA GLU A 108 -2.37 8.04 3.36
C GLU A 108 -3.53 8.71 4.09
N VAL A 109 -3.20 9.46 5.14
CA VAL A 109 -4.21 10.16 5.92
C VAL A 109 -3.95 11.67 5.94
N ALA A 110 -4.94 12.43 6.42
CA ALA A 110 -4.81 13.87 6.49
C ALA A 110 -6.03 14.49 7.18
N GLY A 111 -5.77 15.30 8.21
CA GLY A 111 -6.86 15.93 8.93
C GLY A 111 -7.78 14.93 9.60
N PRO A 112 -7.22 14.18 10.56
CA PRO A 112 -7.99 13.17 11.30
C PRO A 112 -9.01 13.78 12.24
N ARG A 113 -10.25 13.31 12.15
CA ARG A 113 -11.33 13.82 13.00
C ARG A 113 -12.15 12.67 13.58
N LYS A 114 -13.00 13.00 14.54
CA LYS A 114 -13.85 11.99 15.18
C LYS A 114 -14.91 12.66 16.05
N GLY A 115 -16.06 12.00 16.17
CA GLY A 115 -17.14 12.54 16.98
C GLY A 115 -17.66 13.86 16.44
N PRO A 116 -18.99 13.99 16.33
CA PRO A 116 -19.64 15.20 15.83
C PRO A 116 -19.53 16.36 16.80
N LEU A 117 -20.03 17.52 16.40
CA LEU A 117 -19.99 18.71 17.25
C LEU A 117 -21.26 19.54 17.07
N SER A 118 -21.61 20.30 18.12
CA SER A 118 -22.79 21.14 18.08
C SER A 118 -22.64 22.33 19.03
N PRO A 119 -23.24 23.47 18.63
CA PRO A 119 -23.19 24.70 19.43
C PRO A 119 -24.00 24.61 20.71
N ALA A 120 -25.20 24.06 20.60
CA ALA A 120 -26.08 23.90 21.76
C ALA A 120 -27.15 22.86 21.49
N TRP A 121 -27.95 22.56 22.52
CA TRP A 121 -29.02 21.57 22.39
C TRP A 121 -30.38 22.23 22.53
N MET A 122 -31.33 21.79 21.71
CA MET A 122 -32.68 22.34 21.73
C MET A 122 -33.71 21.25 21.50
N PRO A 123 -34.84 21.33 22.22
CA PRO A 123 -35.93 20.35 22.10
C PRO A 123 -36.67 20.47 20.78
N ALA A 124 -37.68 19.63 20.60
CA ALA A 124 -38.47 19.63 19.37
C ALA A 124 -39.89 20.11 19.64
N TYR A 125 -40.33 19.99 20.89
CA TYR A 125 -41.67 20.40 21.28
C TYR A 125 -41.72 21.90 21.56
N ALA A 126 -40.58 22.57 21.39
CA ALA A 126 -40.49 24.01 21.62
C ALA A 126 -39.81 24.70 20.45
N CYS A 127 -40.59 25.08 19.45
CA CYS A 127 -40.05 25.77 18.27
C CYS A 127 -40.54 27.20 18.21
N SER A 128 -39.63 28.12 17.88
CA SER A 128 -39.97 29.53 17.79
C SER A 128 -41.03 29.77 16.72
N GLY A 129 -41.01 28.94 15.68
CA GLY A 129 -41.98 29.08 14.61
C GLY A 129 -41.81 30.36 13.83
N PRO A 130 -42.09 30.32 12.52
CA PRO A 130 -41.97 31.48 11.64
C PRO A 130 -43.04 32.54 11.93
N SER A 131 -42.60 33.73 12.29
CA SER A 131 -43.50 34.83 12.59
C SER A 131 -43.97 35.52 11.32
N SER A 132 -44.95 34.91 10.64
CA SER A 132 -45.48 35.47 9.40
C SER A 132 -44.35 35.96 8.50
N GLY A 133 -43.27 35.19 8.44
CA GLY A 133 -42.14 35.56 7.60
C GLY A 133 -41.73 37.01 7.81
N GLY A 1 25.19 -16.89 -28.88
CA GLY A 1 24.69 -16.72 -27.54
C GLY A 1 23.60 -17.73 -27.19
N SER A 2 23.65 -18.26 -25.98
CA SER A 2 22.66 -19.24 -25.53
C SER A 2 21.28 -18.92 -26.10
N SER A 3 20.61 -19.95 -26.60
CA SER A 3 19.28 -19.77 -27.17
C SER A 3 18.23 -19.61 -26.08
N GLY A 4 17.06 -19.12 -26.46
CA GLY A 4 15.99 -18.91 -25.50
C GLY A 4 16.22 -17.70 -24.62
N SER A 5 15.28 -17.45 -23.71
CA SER A 5 15.38 -16.31 -22.81
C SER A 5 15.93 -16.74 -21.45
N SER A 6 17.03 -16.11 -21.04
CA SER A 6 17.66 -16.43 -19.76
C SER A 6 16.60 -16.56 -18.66
N GLY A 7 15.86 -15.47 -18.42
CA GLY A 7 14.84 -15.49 -17.40
C GLY A 7 14.66 -14.13 -16.74
N SER A 8 13.85 -13.28 -17.36
CA SER A 8 13.59 -11.94 -16.84
C SER A 8 12.10 -11.73 -16.57
N THR A 9 11.75 -11.52 -15.32
CA THR A 9 10.36 -11.30 -14.94
C THR A 9 9.64 -10.45 -15.96
N ARG A 10 8.35 -10.72 -16.15
CA ARG A 10 7.54 -9.96 -17.10
C ARG A 10 7.67 -8.46 -16.87
N PHE A 11 7.58 -8.05 -15.61
CA PHE A 11 7.69 -6.65 -15.25
C PHE A 11 8.87 -6.41 -14.33
N PRO A 12 10.07 -6.29 -14.93
CA PRO A 12 11.31 -6.05 -14.17
C PRO A 12 11.36 -4.66 -13.55
N GLY A 13 10.41 -3.81 -13.94
CA GLY A 13 10.36 -2.46 -13.40
C GLY A 13 9.32 -2.29 -12.31
N VAL A 14 9.03 -3.39 -11.60
CA VAL A 14 8.05 -3.35 -10.52
C VAL A 14 8.50 -4.23 -9.36
N ALA A 15 8.78 -3.61 -8.23
CA ALA A 15 9.20 -4.33 -7.04
C ALA A 15 8.18 -4.20 -5.91
N ILE A 16 7.77 -5.33 -5.35
CA ILE A 16 6.80 -5.33 -4.26
C ILE A 16 7.39 -5.92 -2.99
N TYR A 17 7.11 -5.28 -1.86
CA TYR A 17 7.63 -5.76 -0.58
C TYR A 17 6.48 -6.07 0.38
N LEU A 18 6.50 -7.26 0.96
CA LEU A 18 5.47 -7.68 1.90
C LEU A 18 5.88 -7.37 3.34
N VAL A 19 4.92 -6.91 4.14
CA VAL A 19 5.18 -6.58 5.53
C VAL A 19 5.06 -7.81 6.42
N GLU A 20 6.21 -8.40 6.75
CA GLU A 20 6.24 -9.59 7.59
C GLU A 20 5.14 -9.54 8.64
N PRO A 21 5.15 -8.50 9.47
CA PRO A 21 4.16 -8.31 10.53
C PRO A 21 2.79 -7.96 9.98
N ARG A 22 2.53 -6.67 9.81
CA ARG A 22 1.24 -6.21 9.29
C ARG A 22 0.62 -7.25 8.37
N MET A 23 1.44 -7.82 7.49
CA MET A 23 0.97 -8.84 6.55
C MET A 23 0.82 -10.18 7.25
N GLY A 24 1.93 -10.70 7.77
CA GLY A 24 1.90 -11.98 8.46
C GLY A 24 3.13 -12.82 8.17
N ARG A 25 3.31 -13.88 8.94
CA ARG A 25 4.46 -14.77 8.77
C ARG A 25 4.24 -15.72 7.60
N SER A 26 3.09 -16.39 7.59
CA SER A 26 2.76 -17.33 6.53
C SER A 26 2.10 -16.62 5.35
N ARG A 27 0.99 -15.94 5.63
CA ARG A 27 0.27 -15.21 4.58
C ARG A 27 1.23 -14.60 3.57
N ARG A 28 2.35 -14.08 4.08
CA ARG A 28 3.35 -13.46 3.22
C ARG A 28 3.84 -14.43 2.15
N ALA A 29 4.33 -15.59 2.59
CA ALA A 29 4.83 -16.61 1.67
C ALA A 29 3.79 -16.94 0.61
N PHE A 30 2.57 -17.23 1.05
CA PHE A 30 1.48 -17.56 0.13
C PHE A 30 1.52 -16.67 -1.10
N LEU A 31 1.61 -15.37 -0.87
CA LEU A 31 1.65 -14.41 -1.97
C LEU A 31 2.98 -14.47 -2.71
N THR A 32 4.07 -14.43 -1.94
CA THR A 32 5.41 -14.49 -2.52
C THR A 32 5.44 -15.37 -3.77
N GLY A 33 5.07 -16.63 -3.60
CA GLY A 33 5.05 -17.56 -4.71
C GLY A 33 3.99 -17.21 -5.74
N LEU A 34 2.80 -16.89 -5.27
CA LEU A 34 1.69 -16.53 -6.15
C LEU A 34 2.10 -15.43 -7.12
N ALA A 35 2.44 -14.27 -6.58
CA ALA A 35 2.86 -13.14 -7.41
C ALA A 35 3.92 -13.56 -8.42
N ARG A 36 4.99 -14.15 -7.93
CA ARG A 36 6.08 -14.59 -8.79
C ARG A 36 5.54 -15.35 -10.00
N SER A 37 4.62 -16.29 -9.75
CA SER A 37 4.02 -17.08 -10.82
C SER A 37 3.30 -16.19 -11.82
N LYS A 38 2.70 -15.12 -11.33
CA LYS A 38 1.98 -14.18 -12.19
C LYS A 38 2.94 -13.40 -13.07
N GLY A 39 3.86 -12.69 -12.44
CA GLY A 39 4.83 -11.90 -13.17
C GLY A 39 5.33 -10.70 -12.39
N PHE A 40 5.43 -10.85 -11.08
CA PHE A 40 5.90 -9.77 -10.21
C PHE A 40 7.15 -10.19 -9.45
N ARG A 41 8.13 -9.31 -9.41
CA ARG A 41 9.38 -9.57 -8.70
C ARG A 41 9.24 -9.31 -7.20
N VAL A 42 9.35 -10.37 -6.41
CA VAL A 42 9.23 -10.24 -4.96
C VAL A 42 10.60 -10.06 -4.30
N LEU A 43 10.76 -8.95 -3.60
CA LEU A 43 12.02 -8.66 -2.92
C LEU A 43 12.17 -9.50 -1.66
N ASP A 44 13.35 -10.07 -1.46
CA ASP A 44 13.62 -10.89 -0.29
C ASP A 44 13.65 -10.04 0.98
N ALA A 45 14.38 -8.93 0.93
CA ALA A 45 14.49 -8.03 2.07
C ALA A 45 14.17 -6.59 1.67
N CYS A 46 14.07 -5.72 2.67
CA CYS A 46 13.78 -4.31 2.41
C CYS A 46 14.90 -3.65 1.62
N SER A 47 14.54 -2.77 0.70
CA SER A 47 15.52 -2.07 -0.13
C SER A 47 14.85 -0.98 -0.96
N SER A 48 15.67 -0.12 -1.56
CA SER A 48 15.16 0.96 -2.38
C SER A 48 14.26 0.44 -3.50
N GLU A 49 14.57 -0.76 -3.99
CA GLU A 49 13.79 -1.38 -5.05
C GLU A 49 12.30 -1.26 -4.76
N ALA A 50 11.91 -1.60 -3.54
CA ALA A 50 10.50 -1.53 -3.14
C ALA A 50 9.80 -0.36 -3.80
N THR A 51 8.99 -0.64 -4.81
CA THR A 51 8.27 0.39 -5.52
C THR A 51 6.79 0.40 -5.14
N HIS A 52 6.25 -0.78 -4.86
CA HIS A 52 4.84 -0.92 -4.48
C HIS A 52 4.71 -1.81 -3.25
N VAL A 53 4.51 -1.18 -2.09
CA VAL A 53 4.37 -1.91 -0.83
C VAL A 53 2.92 -2.34 -0.62
N VAL A 54 2.73 -3.56 -0.14
CA VAL A 54 1.39 -4.09 0.11
C VAL A 54 1.13 -4.23 1.60
N MET A 55 -0.10 -3.92 2.00
CA MET A 55 -0.48 -4.01 3.41
C MET A 55 -1.88 -4.58 3.55
N GLU A 56 -2.06 -5.43 4.56
CA GLU A 56 -3.36 -6.05 4.81
C GLU A 56 -3.92 -5.64 6.17
N GLU A 57 -5.18 -5.22 6.18
CA GLU A 57 -5.82 -4.79 7.41
C GLU A 57 -5.05 -3.66 8.08
N THR A 58 -4.60 -2.71 7.26
CA THR A 58 -3.84 -1.57 7.76
C THR A 58 -4.59 -0.26 7.54
N SER A 59 -4.53 0.63 8.53
CA SER A 59 -5.21 1.91 8.44
C SER A 59 -4.45 2.87 7.54
N ALA A 60 -5.16 3.84 6.97
CA ALA A 60 -4.53 4.82 6.09
C ALA A 60 -3.39 5.54 6.79
N GLU A 61 -3.59 5.89 8.05
CA GLU A 61 -2.57 6.58 8.82
C GLU A 61 -1.44 5.63 9.20
N GLU A 62 -1.79 4.42 9.58
CA GLU A 62 -0.81 3.41 9.95
C GLU A 62 0.28 3.29 8.90
N ALA A 63 -0.13 3.03 7.66
CA ALA A 63 0.82 2.90 6.56
C ALA A 63 1.86 4.00 6.59
N VAL A 64 1.39 5.24 6.67
CA VAL A 64 2.30 6.40 6.71
C VAL A 64 3.22 6.33 7.91
N SER A 65 2.75 5.69 8.98
CA SER A 65 3.54 5.55 10.20
C SER A 65 4.51 4.37 10.10
N TRP A 66 4.11 3.35 9.35
CA TRP A 66 4.94 2.17 9.17
C TRP A 66 6.06 2.44 8.15
N GLN A 67 5.87 3.47 7.34
CA GLN A 67 6.85 3.82 6.32
C GLN A 67 7.91 4.77 6.89
N GLU A 68 7.49 5.62 7.83
CA GLU A 68 8.40 6.57 8.46
C GLU A 68 9.60 5.85 9.07
N ARG A 69 9.33 4.83 9.87
CA ARG A 69 10.39 4.06 10.51
C ARG A 69 11.62 3.97 9.61
N ARG A 70 11.38 3.69 8.33
CA ARG A 70 12.46 3.56 7.36
C ARG A 70 13.08 4.93 7.06
N MET A 71 12.27 5.82 6.51
CA MET A 71 12.73 7.16 6.17
C MET A 71 13.54 7.77 7.31
N ALA A 72 13.23 7.35 8.53
CA ALA A 72 13.94 7.85 9.70
C ALA A 72 15.40 7.42 9.70
N ALA A 73 15.63 6.11 9.59
CA ALA A 73 16.98 5.57 9.57
C ALA A 73 17.30 4.96 8.20
N ALA A 74 16.73 5.54 7.15
CA ALA A 74 16.95 5.05 5.80
C ALA A 74 18.29 5.56 5.26
N PRO A 75 18.82 4.84 4.26
CA PRO A 75 20.10 5.20 3.63
C PRO A 75 20.01 6.46 2.80
N PRO A 76 21.17 7.07 2.49
CA PRO A 76 21.24 8.30 1.69
C PRO A 76 20.86 8.06 0.23
N GLY A 77 19.85 8.79 -0.23
CA GLY A 77 19.42 8.64 -1.61
C GLY A 77 18.21 7.75 -1.75
N CYS A 78 17.73 7.23 -0.61
CA CYS A 78 16.56 6.35 -0.61
C CYS A 78 15.37 7.02 -1.26
N THR A 79 14.42 6.21 -1.72
CA THR A 79 13.22 6.73 -2.37
C THR A 79 11.96 6.25 -1.65
N PRO A 80 11.00 7.17 -1.45
CA PRO A 80 9.73 6.87 -0.79
C PRO A 80 8.84 5.98 -1.64
N PRO A 81 8.60 4.74 -1.17
CA PRO A 81 7.76 3.78 -1.87
C PRO A 81 6.29 4.17 -1.85
N ALA A 82 5.45 3.38 -2.52
CA ALA A 82 4.02 3.65 -2.57
C ALA A 82 3.25 2.66 -1.70
N LEU A 83 2.71 3.16 -0.58
CA LEU A 83 1.96 2.32 0.34
C LEU A 83 0.62 1.92 -0.26
N LEU A 84 0.50 0.66 -0.65
CA LEU A 84 -0.72 0.14 -1.25
C LEU A 84 -1.38 -0.89 -0.34
N ASP A 85 -2.63 -1.22 -0.63
CA ASP A 85 -3.38 -2.19 0.17
C ASP A 85 -3.52 -3.51 -0.58
N ILE A 86 -3.73 -4.58 0.17
CA ILE A 86 -3.88 -5.90 -0.43
C ILE A 86 -4.76 -5.85 -1.67
N SER A 87 -5.86 -5.10 -1.58
CA SER A 87 -6.78 -4.96 -2.70
C SER A 87 -6.02 -4.74 -4.01
N TRP A 88 -4.98 -3.93 -3.95
CA TRP A 88 -4.18 -3.63 -5.13
C TRP A 88 -3.53 -4.90 -5.68
N LEU A 89 -2.85 -5.63 -4.81
CA LEU A 89 -2.18 -6.86 -5.21
C LEU A 89 -3.16 -7.83 -5.86
N THR A 90 -4.12 -8.32 -5.08
CA THR A 90 -5.12 -9.24 -5.59
C THR A 90 -5.54 -8.88 -7.00
N GLU A 91 -5.89 -7.61 -7.20
CA GLU A 91 -6.32 -7.13 -8.51
C GLU A 91 -5.22 -7.35 -9.55
N SER A 92 -3.97 -7.11 -9.15
CA SER A 92 -2.84 -7.27 -10.05
C SER A 92 -2.65 -8.74 -10.41
N LEU A 93 -2.86 -9.62 -9.45
CA LEU A 93 -2.71 -11.06 -9.67
C LEU A 93 -3.77 -11.57 -10.63
N GLY A 94 -5.03 -11.26 -10.34
CA GLY A 94 -6.12 -11.70 -11.19
C GLY A 94 -6.06 -11.08 -12.58
N ALA A 95 -5.20 -10.08 -12.73
CA ALA A 95 -5.05 -9.39 -14.01
C ALA A 95 -3.76 -9.80 -14.71
N GLY A 96 -2.84 -10.39 -13.94
CA GLY A 96 -1.57 -10.80 -14.50
C GLY A 96 -0.59 -9.65 -14.64
N GLN A 97 -1.09 -8.43 -14.54
CA GLN A 97 -0.26 -7.24 -14.66
C GLN A 97 -0.49 -6.29 -13.50
N PRO A 98 0.55 -5.51 -13.14
CA PRO A 98 0.47 -4.54 -12.05
C PRO A 98 -0.43 -3.36 -12.39
N VAL A 99 -1.60 -3.30 -11.74
CA VAL A 99 -2.54 -2.21 -11.98
C VAL A 99 -2.03 -0.91 -11.38
N PRO A 100 -2.40 0.21 -12.02
CA PRO A 100 -2.00 1.55 -11.57
C PRO A 100 -2.67 1.95 -10.27
N VAL A 101 -1.87 2.29 -9.27
CA VAL A 101 -2.40 2.70 -7.97
C VAL A 101 -3.69 3.48 -8.12
N GLU A 102 -4.68 3.15 -7.30
CA GLU A 102 -5.97 3.83 -7.35
C GLU A 102 -6.10 4.83 -6.19
N CYS A 103 -7.16 5.63 -6.23
CA CYS A 103 -7.41 6.63 -5.20
C CYS A 103 -7.64 5.95 -3.84
N ARG A 104 -8.27 4.79 -3.86
CA ARG A 104 -8.56 4.05 -2.64
C ARG A 104 -7.30 3.35 -2.13
N HIS A 105 -6.51 2.83 -3.04
CA HIS A 105 -5.27 2.13 -2.69
C HIS A 105 -4.38 3.01 -1.81
N ARG A 106 -4.05 4.19 -2.31
CA ARG A 106 -3.21 5.12 -1.57
C ARG A 106 -3.50 5.05 -0.08
N LEU A 107 -2.46 4.85 0.72
CA LEU A 107 -2.61 4.77 2.17
C LEU A 107 -2.01 6.00 2.85
N GLU A 108 -2.86 7.00 3.10
CA GLU A 108 -2.42 8.23 3.76
C GLU A 108 -3.55 8.86 4.57
N VAL A 109 -3.19 9.61 5.60
CA VAL A 109 -4.16 10.25 6.46
C VAL A 109 -4.05 11.77 6.38
N ALA A 110 -5.02 12.47 6.98
CA ALA A 110 -5.02 13.93 6.97
C ALA A 110 -6.16 14.48 7.82
N GLY A 111 -5.85 15.50 8.62
CA GLY A 111 -6.86 16.10 9.47
C GLY A 111 -7.64 15.07 10.25
N PRO A 112 -6.96 14.37 11.17
CA PRO A 112 -7.58 13.33 12.01
C PRO A 112 -8.55 13.91 13.03
N ARG A 113 -9.78 13.43 13.01
CA ARG A 113 -10.81 13.90 13.93
C ARG A 113 -11.44 12.73 14.69
N LYS A 114 -11.84 12.99 15.93
CA LYS A 114 -12.47 11.96 16.76
C LYS A 114 -13.90 12.34 17.10
N GLY A 115 -14.75 11.33 17.28
CA GLY A 115 -16.13 11.57 17.62
C GLY A 115 -16.95 12.02 16.42
N PRO A 116 -18.29 12.01 16.57
CA PRO A 116 -19.20 12.42 15.50
C PRO A 116 -19.13 13.92 15.22
N LEU A 117 -19.81 14.35 14.15
CA LEU A 117 -19.83 15.75 13.77
C LEU A 117 -21.26 16.23 13.52
N SER A 118 -21.48 17.53 13.69
CA SER A 118 -22.80 18.12 13.47
C SER A 118 -23.02 18.44 12.01
N PRO A 119 -24.28 18.25 11.54
CA PRO A 119 -24.65 18.52 10.15
C PRO A 119 -24.63 20.01 9.83
N ALA A 120 -25.24 20.81 10.71
CA ALA A 120 -25.30 22.26 10.51
C ALA A 120 -25.88 22.96 11.73
N TRP A 121 -26.02 24.27 11.65
CA TRP A 121 -26.56 25.05 12.75
C TRP A 121 -27.57 26.09 12.25
N MET A 122 -28.58 26.36 13.07
CA MET A 122 -29.60 27.33 12.71
C MET A 122 -30.26 27.92 13.95
N PRO A 123 -30.58 29.21 13.90
CA PRO A 123 -31.22 29.92 15.01
C PRO A 123 -32.66 29.48 15.23
N ALA A 124 -33.31 30.06 16.24
CA ALA A 124 -34.70 29.72 16.55
C ALA A 124 -35.66 30.66 15.83
N TYR A 125 -35.29 31.93 15.74
CA TYR A 125 -36.12 32.93 15.09
C TYR A 125 -35.89 32.93 13.58
N ALA A 126 -35.66 31.74 13.03
CA ALA A 126 -35.42 31.60 11.59
C ALA A 126 -36.71 31.68 10.81
N CYS A 127 -37.53 32.69 11.13
CA CYS A 127 -38.81 32.87 10.45
C CYS A 127 -39.18 34.36 10.39
N SER A 128 -39.87 34.74 9.33
CA SER A 128 -40.28 36.13 9.14
C SER A 128 -41.45 36.23 8.16
N GLY A 129 -41.99 37.43 8.02
CA GLY A 129 -43.11 37.64 7.11
C GLY A 129 -43.69 39.03 7.22
N PRO A 130 -44.16 39.57 6.08
CA PRO A 130 -44.75 40.92 6.03
C PRO A 130 -46.10 40.99 6.74
N SER A 131 -46.99 40.05 6.40
CA SER A 131 -48.32 40.02 7.01
C SER A 131 -48.98 41.38 6.95
N SER A 132 -48.74 42.11 5.87
CA SER A 132 -49.31 43.44 5.69
C SER A 132 -50.73 43.35 5.14
N GLY A 133 -51.43 44.48 5.15
CA GLY A 133 -52.80 44.51 4.64
C GLY A 133 -53.82 44.29 5.73
N GLY A 1 11.38 -17.99 -34.10
CA GLY A 1 10.58 -18.48 -33.00
C GLY A 1 10.16 -17.39 -32.04
N SER A 2 8.85 -17.30 -31.79
CA SER A 2 8.32 -16.29 -30.88
C SER A 2 8.52 -16.70 -29.43
N SER A 3 9.71 -16.40 -28.89
CA SER A 3 10.03 -16.74 -27.52
C SER A 3 10.09 -15.49 -26.64
N GLY A 4 9.74 -15.64 -25.38
CA GLY A 4 9.75 -14.52 -24.46
C GLY A 4 11.09 -14.36 -23.75
N SER A 5 11.16 -14.87 -22.52
CA SER A 5 12.39 -14.78 -21.73
C SER A 5 12.39 -15.84 -20.62
N SER A 6 13.59 -16.15 -20.12
CA SER A 6 13.73 -17.15 -19.06
C SER A 6 14.53 -16.58 -17.89
N GLY A 7 13.85 -16.43 -16.75
CA GLY A 7 14.51 -15.90 -15.57
C GLY A 7 14.01 -14.52 -15.20
N SER A 8 13.97 -13.62 -16.19
CA SER A 8 13.50 -12.26 -15.96
C SER A 8 12.00 -12.22 -15.75
N THR A 9 11.54 -11.32 -14.88
CA THR A 9 10.13 -11.18 -14.58
C THR A 9 9.40 -10.43 -15.69
N ARG A 10 8.13 -10.78 -15.91
CA ARG A 10 7.33 -10.14 -16.94
C ARG A 10 7.49 -8.62 -16.90
N PHE A 11 7.59 -8.09 -15.68
CA PHE A 11 7.75 -6.65 -15.49
C PHE A 11 8.99 -6.34 -14.66
N PRO A 12 10.15 -6.26 -15.34
CA PRO A 12 11.43 -5.97 -14.69
C PRO A 12 11.51 -4.53 -14.19
N GLY A 13 10.42 -3.79 -14.35
CA GLY A 13 10.38 -2.40 -13.91
C GLY A 13 9.48 -2.20 -12.71
N VAL A 14 9.09 -3.30 -12.06
CA VAL A 14 8.24 -3.23 -10.89
C VAL A 14 8.75 -4.15 -9.79
N ALA A 15 8.77 -3.62 -8.56
CA ALA A 15 9.23 -4.39 -7.41
C ALA A 15 8.30 -4.20 -6.22
N ILE A 16 7.57 -5.24 -5.87
CA ILE A 16 6.65 -5.19 -4.74
C ILE A 16 7.26 -5.82 -3.50
N TYR A 17 6.98 -5.22 -2.34
CA TYR A 17 7.51 -5.73 -1.07
C TYR A 17 6.37 -6.08 -0.12
N LEU A 18 6.42 -7.29 0.43
CA LEU A 18 5.40 -7.75 1.36
C LEU A 18 5.87 -7.59 2.81
N VAL A 19 5.07 -6.90 3.62
CA VAL A 19 5.41 -6.68 5.01
C VAL A 19 5.56 -8.00 5.76
N GLU A 20 6.11 -7.93 6.97
CA GLU A 20 6.31 -9.12 7.79
C GLU A 20 5.16 -9.32 8.77
N PRO A 21 5.09 -8.44 9.78
CA PRO A 21 4.04 -8.49 10.80
C PRO A 21 2.67 -8.11 10.25
N ARG A 22 2.60 -6.96 9.61
CA ARG A 22 1.34 -6.48 9.04
C ARG A 22 0.56 -7.62 8.42
N MET A 23 1.28 -8.63 7.92
CA MET A 23 0.64 -9.78 7.31
C MET A 23 0.84 -11.03 8.17
N GLY A 24 2.06 -11.56 8.16
CA GLY A 24 2.36 -12.75 8.94
C GLY A 24 3.40 -13.63 8.28
N ARG A 25 3.61 -14.82 8.83
CA ARG A 25 4.58 -15.75 8.29
C ARG A 25 4.02 -16.49 7.07
N SER A 26 2.92 -17.20 7.28
CA SER A 26 2.28 -17.95 6.20
C SER A 26 1.67 -17.00 5.18
N ARG A 27 0.68 -16.23 5.61
CA ARG A 27 0.00 -15.28 4.73
C ARG A 27 0.99 -14.64 3.76
N ARG A 28 2.23 -14.48 4.21
CA ARG A 28 3.27 -13.88 3.38
C ARG A 28 3.65 -14.80 2.24
N ALA A 29 4.14 -15.99 2.57
CA ALA A 29 4.54 -16.97 1.57
C ALA A 29 3.49 -17.10 0.48
N PHE A 30 2.25 -17.29 0.88
CA PHE A 30 1.14 -17.43 -0.05
C PHE A 30 1.29 -16.43 -1.21
N LEU A 31 1.35 -15.15 -0.89
CA LEU A 31 1.49 -14.11 -1.89
C LEU A 31 2.88 -14.12 -2.50
N THR A 32 3.90 -14.11 -1.66
CA THR A 32 5.28 -14.13 -2.12
C THR A 32 5.44 -15.03 -3.34
N GLY A 33 4.92 -16.25 -3.24
CA GLY A 33 5.02 -17.18 -4.36
C GLY A 33 4.05 -16.85 -5.47
N LEU A 34 2.79 -16.62 -5.12
CA LEU A 34 1.77 -16.29 -6.11
C LEU A 34 2.25 -15.19 -7.05
N ALA A 35 2.64 -14.06 -6.47
CA ALA A 35 3.13 -12.93 -7.25
C ALA A 35 4.23 -13.36 -8.21
N ARG A 36 5.33 -13.84 -7.66
CA ARG A 36 6.47 -14.27 -8.47
C ARG A 36 5.99 -15.14 -9.63
N SER A 37 4.97 -15.94 -9.39
CA SER A 37 4.43 -16.82 -10.42
C SER A 37 3.71 -16.01 -11.50
N LYS A 38 3.02 -14.95 -11.08
CA LYS A 38 2.29 -14.10 -12.00
C LYS A 38 3.25 -13.27 -12.85
N GLY A 39 4.09 -12.49 -12.17
CA GLY A 39 5.05 -11.65 -12.88
C GLY A 39 5.52 -10.48 -12.05
N PHE A 40 5.61 -10.68 -10.73
CA PHE A 40 6.05 -9.63 -9.83
C PHE A 40 7.15 -10.13 -8.90
N ARG A 41 8.32 -9.51 -9.00
CA ARG A 41 9.47 -9.89 -8.18
C ARG A 41 9.20 -9.58 -6.71
N VAL A 42 9.61 -10.49 -5.83
CA VAL A 42 9.42 -10.30 -4.40
C VAL A 42 10.76 -10.08 -3.69
N LEU A 43 10.89 -8.92 -3.06
CA LEU A 43 12.11 -8.58 -2.34
C LEU A 43 12.18 -9.29 -0.99
N ASP A 44 13.36 -9.81 -0.66
CA ASP A 44 13.56 -10.51 0.60
C ASP A 44 13.63 -9.52 1.77
N ALA A 45 14.47 -8.51 1.62
CA ALA A 45 14.63 -7.50 2.66
C ALA A 45 14.38 -6.10 2.12
N CYS A 46 14.31 -5.12 3.01
CA CYS A 46 14.08 -3.74 2.61
C CYS A 46 15.16 -3.24 1.67
N SER A 47 14.77 -2.96 0.43
CA SER A 47 15.70 -2.48 -0.58
C SER A 47 15.13 -1.29 -1.34
N SER A 48 16.01 -0.41 -1.82
CA SER A 48 15.60 0.76 -2.57
C SER A 48 14.63 0.39 -3.68
N GLU A 49 14.81 -0.81 -4.24
CA GLU A 49 13.95 -1.29 -5.32
C GLU A 49 12.49 -1.13 -4.96
N ALA A 50 12.15 -1.48 -3.72
CA ALA A 50 10.78 -1.39 -3.24
C ALA A 50 10.06 -0.20 -3.87
N THR A 51 9.21 -0.49 -4.85
CA THR A 51 8.45 0.56 -5.53
C THR A 51 7.00 0.59 -5.06
N HIS A 52 6.47 -0.58 -4.71
CA HIS A 52 5.09 -0.68 -4.25
C HIS A 52 4.99 -1.62 -3.06
N VAL A 53 4.35 -1.16 -1.99
CA VAL A 53 4.18 -1.95 -0.78
C VAL A 53 2.74 -2.41 -0.61
N VAL A 54 2.55 -3.55 0.05
CA VAL A 54 1.22 -4.10 0.28
C VAL A 54 0.94 -4.27 1.76
N MET A 55 -0.28 -3.94 2.17
CA MET A 55 -0.67 -4.06 3.57
C MET A 55 -2.13 -4.48 3.69
N GLU A 56 -2.37 -5.64 4.30
CA GLU A 56 -3.72 -6.16 4.47
C GLU A 56 -4.25 -5.82 5.87
N GLU A 57 -5.54 -5.52 5.94
CA GLU A 57 -6.17 -5.18 7.21
C GLU A 57 -5.41 -4.07 7.92
N THR A 58 -5.06 -3.03 7.16
CA THR A 58 -4.32 -1.90 7.72
C THR A 58 -5.00 -0.57 7.36
N SER A 59 -4.84 0.42 8.24
CA SER A 59 -5.42 1.73 8.02
C SER A 59 -4.49 2.63 7.22
N ALA A 60 -5.06 3.64 6.57
CA ALA A 60 -4.27 4.57 5.77
C ALA A 60 -3.19 5.25 6.61
N GLU A 61 -3.57 5.71 7.81
CA GLU A 61 -2.65 6.37 8.70
C GLU A 61 -1.62 5.38 9.25
N GLU A 62 -2.07 4.19 9.60
CA GLU A 62 -1.20 3.15 10.13
C GLU A 62 -0.01 2.92 9.21
N ALA A 63 -0.30 2.73 7.93
CA ALA A 63 0.74 2.49 6.93
C ALA A 63 1.82 3.55 7.01
N VAL A 64 1.41 4.82 6.92
CA VAL A 64 2.35 5.93 6.97
C VAL A 64 3.30 5.79 8.16
N SER A 65 2.77 5.30 9.28
CA SER A 65 3.57 5.12 10.49
C SER A 65 4.65 4.06 10.26
N TRP A 66 4.26 2.93 9.71
CA TRP A 66 5.19 1.84 9.44
C TRP A 66 6.25 2.27 8.43
N GLN A 67 5.93 3.28 7.63
CA GLN A 67 6.85 3.78 6.63
C GLN A 67 7.87 4.74 7.24
N GLU A 68 7.36 5.77 7.93
CA GLU A 68 8.21 6.76 8.56
C GLU A 68 9.43 6.09 9.22
N ARG A 69 9.16 5.00 9.93
CA ARG A 69 10.23 4.28 10.62
C ARG A 69 11.43 4.06 9.70
N ARG A 70 11.14 3.74 8.44
CA ARG A 70 12.19 3.51 7.45
C ARG A 70 12.86 4.82 7.05
N MET A 71 12.04 5.79 6.65
CA MET A 71 12.55 7.09 6.24
C MET A 71 13.49 7.67 7.29
N ALA A 72 13.19 7.41 8.56
CA ALA A 72 14.01 7.90 9.66
C ALA A 72 15.41 7.29 9.62
N ALA A 73 15.49 6.04 9.16
CA ALA A 73 16.77 5.35 9.07
C ALA A 73 17.19 5.15 7.61
N ALA A 74 16.44 5.78 6.70
CA ALA A 74 16.73 5.66 5.28
C ALA A 74 17.75 6.72 4.84
N PRO A 75 18.61 6.35 3.89
CA PRO A 75 19.65 7.24 3.37
C PRO A 75 19.06 8.40 2.55
N PRO A 76 19.87 9.44 2.34
CA PRO A 76 19.46 10.62 1.57
C PRO A 76 19.30 10.32 0.08
N GLY A 77 18.30 10.93 -0.54
CA GLY A 77 18.08 10.71 -1.95
C GLY A 77 17.08 9.60 -2.21
N CYS A 78 17.15 8.55 -1.39
CA CYS A 78 16.25 7.41 -1.53
C CYS A 78 14.79 7.85 -1.54
N THR A 79 14.06 7.47 -2.58
CA THR A 79 12.65 7.83 -2.70
C THR A 79 11.76 6.86 -1.93
N PRO A 80 10.77 7.41 -1.21
CA PRO A 80 9.83 6.61 -0.42
C PRO A 80 8.88 5.79 -1.29
N PRO A 81 8.74 4.50 -0.95
CA PRO A 81 7.87 3.58 -1.69
C PRO A 81 6.39 3.90 -1.50
N ALA A 82 5.58 3.48 -2.45
CA ALA A 82 4.14 3.71 -2.38
C ALA A 82 3.44 2.69 -1.49
N LEU A 83 2.71 3.17 -0.49
CA LEU A 83 2.01 2.29 0.43
C LEU A 83 0.62 1.94 -0.10
N LEU A 84 0.51 0.76 -0.72
CA LEU A 84 -0.75 0.31 -1.28
C LEU A 84 -1.42 -0.70 -0.35
N ASP A 85 -2.67 -1.05 -0.65
CA ASP A 85 -3.42 -2.01 0.15
C ASP A 85 -3.53 -3.34 -0.56
N ILE A 86 -3.86 -4.39 0.19
CA ILE A 86 -4.00 -5.73 -0.37
C ILE A 86 -4.94 -5.72 -1.57
N SER A 87 -5.86 -4.77 -1.60
CA SER A 87 -6.81 -4.66 -2.70
C SER A 87 -6.09 -4.45 -4.03
N TRP A 88 -4.95 -3.75 -3.99
CA TRP A 88 -4.17 -3.49 -5.18
C TRP A 88 -3.53 -4.78 -5.71
N LEU A 89 -2.79 -5.46 -4.83
CA LEU A 89 -2.12 -6.71 -5.20
C LEU A 89 -3.12 -7.69 -5.79
N THR A 90 -4.11 -8.09 -4.99
CA THR A 90 -5.12 -9.04 -5.44
C THR A 90 -5.53 -8.78 -6.88
N GLU A 91 -6.01 -7.56 -7.15
CA GLU A 91 -6.42 -7.18 -8.49
C GLU A 91 -5.34 -7.51 -9.51
N SER A 92 -4.10 -7.16 -9.18
CA SER A 92 -2.97 -7.41 -10.07
C SER A 92 -2.82 -8.90 -10.36
N LEU A 93 -2.70 -9.69 -9.30
CA LEU A 93 -2.56 -11.14 -9.43
C LEU A 93 -3.65 -11.71 -10.32
N GLY A 94 -4.88 -11.27 -10.10
CA GLY A 94 -6.00 -11.75 -10.88
C GLY A 94 -5.98 -11.23 -12.31
N ALA A 95 -5.19 -10.18 -12.54
CA ALA A 95 -5.07 -9.59 -13.86
C ALA A 95 -3.76 -9.99 -14.53
N GLY A 96 -2.84 -10.54 -13.74
CA GLY A 96 -1.56 -10.96 -14.28
C GLY A 96 -0.61 -9.80 -14.48
N GLN A 97 -1.15 -8.58 -14.41
CA GLN A 97 -0.34 -7.38 -14.61
C GLN A 97 -0.60 -6.37 -13.49
N PRO A 98 0.42 -5.55 -13.18
CA PRO A 98 0.33 -4.52 -12.14
C PRO A 98 -0.61 -3.39 -12.51
N VAL A 99 -1.77 -3.34 -11.86
CA VAL A 99 -2.76 -2.30 -12.13
C VAL A 99 -2.28 -0.95 -11.60
N PRO A 100 -2.74 0.13 -12.26
CA PRO A 100 -2.38 1.51 -11.87
C PRO A 100 -3.01 1.92 -10.55
N VAL A 101 -2.18 2.14 -9.55
CA VAL A 101 -2.66 2.55 -8.23
C VAL A 101 -3.89 3.44 -8.34
N GLU A 102 -4.81 3.28 -7.40
CA GLU A 102 -6.04 4.06 -7.39
C GLU A 102 -6.09 4.99 -6.18
N CYS A 103 -7.12 5.82 -6.12
CA CYS A 103 -7.28 6.76 -5.01
C CYS A 103 -7.51 6.02 -3.70
N ARG A 104 -8.26 4.92 -3.77
CA ARG A 104 -8.55 4.13 -2.59
C ARG A 104 -7.32 3.34 -2.14
N HIS A 105 -6.57 2.85 -3.11
CA HIS A 105 -5.36 2.08 -2.82
C HIS A 105 -4.38 2.88 -1.96
N ARG A 106 -3.99 4.06 -2.46
CA ARG A 106 -3.07 4.92 -1.75
C ARG A 106 -3.42 4.97 -0.26
N LEU A 107 -2.49 4.51 0.58
CA LEU A 107 -2.70 4.51 2.02
C LEU A 107 -2.01 5.71 2.67
N GLU A 108 -2.79 6.75 2.92
CA GLU A 108 -2.27 7.96 3.55
C GLU A 108 -3.35 8.68 4.36
N VAL A 109 -2.92 9.48 5.33
CA VAL A 109 -3.85 10.21 6.18
C VAL A 109 -3.52 11.70 6.19
N ALA A 110 -4.44 12.50 6.72
CA ALA A 110 -4.24 13.95 6.80
C ALA A 110 -5.36 14.61 7.60
N GLY A 111 -5.02 15.09 8.79
CA GLY A 111 -6.01 15.74 9.63
C GLY A 111 -7.07 14.78 10.14
N PRO A 112 -6.65 13.84 11.00
CA PRO A 112 -7.55 12.84 11.57
C PRO A 112 -8.54 13.45 12.57
N ARG A 113 -9.83 13.29 12.27
CA ARG A 113 -10.87 13.83 13.14
C ARG A 113 -11.14 12.89 14.32
N LYS A 114 -11.85 13.40 15.32
CA LYS A 114 -12.18 12.61 16.50
C LYS A 114 -13.67 12.69 16.81
N GLY A 115 -14.47 12.99 15.79
CA GLY A 115 -15.91 13.08 15.97
C GLY A 115 -16.49 14.35 15.38
N PRO A 116 -16.85 14.29 14.09
CA PRO A 116 -17.42 15.44 13.38
C PRO A 116 -18.83 15.78 13.86
N LEU A 117 -19.39 16.86 13.34
CA LEU A 117 -20.73 17.29 13.72
C LEU A 117 -21.65 17.32 12.50
N SER A 118 -22.96 17.25 12.76
CA SER A 118 -23.94 17.27 11.68
C SER A 118 -24.81 18.53 11.77
N PRO A 119 -25.15 19.09 10.59
CA PRO A 119 -25.98 20.29 10.51
C PRO A 119 -27.43 20.03 10.92
N ALA A 120 -27.96 18.91 10.46
CA ALA A 120 -29.34 18.54 10.77
C ALA A 120 -29.62 17.08 10.42
N TRP A 121 -30.78 16.59 10.82
CA TRP A 121 -31.17 15.21 10.55
C TRP A 121 -31.98 15.13 9.26
N MET A 122 -31.69 14.10 8.45
CA MET A 122 -32.40 13.91 7.20
C MET A 122 -32.64 12.43 6.93
N PRO A 123 -33.84 12.09 6.44
CA PRO A 123 -34.22 10.70 6.13
C PRO A 123 -33.46 10.15 4.93
N ALA A 124 -33.62 8.85 4.69
CA ALA A 124 -32.95 8.20 3.57
C ALA A 124 -33.32 8.87 2.24
N TYR A 125 -34.62 9.12 2.06
CA TYR A 125 -35.10 9.75 0.85
C TYR A 125 -34.70 11.22 0.79
N ALA A 126 -35.06 11.97 1.82
CA ALA A 126 -34.74 13.39 1.89
C ALA A 126 -34.82 14.04 0.52
N CYS A 127 -35.84 13.67 -0.25
CA CYS A 127 -36.04 14.21 -1.58
C CYS A 127 -37.50 14.57 -1.81
N SER A 128 -37.73 15.71 -2.46
CA SER A 128 -39.09 16.16 -2.74
C SER A 128 -39.37 16.13 -4.25
N GLY A 129 -40.40 15.38 -4.62
CA GLY A 129 -40.77 15.28 -6.03
C GLY A 129 -41.97 14.38 -6.25
N PRO A 130 -42.77 14.70 -7.28
CA PRO A 130 -43.96 13.93 -7.62
C PRO A 130 -43.62 12.55 -8.19
N SER A 131 -43.97 11.51 -7.44
CA SER A 131 -43.69 10.14 -7.87
C SER A 131 -44.53 9.14 -7.06
N SER A 132 -45.19 8.24 -7.78
CA SER A 132 -46.03 7.23 -7.14
C SER A 132 -45.88 5.89 -7.83
N GLY A 133 -46.02 4.82 -7.05
CA GLY A 133 -45.90 3.48 -7.60
C GLY A 133 -44.81 2.66 -6.92
N GLY A 1 26.73 1.26 -15.64
CA GLY A 1 25.73 0.38 -15.05
C GLY A 1 26.20 -0.23 -13.74
N SER A 2 25.61 -1.36 -13.38
CA SER A 2 25.97 -2.04 -12.14
C SER A 2 26.83 -3.27 -12.43
N SER A 3 27.27 -3.94 -11.36
CA SER A 3 28.10 -5.12 -11.49
C SER A 3 27.38 -6.36 -10.97
N GLY A 4 26.74 -7.09 -11.87
CA GLY A 4 26.02 -8.29 -11.48
C GLY A 4 24.52 -8.14 -11.62
N SER A 5 24.07 -7.68 -12.79
CA SER A 5 22.65 -7.48 -13.04
C SER A 5 22.06 -8.66 -13.79
N SER A 6 21.33 -9.51 -13.07
CA SER A 6 20.71 -10.69 -13.66
C SER A 6 19.39 -11.01 -12.98
N GLY A 7 18.34 -11.21 -13.79
CA GLY A 7 17.04 -11.52 -13.24
C GLY A 7 16.06 -11.96 -14.31
N SER A 8 14.83 -12.28 -13.90
CA SER A 8 13.80 -12.73 -14.82
C SER A 8 12.41 -12.42 -14.26
N THR A 9 11.72 -11.46 -14.87
CA THR A 9 10.38 -11.09 -14.44
C THR A 9 9.65 -10.33 -15.53
N ARG A 10 8.38 -10.65 -15.72
CA ARG A 10 7.56 -9.99 -16.74
C ARG A 10 7.70 -8.48 -16.65
N PHE A 11 7.61 -7.96 -15.43
CA PHE A 11 7.72 -6.52 -15.21
C PHE A 11 8.91 -6.19 -14.31
N PRO A 12 10.10 -6.10 -14.92
CA PRO A 12 11.34 -5.79 -14.20
C PRO A 12 11.37 -4.35 -13.68
N GLY A 13 10.32 -3.60 -13.97
CA GLY A 13 10.24 -2.22 -13.52
C GLY A 13 9.26 -2.03 -12.39
N VAL A 14 9.02 -3.08 -11.62
CA VAL A 14 8.09 -3.03 -10.50
C VAL A 14 8.59 -3.87 -9.32
N ALA A 15 8.72 -3.22 -8.17
CA ALA A 15 9.18 -3.90 -6.97
C ALA A 15 8.17 -3.79 -5.84
N ILE A 16 7.62 -4.93 -5.42
CA ILE A 16 6.64 -4.96 -4.35
C ILE A 16 7.23 -5.53 -3.07
N TYR A 17 6.91 -4.90 -1.94
CA TYR A 17 7.42 -5.34 -0.65
C TYR A 17 6.28 -5.80 0.25
N LEU A 18 6.41 -7.02 0.78
CA LEU A 18 5.38 -7.58 1.65
C LEU A 18 5.80 -7.48 3.11
N VAL A 19 4.92 -6.90 3.94
CA VAL A 19 5.20 -6.75 5.36
C VAL A 19 5.06 -8.07 6.10
N GLU A 20 5.71 -8.16 7.25
CA GLU A 20 5.66 -9.37 8.06
C GLU A 20 4.46 -9.36 9.01
N PRO A 21 4.52 -8.46 10.01
CA PRO A 21 3.45 -8.32 11.00
C PRO A 21 2.18 -7.72 10.40
N ARG A 22 2.33 -6.59 9.72
CA ARG A 22 1.20 -5.90 9.10
C ARG A 22 0.40 -6.87 8.23
N MET A 23 1.08 -7.50 7.28
CA MET A 23 0.44 -8.45 6.38
C MET A 23 0.22 -9.79 7.06
N GLY A 24 1.30 -10.40 7.52
CA GLY A 24 1.21 -11.68 8.19
C GLY A 24 2.49 -12.49 8.07
N ARG A 25 2.70 -13.41 9.02
CA ARG A 25 3.88 -14.25 9.01
C ARG A 25 3.79 -15.32 7.93
N SER A 26 2.61 -15.93 7.81
CA SER A 26 2.39 -16.98 6.82
C SER A 26 1.96 -16.38 5.48
N ARG A 27 0.98 -15.48 5.54
CA ARG A 27 0.47 -14.83 4.34
C ARG A 27 1.62 -14.34 3.46
N ARG A 28 2.50 -13.54 4.03
CA ARG A 28 3.64 -13.01 3.30
C ARG A 28 4.15 -14.02 2.28
N ALA A 29 4.59 -15.18 2.77
CA ALA A 29 5.09 -16.23 1.90
C ALA A 29 4.08 -16.60 0.82
N PHE A 30 2.86 -16.88 1.24
CA PHE A 30 1.79 -17.24 0.32
C PHE A 30 1.84 -16.38 -0.93
N LEU A 31 1.70 -15.07 -0.75
CA LEU A 31 1.72 -14.13 -1.87
C LEU A 31 3.10 -14.11 -2.53
N THR A 32 4.14 -14.04 -1.71
CA THR A 32 5.51 -14.01 -2.21
C THR A 32 5.66 -14.89 -3.46
N GLY A 33 5.27 -16.15 -3.33
CA GLY A 33 5.37 -17.07 -4.45
C GLY A 33 4.34 -16.77 -5.52
N LEU A 34 3.11 -16.47 -5.10
CA LEU A 34 2.03 -16.18 -6.04
C LEU A 34 2.45 -15.09 -7.02
N ALA A 35 2.91 -13.95 -6.49
CA ALA A 35 3.34 -12.84 -7.32
C ALA A 35 4.38 -13.29 -8.35
N ARG A 36 5.56 -13.66 -7.87
CA ARG A 36 6.63 -14.12 -8.74
C ARG A 36 6.07 -14.95 -9.89
N SER A 37 5.10 -15.80 -9.57
CA SER A 37 4.49 -16.67 -10.58
C SER A 37 3.72 -15.85 -11.61
N LYS A 38 2.95 -14.87 -11.13
CA LYS A 38 2.16 -14.02 -12.00
C LYS A 38 3.06 -13.15 -12.87
N GLY A 39 4.02 -12.48 -12.24
CA GLY A 39 4.93 -11.61 -12.97
C GLY A 39 5.37 -10.41 -12.16
N PHE A 40 5.53 -10.61 -10.85
CA PHE A 40 5.95 -9.52 -9.96
C PHE A 40 7.18 -9.94 -9.15
N ARG A 41 8.22 -9.11 -9.19
CA ARG A 41 9.45 -9.39 -8.47
C ARG A 41 9.29 -9.02 -7.00
N VAL A 42 9.33 -10.02 -6.12
CA VAL A 42 9.20 -9.79 -4.68
C VAL A 42 10.56 -9.56 -4.04
N LEU A 43 10.64 -8.53 -3.20
CA LEU A 43 11.88 -8.20 -2.52
C LEU A 43 12.02 -8.99 -1.22
N ASP A 44 13.24 -9.40 -0.91
CA ASP A 44 13.51 -10.16 0.30
C ASP A 44 13.54 -9.26 1.52
N ALA A 45 14.42 -8.25 1.48
CA ALA A 45 14.54 -7.31 2.58
C ALA A 45 14.34 -5.87 2.10
N CYS A 46 14.04 -4.98 3.03
CA CYS A 46 13.83 -3.57 2.70
C CYS A 46 14.95 -3.05 1.83
N SER A 47 14.62 -2.66 0.60
CA SER A 47 15.60 -2.15 -0.35
C SER A 47 15.02 -1.02 -1.18
N SER A 48 15.88 -0.12 -1.66
CA SER A 48 15.45 1.00 -2.48
C SER A 48 14.47 0.54 -3.55
N GLU A 49 14.78 -0.57 -4.19
CA GLU A 49 13.92 -1.12 -5.25
C GLU A 49 12.45 -0.96 -4.87
N ALA A 50 12.11 -1.27 -3.64
CA ALA A 50 10.74 -1.16 -3.16
C ALA A 50 10.04 0.04 -3.78
N THR A 51 8.97 -0.22 -4.53
CA THR A 51 8.22 0.84 -5.19
C THR A 51 6.76 0.83 -4.74
N HIS A 52 6.27 -0.35 -4.37
CA HIS A 52 4.88 -0.51 -3.94
C HIS A 52 4.81 -1.42 -2.71
N VAL A 53 4.37 -0.86 -1.59
CA VAL A 53 4.24 -1.62 -0.36
C VAL A 53 2.82 -2.13 -0.17
N VAL A 54 2.68 -3.45 0.02
CA VAL A 54 1.38 -4.06 0.21
C VAL A 54 1.11 -4.34 1.68
N MET A 55 0.01 -3.80 2.19
CA MET A 55 -0.37 -3.98 3.58
C MET A 55 -1.80 -4.50 3.70
N GLU A 56 -1.98 -5.55 4.47
CA GLU A 56 -3.30 -6.15 4.67
C GLU A 56 -3.91 -5.69 5.99
N GLU A 57 -5.22 -5.49 5.99
CA GLU A 57 -5.93 -5.05 7.18
C GLU A 57 -5.18 -3.91 7.87
N THR A 58 -4.83 -2.89 7.09
CA THR A 58 -4.11 -1.74 7.62
C THR A 58 -4.85 -0.43 7.30
N SER A 59 -4.76 0.52 8.21
CA SER A 59 -5.42 1.81 8.04
C SER A 59 -4.53 2.77 7.25
N ALA A 60 -5.16 3.71 6.54
CA ALA A 60 -4.43 4.69 5.75
C ALA A 60 -3.33 5.34 6.57
N GLU A 61 -3.66 5.76 7.79
CA GLU A 61 -2.70 6.40 8.68
C GLU A 61 -1.65 5.41 9.15
N GLU A 62 -2.09 4.22 9.54
CA GLU A 62 -1.19 3.18 10.01
C GLU A 62 -0.06 2.94 9.01
N ALA A 63 -0.42 2.75 7.75
CA ALA A 63 0.56 2.52 6.70
C ALA A 63 1.70 3.54 6.77
N VAL A 64 1.34 4.82 6.63
CA VAL A 64 2.33 5.89 6.68
C VAL A 64 3.26 5.72 7.88
N SER A 65 2.68 5.41 9.04
CA SER A 65 3.46 5.23 10.26
C SER A 65 4.58 4.21 10.03
N TRP A 66 4.22 3.01 9.63
CA TRP A 66 5.18 1.95 9.39
C TRP A 66 6.29 2.43 8.45
N GLN A 67 5.90 3.22 7.45
CA GLN A 67 6.86 3.76 6.48
C GLN A 67 7.91 4.62 7.17
N GLU A 68 7.47 5.45 8.12
CA GLU A 68 8.37 6.32 8.85
C GLU A 68 9.62 5.57 9.30
N ARG A 69 9.42 4.40 9.89
CA ARG A 69 10.54 3.59 10.37
C ARG A 69 11.65 3.54 9.33
N ARG A 70 11.30 3.12 8.12
CA ARG A 70 12.26 3.01 7.03
C ARG A 70 12.99 4.34 6.82
N MET A 71 12.23 5.38 6.49
CA MET A 71 12.81 6.70 6.26
C MET A 71 13.82 7.05 7.35
N ALA A 72 13.70 6.40 8.50
CA ALA A 72 14.60 6.64 9.62
C ALA A 72 15.93 5.93 9.39
N ALA A 73 15.88 4.71 8.86
CA ALA A 73 17.07 3.94 8.60
C ALA A 73 17.34 3.82 7.09
N ALA A 74 16.74 4.72 6.32
CA ALA A 74 16.90 4.70 4.87
C ALA A 74 17.88 5.77 4.42
N PRO A 75 18.54 5.53 3.28
CA PRO A 75 19.53 6.47 2.72
C PRO A 75 18.88 7.74 2.19
N PRO A 76 19.68 8.81 2.08
CA PRO A 76 19.21 10.11 1.59
C PRO A 76 18.88 10.08 0.10
N GLY A 77 17.92 10.91 -0.31
CA GLY A 77 17.54 10.96 -1.72
C GLY A 77 16.59 9.84 -2.09
N CYS A 78 16.85 8.64 -1.58
CA CYS A 78 16.02 7.49 -1.87
C CYS A 78 14.54 7.81 -1.63
N THR A 79 13.72 7.58 -2.65
CA THR A 79 12.29 7.85 -2.55
C THR A 79 11.54 6.63 -2.02
N PRO A 80 10.66 6.86 -1.04
CA PRO A 80 9.85 5.79 -0.42
C PRO A 80 8.80 5.24 -1.37
N PRO A 81 8.53 3.93 -1.26
CA PRO A 81 7.54 3.25 -2.10
C PRO A 81 6.10 3.69 -1.78
N ALA A 82 5.20 3.49 -2.73
CA ALA A 82 3.80 3.86 -2.56
C ALA A 82 3.08 2.83 -1.70
N LEU A 83 2.62 3.27 -0.52
CA LEU A 83 1.90 2.39 0.40
C LEU A 83 0.54 2.02 -0.17
N LEU A 84 0.46 0.84 -0.77
CA LEU A 84 -0.79 0.35 -1.35
C LEU A 84 -1.49 -0.62 -0.41
N ASP A 85 -2.71 -1.01 -0.76
CA ASP A 85 -3.48 -1.95 0.05
C ASP A 85 -3.52 -3.33 -0.60
N ILE A 86 -3.62 -4.36 0.23
CA ILE A 86 -3.66 -5.73 -0.26
C ILE A 86 -4.62 -5.85 -1.44
N SER A 87 -5.80 -5.24 -1.30
CA SER A 87 -6.81 -5.29 -2.35
C SER A 87 -6.17 -5.09 -3.73
N TRP A 88 -5.30 -4.08 -3.83
CA TRP A 88 -4.63 -3.78 -5.08
C TRP A 88 -3.86 -5.00 -5.60
N LEU A 89 -3.28 -5.75 -4.67
CA LEU A 89 -2.51 -6.95 -5.02
C LEU A 89 -3.41 -8.01 -5.64
N THR A 90 -4.47 -8.38 -4.92
CA THR A 90 -5.41 -9.38 -5.40
C THR A 90 -6.00 -8.99 -6.74
N GLU A 91 -5.85 -7.72 -7.10
CA GLU A 91 -6.37 -7.21 -8.36
C GLU A 91 -5.36 -7.41 -9.49
N SER A 92 -4.09 -7.27 -9.16
CA SER A 92 -3.02 -7.43 -10.14
C SER A 92 -2.80 -8.90 -10.47
N LEU A 93 -2.80 -9.74 -9.44
CA LEU A 93 -2.61 -11.18 -9.60
C LEU A 93 -3.69 -11.77 -10.50
N GLY A 94 -4.95 -11.44 -10.20
CA GLY A 94 -6.04 -11.96 -11.00
C GLY A 94 -6.06 -11.40 -12.40
N ALA A 95 -5.32 -10.31 -12.62
CA ALA A 95 -5.25 -9.68 -13.92
C ALA A 95 -3.97 -10.07 -14.66
N GLY A 96 -3.03 -10.67 -13.93
CA GLY A 96 -1.79 -11.09 -14.53
C GLY A 96 -0.81 -9.94 -14.71
N GLN A 97 -1.30 -8.72 -14.52
CA GLN A 97 -0.46 -7.53 -14.66
C GLN A 97 -0.74 -6.54 -13.54
N PRO A 98 0.28 -5.74 -13.19
CA PRO A 98 0.17 -4.73 -12.14
C PRO A 98 -0.74 -3.57 -12.53
N VAL A 99 -1.92 -3.51 -11.92
CA VAL A 99 -2.88 -2.45 -12.21
C VAL A 99 -2.36 -1.10 -11.72
N PRO A 100 -2.81 -0.03 -12.39
CA PRO A 100 -2.41 1.34 -12.05
C PRO A 100 -3.00 1.81 -10.73
N VAL A 101 -2.14 2.26 -9.82
CA VAL A 101 -2.58 2.73 -8.51
C VAL A 101 -3.86 3.56 -8.63
N GLU A 102 -4.81 3.29 -7.75
CA GLU A 102 -6.08 4.00 -7.76
C GLU A 102 -6.12 5.05 -6.64
N CYS A 103 -7.21 5.81 -6.59
CA CYS A 103 -7.36 6.84 -5.58
C CYS A 103 -7.67 6.24 -4.21
N ARG A 104 -8.14 4.99 -4.22
CA ARG A 104 -8.48 4.29 -2.99
C ARG A 104 -7.30 3.47 -2.48
N HIS A 105 -6.42 3.07 -3.40
CA HIS A 105 -5.24 2.29 -3.05
C HIS A 105 -4.24 3.12 -2.25
N ARG A 106 -4.12 4.39 -2.62
CA ARG A 106 -3.20 5.30 -1.94
C ARG A 106 -3.52 5.36 -0.45
N LEU A 107 -2.66 4.75 0.36
CA LEU A 107 -2.84 4.74 1.81
C LEU A 107 -2.15 5.94 2.45
N GLU A 108 -2.96 6.87 2.95
CA GLU A 108 -2.43 8.07 3.59
C GLU A 108 -3.51 8.79 4.40
N VAL A 109 -3.09 9.54 5.40
CA VAL A 109 -4.02 10.28 6.25
C VAL A 109 -3.67 11.77 6.30
N ALA A 110 -4.56 12.57 6.87
CA ALA A 110 -4.34 14.00 6.99
C ALA A 110 -5.45 14.66 7.79
N GLY A 111 -5.13 15.10 9.00
CA GLY A 111 -6.11 15.75 9.85
C GLY A 111 -7.11 14.77 10.41
N PRO A 112 -6.64 13.83 11.24
CA PRO A 112 -7.50 12.82 11.86
C PRO A 112 -8.43 13.40 12.92
N ARG A 113 -9.73 13.25 12.70
CA ARG A 113 -10.72 13.77 13.64
C ARG A 113 -10.73 12.95 14.92
N LYS A 114 -10.81 13.65 16.05
CA LYS A 114 -10.84 13.00 17.36
C LYS A 114 -12.22 13.07 17.98
N GLY A 115 -13.24 13.25 17.14
CA GLY A 115 -14.61 13.34 17.63
C GLY A 115 -15.47 14.25 16.78
N PRO A 116 -15.64 15.50 17.22
CA PRO A 116 -16.46 16.48 16.50
C PRO A 116 -15.80 16.93 15.20
N LEU A 117 -16.45 17.88 14.52
CA LEU A 117 -15.93 18.40 13.26
C LEU A 117 -15.39 19.82 13.44
N SER A 118 -14.20 19.92 14.04
CA SER A 118 -13.58 21.22 14.26
C SER A 118 -12.07 21.07 14.42
N PRO A 119 -11.32 21.84 13.62
CA PRO A 119 -9.85 21.82 13.65
C PRO A 119 -9.29 22.43 14.93
N ALA A 120 -9.76 23.63 15.26
CA ALA A 120 -9.30 24.33 16.45
C ALA A 120 -10.08 25.62 16.67
N TRP A 121 -9.80 26.30 17.77
CA TRP A 121 -10.47 27.54 18.09
C TRP A 121 -9.56 28.74 17.89
N MET A 122 -10.10 29.81 17.29
CA MET A 122 -9.33 31.01 17.04
C MET A 122 -10.12 32.26 17.41
N PRO A 123 -9.45 33.19 18.11
CA PRO A 123 -10.08 34.44 18.54
C PRO A 123 -10.37 35.38 17.37
N ALA A 124 -11.03 36.49 17.66
CA ALA A 124 -11.38 37.48 16.64
C ALA A 124 -10.14 38.24 16.17
N TYR A 125 -9.29 38.62 17.13
CA TYR A 125 -8.07 39.35 16.82
C TYR A 125 -6.93 38.41 16.49
N ALA A 126 -7.21 37.39 15.69
CA ALA A 126 -6.21 36.41 15.31
C ALA A 126 -5.50 36.82 14.02
N CYS A 127 -4.47 37.63 14.14
CA CYS A 127 -3.71 38.09 12.98
C CYS A 127 -2.25 37.66 13.06
N SER A 128 -1.68 37.31 11.92
CA SER A 128 -0.29 36.87 11.86
C SER A 128 0.59 37.72 12.79
N GLY A 129 1.48 37.06 13.53
CA GLY A 129 2.36 37.77 14.43
C GLY A 129 2.45 37.09 15.79
N PRO A 130 3.12 35.92 15.83
CA PRO A 130 3.30 35.16 17.06
C PRO A 130 4.25 35.83 18.04
N SER A 131 4.35 35.29 19.24
CA SER A 131 5.22 35.85 20.27
C SER A 131 5.36 34.88 21.45
N SER A 132 6.55 34.86 22.06
CA SER A 132 6.81 33.98 23.19
C SER A 132 7.66 34.70 24.23
N GLY A 133 7.87 34.03 25.37
CA GLY A 133 8.67 34.61 26.43
C GLY A 133 7.81 35.19 27.54
N GLY A 1 23.46 10.41 -16.20
CA GLY A 1 24.41 9.34 -15.95
C GLY A 1 23.83 7.97 -16.21
N SER A 2 24.20 7.00 -15.39
CA SER A 2 23.70 5.63 -15.54
C SER A 2 22.19 5.61 -15.69
N SER A 3 21.66 4.48 -16.12
CA SER A 3 20.22 4.33 -16.30
C SER A 3 19.63 3.36 -15.27
N GLY A 4 20.02 2.09 -15.38
CA GLY A 4 19.53 1.08 -14.46
C GLY A 4 19.96 -0.32 -14.84
N SER A 5 19.10 -1.29 -14.61
CA SER A 5 19.39 -2.68 -14.93
C SER A 5 18.14 -3.41 -15.39
N SER A 6 18.33 -4.50 -16.13
CA SER A 6 17.22 -5.29 -16.64
C SER A 6 17.40 -6.76 -16.29
N GLY A 7 16.66 -7.22 -15.28
CA GLY A 7 16.75 -8.60 -14.86
C GLY A 7 15.76 -9.50 -15.59
N SER A 8 15.56 -10.70 -15.07
CA SER A 8 14.64 -11.65 -15.68
C SER A 8 13.33 -11.70 -14.92
N THR A 9 12.33 -10.97 -15.42
CA THR A 9 11.03 -10.94 -14.78
C THR A 9 10.00 -10.21 -15.65
N ARG A 10 8.74 -10.60 -15.52
CA ARG A 10 7.67 -9.98 -16.30
C ARG A 10 7.81 -8.46 -16.31
N PHE A 11 8.01 -7.89 -15.12
CA PHE A 11 8.15 -6.45 -14.99
C PHE A 11 9.33 -6.10 -14.08
N PRO A 12 10.52 -5.96 -14.68
CA PRO A 12 11.74 -5.63 -13.94
C PRO A 12 11.73 -4.20 -13.42
N GLY A 13 10.63 -3.49 -13.65
CA GLY A 13 10.52 -2.12 -13.19
C GLY A 13 9.56 -1.98 -12.02
N VAL A 14 8.98 -3.09 -11.59
CA VAL A 14 8.03 -3.09 -10.47
C VAL A 14 8.46 -4.07 -9.39
N ALA A 15 8.67 -3.56 -8.19
CA ALA A 15 9.09 -4.39 -7.06
C ALA A 15 8.13 -4.23 -5.88
N ILE A 16 7.50 -5.33 -5.47
CA ILE A 16 6.57 -5.31 -4.35
C ILE A 16 7.19 -5.92 -3.11
N TYR A 17 6.86 -5.35 -1.95
CA TYR A 17 7.38 -5.83 -0.68
C TYR A 17 6.25 -6.24 0.26
N LEU A 18 6.42 -7.38 0.92
CA LEU A 18 5.42 -7.88 1.84
C LEU A 18 5.87 -7.70 3.29
N VAL A 19 5.05 -7.01 4.08
CA VAL A 19 5.36 -6.77 5.49
C VAL A 19 5.09 -8.01 6.33
N GLU A 20 6.15 -8.54 6.95
CA GLU A 20 6.01 -9.73 7.79
C GLU A 20 4.80 -9.62 8.70
N PRO A 21 4.79 -8.58 9.55
CA PRO A 21 3.69 -8.35 10.50
C PRO A 21 2.41 -7.91 9.79
N ARG A 22 1.30 -7.93 10.52
CA ARG A 22 0.00 -7.53 9.96
C ARG A 22 -0.15 -8.05 8.54
N MET A 23 0.12 -9.34 8.35
CA MET A 23 0.01 -9.96 7.03
C MET A 23 -0.80 -11.25 7.12
N GLY A 24 -0.32 -12.20 7.91
CA GLY A 24 -1.01 -13.46 8.07
C GLY A 24 -0.06 -14.63 8.24
N ARG A 25 -0.62 -15.82 8.45
CA ARG A 25 0.20 -17.02 8.64
C ARG A 25 0.74 -17.52 7.31
N SER A 26 -0.16 -17.83 6.39
CA SER A 26 0.21 -18.33 5.07
C SER A 26 0.29 -17.19 4.06
N ARG A 27 -0.67 -16.27 4.13
CA ARG A 27 -0.72 -15.13 3.22
C ARG A 27 0.68 -14.62 2.92
N ARG A 28 1.54 -14.60 3.94
CA ARG A 28 2.91 -14.14 3.78
C ARG A 28 3.60 -14.85 2.63
N ALA A 29 3.63 -16.18 2.70
CA ALA A 29 4.27 -16.98 1.66
C ALA A 29 3.36 -17.12 0.45
N PHE A 30 2.10 -17.51 0.69
CA PHE A 30 1.13 -17.69 -0.37
C PHE A 30 1.27 -16.58 -1.42
N LEU A 31 1.33 -15.34 -0.96
CA LEU A 31 1.46 -14.19 -1.85
C LEU A 31 2.85 -14.14 -2.47
N THR A 32 3.88 -14.29 -1.63
CA THR A 32 5.25 -14.27 -2.10
C THR A 32 5.42 -15.09 -3.37
N GLY A 33 4.99 -16.34 -3.33
CA GLY A 33 5.10 -17.21 -4.49
C GLY A 33 4.12 -16.82 -5.59
N LEU A 34 2.89 -16.55 -5.21
CA LEU A 34 1.86 -16.17 -6.19
C LEU A 34 2.36 -15.04 -7.08
N ALA A 35 2.68 -13.90 -6.47
CA ALA A 35 3.17 -12.74 -7.22
C ALA A 35 4.19 -13.16 -8.25
N ARG A 36 5.35 -13.63 -7.80
CA ARG A 36 6.41 -14.07 -8.70
C ARG A 36 5.83 -14.79 -9.92
N SER A 37 4.95 -15.74 -9.66
CA SER A 37 4.33 -16.51 -10.74
C SER A 37 3.58 -15.59 -11.69
N LYS A 38 2.87 -14.62 -11.13
CA LYS A 38 2.10 -13.67 -11.92
C LYS A 38 3.02 -12.82 -12.80
N GLY A 39 4.04 -12.25 -12.19
CA GLY A 39 4.98 -11.42 -12.92
C GLY A 39 5.47 -10.22 -12.11
N PHE A 40 5.60 -10.42 -10.80
CA PHE A 40 6.06 -9.35 -9.91
C PHE A 40 7.29 -9.79 -9.12
N ARG A 41 8.27 -8.91 -9.05
CA ARG A 41 9.50 -9.21 -8.32
C ARG A 41 9.33 -8.98 -6.82
N VAL A 42 9.31 -10.07 -6.07
CA VAL A 42 9.14 -9.99 -4.61
C VAL A 42 10.50 -9.94 -3.91
N LEU A 43 10.65 -8.98 -3.01
CA LEU A 43 11.89 -8.83 -2.26
C LEU A 43 11.92 -9.75 -1.04
N ASP A 44 13.10 -10.24 -0.71
CA ASP A 44 13.27 -11.13 0.43
C ASP A 44 12.97 -10.40 1.74
N ALA A 45 13.53 -9.20 1.88
CA ALA A 45 13.33 -8.40 3.09
C ALA A 45 13.00 -6.96 2.73
N CYS A 46 13.99 -6.23 2.24
CA CYS A 46 13.80 -4.83 1.87
C CYS A 46 14.98 -4.33 1.02
N SER A 47 14.70 -3.37 0.15
CA SER A 47 15.73 -2.81 -0.72
C SER A 47 15.18 -1.63 -1.51
N SER A 48 16.07 -0.72 -1.91
CA SER A 48 15.68 0.46 -2.68
C SER A 48 14.70 0.08 -3.78
N GLU A 49 14.72 -1.19 -4.18
CA GLU A 49 13.84 -1.67 -5.23
C GLU A 49 12.38 -1.51 -4.83
N ALA A 50 12.07 -1.84 -3.58
CA ALA A 50 10.72 -1.74 -3.07
C ALA A 50 10.00 -0.54 -3.68
N THR A 51 9.23 -0.78 -4.74
CA THR A 51 8.49 0.28 -5.41
C THR A 51 7.08 0.40 -4.86
N HIS A 52 6.60 -0.68 -4.23
CA HIS A 52 5.26 -0.70 -3.66
C HIS A 52 5.18 -1.67 -2.48
N VAL A 53 4.55 -1.24 -1.40
CA VAL A 53 4.40 -2.07 -0.22
C VAL A 53 2.94 -2.45 0.02
N VAL A 54 2.69 -3.75 0.14
CA VAL A 54 1.34 -4.25 0.37
C VAL A 54 1.08 -4.50 1.85
N MET A 55 -0.02 -3.96 2.36
CA MET A 55 -0.38 -4.13 3.76
C MET A 55 -1.81 -4.64 3.89
N GLU A 56 -1.96 -5.78 4.55
CA GLU A 56 -3.28 -6.38 4.75
C GLU A 56 -3.89 -5.91 6.07
N GLU A 57 -5.22 -5.95 6.14
CA GLU A 57 -5.93 -5.53 7.34
C GLU A 57 -5.23 -4.35 8.01
N THR A 58 -4.69 -3.45 7.19
CA THR A 58 -3.99 -2.28 7.69
C THR A 58 -4.75 -1.00 7.38
N SER A 59 -4.78 -0.07 8.33
CA SER A 59 -5.47 1.19 8.16
C SER A 59 -4.69 2.13 7.24
N ALA A 60 -5.24 3.31 7.00
CA ALA A 60 -4.58 4.30 6.15
C ALA A 60 -3.44 4.98 6.89
N GLU A 61 -3.67 5.33 8.15
CA GLU A 61 -2.65 5.99 8.96
C GLU A 61 -1.50 5.05 9.26
N GLU A 62 -1.83 3.80 9.59
CA GLU A 62 -0.82 2.79 9.90
C GLU A 62 0.26 2.76 8.82
N ALA A 63 -0.16 2.51 7.59
CA ALA A 63 0.77 2.44 6.47
C ALA A 63 1.70 3.64 6.46
N VAL A 64 1.15 4.81 6.13
CA VAL A 64 1.93 6.04 6.09
C VAL A 64 2.83 6.17 7.31
N SER A 65 2.30 5.79 8.47
CA SER A 65 3.06 5.86 9.71
C SER A 65 4.30 4.98 9.64
N TRP A 66 4.12 3.74 9.23
CA TRP A 66 5.22 2.79 9.12
C TRP A 66 6.16 3.17 7.98
N GLN A 67 5.65 3.96 7.05
CA GLN A 67 6.43 4.40 5.89
C GLN A 67 7.52 5.38 6.33
N GLU A 68 7.15 6.32 7.18
CA GLU A 68 8.10 7.33 7.67
C GLU A 68 9.28 6.65 8.36
N ARG A 69 9.01 5.56 9.07
CA ARG A 69 10.05 4.83 9.78
C ARG A 69 11.20 4.47 8.84
N ARG A 70 10.85 4.18 7.59
CA ARG A 70 11.86 3.81 6.59
C ARG A 70 12.80 4.98 6.32
N MET A 71 12.25 6.09 5.84
CA MET A 71 13.04 7.28 5.55
C MET A 71 13.96 7.63 6.71
N ALA A 72 13.50 7.32 7.93
CA ALA A 72 14.28 7.60 9.13
C ALA A 72 15.59 6.82 9.12
N ALA A 73 15.53 5.58 8.64
CA ALA A 73 16.71 4.72 8.59
C ALA A 73 17.13 4.45 7.15
N ALA A 74 16.53 5.18 6.22
CA ALA A 74 16.84 5.02 4.81
C ALA A 74 17.90 6.02 4.37
N PRO A 75 18.76 5.60 3.41
CA PRO A 75 19.83 6.43 2.89
C PRO A 75 19.31 7.58 2.03
N PRO A 76 20.18 8.56 1.75
CA PRO A 76 19.82 9.73 0.93
C PRO A 76 19.59 9.36 -0.53
N GLY A 77 18.77 10.16 -1.21
CA GLY A 77 18.49 9.91 -2.61
C GLY A 77 17.47 8.80 -2.81
N CYS A 78 17.59 7.73 -2.02
CA CYS A 78 16.67 6.61 -2.11
C CYS A 78 15.22 7.08 -2.08
N THR A 79 14.44 6.67 -3.08
CA THR A 79 13.04 7.07 -3.16
C THR A 79 12.17 6.13 -2.32
N PRO A 80 11.19 6.73 -1.61
CA PRO A 80 10.26 5.97 -0.77
C PRO A 80 9.30 5.11 -1.57
N PRO A 81 8.94 3.94 -1.03
CA PRO A 81 8.04 2.99 -1.68
C PRO A 81 6.60 3.51 -1.73
N ALA A 82 5.80 2.95 -2.62
CA ALA A 82 4.41 3.35 -2.76
C ALA A 82 3.49 2.50 -1.89
N LEU A 83 3.00 3.08 -0.80
CA LEU A 83 2.12 2.37 0.12
C LEU A 83 0.78 2.06 -0.54
N LEU A 84 0.50 0.78 -0.73
CA LEU A 84 -0.76 0.36 -1.35
C LEU A 84 -1.51 -0.60 -0.43
N ASP A 85 -2.74 -0.95 -0.83
CA ASP A 85 -3.56 -1.85 -0.05
C ASP A 85 -3.63 -3.24 -0.69
N ILE A 86 -3.88 -4.25 0.12
CA ILE A 86 -3.95 -5.63 -0.37
C ILE A 86 -4.85 -5.71 -1.61
N SER A 87 -6.03 -5.10 -1.52
CA SER A 87 -6.98 -5.11 -2.63
C SER A 87 -6.27 -4.94 -3.96
N TRP A 88 -5.33 -3.99 -4.00
CA TRP A 88 -4.57 -3.72 -5.21
C TRP A 88 -3.83 -4.97 -5.69
N LEU A 89 -3.25 -5.70 -4.74
CA LEU A 89 -2.51 -6.92 -5.07
C LEU A 89 -3.41 -7.93 -5.75
N THR A 90 -4.44 -8.39 -5.04
CA THR A 90 -5.38 -9.36 -5.59
C THR A 90 -5.85 -8.95 -6.99
N GLU A 91 -6.06 -7.66 -7.17
CA GLU A 91 -6.50 -7.14 -8.46
C GLU A 91 -5.44 -7.35 -9.53
N SER A 92 -4.18 -7.13 -9.15
CA SER A 92 -3.07 -7.29 -10.08
C SER A 92 -2.84 -8.76 -10.41
N LEU A 93 -2.95 -9.61 -9.39
CA LEU A 93 -2.74 -11.04 -9.56
C LEU A 93 -3.77 -11.62 -10.53
N GLY A 94 -5.05 -11.40 -10.24
CA GLY A 94 -6.10 -11.90 -11.09
C GLY A 94 -6.04 -11.32 -12.50
N ALA A 95 -5.29 -10.25 -12.66
CA ALA A 95 -5.14 -9.60 -13.96
C ALA A 95 -3.83 -10.03 -14.64
N GLY A 96 -2.92 -10.60 -13.85
CA GLY A 96 -1.66 -11.04 -14.39
C GLY A 96 -0.68 -9.89 -14.59
N GLN A 97 -1.18 -8.67 -14.45
CA GLN A 97 -0.35 -7.49 -14.62
C GLN A 97 -0.61 -6.47 -13.52
N PRO A 98 0.41 -5.66 -13.20
CA PRO A 98 0.32 -4.65 -12.15
C PRO A 98 -0.59 -3.49 -12.55
N VAL A 99 -1.76 -3.42 -11.92
CA VAL A 99 -2.72 -2.36 -12.20
C VAL A 99 -2.22 -1.01 -11.70
N PRO A 100 -2.66 0.07 -12.37
CA PRO A 100 -2.28 1.43 -12.01
C PRO A 100 -2.88 1.88 -10.68
N VAL A 101 -2.12 1.72 -9.60
CA VAL A 101 -2.59 2.11 -8.27
C VAL A 101 -3.39 3.39 -8.33
N GLU A 102 -4.43 3.48 -7.50
CA GLU A 102 -5.27 4.67 -7.46
C GLU A 102 -5.26 5.29 -6.07
N CYS A 103 -5.94 6.43 -5.93
CA CYS A 103 -6.00 7.13 -4.66
C CYS A 103 -6.66 6.27 -3.58
N ARG A 104 -7.65 5.49 -3.99
CA ARG A 104 -8.37 4.61 -3.07
C ARG A 104 -7.47 3.49 -2.57
N HIS A 105 -6.39 3.23 -3.31
CA HIS A 105 -5.45 2.18 -2.94
C HIS A 105 -4.43 2.69 -1.92
N ARG A 106 -3.81 3.83 -2.24
CA ARG A 106 -2.82 4.43 -1.35
C ARG A 106 -3.29 4.36 0.11
N LEU A 107 -2.34 4.47 1.03
CA LEU A 107 -2.65 4.42 2.46
C LEU A 107 -2.02 5.61 3.19
N GLU A 108 -2.85 6.60 3.51
CA GLU A 108 -2.38 7.78 4.21
C GLU A 108 -3.49 8.40 5.06
N VAL A 109 -3.10 9.22 6.03
CA VAL A 109 -4.07 9.88 6.91
C VAL A 109 -3.82 11.38 6.97
N ALA A 110 -4.75 12.10 7.59
CA ALA A 110 -4.64 13.54 7.72
C ALA A 110 -5.77 14.10 8.58
N GLY A 111 -5.43 14.99 9.50
CA GLY A 111 -6.41 15.59 10.37
C GLY A 111 -7.33 14.56 11.01
N PRO A 112 -6.79 13.81 11.98
CA PRO A 112 -7.55 12.77 12.69
C PRO A 112 -8.63 13.36 13.60
N ARG A 113 -9.80 12.73 13.59
CA ARG A 113 -10.92 13.18 14.41
C ARG A 113 -10.90 14.70 14.55
N LYS A 114 -10.62 15.39 13.44
CA LYS A 114 -10.58 16.85 13.45
C LYS A 114 -11.14 17.40 12.14
N GLY A 115 -11.54 18.67 12.17
CA GLY A 115 -12.10 19.30 10.98
C GLY A 115 -11.42 20.61 10.66
N PRO A 116 -10.12 20.56 10.32
CA PRO A 116 -9.33 21.74 9.99
C PRO A 116 -9.75 22.36 8.66
N LEU A 117 -9.09 23.44 8.28
CA LEU A 117 -9.39 24.12 7.02
C LEU A 117 -8.24 23.96 6.02
N SER A 118 -8.60 23.83 4.75
CA SER A 118 -7.60 23.67 3.70
C SER A 118 -7.71 24.78 2.67
N PRO A 119 -7.16 25.96 3.01
CA PRO A 119 -7.17 27.13 2.12
C PRO A 119 -6.28 26.95 0.91
N ALA A 120 -6.85 26.42 -0.17
CA ALA A 120 -6.11 26.20 -1.40
C ALA A 120 -7.04 25.85 -2.55
N TRP A 121 -6.90 26.56 -3.67
CA TRP A 121 -7.73 26.32 -4.84
C TRP A 121 -6.98 25.51 -5.89
N MET A 122 -7.68 25.16 -6.97
CA MET A 122 -7.07 24.39 -8.05
C MET A 122 -7.00 25.20 -9.34
N PRO A 123 -5.89 25.07 -10.07
CA PRO A 123 -5.69 25.78 -11.34
C PRO A 123 -6.60 25.27 -12.44
N ALA A 124 -6.74 26.06 -13.50
CA ALA A 124 -7.57 25.68 -14.64
C ALA A 124 -6.73 25.22 -15.81
N TYR A 125 -5.61 25.88 -16.03
CA TYR A 125 -4.70 25.54 -17.13
C TYR A 125 -4.32 24.07 -17.07
N ALA A 126 -4.01 23.59 -15.88
CA ALA A 126 -3.63 22.19 -15.68
C ALA A 126 -4.46 21.27 -16.56
N CYS A 127 -3.79 20.44 -17.35
CA CYS A 127 -4.48 19.50 -18.23
C CYS A 127 -3.74 18.17 -18.28
N SER A 128 -4.45 17.12 -18.69
CA SER A 128 -3.87 15.78 -18.77
C SER A 128 -3.36 15.50 -20.19
N GLY A 129 -2.11 15.06 -20.29
CA GLY A 129 -1.53 14.77 -21.58
C GLY A 129 -0.04 14.49 -21.50
N PRO A 130 0.31 13.23 -21.19
CA PRO A 130 1.71 12.82 -21.08
C PRO A 130 2.42 12.79 -22.42
N SER A 131 3.62 13.36 -22.47
CA SER A 131 4.41 13.40 -23.69
C SER A 131 5.01 12.04 -24.01
N SER A 132 5.43 11.85 -25.25
CA SER A 132 6.02 10.59 -25.68
C SER A 132 7.00 10.81 -26.83
N GLY A 133 8.03 9.97 -26.90
CA GLY A 133 9.02 10.09 -27.94
C GLY A 133 9.76 11.41 -27.89
N GLY A 1 29.33 -5.28 -12.65
CA GLY A 1 28.09 -4.58 -12.92
C GLY A 1 27.80 -3.51 -11.90
N SER A 2 26.98 -2.53 -12.29
CA SER A 2 26.63 -1.43 -11.39
C SER A 2 25.16 -1.53 -10.97
N SER A 3 24.27 -1.48 -11.95
CA SER A 3 22.84 -1.55 -11.68
C SER A 3 22.31 -2.96 -11.94
N GLY A 4 22.24 -3.76 -10.89
CA GLY A 4 21.75 -5.12 -11.01
C GLY A 4 22.57 -5.94 -11.99
N SER A 5 22.62 -7.25 -11.78
CA SER A 5 23.36 -8.14 -12.65
C SER A 5 22.52 -9.34 -13.09
N SER A 6 21.80 -9.91 -12.13
CA SER A 6 20.95 -11.06 -12.41
C SER A 6 19.52 -10.81 -11.92
N GLY A 7 18.55 -11.40 -12.62
CA GLY A 7 17.16 -11.23 -12.24
C GLY A 7 16.23 -11.25 -13.44
N SER A 8 15.30 -12.20 -13.46
CA SER A 8 14.35 -12.33 -14.56
C SER A 8 12.91 -12.20 -14.05
N THR A 9 12.16 -11.29 -14.67
CA THR A 9 10.77 -11.07 -14.28
C THR A 9 10.05 -10.18 -15.29
N ARG A 10 8.80 -10.52 -15.58
CA ARG A 10 8.00 -9.76 -16.53
C ARG A 10 8.16 -8.26 -16.29
N PHE A 11 7.92 -7.85 -15.05
CA PHE A 11 8.03 -6.44 -14.69
C PHE A 11 9.04 -6.24 -13.57
N PRO A 12 10.31 -6.02 -13.94
CA PRO A 12 11.39 -5.82 -12.98
C PRO A 12 11.28 -4.49 -12.25
N GLY A 13 11.01 -3.43 -13.01
CA GLY A 13 10.88 -2.10 -12.43
C GLY A 13 9.91 -2.08 -11.26
N VAL A 14 8.83 -2.86 -11.37
CA VAL A 14 7.82 -2.92 -10.32
C VAL A 14 8.24 -3.89 -9.22
N ALA A 15 8.65 -3.33 -8.08
CA ALA A 15 9.07 -4.15 -6.95
C ALA A 15 8.09 -4.01 -5.78
N ILE A 16 7.54 -5.13 -5.34
CA ILE A 16 6.60 -5.14 -4.24
C ILE A 16 7.23 -5.74 -2.98
N TYR A 17 7.00 -5.09 -1.84
CA TYR A 17 7.55 -5.56 -0.58
C TYR A 17 6.42 -5.99 0.37
N LEU A 18 6.49 -7.23 0.83
CA LEU A 18 5.48 -7.77 1.73
C LEU A 18 5.85 -7.47 3.19
N VAL A 19 4.98 -6.74 3.88
CA VAL A 19 5.21 -6.39 5.27
C VAL A 19 5.08 -7.62 6.18
N GLU A 20 6.21 -8.10 6.67
CA GLU A 20 6.22 -9.27 7.54
C GLU A 20 5.04 -9.23 8.52
N PRO A 21 4.99 -8.18 9.34
CA PRO A 21 3.92 -7.99 10.33
C PRO A 21 2.58 -7.68 9.68
N ARG A 22 1.50 -8.13 10.31
CA ARG A 22 0.16 -7.90 9.79
C ARG A 22 0.02 -8.42 8.37
N MET A 23 0.42 -9.67 8.15
CA MET A 23 0.36 -10.28 6.83
C MET A 23 -0.30 -11.66 6.91
N GLY A 24 0.10 -12.44 7.91
CA GLY A 24 -0.46 -13.77 8.08
C GLY A 24 0.61 -14.84 8.13
N ARG A 25 0.20 -16.08 8.33
CA ARG A 25 1.14 -17.20 8.42
C ARG A 25 1.46 -17.75 7.03
N SER A 26 0.44 -18.28 6.35
CA SER A 26 0.63 -18.83 5.02
C SER A 26 0.46 -17.76 3.95
N ARG A 27 -0.60 -16.97 4.08
CA ARG A 27 -0.87 -15.90 3.12
C ARG A 27 0.43 -15.28 2.62
N ARG A 28 1.25 -14.80 3.55
CA ARG A 28 2.52 -14.17 3.22
C ARG A 28 3.22 -14.96 2.11
N ALA A 29 3.44 -16.24 2.36
CA ALA A 29 4.11 -17.11 1.40
C ALA A 29 3.25 -17.31 0.15
N PHE A 30 2.00 -17.71 0.36
CA PHE A 30 1.08 -17.93 -0.74
C PHE A 30 1.26 -16.88 -1.83
N LEU A 31 1.43 -15.63 -1.40
CA LEU A 31 1.60 -14.53 -2.34
C LEU A 31 3.01 -14.54 -2.94
N THR A 32 4.02 -14.65 -2.08
CA THR A 32 5.40 -14.68 -2.52
C THR A 32 5.56 -15.50 -3.80
N GLY A 33 5.10 -16.75 -3.76
CA GLY A 33 5.20 -17.61 -4.92
C GLY A 33 4.26 -17.19 -6.04
N LEU A 34 3.01 -16.89 -5.68
CA LEU A 34 2.02 -16.46 -6.66
C LEU A 34 2.53 -15.30 -7.49
N ALA A 35 2.78 -14.17 -6.84
CA ALA A 35 3.28 -12.98 -7.51
C ALA A 35 4.39 -13.34 -8.49
N ARG A 36 5.49 -13.86 -7.96
CA ARG A 36 6.63 -14.25 -8.79
C ARG A 36 6.17 -14.91 -10.08
N SER A 37 5.22 -15.83 -9.96
CA SER A 37 4.69 -16.55 -11.11
C SER A 37 4.00 -15.59 -12.07
N LYS A 38 3.23 -14.66 -11.52
CA LYS A 38 2.51 -13.69 -12.34
C LYS A 38 3.49 -12.80 -13.11
N GLY A 39 4.50 -12.28 -12.41
CA GLY A 39 5.48 -11.43 -13.05
C GLY A 39 5.90 -10.27 -12.17
N PHE A 40 5.90 -10.49 -10.86
CA PHE A 40 6.29 -9.46 -9.91
C PHE A 40 7.47 -9.91 -9.05
N ARG A 41 8.54 -9.14 -9.07
CA ARG A 41 9.73 -9.45 -8.30
C ARG A 41 9.49 -9.24 -6.81
N VAL A 42 9.59 -10.31 -6.04
CA VAL A 42 9.38 -10.23 -4.60
C VAL A 42 10.68 -9.94 -3.86
N LEU A 43 10.69 -8.85 -3.10
CA LEU A 43 11.88 -8.45 -2.36
C LEU A 43 11.92 -9.13 -0.99
N ASP A 44 13.09 -9.65 -0.63
CA ASP A 44 13.26 -10.32 0.64
C ASP A 44 13.34 -9.33 1.79
N ALA A 45 14.34 -8.46 1.76
CA ALA A 45 14.52 -7.45 2.80
C ALA A 45 14.34 -6.05 2.22
N CYS A 46 15.35 -5.59 1.49
CA CYS A 46 15.31 -4.25 0.89
C CYS A 46 16.47 -4.06 -0.07
N SER A 47 16.15 -3.82 -1.35
CA SER A 47 17.17 -3.61 -2.36
C SER A 47 16.96 -2.29 -3.10
N SER A 48 16.52 -1.28 -2.35
CA SER A 48 16.28 0.05 -2.92
C SER A 48 15.42 -0.07 -4.18
N GLU A 49 14.58 -1.10 -4.23
CA GLU A 49 13.71 -1.31 -5.39
C GLU A 49 12.24 -1.16 -4.99
N ALA A 50 11.93 -1.47 -3.75
CA ALA A 50 10.57 -1.37 -3.25
C ALA A 50 9.86 -0.16 -3.85
N THR A 51 8.76 -0.42 -4.55
CA THR A 51 7.98 0.65 -5.18
C THR A 51 6.52 0.58 -4.76
N HIS A 52 6.04 -0.62 -4.48
CA HIS A 52 4.66 -0.82 -4.07
C HIS A 52 4.58 -1.71 -2.84
N VAL A 53 4.16 -1.13 -1.72
CA VAL A 53 4.05 -1.87 -0.46
C VAL A 53 2.63 -2.40 -0.28
N VAL A 54 2.52 -3.66 0.11
CA VAL A 54 1.22 -4.29 0.33
C VAL A 54 0.93 -4.43 1.82
N MET A 55 -0.28 -4.02 2.22
CA MET A 55 -0.69 -4.10 3.61
C MET A 55 -2.10 -4.67 3.74
N GLU A 56 -2.33 -5.45 4.78
CA GLU A 56 -3.64 -6.05 5.02
C GLU A 56 -4.33 -5.43 6.21
N GLU A 57 -5.64 -5.29 6.13
CA GLU A 57 -6.42 -4.70 7.20
C GLU A 57 -5.63 -3.60 7.91
N THR A 58 -4.91 -2.81 7.12
CA THR A 58 -4.10 -1.72 7.67
C THR A 58 -4.77 -0.37 7.41
N SER A 59 -4.75 0.49 8.43
CA SER A 59 -5.35 1.81 8.31
C SER A 59 -4.54 2.70 7.37
N ALA A 60 -5.10 3.86 7.04
CA ALA A 60 -4.44 4.80 6.15
C ALA A 60 -3.20 5.42 6.81
N GLU A 61 -3.33 5.71 8.11
CA GLU A 61 -2.23 6.31 8.86
C GLU A 61 -1.17 5.27 9.18
N GLU A 62 -1.61 4.07 9.56
CA GLU A 62 -0.69 2.99 9.90
C GLU A 62 0.35 2.80 8.81
N ALA A 63 -0.06 3.03 7.57
CA ALA A 63 0.85 2.88 6.42
C ALA A 63 1.84 4.04 6.36
N VAL A 64 1.33 5.22 6.01
CA VAL A 64 2.17 6.41 5.90
C VAL A 64 3.03 6.58 7.15
N SER A 65 2.53 6.11 8.29
CA SER A 65 3.25 6.22 9.54
C SER A 65 4.27 5.10 9.68
N TRP A 66 3.92 3.91 9.20
CA TRP A 66 4.81 2.76 9.26
C TRP A 66 5.99 2.94 8.33
N GLN A 67 5.81 3.75 7.28
CA GLN A 67 6.86 3.99 6.31
C GLN A 67 7.87 5.01 6.85
N GLU A 68 7.38 5.90 7.71
CA GLU A 68 8.25 6.93 8.30
C GLU A 68 9.48 6.31 8.95
N ARG A 69 9.28 5.20 9.66
CA ARG A 69 10.37 4.51 10.32
C ARG A 69 11.54 4.28 9.36
N ARG A 70 11.25 3.64 8.23
CA ARG A 70 12.27 3.34 7.24
C ARG A 70 12.92 4.64 6.74
N MET A 71 12.12 5.50 6.12
CA MET A 71 12.62 6.76 5.60
C MET A 71 13.59 7.41 6.57
N ALA A 72 13.36 7.18 7.86
CA ALA A 72 14.24 7.75 8.89
C ALA A 72 15.56 7.00 8.96
N ALA A 73 15.49 5.68 9.08
CA ALA A 73 16.68 4.84 9.15
C ALA A 73 17.00 4.22 7.79
N ALA A 74 16.64 4.93 6.72
CA ALA A 74 16.90 4.44 5.37
C ALA A 74 18.14 5.11 4.78
N PRO A 75 18.79 4.40 3.85
CA PRO A 75 19.99 4.90 3.18
C PRO A 75 19.69 6.06 2.24
N PRO A 76 20.72 6.88 1.96
CA PRO A 76 20.59 8.04 1.08
C PRO A 76 20.41 7.63 -0.38
N GLY A 77 19.35 8.14 -1.00
CA GLY A 77 19.08 7.81 -2.39
C GLY A 77 17.85 6.95 -2.57
N CYS A 78 17.64 6.04 -1.62
CA CYS A 78 16.48 5.15 -1.67
C CYS A 78 15.19 5.93 -1.94
N THR A 79 14.39 5.42 -2.86
CA THR A 79 13.13 6.08 -3.22
C THR A 79 11.98 5.53 -2.40
N PRO A 80 11.10 6.44 -1.94
CA PRO A 80 9.94 6.07 -1.12
C PRO A 80 8.89 5.32 -1.93
N PRO A 81 8.67 4.05 -1.56
CA PRO A 81 7.67 3.19 -2.23
C PRO A 81 6.24 3.63 -1.96
N ALA A 82 5.39 3.53 -2.97
CA ALA A 82 3.99 3.91 -2.85
C ALA A 82 3.23 2.88 -2.01
N LEU A 83 2.83 3.28 -0.81
CA LEU A 83 2.09 2.40 0.08
C LEU A 83 0.69 2.10 -0.48
N LEU A 84 0.46 0.84 -0.81
CA LEU A 84 -0.83 0.42 -1.35
C LEU A 84 -1.54 -0.54 -0.41
N ASP A 85 -2.76 -0.92 -0.77
CA ASP A 85 -3.54 -1.86 0.04
C ASP A 85 -3.58 -3.24 -0.59
N ILE A 86 -3.69 -4.26 0.25
CA ILE A 86 -3.75 -5.64 -0.24
C ILE A 86 -4.67 -5.77 -1.44
N SER A 87 -5.82 -5.11 -1.36
CA SER A 87 -6.81 -5.15 -2.44
C SER A 87 -6.12 -5.06 -3.80
N TRP A 88 -5.15 -4.15 -3.90
CA TRP A 88 -4.42 -3.96 -5.15
C TRP A 88 -3.78 -5.26 -5.62
N LEU A 89 -3.01 -5.88 -4.73
CA LEU A 89 -2.34 -7.14 -5.05
C LEU A 89 -3.31 -8.12 -5.70
N THR A 90 -4.32 -8.54 -4.93
CA THR A 90 -5.31 -9.48 -5.42
C THR A 90 -5.78 -9.10 -6.82
N GLU A 91 -6.00 -7.80 -7.03
CA GLU A 91 -6.45 -7.31 -8.32
C GLU A 91 -5.41 -7.58 -9.41
N SER A 92 -4.15 -7.39 -9.06
CA SER A 92 -3.05 -7.61 -10.01
C SER A 92 -2.96 -9.09 -10.39
N LEU A 93 -2.89 -9.95 -9.37
CA LEU A 93 -2.80 -11.39 -9.60
C LEU A 93 -3.94 -11.88 -10.49
N GLY A 94 -5.17 -11.56 -10.09
CA GLY A 94 -6.32 -11.97 -10.87
C GLY A 94 -6.28 -11.44 -12.29
N ALA A 95 -5.44 -10.44 -12.53
CA ALA A 95 -5.32 -9.85 -13.85
C ALA A 95 -4.02 -10.28 -14.53
N GLY A 96 -3.13 -10.87 -13.75
CA GLY A 96 -1.85 -11.32 -14.29
C GLY A 96 -0.91 -10.17 -14.58
N GLN A 97 -1.40 -8.94 -14.44
CA GLN A 97 -0.59 -7.76 -14.68
C GLN A 97 -0.78 -6.73 -13.57
N PRO A 98 0.26 -5.91 -13.36
CA PRO A 98 0.23 -4.87 -12.33
C PRO A 98 -0.72 -3.73 -12.67
N VAL A 99 -1.84 -3.65 -11.95
CA VAL A 99 -2.83 -2.62 -12.17
C VAL A 99 -2.34 -1.26 -11.67
N PRO A 100 -2.85 -0.18 -12.29
CA PRO A 100 -2.47 1.18 -11.92
C PRO A 100 -3.02 1.59 -10.55
N VAL A 101 -2.15 2.13 -9.71
CA VAL A 101 -2.55 2.56 -8.37
C VAL A 101 -3.71 3.55 -8.43
N GLU A 102 -4.58 3.50 -7.44
CA GLU A 102 -5.73 4.40 -7.37
C GLU A 102 -5.79 5.11 -6.03
N CYS A 103 -6.72 6.05 -5.90
CA CYS A 103 -6.89 6.81 -4.67
C CYS A 103 -7.10 5.89 -3.48
N ARG A 104 -8.04 4.96 -3.62
CA ARG A 104 -8.35 4.01 -2.56
C ARG A 104 -7.10 3.23 -2.16
N HIS A 105 -6.31 2.83 -3.15
CA HIS A 105 -5.09 2.08 -2.91
C HIS A 105 -4.14 2.85 -1.99
N ARG A 106 -3.88 4.10 -2.34
CA ARG A 106 -2.98 4.94 -1.55
C ARG A 106 -3.36 4.87 -0.07
N LEU A 107 -2.36 5.08 0.79
CA LEU A 107 -2.59 5.05 2.23
C LEU A 107 -1.90 6.23 2.91
N GLU A 108 -2.72 7.14 3.44
CA GLU A 108 -2.20 8.32 4.13
C GLU A 108 -3.26 8.93 5.03
N VAL A 109 -2.83 9.81 5.93
CA VAL A 109 -3.73 10.47 6.87
C VAL A 109 -3.44 11.96 6.96
N ALA A 110 -4.35 12.70 7.59
CA ALA A 110 -4.19 14.14 7.75
C ALA A 110 -5.29 14.72 8.61
N GLY A 111 -4.93 15.63 9.52
CA GLY A 111 -5.91 16.25 10.39
C GLY A 111 -6.79 15.23 11.08
N PRO A 112 -6.18 14.42 11.95
CA PRO A 112 -6.90 13.37 12.70
C PRO A 112 -7.83 13.96 13.76
N ARG A 113 -9.11 13.65 13.65
CA ARG A 113 -10.10 14.14 14.60
C ARG A 113 -10.87 12.99 15.25
N LYS A 114 -11.46 13.26 16.40
CA LYS A 114 -12.22 12.24 17.13
C LYS A 114 -13.72 12.52 17.03
N GLY A 115 -14.12 13.26 16.00
CA GLY A 115 -15.52 13.58 15.80
C GLY A 115 -15.72 15.00 15.33
N PRO A 116 -15.63 15.20 14.00
CA PRO A 116 -15.82 16.52 13.39
C PRO A 116 -17.25 17.00 13.46
N LEU A 117 -17.48 18.25 13.05
CA LEU A 117 -18.82 18.83 13.06
C LEU A 117 -19.09 19.61 11.78
N SER A 118 -20.21 19.32 11.14
CA SER A 118 -20.59 20.00 9.91
C SER A 118 -22.00 20.56 10.00
N PRO A 119 -22.20 21.74 9.40
CA PRO A 119 -23.49 22.43 9.41
C PRO A 119 -24.53 21.70 8.55
N ALA A 120 -24.15 21.39 7.31
CA ALA A 120 -25.05 20.70 6.40
C ALA A 120 -24.30 20.22 5.15
N TRP A 121 -24.96 19.40 4.35
CA TRP A 121 -24.36 18.87 3.13
C TRP A 121 -24.86 19.63 1.90
N MET A 122 -24.01 19.72 0.89
CA MET A 122 -24.36 20.42 -0.34
C MET A 122 -23.51 19.92 -1.51
N PRO A 123 -24.18 19.55 -2.61
CA PRO A 123 -23.51 19.05 -3.82
C PRO A 123 -22.73 20.14 -4.54
N ALA A 124 -21.84 19.73 -5.44
CA ALA A 124 -21.02 20.68 -6.20
C ALA A 124 -21.89 21.79 -6.78
N TYR A 125 -23.07 21.43 -7.26
CA TYR A 125 -23.98 22.41 -7.85
C TYR A 125 -24.79 23.12 -6.77
N ALA A 126 -24.12 23.47 -5.67
CA ALA A 126 -24.77 24.15 -4.57
C ALA A 126 -24.18 25.54 -4.35
N CYS A 127 -24.86 26.56 -4.85
CA CYS A 127 -24.39 27.94 -4.73
C CYS A 127 -25.28 28.72 -3.77
N SER A 128 -24.92 28.72 -2.49
CA SER A 128 -25.70 29.43 -1.48
C SER A 128 -24.92 29.56 -0.18
N GLY A 129 -25.09 30.69 0.50
CA GLY A 129 -24.39 30.91 1.75
C GLY A 129 -24.59 32.31 2.29
N PRO A 130 -24.92 32.40 3.59
CA PRO A 130 -25.15 33.69 4.25
C PRO A 130 -23.87 34.51 4.40
N SER A 131 -24.01 35.77 4.78
CA SER A 131 -22.86 36.66 4.96
C SER A 131 -23.19 37.77 5.95
N SER A 132 -22.16 38.26 6.64
CA SER A 132 -22.33 39.33 7.63
C SER A 132 -22.21 40.69 6.96
N GLY A 133 -21.05 40.96 6.36
CA GLY A 133 -20.82 42.23 5.71
C GLY A 133 -19.84 43.10 6.47
N GLY A 1 18.28 1.47 -20.87
CA GLY A 1 19.66 1.09 -20.63
C GLY A 1 19.83 -0.41 -20.54
N SER A 2 20.64 -0.97 -21.42
CA SER A 2 20.89 -2.41 -21.43
C SER A 2 21.54 -2.86 -20.13
N SER A 3 20.87 -3.77 -19.43
CA SER A 3 21.38 -4.29 -18.16
C SER A 3 20.81 -5.67 -17.86
N GLY A 4 21.60 -6.49 -17.18
CA GLY A 4 21.16 -7.83 -16.84
C GLY A 4 20.11 -7.84 -15.75
N SER A 5 19.86 -9.02 -15.18
CA SER A 5 18.86 -9.15 -14.12
C SER A 5 18.88 -10.57 -13.55
N SER A 6 18.11 -10.78 -12.48
CA SER A 6 18.04 -12.08 -11.84
C SER A 6 16.59 -12.57 -11.75
N GLY A 7 16.37 -13.83 -12.10
CA GLY A 7 15.03 -14.39 -12.05
C GLY A 7 14.12 -13.79 -13.09
N SER A 8 14.25 -14.26 -14.33
CA SER A 8 13.43 -13.76 -15.43
C SER A 8 12.02 -13.40 -14.94
N THR A 9 11.68 -12.12 -14.99
CA THR A 9 10.38 -11.64 -14.57
C THR A 9 9.68 -10.87 -15.68
N ARG A 10 8.35 -10.88 -15.64
CA ARG A 10 7.55 -10.18 -16.64
C ARG A 10 7.62 -8.67 -16.44
N PHE A 11 7.53 -8.24 -15.18
CA PHE A 11 7.59 -6.82 -14.85
C PHE A 11 8.80 -6.52 -13.98
N PRO A 12 9.97 -6.32 -14.64
CA PRO A 12 11.23 -6.02 -13.94
C PRO A 12 11.22 -4.62 -13.34
N GLY A 13 10.42 -3.73 -13.92
CA GLY A 13 10.35 -2.36 -13.42
C GLY A 13 9.31 -2.20 -12.34
N VAL A 14 9.09 -3.26 -11.57
CA VAL A 14 8.11 -3.24 -10.49
C VAL A 14 8.52 -4.18 -9.36
N ALA A 15 8.76 -3.62 -8.19
CA ALA A 15 9.16 -4.41 -7.03
C ALA A 15 8.16 -4.24 -5.88
N ILE A 16 7.52 -5.34 -5.50
CA ILE A 16 6.54 -5.31 -4.42
C ILE A 16 7.12 -5.89 -3.13
N TYR A 17 6.81 -5.25 -2.01
CA TYR A 17 7.30 -5.71 -0.71
C TYR A 17 6.14 -6.07 0.21
N LEU A 18 6.36 -7.09 1.04
CA LEU A 18 5.34 -7.55 1.98
C LEU A 18 5.86 -7.51 3.41
N VAL A 19 5.10 -6.88 4.29
CA VAL A 19 5.49 -6.79 5.70
C VAL A 19 5.72 -8.17 6.30
N GLU A 20 6.60 -8.22 7.30
CA GLU A 20 6.92 -9.48 7.97
C GLU A 20 5.90 -9.79 9.07
N PRO A 21 5.92 -8.98 10.13
CA PRO A 21 5.00 -9.16 11.26
C PRO A 21 3.56 -8.82 10.91
N ARG A 22 3.19 -7.55 11.08
CA ARG A 22 1.83 -7.12 10.77
C ARG A 22 1.20 -8.00 9.71
N MET A 23 1.72 -7.95 8.50
CA MET A 23 1.21 -8.76 7.40
C MET A 23 1.22 -10.23 7.76
N GLY A 24 2.34 -10.70 8.30
CA GLY A 24 2.45 -12.09 8.68
C GLY A 24 3.70 -12.75 8.12
N ARG A 25 4.19 -13.78 8.80
CA ARG A 25 5.38 -14.49 8.37
C ARG A 25 5.03 -15.60 7.38
N SER A 26 4.13 -16.49 7.80
CA SER A 26 3.71 -17.60 6.96
C SER A 26 2.77 -17.12 5.86
N ARG A 27 1.80 -16.30 6.23
CA ARG A 27 0.83 -15.77 5.27
C ARG A 27 1.54 -15.05 4.13
N ARG A 28 2.59 -14.31 4.47
CA ARG A 28 3.35 -13.58 3.46
C ARG A 28 3.74 -14.48 2.29
N ALA A 29 4.37 -15.61 2.61
CA ALA A 29 4.78 -16.56 1.58
C ALA A 29 3.66 -16.84 0.60
N PHE A 30 2.45 -17.02 1.12
CA PHE A 30 1.28 -17.29 0.27
C PHE A 30 1.31 -16.41 -0.97
N LEU A 31 1.19 -15.11 -0.77
CA LEU A 31 1.19 -14.16 -1.88
C LEU A 31 2.53 -14.17 -2.61
N THR A 32 3.61 -14.08 -1.83
CA THR A 32 4.96 -14.07 -2.40
C THR A 32 5.05 -15.02 -3.59
N GLY A 33 4.80 -16.30 -3.35
CA GLY A 33 4.86 -17.29 -4.42
C GLY A 33 3.88 -16.99 -5.54
N LEU A 34 2.67 -16.61 -5.16
CA LEU A 34 1.62 -16.30 -6.14
C LEU A 34 2.11 -15.25 -7.14
N ALA A 35 2.56 -14.11 -6.62
CA ALA A 35 3.07 -13.04 -7.47
C ALA A 35 4.15 -13.53 -8.42
N ARG A 36 5.16 -14.19 -7.84
CA ARG A 36 6.27 -14.72 -8.64
C ARG A 36 5.75 -15.44 -9.88
N SER A 37 4.66 -16.19 -9.72
CA SER A 37 4.07 -16.92 -10.82
C SER A 37 3.48 -15.98 -11.86
N LYS A 38 2.81 -14.93 -11.38
CA LYS A 38 2.20 -13.95 -12.26
C LYS A 38 3.25 -13.20 -13.07
N GLY A 39 4.33 -12.80 -12.39
CA GLY A 39 5.40 -12.08 -13.05
C GLY A 39 5.83 -10.84 -12.30
N PHE A 40 5.70 -10.89 -10.97
CA PHE A 40 6.07 -9.76 -10.13
C PHE A 40 7.33 -10.08 -9.33
N ARG A 41 8.31 -9.18 -9.40
CA ARG A 41 9.58 -9.37 -8.69
C ARG A 41 9.41 -9.00 -7.22
N VAL A 42 9.46 -10.00 -6.35
CA VAL A 42 9.33 -9.78 -4.91
C VAL A 42 10.69 -9.69 -4.24
N LEU A 43 10.85 -8.71 -3.35
CA LEU A 43 12.10 -8.52 -2.65
C LEU A 43 12.07 -9.21 -1.29
N ASP A 44 13.22 -9.74 -0.88
CA ASP A 44 13.33 -10.43 0.41
C ASP A 44 13.45 -9.44 1.56
N ALA A 45 14.33 -8.46 1.39
CA ALA A 45 14.54 -7.44 2.41
C ALA A 45 14.09 -6.06 1.92
N CYS A 46 14.02 -5.11 2.84
CA CYS A 46 13.60 -3.76 2.50
C CYS A 46 14.72 -2.99 1.81
N SER A 47 14.51 -2.63 0.55
CA SER A 47 15.51 -1.90 -0.22
C SER A 47 14.86 -0.86 -1.11
N SER A 48 15.65 0.08 -1.61
CA SER A 48 15.15 1.14 -2.48
C SER A 48 14.31 0.55 -3.62
N GLU A 49 14.79 -0.55 -4.19
CA GLU A 49 14.09 -1.20 -5.28
C GLU A 49 12.59 -1.28 -5.00
N ALA A 50 12.24 -1.54 -3.75
CA ALA A 50 10.84 -1.62 -3.36
C ALA A 50 10.05 -0.42 -3.84
N THR A 51 9.24 -0.61 -4.87
CA THR A 51 8.43 0.47 -5.42
C THR A 51 7.04 0.48 -4.82
N HIS A 52 6.55 -0.70 -4.43
CA HIS A 52 5.23 -0.82 -3.82
C HIS A 52 5.28 -1.71 -2.59
N VAL A 53 4.30 -1.53 -1.70
CA VAL A 53 4.23 -2.30 -0.47
C VAL A 53 2.80 -2.75 -0.19
N VAL A 54 2.61 -4.05 0.00
CA VAL A 54 1.29 -4.61 0.28
C VAL A 54 1.08 -4.78 1.78
N MET A 55 -0.09 -4.38 2.25
CA MET A 55 -0.41 -4.49 3.68
C MET A 55 -1.88 -4.87 3.86
N GLU A 56 -2.15 -5.71 4.85
CA GLU A 56 -3.51 -6.14 5.14
C GLU A 56 -3.98 -5.62 6.49
N GLU A 57 -5.30 -5.52 6.66
CA GLU A 57 -5.87 -5.03 7.90
C GLU A 57 -5.05 -3.88 8.46
N THR A 58 -4.72 -2.92 7.60
CA THR A 58 -3.94 -1.76 8.01
C THR A 58 -4.64 -0.46 7.62
N SER A 59 -4.66 0.49 8.55
CA SER A 59 -5.30 1.78 8.32
C SER A 59 -4.44 2.66 7.42
N ALA A 60 -5.04 3.70 6.85
CA ALA A 60 -4.33 4.62 5.98
C ALA A 60 -3.23 5.35 6.73
N GLU A 61 -3.50 5.68 8.01
CA GLU A 61 -2.53 6.38 8.83
C GLU A 61 -1.40 5.44 9.27
N GLU A 62 -1.78 4.23 9.66
CA GLU A 62 -0.81 3.24 10.10
C GLU A 62 0.30 3.07 9.07
N ALA A 63 -0.07 2.65 7.87
CA ALA A 63 0.90 2.45 6.79
C ALA A 63 1.93 3.58 6.77
N VAL A 64 1.45 4.80 6.60
CA VAL A 64 2.33 5.97 6.56
C VAL A 64 3.29 5.98 7.75
N SER A 65 2.86 5.40 8.86
CA SER A 65 3.68 5.34 10.06
C SER A 65 4.76 4.27 9.93
N TRP A 66 4.41 3.17 9.27
CA TRP A 66 5.36 2.08 9.07
C TRP A 66 6.42 2.45 8.05
N GLN A 67 6.07 3.35 7.13
CA GLN A 67 6.99 3.79 6.10
C GLN A 67 7.88 4.92 6.61
N GLU A 68 7.39 5.64 7.61
CA GLU A 68 8.14 6.76 8.19
C GLU A 68 9.43 6.26 8.84
N ARG A 69 9.30 5.29 9.73
CA ARG A 69 10.45 4.73 10.43
C ARG A 69 11.65 4.59 9.49
N ARG A 70 11.38 4.13 8.27
CA ARG A 70 12.42 3.95 7.27
C ARG A 70 12.98 5.29 6.82
N MET A 71 12.12 6.12 6.26
CA MET A 71 12.53 7.45 5.79
C MET A 71 13.43 8.14 6.81
N ALA A 72 13.17 7.88 8.08
CA ALA A 72 13.96 8.47 9.16
C ALA A 72 15.41 8.02 9.09
N ALA A 73 15.62 6.71 9.08
CA ALA A 73 16.96 6.15 9.01
C ALA A 73 17.24 5.56 7.64
N ALA A 74 16.57 6.09 6.62
CA ALA A 74 16.74 5.61 5.26
C ALA A 74 18.07 6.10 4.67
N PRO A 75 18.60 5.35 3.69
CA PRO A 75 19.86 5.69 3.04
C PRO A 75 19.73 6.92 2.15
N PRO A 76 20.89 7.52 1.79
CA PRO A 76 20.94 8.71 0.95
C PRO A 76 20.53 8.42 -0.49
N GLY A 77 19.56 9.18 -1.00
CA GLY A 77 19.10 8.99 -2.36
C GLY A 77 17.99 7.96 -2.46
N CYS A 78 17.44 7.57 -1.30
CA CYS A 78 16.37 6.59 -1.26
C CYS A 78 15.06 7.20 -1.76
N THR A 79 14.15 6.34 -2.20
CA THR A 79 12.85 6.79 -2.70
C THR A 79 11.71 6.24 -1.84
N PRO A 80 10.71 7.09 -1.57
CA PRO A 80 9.55 6.72 -0.77
C PRO A 80 8.64 5.72 -1.49
N PRO A 81 8.52 4.52 -0.91
CA PRO A 81 7.67 3.46 -1.48
C PRO A 81 6.19 3.77 -1.38
N ALA A 82 5.40 3.18 -2.27
CA ALA A 82 3.96 3.39 -2.27
C ALA A 82 3.24 2.31 -1.49
N LEU A 83 2.70 2.68 -0.33
CA LEU A 83 1.99 1.73 0.51
C LEU A 83 0.60 1.42 -0.05
N LEU A 84 0.50 0.29 -0.75
CA LEU A 84 -0.77 -0.12 -1.34
C LEU A 84 -1.49 -1.11 -0.45
N ASP A 85 -2.77 -1.36 -0.75
CA ASP A 85 -3.58 -2.29 0.02
C ASP A 85 -3.80 -3.59 -0.73
N ILE A 86 -4.08 -4.66 -0.01
CA ILE A 86 -4.31 -5.96 -0.62
C ILE A 86 -5.22 -5.84 -1.84
N SER A 87 -6.15 -4.90 -1.79
CA SER A 87 -7.07 -4.68 -2.91
C SER A 87 -6.31 -4.52 -4.22
N TRP A 88 -5.22 -3.78 -4.17
CA TRP A 88 -4.40 -3.54 -5.35
C TRP A 88 -3.78 -4.84 -5.87
N LEU A 89 -3.15 -5.58 -4.97
CA LEU A 89 -2.53 -6.85 -5.34
C LEU A 89 -3.51 -7.76 -6.05
N THR A 90 -4.61 -8.09 -5.37
CA THR A 90 -5.64 -8.95 -5.94
C THR A 90 -5.98 -8.52 -7.37
N GLU A 91 -6.15 -7.22 -7.55
CA GLU A 91 -6.49 -6.67 -8.87
C GLU A 91 -5.37 -6.95 -9.88
N SER A 92 -4.14 -6.99 -9.39
CA SER A 92 -2.99 -7.25 -10.25
C SER A 92 -2.88 -8.74 -10.59
N LEU A 93 -3.00 -9.58 -9.56
CA LEU A 93 -2.92 -11.02 -9.75
C LEU A 93 -4.00 -11.51 -10.71
N GLY A 94 -5.23 -11.05 -10.50
CA GLY A 94 -6.33 -11.45 -11.35
C GLY A 94 -6.22 -10.87 -12.75
N ALA A 95 -5.35 -9.88 -12.90
CA ALA A 95 -5.15 -9.23 -14.19
C ALA A 95 -3.85 -9.69 -14.85
N GLY A 96 -2.99 -10.32 -14.05
CA GLY A 96 -1.73 -10.80 -14.57
C GLY A 96 -0.71 -9.69 -14.75
N GLN A 97 -1.18 -8.45 -14.62
CA GLN A 97 -0.30 -7.29 -14.77
C GLN A 97 -0.52 -6.29 -13.64
N PRO A 98 0.54 -5.54 -13.32
CA PRO A 98 0.49 -4.54 -12.25
C PRO A 98 -0.39 -3.34 -12.61
N VAL A 99 -1.54 -3.25 -11.96
CA VAL A 99 -2.48 -2.15 -12.21
C VAL A 99 -1.96 -0.84 -11.64
N PRO A 100 -2.37 0.28 -12.24
CA PRO A 100 -1.96 1.62 -11.81
C PRO A 100 -2.57 2.01 -10.47
N VAL A 101 -1.71 2.33 -9.50
CA VAL A 101 -2.15 2.72 -8.18
C VAL A 101 -3.29 3.74 -8.26
N GLU A 102 -4.21 3.68 -7.31
CA GLU A 102 -5.35 4.59 -7.28
C GLU A 102 -5.52 5.19 -5.88
N CYS A 103 -6.49 6.08 -5.74
CA CYS A 103 -6.76 6.73 -4.46
C CYS A 103 -6.96 5.69 -3.36
N ARG A 104 -7.98 4.86 -3.52
CA ARG A 104 -8.28 3.82 -2.53
C ARG A 104 -7.02 3.06 -2.13
N HIS A 105 -6.18 2.76 -3.12
CA HIS A 105 -4.94 2.04 -2.87
C HIS A 105 -4.03 2.82 -1.94
N ARG A 106 -3.83 4.10 -2.24
CA ARG A 106 -2.98 4.96 -1.43
C ARG A 106 -3.37 4.86 0.04
N LEU A 107 -2.42 4.45 0.88
CA LEU A 107 -2.67 4.31 2.31
C LEU A 107 -2.13 5.52 3.07
N GLU A 108 -2.85 6.64 2.99
CA GLU A 108 -2.44 7.85 3.67
C GLU A 108 -3.60 8.45 4.45
N VAL A 109 -3.28 9.29 5.44
CA VAL A 109 -4.29 9.93 6.27
C VAL A 109 -4.20 11.45 6.18
N ALA A 110 -5.20 12.13 6.73
CA ALA A 110 -5.23 13.59 6.72
C ALA A 110 -6.40 14.12 7.52
N GLY A 111 -6.12 14.97 8.50
CA GLY A 111 -7.17 15.54 9.32
C GLY A 111 -7.92 14.48 10.10
N PRO A 112 -7.24 13.85 11.06
CA PRO A 112 -7.83 12.80 11.90
C PRO A 112 -8.86 13.36 12.88
N ARG A 113 -10.06 12.78 12.86
CA ARG A 113 -11.13 13.21 13.75
C ARG A 113 -11.70 12.05 14.55
N LYS A 114 -11.91 12.27 15.84
CA LYS A 114 -12.45 11.24 16.72
C LYS A 114 -13.97 11.37 16.86
N GLY A 115 -14.62 10.29 17.29
CA GLY A 115 -16.05 10.31 17.47
C GLY A 115 -16.80 10.50 16.16
N PRO A 116 -17.98 11.11 16.22
CA PRO A 116 -18.82 11.36 15.05
C PRO A 116 -18.22 12.43 14.14
N LEU A 117 -18.89 12.68 13.01
CA LEU A 117 -18.42 13.68 12.06
C LEU A 117 -19.57 14.57 11.59
N SER A 118 -19.25 15.79 11.21
CA SER A 118 -20.26 16.74 10.75
C SER A 118 -19.75 17.53 9.54
N PRO A 119 -20.67 17.82 8.61
CA PRO A 119 -20.33 18.57 7.39
C PRO A 119 -20.02 20.03 7.68
N ALA A 120 -20.90 20.69 8.43
CA ALA A 120 -20.71 22.09 8.77
C ALA A 120 -21.77 22.56 9.76
N TRP A 121 -21.75 23.85 10.08
CA TRP A 121 -22.72 24.43 11.00
C TRP A 121 -23.52 25.53 10.33
N MET A 122 -24.84 25.54 10.59
CA MET A 122 -25.72 26.55 10.01
C MET A 122 -26.74 27.03 11.04
N PRO A 123 -26.91 28.36 11.13
CA PRO A 123 -27.86 28.97 12.07
C PRO A 123 -29.31 28.70 11.68
N ALA A 124 -30.23 29.32 12.40
CA ALA A 124 -31.66 29.16 12.13
C ALA A 124 -32.22 30.38 11.41
N TYR A 125 -31.62 31.54 11.65
CA TYR A 125 -32.05 32.78 11.02
C TYR A 125 -31.34 33.00 9.69
N ALA A 126 -31.07 31.92 8.98
CA ALA A 126 -30.40 31.99 7.69
C ALA A 126 -31.41 32.20 6.55
N CYS A 127 -31.70 33.46 6.26
CA CYS A 127 -32.65 33.79 5.20
C CYS A 127 -32.67 35.29 4.95
N SER A 128 -32.67 35.69 3.68
CA SER A 128 -32.70 37.09 3.31
C SER A 128 -33.57 37.32 2.07
N GLY A 129 -33.73 38.59 1.69
CA GLY A 129 -34.53 38.91 0.52
C GLY A 129 -34.69 40.40 0.33
N PRO A 130 -33.70 41.03 -0.30
CA PRO A 130 -33.71 42.47 -0.57
C PRO A 130 -34.75 42.86 -1.60
N SER A 131 -35.02 44.16 -1.69
CA SER A 131 -36.01 44.67 -2.65
C SER A 131 -35.76 46.14 -2.96
N SER A 132 -36.63 46.72 -3.77
CA SER A 132 -36.50 48.13 -4.14
C SER A 132 -37.86 48.71 -4.53
N GLY A 133 -37.87 50.00 -4.85
CA GLY A 133 -39.11 50.65 -5.24
C GLY A 133 -39.65 51.56 -4.15
N GLY A 1 15.30 -16.24 -27.58
CA GLY A 1 16.63 -16.51 -28.09
C GLY A 1 16.94 -17.98 -28.15
N SER A 2 17.14 -18.60 -26.98
CA SER A 2 17.45 -20.02 -26.91
C SER A 2 16.41 -20.76 -26.08
N SER A 3 15.69 -21.67 -26.72
CA SER A 3 14.66 -22.45 -26.05
C SER A 3 13.76 -21.55 -25.21
N GLY A 4 13.38 -20.41 -25.78
CA GLY A 4 12.53 -19.47 -25.07
C GLY A 4 13.19 -18.90 -23.84
N SER A 5 14.26 -18.14 -24.05
CA SER A 5 14.99 -17.53 -22.94
C SER A 5 14.09 -16.60 -22.14
N SER A 6 14.35 -16.52 -20.83
CA SER A 6 13.56 -15.67 -19.95
C SER A 6 14.02 -14.22 -20.02
N GLY A 7 15.33 -14.02 -19.93
CA GLY A 7 15.89 -12.69 -20.00
C GLY A 7 15.65 -11.90 -18.72
N SER A 8 14.41 -11.50 -18.49
CA SER A 8 14.05 -10.73 -17.30
C SER A 8 12.54 -10.78 -17.06
N THR A 9 12.17 -10.77 -15.78
CA THR A 9 10.76 -10.81 -15.40
C THR A 9 9.91 -9.96 -16.34
N ARG A 10 8.61 -10.22 -16.35
CA ARG A 10 7.69 -9.47 -17.20
C ARG A 10 7.75 -7.98 -16.89
N PHE A 11 7.85 -7.65 -15.61
CA PHE A 11 7.93 -6.26 -15.17
C PHE A 11 9.07 -6.06 -14.19
N PRO A 12 10.28 -5.90 -14.72
CA PRO A 12 11.49 -5.70 -13.91
C PRO A 12 11.51 -4.33 -13.24
N GLY A 13 10.49 -3.51 -13.55
CA GLY A 13 10.41 -2.18 -12.96
C GLY A 13 9.36 -2.09 -11.87
N VAL A 14 9.08 -3.22 -11.23
CA VAL A 14 8.09 -3.25 -10.16
C VAL A 14 8.47 -4.29 -9.10
N ALA A 15 8.89 -3.81 -7.94
CA ALA A 15 9.27 -4.69 -6.84
C ALA A 15 8.37 -4.50 -5.64
N ILE A 16 7.60 -5.52 -5.31
CA ILE A 16 6.68 -5.46 -4.17
C ILE A 16 7.35 -5.96 -2.90
N TYR A 17 6.96 -5.39 -1.76
CA TYR A 17 7.53 -5.78 -0.47
C TYR A 17 6.44 -6.14 0.51
N LEU A 18 6.51 -7.35 1.08
CA LEU A 18 5.53 -7.81 2.04
C LEU A 18 5.89 -7.36 3.44
N VAL A 19 4.98 -6.62 4.07
CA VAL A 19 5.19 -6.13 5.43
C VAL A 19 5.13 -7.26 6.45
N GLU A 20 6.29 -7.81 6.78
CA GLU A 20 6.37 -8.90 7.75
C GLU A 20 5.29 -8.76 8.82
N PRO A 21 5.33 -7.64 9.56
CA PRO A 21 4.37 -7.36 10.62
C PRO A 21 2.97 -7.07 10.08
N ARG A 22 1.98 -7.80 10.56
CA ARG A 22 0.60 -7.62 10.12
C ARG A 22 0.40 -8.19 8.72
N MET A 23 1.07 -9.30 8.44
CA MET A 23 0.95 -9.95 7.14
C MET A 23 0.51 -11.40 7.29
N GLY A 24 1.25 -12.17 8.09
CA GLY A 24 0.90 -13.57 8.31
C GLY A 24 2.10 -14.48 8.16
N ARG A 25 2.05 -15.63 8.83
CA ARG A 25 3.14 -16.59 8.77
C ARG A 25 3.18 -17.30 7.42
N SER A 26 2.06 -17.93 7.06
CA SER A 26 1.98 -18.64 5.79
C SER A 26 1.32 -17.77 4.72
N ARG A 27 0.76 -16.64 5.14
CA ARG A 27 0.10 -15.72 4.23
C ARG A 27 1.12 -15.02 3.34
N ARG A 28 2.27 -14.69 3.92
CA ARG A 28 3.32 -14.01 3.18
C ARG A 28 3.74 -14.82 1.95
N ALA A 29 4.09 -16.09 2.17
CA ALA A 29 4.50 -16.96 1.08
C ALA A 29 3.35 -17.23 0.13
N PHE A 30 2.17 -17.49 0.68
CA PHE A 30 0.98 -17.76 -0.12
C PHE A 30 0.91 -16.82 -1.32
N LEU A 31 1.25 -15.56 -1.10
CA LEU A 31 1.24 -14.56 -2.16
C LEU A 31 2.58 -14.50 -2.88
N THR A 32 3.66 -14.47 -2.11
CA THR A 32 5.00 -14.42 -2.66
C THR A 32 5.11 -15.27 -3.92
N GLY A 33 4.98 -16.58 -3.75
CA GLY A 33 5.07 -17.49 -4.88
C GLY A 33 4.01 -17.21 -5.93
N LEU A 34 2.84 -16.77 -5.48
CA LEU A 34 1.73 -16.48 -6.39
C LEU A 34 2.12 -15.39 -7.37
N ALA A 35 2.45 -14.21 -6.85
CA ALA A 35 2.85 -13.08 -7.68
C ALA A 35 3.96 -13.48 -8.64
N ARG A 36 4.99 -14.15 -8.12
CA ARG A 36 6.11 -14.58 -8.93
C ARG A 36 5.63 -15.21 -10.24
N SER A 37 4.73 -16.18 -10.13
CA SER A 37 4.20 -16.86 -11.30
C SER A 37 3.51 -15.87 -12.24
N LYS A 38 2.93 -14.83 -11.68
CA LYS A 38 2.25 -13.81 -12.46
C LYS A 38 3.25 -12.93 -13.20
N GLY A 39 4.25 -12.44 -12.47
CA GLY A 39 5.27 -11.59 -13.07
C GLY A 39 5.67 -10.44 -12.17
N PHE A 40 5.66 -10.69 -10.86
CA PHE A 40 6.02 -9.67 -9.89
C PHE A 40 7.23 -10.13 -9.07
N ARG A 41 8.34 -9.41 -9.19
CA ARG A 41 9.55 -9.74 -8.46
C ARG A 41 9.40 -9.41 -6.98
N VAL A 42 9.34 -10.46 -6.15
CA VAL A 42 9.19 -10.30 -4.72
C VAL A 42 10.55 -10.22 -4.03
N LEU A 43 10.74 -9.17 -3.24
CA LEU A 43 12.00 -8.98 -2.52
C LEU A 43 12.03 -9.82 -1.24
N ASP A 44 13.11 -10.57 -1.07
CA ASP A 44 13.27 -11.42 0.11
C ASP A 44 13.37 -10.57 1.37
N ALA A 45 14.22 -9.55 1.34
CA ALA A 45 14.40 -8.67 2.49
C ALA A 45 14.10 -7.22 2.12
N CYS A 46 14.12 -6.35 3.12
CA CYS A 46 13.85 -4.93 2.90
C CYS A 46 14.98 -4.27 2.13
N SER A 47 14.71 -3.95 0.86
CA SER A 47 15.71 -3.31 0.01
C SER A 47 15.15 -2.05 -0.65
N SER A 48 16.04 -1.26 -1.25
CA SER A 48 15.63 -0.03 -1.91
C SER A 48 14.64 -0.31 -3.04
N GLU A 49 14.85 -1.43 -3.73
CA GLU A 49 13.97 -1.82 -4.83
C GLU A 49 12.50 -1.63 -4.46
N ALA A 50 12.18 -1.91 -3.20
CA ALA A 50 10.80 -1.76 -2.72
C ALA A 50 10.13 -0.55 -3.35
N THR A 51 9.24 -0.80 -4.30
CA THR A 51 8.53 0.27 -4.98
C THR A 51 7.07 0.31 -4.55
N HIS A 52 6.52 -0.84 -4.18
CA HIS A 52 5.14 -0.93 -3.75
C HIS A 52 5.00 -1.82 -2.51
N VAL A 53 4.63 -1.21 -1.40
CA VAL A 53 4.47 -1.95 -0.14
C VAL A 53 3.03 -2.39 0.05
N VAL A 54 2.84 -3.68 0.36
CA VAL A 54 1.51 -4.23 0.58
C VAL A 54 1.23 -4.42 2.06
N MET A 55 0.10 -3.90 2.51
CA MET A 55 -0.29 -4.01 3.91
C MET A 55 -1.66 -4.67 4.05
N GLU A 56 -1.86 -5.40 5.14
CA GLU A 56 -3.13 -6.08 5.38
C GLU A 56 -3.76 -5.60 6.68
N GLU A 57 -5.10 -5.54 6.69
CA GLU A 57 -5.82 -5.09 7.88
C GLU A 57 -5.15 -3.88 8.50
N THR A 58 -4.69 -2.96 7.66
CA THR A 58 -4.02 -1.75 8.14
C THR A 58 -4.83 -0.50 7.79
N SER A 59 -4.59 0.57 8.52
CA SER A 59 -5.29 1.83 8.29
C SER A 59 -4.52 2.73 7.32
N ALA A 60 -5.19 3.75 6.82
CA ALA A 60 -4.56 4.68 5.88
C ALA A 60 -3.41 5.43 6.54
N GLU A 61 -3.66 5.95 7.73
CA GLU A 61 -2.64 6.70 8.47
C GLU A 61 -1.55 5.76 8.99
N GLU A 62 -1.97 4.63 9.56
CA GLU A 62 -1.04 3.66 10.09
C GLU A 62 0.10 3.38 9.10
N ALA A 63 -0.27 3.11 7.86
CA ALA A 63 0.70 2.83 6.81
C ALA A 63 1.80 3.89 6.80
N VAL A 64 1.40 5.15 6.67
CA VAL A 64 2.35 6.25 6.64
C VAL A 64 3.36 6.14 7.77
N SER A 65 2.87 5.74 8.95
CA SER A 65 3.73 5.59 10.12
C SER A 65 4.86 4.62 9.85
N TRP A 66 4.51 3.39 9.47
CA TRP A 66 5.49 2.36 9.19
C TRP A 66 6.51 2.85 8.16
N GLN A 67 6.08 3.73 7.27
CA GLN A 67 6.95 4.27 6.23
C GLN A 67 7.95 5.25 6.84
N GLU A 68 7.50 6.05 7.80
CA GLU A 68 8.36 7.02 8.47
C GLU A 68 9.50 6.33 9.20
N ARG A 69 9.19 5.22 9.84
CA ARG A 69 10.19 4.46 10.60
C ARG A 69 11.32 4.02 9.68
N ARG A 70 11.00 3.81 8.41
CA ARG A 70 12.00 3.38 7.43
C ARG A 70 12.80 4.57 6.90
N MET A 71 12.11 5.51 6.27
CA MET A 71 12.74 6.69 5.72
C MET A 71 13.81 7.22 6.67
N ALA A 72 13.59 7.03 7.97
CA ALA A 72 14.54 7.48 8.98
C ALA A 72 15.79 6.59 9.01
N ALA A 73 15.57 5.29 8.99
CA ALA A 73 16.67 4.33 9.01
C ALA A 73 16.94 3.77 7.61
N ALA A 74 16.53 4.52 6.60
CA ALA A 74 16.73 4.10 5.22
C ALA A 74 18.03 4.66 4.66
N PRO A 75 18.69 3.90 3.77
CA PRO A 75 19.95 4.30 3.15
C PRO A 75 19.78 5.46 2.18
N PRO A 76 20.88 6.14 1.87
CA PRO A 76 20.87 7.28 0.94
C PRO A 76 20.63 6.85 -0.50
N GLY A 77 19.81 7.62 -1.21
CA GLY A 77 19.50 7.31 -2.60
C GLY A 77 18.23 6.50 -2.73
N CYS A 78 17.92 5.71 -1.71
CA CYS A 78 16.71 4.88 -1.72
C CYS A 78 15.50 5.70 -2.12
N THR A 79 14.48 5.02 -2.66
CA THR A 79 13.25 5.69 -3.08
C THR A 79 12.05 5.19 -2.28
N PRO A 80 11.27 6.15 -1.74
CA PRO A 80 10.08 5.83 -0.95
C PRO A 80 8.96 5.23 -1.79
N PRO A 81 8.64 3.95 -1.53
CA PRO A 81 7.59 3.24 -2.26
C PRO A 81 6.19 3.75 -1.91
N ALA A 82 5.22 3.41 -2.75
CA ALA A 82 3.85 3.84 -2.53
C ALA A 82 3.13 2.93 -1.54
N LEU A 83 2.56 3.53 -0.50
CA LEU A 83 1.85 2.75 0.52
C LEU A 83 0.46 2.37 0.04
N LEU A 84 0.31 1.12 -0.39
CA LEU A 84 -0.97 0.62 -0.87
C LEU A 84 -1.47 -0.52 0.00
N ASP A 85 -2.68 -1.00 -0.30
CA ASP A 85 -3.27 -2.10 0.45
C ASP A 85 -3.24 -3.40 -0.36
N ILE A 86 -3.63 -4.50 0.28
CA ILE A 86 -3.65 -5.79 -0.39
C ILE A 86 -4.62 -5.81 -1.56
N SER A 87 -5.68 -5.00 -1.44
CA SER A 87 -6.69 -4.92 -2.50
C SER A 87 -6.05 -4.62 -3.84
N TRP A 88 -4.91 -3.92 -3.81
CA TRP A 88 -4.20 -3.57 -5.04
C TRP A 88 -3.51 -4.80 -5.64
N LEU A 89 -2.80 -5.55 -4.81
CA LEU A 89 -2.11 -6.75 -5.25
C LEU A 89 -3.09 -7.78 -5.79
N THR A 90 -4.06 -8.16 -4.96
CA THR A 90 -5.07 -9.14 -5.36
C THR A 90 -5.57 -8.87 -6.77
N GLU A 91 -5.66 -7.60 -7.13
CA GLU A 91 -6.13 -7.21 -8.46
C GLU A 91 -5.06 -7.49 -9.51
N SER A 92 -3.83 -7.10 -9.21
CA SER A 92 -2.72 -7.30 -10.14
C SER A 92 -2.50 -8.80 -10.43
N LEU A 93 -2.86 -9.62 -9.45
CA LEU A 93 -2.71 -11.07 -9.59
C LEU A 93 -3.77 -11.64 -10.53
N GLY A 94 -5.03 -11.30 -10.26
CA GLY A 94 -6.12 -11.77 -11.09
C GLY A 94 -6.10 -11.18 -12.48
N ALA A 95 -5.24 -10.17 -12.68
CA ALA A 95 -5.13 -9.52 -13.98
C ALA A 95 -3.84 -9.92 -14.69
N GLY A 96 -2.91 -10.50 -13.93
CA GLY A 96 -1.65 -10.93 -14.50
C GLY A 96 -0.68 -9.79 -14.69
N GLN A 97 -1.16 -8.56 -14.49
CA GLN A 97 -0.32 -7.37 -14.65
C GLN A 97 -0.57 -6.39 -13.51
N PRO A 98 0.47 -5.60 -13.18
CA PRO A 98 0.38 -4.59 -12.11
C PRO A 98 -0.52 -3.42 -12.48
N VAL A 99 -1.69 -3.36 -11.84
CA VAL A 99 -2.64 -2.29 -12.12
C VAL A 99 -2.17 -0.97 -11.52
N PRO A 100 -2.58 0.14 -12.15
CA PRO A 100 -2.21 1.49 -11.69
C PRO A 100 -2.86 1.86 -10.37
N VAL A 101 -2.06 2.36 -9.43
CA VAL A 101 -2.58 2.75 -8.13
C VAL A 101 -3.94 3.42 -8.25
N GLU A 102 -4.73 3.34 -7.18
CA GLU A 102 -6.06 3.93 -7.17
C GLU A 102 -6.31 4.68 -5.86
N CYS A 103 -7.26 5.61 -5.88
CA CYS A 103 -7.60 6.39 -4.70
C CYS A 103 -7.83 5.49 -3.50
N ARG A 104 -8.34 4.29 -3.75
CA ARG A 104 -8.61 3.33 -2.68
C ARG A 104 -7.32 2.70 -2.18
N HIS A 105 -6.44 2.33 -3.11
CA HIS A 105 -5.17 1.72 -2.76
C HIS A 105 -4.34 2.65 -1.89
N ARG A 106 -4.20 3.90 -2.32
CA ARG A 106 -3.43 4.89 -1.58
C ARG A 106 -3.73 4.82 -0.10
N LEU A 107 -2.69 4.63 0.71
CA LEU A 107 -2.85 4.54 2.16
C LEU A 107 -2.29 5.79 2.85
N GLU A 108 -2.94 6.92 2.63
CA GLU A 108 -2.51 8.18 3.22
C GLU A 108 -3.63 8.81 4.04
N VAL A 109 -3.28 9.78 4.87
CA VAL A 109 -4.25 10.47 5.70
C VAL A 109 -4.05 11.99 5.66
N ALA A 110 -4.99 12.73 6.23
CA ALA A 110 -4.91 14.18 6.25
C ALA A 110 -6.06 14.78 7.06
N GLY A 111 -5.72 15.39 8.19
CA GLY A 111 -6.73 16.00 9.05
C GLY A 111 -7.49 14.97 9.86
N PRO A 112 -6.78 14.29 10.77
CA PRO A 112 -7.37 13.26 11.64
C PRO A 112 -8.33 13.86 12.67
N ARG A 113 -9.41 13.15 12.95
CA ARG A 113 -10.39 13.60 13.92
C ARG A 113 -9.84 13.50 15.35
N LYS A 114 -9.66 14.65 15.99
CA LYS A 114 -9.14 14.69 17.35
C LYS A 114 -9.81 15.80 18.15
N GLY A 115 -9.84 15.65 19.48
CA GLY A 115 -10.45 16.64 20.33
C GLY A 115 -11.91 16.33 20.63
N PRO A 116 -12.62 17.31 21.21
CA PRO A 116 -14.04 17.17 21.55
C PRO A 116 -14.93 17.10 20.32
N LEU A 117 -16.21 16.81 20.53
CA LEU A 117 -17.17 16.72 19.44
C LEU A 117 -18.17 17.87 19.50
N SER A 118 -18.61 18.32 18.33
CA SER A 118 -19.57 19.42 18.24
C SER A 118 -20.82 19.00 17.49
N PRO A 119 -21.69 18.24 18.17
CA PRO A 119 -22.94 17.75 17.59
C PRO A 119 -23.95 18.87 17.35
N ALA A 120 -23.90 19.46 16.16
CA ALA A 120 -24.81 20.54 15.82
C ALA A 120 -25.34 20.39 14.40
N TRP A 121 -26.62 20.03 14.28
CA TRP A 121 -27.24 19.84 12.97
C TRP A 121 -28.18 21.00 12.64
N MET A 122 -28.74 20.98 11.44
CA MET A 122 -29.66 22.04 11.00
C MET A 122 -31.02 21.45 10.66
N PRO A 123 -32.09 22.18 11.03
CA PRO A 123 -33.46 21.76 10.76
C PRO A 123 -33.81 21.82 9.28
N ALA A 124 -35.08 21.56 8.96
CA ALA A 124 -35.54 21.59 7.58
C ALA A 124 -36.25 22.90 7.27
N TYR A 125 -36.38 23.75 8.27
CA TYR A 125 -37.05 25.05 8.11
C TYR A 125 -36.05 26.20 8.31
N ALA A 126 -34.88 26.07 7.70
CA ALA A 126 -33.85 27.10 7.82
C ALA A 126 -33.47 27.64 6.44
N CYS A 127 -34.47 27.79 5.57
CA CYS A 127 -34.24 28.30 4.23
C CYS A 127 -34.54 29.79 4.15
N SER A 128 -33.49 30.61 4.27
CA SER A 128 -33.64 32.05 4.22
C SER A 128 -33.68 32.56 2.79
N GLY A 129 -34.31 33.71 2.58
CA GLY A 129 -34.40 34.26 1.24
C GLY A 129 -35.70 35.01 1.01
N PRO A 130 -35.68 35.98 0.08
CA PRO A 130 -36.86 36.78 -0.26
C PRO A 130 -37.92 35.97 -0.97
N SER A 131 -39.12 35.92 -0.39
CA SER A 131 -40.23 35.18 -0.98
C SER A 131 -41.24 36.12 -1.62
N SER A 132 -42.03 35.60 -2.55
CA SER A 132 -43.02 36.39 -3.25
C SER A 132 -44.30 35.58 -3.49
N GLY A 133 -45.33 36.25 -4.00
CA GLY A 133 -46.59 35.57 -4.25
C GLY A 133 -47.23 35.02 -3.01
N GLY A 1 10.03 -15.57 -29.27
CA GLY A 1 9.19 -16.67 -29.69
C GLY A 1 7.98 -16.85 -28.79
N SER A 2 7.14 -17.82 -29.13
CA SER A 2 5.94 -18.09 -28.35
C SER A 2 6.16 -19.23 -27.36
N SER A 3 6.64 -18.88 -26.17
CA SER A 3 6.91 -19.87 -25.14
C SER A 3 6.93 -19.23 -23.76
N GLY A 4 6.61 -20.02 -22.74
CA GLY A 4 6.60 -19.51 -21.37
C GLY A 4 7.97 -19.58 -20.71
N SER A 5 9.00 -19.20 -21.46
CA SER A 5 10.36 -19.22 -20.93
C SER A 5 10.95 -17.82 -20.90
N SER A 6 11.43 -17.42 -19.71
CA SER A 6 12.03 -16.10 -19.54
C SER A 6 12.63 -15.96 -18.15
N GLY A 7 13.87 -15.50 -18.09
CA GLY A 7 14.55 -15.33 -16.83
C GLY A 7 14.03 -14.14 -16.05
N SER A 8 14.43 -12.94 -16.46
CA SER A 8 14.01 -11.71 -15.79
C SER A 8 12.49 -11.66 -15.67
N THR A 9 12.00 -11.17 -14.55
CA THR A 9 10.57 -11.06 -14.30
C THR A 9 9.88 -10.28 -15.41
N ARG A 10 8.59 -10.51 -15.58
CA ARG A 10 7.82 -9.81 -16.62
C ARG A 10 7.90 -8.30 -16.44
N PHE A 11 7.78 -7.85 -15.19
CA PHE A 11 7.85 -6.43 -14.88
C PHE A 11 8.87 -6.15 -13.79
N PRO A 12 10.14 -5.96 -14.20
CA PRO A 12 11.24 -5.69 -13.28
C PRO A 12 11.13 -4.31 -12.65
N GLY A 13 10.74 -3.32 -13.44
CA GLY A 13 10.60 -1.96 -12.94
C GLY A 13 9.70 -1.88 -11.74
N VAL A 14 8.72 -2.79 -11.66
CA VAL A 14 7.79 -2.81 -10.55
C VAL A 14 8.23 -3.79 -9.47
N ALA A 15 8.64 -3.26 -8.32
CA ALA A 15 9.10 -4.09 -7.21
C ALA A 15 8.13 -3.99 -6.03
N ILE A 16 7.46 -5.10 -5.73
CA ILE A 16 6.51 -5.14 -4.63
C ILE A 16 7.13 -5.80 -3.40
N TYR A 17 6.91 -5.20 -2.24
CA TYR A 17 7.45 -5.73 -0.99
C TYR A 17 6.35 -5.86 0.05
N LEU A 18 6.26 -7.03 0.67
CA LEU A 18 5.26 -7.28 1.69
C LEU A 18 5.83 -7.06 3.09
N VAL A 19 4.95 -6.97 4.08
CA VAL A 19 5.36 -6.75 5.46
C VAL A 19 5.52 -8.07 6.20
N GLU A 20 6.11 -8.01 7.39
CA GLU A 20 6.32 -9.21 8.20
C GLU A 20 5.21 -9.38 9.22
N PRO A 21 5.20 -8.49 10.23
CA PRO A 21 4.19 -8.52 11.30
C PRO A 21 2.80 -8.13 10.80
N ARG A 22 2.72 -6.96 10.17
CA ARG A 22 1.46 -6.45 9.64
C ARG A 22 0.60 -7.59 9.12
N MET A 23 1.18 -8.40 8.23
CA MET A 23 0.46 -9.54 7.66
C MET A 23 0.82 -10.83 8.37
N GLY A 24 2.06 -11.29 8.17
CA GLY A 24 2.51 -12.51 8.80
C GLY A 24 3.62 -13.19 8.02
N ARG A 25 4.67 -13.61 8.73
CA ARG A 25 5.80 -14.27 8.10
C ARG A 25 5.32 -15.35 7.13
N SER A 26 4.43 -16.21 7.60
CA SER A 26 3.89 -17.29 6.78
C SER A 26 2.99 -16.74 5.68
N ARG A 27 2.00 -15.95 6.07
CA ARG A 27 1.07 -15.36 5.11
C ARG A 27 1.81 -14.80 3.91
N ARG A 28 2.96 -14.19 4.16
CA ARG A 28 3.76 -13.60 3.10
C ARG A 28 4.20 -14.67 2.08
N ALA A 29 5.05 -15.59 2.53
CA ALA A 29 5.53 -16.66 1.67
C ALA A 29 4.44 -17.13 0.71
N PHE A 30 3.21 -17.19 1.21
CA PHE A 30 2.09 -17.63 0.40
C PHE A 30 1.98 -16.80 -0.88
N LEU A 31 1.93 -15.48 -0.73
CA LEU A 31 1.84 -14.58 -1.86
C LEU A 31 3.18 -14.45 -2.57
N THR A 32 4.24 -14.26 -1.78
CA THR A 32 5.58 -14.12 -2.34
C THR A 32 5.76 -14.98 -3.58
N GLY A 33 5.31 -16.23 -3.50
CA GLY A 33 5.43 -17.13 -4.63
C GLY A 33 4.34 -16.92 -5.66
N LEU A 34 3.15 -16.55 -5.19
CA LEU A 34 2.03 -16.31 -6.08
C LEU A 34 2.34 -15.19 -7.07
N ALA A 35 2.66 -14.02 -6.54
CA ALA A 35 2.98 -12.86 -7.38
C ALA A 35 4.09 -13.19 -8.37
N ARG A 36 5.17 -13.79 -7.86
CA ARG A 36 6.30 -14.16 -8.70
C ARG A 36 5.84 -14.97 -9.91
N SER A 37 4.95 -15.92 -9.66
CA SER A 37 4.43 -16.77 -10.74
C SER A 37 3.67 -15.95 -11.77
N LYS A 38 3.18 -14.79 -11.35
CA LYS A 38 2.44 -13.91 -12.24
C LYS A 38 3.39 -13.05 -13.06
N GLY A 39 4.29 -12.35 -12.38
CA GLY A 39 5.25 -11.50 -13.06
C GLY A 39 5.66 -10.29 -12.23
N PHE A 40 5.72 -10.50 -10.91
CA PHE A 40 6.10 -9.41 -10.00
C PHE A 40 7.27 -9.83 -9.13
N ARG A 41 8.35 -9.04 -9.16
CA ARG A 41 9.53 -9.33 -8.37
C ARG A 41 9.29 -9.03 -6.89
N VAL A 42 9.29 -10.07 -6.07
CA VAL A 42 9.07 -9.92 -4.63
C VAL A 42 10.39 -9.79 -3.89
N LEU A 43 10.51 -8.73 -3.10
CA LEU A 43 11.73 -8.49 -2.34
C LEU A 43 11.66 -9.18 -0.97
N ASP A 44 12.70 -9.93 -0.64
CA ASP A 44 12.75 -10.63 0.64
C ASP A 44 12.96 -9.67 1.79
N ALA A 45 14.02 -8.87 1.71
CA ALA A 45 14.33 -7.89 2.74
C ALA A 45 14.12 -6.47 2.24
N CYS A 46 13.67 -5.58 3.12
CA CYS A 46 13.43 -4.20 2.76
C CYS A 46 14.62 -3.61 2.00
N SER A 47 14.35 -2.99 0.86
CA SER A 47 15.40 -2.40 0.05
C SER A 47 14.87 -1.23 -0.77
N SER A 48 15.77 -0.43 -1.31
CA SER A 48 15.39 0.72 -2.12
C SER A 48 14.43 0.32 -3.23
N GLU A 49 14.79 -0.73 -3.97
CA GLU A 49 13.95 -1.22 -5.05
C GLU A 49 12.47 -1.08 -4.71
N ALA A 50 12.11 -1.47 -3.49
CA ALA A 50 10.73 -1.39 -3.04
C ALA A 50 10.03 -0.16 -3.62
N THR A 51 9.14 -0.38 -4.57
CA THR A 51 8.41 0.71 -5.21
C THR A 51 6.96 0.74 -4.75
N HIS A 52 6.43 -0.44 -4.39
CA HIS A 52 5.05 -0.53 -3.93
C HIS A 52 4.97 -1.42 -2.68
N VAL A 53 4.29 -0.91 -1.65
CA VAL A 53 4.14 -1.65 -0.41
C VAL A 53 2.68 -2.07 -0.19
N VAL A 54 2.48 -3.35 0.06
CA VAL A 54 1.13 -3.88 0.29
C VAL A 54 0.89 -4.15 1.77
N MET A 55 -0.32 -3.83 2.24
CA MET A 55 -0.68 -4.04 3.63
C MET A 55 -2.13 -4.49 3.76
N GLU A 56 -2.43 -5.19 4.84
CA GLU A 56 -3.79 -5.68 5.07
C GLU A 56 -4.32 -5.20 6.42
N GLU A 57 -5.63 -5.05 6.51
CA GLU A 57 -6.27 -4.59 7.74
C GLU A 57 -5.50 -3.41 8.34
N THR A 58 -4.96 -2.57 7.48
CA THR A 58 -4.19 -1.40 7.93
C THR A 58 -4.95 -0.11 7.62
N SER A 59 -4.89 0.84 8.55
CA SER A 59 -5.56 2.12 8.39
C SER A 59 -4.75 3.04 7.48
N ALA A 60 -5.40 4.10 6.99
CA ALA A 60 -4.74 5.06 6.11
C ALA A 60 -3.57 5.73 6.81
N GLU A 61 -3.73 5.98 8.10
CA GLU A 61 -2.69 6.63 8.89
C GLU A 61 -1.68 5.61 9.41
N GLU A 62 -2.17 4.39 9.66
CA GLU A 62 -1.32 3.32 10.16
C GLU A 62 -0.14 3.07 9.22
N ALA A 63 -0.42 3.09 7.92
CA ALA A 63 0.61 2.86 6.92
C ALA A 63 1.72 3.91 7.02
N VAL A 64 1.33 5.17 7.03
CA VAL A 64 2.28 6.27 7.13
C VAL A 64 3.21 6.08 8.31
N SER A 65 2.71 5.46 9.37
CA SER A 65 3.49 5.22 10.57
C SER A 65 4.44 4.03 10.38
N TRP A 66 4.04 3.11 9.51
CA TRP A 66 4.86 1.93 9.25
C TRP A 66 5.96 2.25 8.24
N GLN A 67 5.75 3.30 7.45
CA GLN A 67 6.73 3.72 6.45
C GLN A 67 7.76 4.65 7.07
N GLU A 68 7.33 5.44 8.04
CA GLU A 68 8.23 6.38 8.71
C GLU A 68 9.52 5.70 9.13
N ARG A 69 9.40 4.50 9.68
CA ARG A 69 10.57 3.74 10.13
C ARG A 69 11.55 3.53 8.99
N ARG A 70 11.04 3.46 7.77
CA ARG A 70 11.88 3.27 6.59
C ARG A 70 12.82 4.45 6.40
N MET A 71 12.27 5.59 6.01
CA MET A 71 13.08 6.79 5.79
C MET A 71 14.05 7.01 6.94
N ALA A 72 13.70 6.48 8.11
CA ALA A 72 14.55 6.61 9.29
C ALA A 72 15.88 5.90 9.09
N ALA A 73 15.84 4.73 8.47
CA ALA A 73 17.03 3.95 8.21
C ALA A 73 17.30 3.82 6.71
N ALA A 74 16.55 4.56 5.92
CA ALA A 74 16.71 4.54 4.47
C ALA A 74 17.79 5.52 4.02
N PRO A 75 18.37 5.27 2.83
CA PRO A 75 19.42 6.12 2.26
C PRO A 75 18.88 7.47 1.82
N PRO A 76 19.74 8.50 1.91
CA PRO A 76 19.38 9.87 1.52
C PRO A 76 19.21 10.02 0.01
N GLY A 77 18.04 10.50 -0.41
CA GLY A 77 17.77 10.68 -1.82
C GLY A 77 16.74 9.69 -2.35
N CYS A 78 16.81 8.45 -1.86
CA CYS A 78 15.88 7.42 -2.30
C CYS A 78 14.44 7.81 -1.97
N THR A 79 13.56 7.69 -2.97
CA THR A 79 12.16 8.03 -2.79
C THR A 79 11.40 6.90 -2.09
N PRO A 80 10.51 7.27 -1.16
CA PRO A 80 9.70 6.30 -0.41
C PRO A 80 8.66 5.63 -1.29
N PRO A 81 8.43 4.33 -1.04
CA PRO A 81 7.46 3.54 -1.80
C PRO A 81 6.01 3.95 -1.48
N ALA A 82 5.09 3.51 -2.33
CA ALA A 82 3.67 3.83 -2.15
C ALA A 82 2.99 2.77 -1.29
N LEU A 83 2.30 3.23 -0.24
CA LEU A 83 1.60 2.32 0.67
C LEU A 83 0.22 1.97 0.12
N LEU A 84 0.14 0.85 -0.59
CA LEU A 84 -1.13 0.39 -1.16
C LEU A 84 -1.76 -0.68 -0.30
N ASP A 85 -3.00 -1.05 -0.62
CA ASP A 85 -3.72 -2.08 0.12
C ASP A 85 -3.79 -3.37 -0.67
N ILE A 86 -3.89 -4.49 0.04
CA ILE A 86 -3.96 -5.80 -0.59
C ILE A 86 -4.97 -5.80 -1.74
N SER A 87 -5.94 -4.90 -1.66
CA SER A 87 -6.97 -4.80 -2.68
C SER A 87 -6.35 -4.64 -4.08
N TRP A 88 -5.22 -3.95 -4.13
CA TRP A 88 -4.52 -3.72 -5.39
C TRP A 88 -3.77 -4.99 -5.83
N LEU A 89 -3.14 -5.65 -4.87
CA LEU A 89 -2.39 -6.87 -5.15
C LEU A 89 -3.28 -7.92 -5.79
N THR A 90 -4.30 -8.34 -5.05
CA THR A 90 -5.24 -9.35 -5.54
C THR A 90 -5.64 -9.08 -6.98
N GLU A 91 -6.14 -7.87 -7.23
CA GLU A 91 -6.56 -7.49 -8.57
C GLU A 91 -5.47 -7.78 -9.59
N SER A 92 -4.25 -7.35 -9.29
CA SER A 92 -3.12 -7.57 -10.18
C SER A 92 -2.92 -9.06 -10.45
N LEU A 93 -3.06 -9.88 -9.41
CA LEU A 93 -2.91 -11.31 -9.54
C LEU A 93 -3.98 -11.92 -10.43
N GLY A 94 -5.21 -11.43 -10.26
CA GLY A 94 -6.32 -11.93 -11.06
C GLY A 94 -6.30 -11.38 -12.47
N ALA A 95 -5.44 -10.40 -12.72
CA ALA A 95 -5.33 -9.79 -14.03
C ALA A 95 -4.03 -10.21 -14.73
N GLY A 96 -3.11 -10.77 -13.95
CA GLY A 96 -1.85 -11.21 -14.50
C GLY A 96 -0.90 -10.06 -14.78
N GLN A 97 -1.42 -8.84 -14.67
CA GLN A 97 -0.61 -7.65 -14.91
C GLN A 97 -0.82 -6.62 -13.81
N PRO A 98 0.20 -5.79 -13.57
CA PRO A 98 0.15 -4.74 -12.54
C PRO A 98 -0.81 -3.61 -12.92
N VAL A 99 -1.94 -3.55 -12.23
CA VAL A 99 -2.95 -2.52 -12.49
C VAL A 99 -2.46 -1.16 -12.02
N PRO A 100 -2.97 -0.09 -12.64
CA PRO A 100 -2.61 1.28 -12.30
C PRO A 100 -3.16 1.71 -10.94
N VAL A 101 -2.38 1.48 -9.89
CA VAL A 101 -2.79 1.84 -8.54
C VAL A 101 -3.56 3.16 -8.53
N GLU A 102 -4.68 3.17 -7.82
CA GLU A 102 -5.51 4.38 -7.73
C GLU A 102 -5.32 5.06 -6.38
N CYS A 103 -5.88 6.25 -6.25
CA CYS A 103 -5.77 7.01 -5.00
C CYS A 103 -6.34 6.22 -3.83
N ARG A 104 -7.44 5.52 -4.08
CA ARG A 104 -8.08 4.73 -3.04
C ARG A 104 -7.12 3.67 -2.49
N HIS A 105 -6.35 3.06 -3.38
CA HIS A 105 -5.39 2.04 -2.99
C HIS A 105 -4.34 2.61 -2.06
N ARG A 106 -3.93 3.84 -2.33
CA ARG A 106 -2.92 4.51 -1.51
C ARG A 106 -3.40 4.68 -0.08
N LEU A 107 -2.48 4.56 0.86
CA LEU A 107 -2.81 4.70 2.29
C LEU A 107 -2.14 5.93 2.89
N GLU A 108 -2.92 6.99 3.07
CA GLU A 108 -2.40 8.23 3.64
C GLU A 108 -3.48 8.95 4.44
N VAL A 109 -3.05 9.76 5.40
CA VAL A 109 -3.97 10.51 6.24
C VAL A 109 -3.69 12.01 6.18
N ALA A 110 -4.62 12.81 6.69
CA ALA A 110 -4.46 14.25 6.69
C ALA A 110 -5.58 14.92 7.49
N GLY A 111 -5.22 15.49 8.64
CA GLY A 111 -6.20 16.14 9.48
C GLY A 111 -7.16 15.17 10.14
N PRO A 112 -6.61 14.33 11.04
CA PRO A 112 -7.41 13.33 11.77
C PRO A 112 -8.36 13.96 12.78
N ARG A 113 -9.65 13.66 12.63
CA ARG A 113 -10.65 14.21 13.54
C ARG A 113 -10.19 14.11 14.99
N LYS A 114 -10.21 15.25 15.69
CA LYS A 114 -9.80 15.31 17.08
C LYS A 114 -10.98 15.62 17.99
N GLY A 115 -12.19 15.34 17.50
CA GLY A 115 -13.38 15.60 18.28
C GLY A 115 -13.79 17.06 18.25
N PRO A 116 -14.38 17.49 17.12
CA PRO A 116 -14.83 18.87 16.94
C PRO A 116 -16.04 19.21 17.82
N LEU A 117 -16.51 20.44 17.70
CA LEU A 117 -17.65 20.90 18.49
C LEU A 117 -18.74 21.47 17.59
N SER A 118 -19.98 21.47 18.09
CA SER A 118 -21.12 21.99 17.32
C SER A 118 -20.96 23.49 17.08
N PRO A 119 -20.97 23.88 15.79
CA PRO A 119 -20.84 25.27 15.39
C PRO A 119 -22.08 26.10 15.75
N ALA A 120 -23.25 25.57 15.42
CA ALA A 120 -24.50 26.26 15.71
C ALA A 120 -24.61 27.55 14.92
N TRP A 121 -23.94 27.60 13.76
CA TRP A 121 -23.97 28.79 12.92
C TRP A 121 -24.83 28.54 11.67
N MET A 122 -24.94 29.56 10.84
CA MET A 122 -25.73 29.46 9.61
C MET A 122 -24.86 29.70 8.38
N PRO A 123 -25.13 28.94 7.31
CA PRO A 123 -24.38 29.06 6.05
C PRO A 123 -24.69 30.36 5.33
N ALA A 124 -24.04 30.56 4.18
CA ALA A 124 -24.24 31.77 3.38
C ALA A 124 -25.64 31.80 2.79
N TYR A 125 -26.16 30.62 2.46
CA TYR A 125 -27.50 30.51 1.87
C TYR A 125 -28.55 30.37 2.96
N ALA A 126 -28.25 30.88 4.15
CA ALA A 126 -29.17 30.81 5.27
C ALA A 126 -29.96 32.11 5.41
N CYS A 127 -30.43 32.63 4.29
CA CYS A 127 -31.21 33.87 4.28
C CYS A 127 -31.86 34.10 2.93
N SER A 128 -32.78 35.05 2.88
CA SER A 128 -33.49 35.36 1.64
C SER A 128 -34.06 36.79 1.69
N GLY A 129 -34.52 37.28 0.54
CA GLY A 129 -35.08 38.61 0.46
C GLY A 129 -35.93 38.81 -0.77
N PRO A 130 -37.02 39.58 -0.63
CA PRO A 130 -37.94 39.87 -1.73
C PRO A 130 -37.33 40.78 -2.78
N SER A 131 -37.49 40.41 -4.04
CA SER A 131 -36.94 41.20 -5.14
C SER A 131 -37.88 41.17 -6.34
N SER A 132 -38.40 42.33 -6.70
CA SER A 132 -39.32 42.44 -7.84
C SER A 132 -38.99 43.67 -8.68
N GLY A 133 -39.38 43.63 -9.95
CA GLY A 133 -39.12 44.75 -10.84
C GLY A 133 -39.96 44.68 -12.11
N GLY A 1 17.33 -6.19 -34.74
CA GLY A 1 17.79 -4.81 -34.70
C GLY A 1 17.80 -4.24 -33.30
N SER A 2 16.98 -3.22 -33.07
CA SER A 2 16.91 -2.58 -31.77
C SER A 2 16.61 -3.61 -30.68
N SER A 3 16.59 -3.15 -29.43
CA SER A 3 16.33 -4.03 -28.29
C SER A 3 14.83 -4.18 -28.05
N GLY A 4 14.46 -5.14 -27.21
CA GLY A 4 13.06 -5.37 -26.91
C GLY A 4 12.87 -6.17 -25.64
N SER A 5 11.89 -7.07 -25.65
CA SER A 5 11.60 -7.89 -24.49
C SER A 5 12.84 -8.66 -24.04
N SER A 6 12.70 -9.41 -22.96
CA SER A 6 13.81 -10.18 -22.41
C SER A 6 13.32 -11.24 -21.44
N GLY A 7 14.24 -12.04 -20.91
CA GLY A 7 13.88 -13.09 -19.97
C GLY A 7 13.53 -12.53 -18.60
N SER A 8 14.30 -11.53 -18.16
CA SER A 8 14.06 -10.92 -16.85
C SER A 8 12.57 -10.81 -16.56
N THR A 9 12.24 -10.72 -15.28
CA THR A 9 10.84 -10.61 -14.86
C THR A 9 10.02 -9.81 -15.87
N ARG A 10 8.76 -10.18 -16.02
CA ARG A 10 7.87 -9.50 -16.96
C ARG A 10 7.87 -8.00 -16.69
N PHE A 11 7.77 -7.62 -15.43
CA PHE A 11 7.76 -6.21 -15.05
C PHE A 11 8.77 -5.92 -13.95
N PRO A 12 10.03 -5.70 -14.35
CA PRO A 12 11.11 -5.42 -13.40
C PRO A 12 10.97 -4.05 -12.74
N GLY A 13 10.72 -3.03 -13.56
CA GLY A 13 10.56 -1.68 -13.03
C GLY A 13 9.67 -1.64 -11.80
N VAL A 14 8.70 -2.54 -11.75
CA VAL A 14 7.78 -2.60 -10.62
C VAL A 14 8.19 -3.67 -9.63
N ALA A 15 8.65 -3.24 -8.46
CA ALA A 15 9.08 -4.17 -7.42
C ALA A 15 8.17 -4.10 -6.20
N ILE A 16 7.39 -5.16 -5.98
CA ILE A 16 6.48 -5.21 -4.85
C ILE A 16 7.15 -5.79 -3.61
N TYR A 17 6.95 -5.15 -2.47
CA TYR A 17 7.55 -5.61 -1.23
C TYR A 17 6.46 -5.92 -0.19
N LEU A 18 6.49 -7.14 0.34
CA LEU A 18 5.52 -7.57 1.34
C LEU A 18 5.96 -7.15 2.73
N VAL A 19 5.05 -6.53 3.49
CA VAL A 19 5.35 -6.09 4.84
C VAL A 19 5.10 -7.21 5.85
N GLU A 20 6.16 -7.85 6.31
CA GLU A 20 6.06 -8.94 7.27
C GLU A 20 4.96 -8.64 8.29
N PRO A 21 5.12 -7.54 9.03
CA PRO A 21 4.15 -7.13 10.06
C PRO A 21 2.83 -6.65 9.45
N ARG A 22 1.73 -6.94 10.14
CA ARG A 22 0.41 -6.55 9.67
C ARG A 22 0.11 -7.18 8.31
N MET A 23 0.46 -8.45 8.16
CA MET A 23 0.22 -9.17 6.92
C MET A 23 -0.44 -10.52 7.18
N GLY A 24 0.30 -11.43 7.82
CA GLY A 24 -0.24 -12.74 8.11
C GLY A 24 0.85 -13.78 8.28
N ARG A 25 0.46 -14.97 8.73
CA ARG A 25 1.42 -16.05 8.93
C ARG A 25 1.73 -16.75 7.61
N SER A 26 0.69 -17.26 6.95
CA SER A 26 0.86 -17.96 5.68
C SER A 26 0.75 -16.99 4.51
N ARG A 27 -0.24 -16.09 4.58
CA ARG A 27 -0.45 -15.11 3.53
C ARG A 27 0.87 -14.58 3.00
N ARG A 28 1.68 -14.01 3.89
CA ARG A 28 2.97 -13.47 3.51
C ARG A 28 3.64 -14.32 2.45
N ALA A 29 3.97 -15.56 2.81
CA ALA A 29 4.61 -16.48 1.88
C ALA A 29 3.70 -16.77 0.69
N PHE A 30 2.48 -17.22 0.97
CA PHE A 30 1.53 -17.54 -0.09
C PHE A 30 1.60 -16.50 -1.21
N LEU A 31 1.67 -15.23 -0.84
CA LEU A 31 1.74 -14.15 -1.82
C LEU A 31 3.13 -14.10 -2.47
N THR A 32 4.17 -14.21 -1.65
CA THR A 32 5.53 -14.19 -2.15
C THR A 32 5.67 -14.98 -3.44
N GLY A 33 5.37 -16.27 -3.37
CA GLY A 33 5.47 -17.12 -4.54
C GLY A 33 4.47 -16.75 -5.61
N LEU A 34 3.26 -16.40 -5.19
CA LEU A 34 2.20 -16.02 -6.11
C LEU A 34 2.67 -14.91 -7.06
N ALA A 35 3.06 -13.78 -6.48
CA ALA A 35 3.54 -12.65 -7.26
C ALA A 35 4.54 -13.10 -8.32
N ARG A 36 5.73 -13.49 -7.87
CA ARG A 36 6.79 -13.94 -8.79
C ARG A 36 6.21 -14.87 -9.86
N SER A 37 5.31 -15.75 -9.45
CA SER A 37 4.69 -16.69 -10.38
C SER A 37 3.82 -15.96 -11.39
N LYS A 38 3.10 -14.95 -10.93
CA LYS A 38 2.23 -14.16 -11.80
C LYS A 38 3.05 -13.31 -12.76
N GLY A 39 4.12 -12.71 -12.25
CA GLY A 39 4.96 -11.87 -13.08
C GLY A 39 5.44 -10.62 -12.35
N PHE A 40 5.60 -10.73 -11.04
CA PHE A 40 6.04 -9.60 -10.23
C PHE A 40 7.27 -9.97 -9.40
N ARG A 41 8.33 -9.17 -9.53
CA ARG A 41 9.56 -9.42 -8.79
C ARG A 41 9.34 -9.25 -7.29
N VAL A 42 9.44 -10.36 -6.55
CA VAL A 42 9.26 -10.33 -5.11
C VAL A 42 10.58 -10.10 -4.39
N LEU A 43 10.64 -9.01 -3.63
CA LEU A 43 11.85 -8.67 -2.88
C LEU A 43 11.80 -9.23 -1.47
N ASP A 44 12.96 -9.65 -0.97
CA ASP A 44 13.03 -10.21 0.37
C ASP A 44 13.45 -9.15 1.38
N ALA A 45 14.27 -8.21 0.95
CA ALA A 45 14.74 -7.14 1.81
C ALA A 45 14.78 -5.81 1.06
N CYS A 46 14.75 -4.71 1.81
CA CYS A 46 14.77 -3.37 1.22
C CYS A 46 16.09 -3.14 0.48
N SER A 47 16.03 -3.09 -0.83
CA SER A 47 17.22 -2.87 -1.66
C SER A 47 17.00 -1.74 -2.64
N SER A 48 16.39 -0.65 -2.16
CA SER A 48 16.12 0.50 -3.01
C SER A 48 15.32 0.10 -4.23
N GLU A 49 14.52 -0.95 -4.10
CA GLU A 49 13.71 -1.44 -5.21
C GLU A 49 12.23 -1.34 -4.87
N ALA A 50 11.89 -1.58 -3.61
CA ALA A 50 10.50 -1.52 -3.17
C ALA A 50 9.81 -0.27 -3.71
N THR A 51 8.92 -0.47 -4.67
CA THR A 51 8.20 0.65 -5.27
C THR A 51 6.75 0.66 -4.81
N HIS A 52 6.19 -0.53 -4.58
CA HIS A 52 4.80 -0.65 -4.14
C HIS A 52 4.70 -1.58 -2.93
N VAL A 53 4.27 -1.03 -1.80
CA VAL A 53 4.12 -1.81 -0.58
C VAL A 53 2.69 -2.33 -0.43
N VAL A 54 2.57 -3.58 0.00
CA VAL A 54 1.25 -4.19 0.20
C VAL A 54 0.98 -4.44 1.67
N MET A 55 -0.23 -4.08 2.11
CA MET A 55 -0.62 -4.27 3.50
C MET A 55 -2.07 -4.72 3.61
N GLU A 56 -2.35 -5.56 4.60
CA GLU A 56 -3.71 -6.07 4.80
C GLU A 56 -4.31 -5.52 6.10
N GLU A 57 -5.61 -5.27 6.08
CA GLU A 57 -6.30 -4.75 7.25
C GLU A 57 -5.50 -3.62 7.90
N THR A 58 -5.11 -2.64 7.09
CA THR A 58 -4.33 -1.52 7.58
C THR A 58 -5.06 -0.20 7.33
N SER A 59 -4.91 0.74 8.26
CA SER A 59 -5.56 2.04 8.13
C SER A 59 -4.73 2.98 7.25
N ALA A 60 -5.40 3.97 6.67
CA ALA A 60 -4.73 4.93 5.81
C ALA A 60 -3.53 5.55 6.50
N GLU A 61 -3.73 6.02 7.73
CA GLU A 61 -2.66 6.64 8.49
C GLU A 61 -1.70 5.58 9.04
N GLU A 62 -2.26 4.48 9.53
CA GLU A 62 -1.44 3.40 10.06
C GLU A 62 -0.22 3.15 9.19
N ALA A 63 -0.46 2.81 7.93
CA ALA A 63 0.62 2.54 6.99
C ALA A 63 1.74 3.57 7.12
N VAL A 64 1.40 4.84 6.89
CA VAL A 64 2.37 5.92 6.99
C VAL A 64 3.31 5.70 8.17
N SER A 65 2.75 5.34 9.32
CA SER A 65 3.53 5.11 10.53
C SER A 65 4.69 4.16 10.25
N TRP A 66 4.37 3.00 9.68
CA TRP A 66 5.39 2.00 9.37
C TRP A 66 6.33 2.52 8.28
N GLN A 67 5.79 3.31 7.35
CA GLN A 67 6.59 3.87 6.26
C GLN A 67 7.75 4.69 6.80
N GLU A 68 7.43 5.68 7.64
CA GLU A 68 8.44 6.55 8.22
C GLU A 68 9.60 5.72 8.79
N ARG A 69 9.26 4.73 9.60
CA ARG A 69 10.26 3.87 10.22
C ARG A 69 11.44 3.65 9.28
N ARG A 70 11.13 3.35 8.01
CA ARG A 70 12.17 3.12 7.02
C ARG A 70 13.06 4.35 6.85
N MET A 71 12.45 5.45 6.41
CA MET A 71 13.19 6.69 6.21
C MET A 71 14.20 6.91 7.33
N ALA A 72 13.89 6.39 8.52
CA ALA A 72 14.78 6.53 9.67
C ALA A 72 15.94 5.56 9.58
N ALA A 73 15.64 4.29 9.37
CA ALA A 73 16.66 3.25 9.25
C ALA A 73 16.95 2.91 7.79
N ALA A 74 16.80 3.90 6.92
CA ALA A 74 17.05 3.71 5.51
C ALA A 74 18.24 4.54 5.04
N PRO A 75 18.91 4.06 3.98
CA PRO A 75 20.08 4.74 3.41
C PRO A 75 19.72 6.04 2.71
N PRO A 76 20.73 6.84 2.38
CA PRO A 76 20.54 8.13 1.70
C PRO A 76 20.09 7.96 0.26
N GLY A 77 19.13 8.77 -0.17
CA GLY A 77 18.62 8.69 -1.53
C GLY A 77 17.36 7.87 -1.63
N CYS A 78 17.32 6.75 -0.92
CA CYS A 78 16.16 5.87 -0.93
C CYS A 78 14.88 6.65 -0.64
N THR A 79 13.92 6.57 -1.55
CA THR A 79 12.65 7.27 -1.40
C THR A 79 11.57 6.33 -0.88
N PRO A 80 10.57 6.91 -0.20
CA PRO A 80 9.44 6.14 0.35
C PRO A 80 8.52 5.59 -0.73
N PRO A 81 8.30 4.27 -0.71
CA PRO A 81 7.44 3.59 -1.69
C PRO A 81 5.96 3.94 -1.50
N ALA A 82 5.18 3.75 -2.55
CA ALA A 82 3.75 4.05 -2.50
C ALA A 82 3.01 3.01 -1.66
N LEU A 83 2.48 3.45 -0.53
CA LEU A 83 1.75 2.56 0.37
C LEU A 83 0.40 2.16 -0.24
N LEU A 84 0.24 0.87 -0.51
CA LEU A 84 -1.00 0.36 -1.09
C LEU A 84 -1.63 -0.70 -0.20
N ASP A 85 -2.88 -1.04 -0.48
CA ASP A 85 -3.59 -2.04 0.30
C ASP A 85 -3.74 -3.34 -0.48
N ILE A 86 -3.90 -4.44 0.24
CA ILE A 86 -4.05 -5.75 -0.39
C ILE A 86 -4.92 -5.67 -1.65
N SER A 87 -6.00 -4.90 -1.55
CA SER A 87 -6.92 -4.72 -2.67
C SER A 87 -6.16 -4.65 -3.99
N TRP A 88 -5.10 -3.83 -4.02
CA TRP A 88 -4.29 -3.67 -5.21
C TRP A 88 -3.69 -5.00 -5.64
N LEU A 89 -2.84 -5.57 -4.78
CA LEU A 89 -2.20 -6.84 -5.08
C LEU A 89 -3.21 -7.86 -5.58
N THR A 90 -4.19 -8.17 -4.74
CA THR A 90 -5.23 -9.14 -5.09
C THR A 90 -5.72 -8.91 -6.52
N GLU A 91 -5.86 -7.64 -6.91
CA GLU A 91 -6.32 -7.30 -8.24
C GLU A 91 -5.25 -7.60 -9.29
N SER A 92 -4.05 -7.08 -9.06
CA SER A 92 -2.94 -7.30 -9.99
C SER A 92 -2.72 -8.78 -10.23
N LEU A 93 -2.82 -9.58 -9.18
CA LEU A 93 -2.63 -11.03 -9.28
C LEU A 93 -3.73 -11.65 -10.13
N GLY A 94 -4.98 -11.38 -9.76
CA GLY A 94 -6.10 -11.92 -10.49
C GLY A 94 -6.17 -11.42 -11.92
N ALA A 95 -5.30 -10.45 -12.24
CA ALA A 95 -5.26 -9.88 -13.58
C ALA A 95 -4.00 -10.31 -14.33
N GLY A 96 -2.99 -10.71 -13.57
CA GLY A 96 -1.74 -11.14 -14.18
C GLY A 96 -0.80 -9.98 -14.47
N GLN A 97 -1.35 -8.77 -14.46
CA GLN A 97 -0.56 -7.57 -14.74
C GLN A 97 -0.76 -6.53 -13.63
N PRO A 98 0.27 -5.69 -13.42
CA PRO A 98 0.23 -4.64 -12.41
C PRO A 98 -0.75 -3.53 -12.76
N VAL A 99 -1.87 -3.47 -12.04
CA VAL A 99 -2.88 -2.45 -12.27
C VAL A 99 -2.41 -1.08 -11.80
N PRO A 100 -2.93 -0.02 -12.43
CA PRO A 100 -2.57 1.36 -12.09
C PRO A 100 -3.12 1.78 -10.73
N VAL A 101 -2.21 2.03 -9.79
CA VAL A 101 -2.60 2.45 -8.45
C VAL A 101 -3.86 3.31 -8.48
N GLU A 102 -4.69 3.17 -7.45
CA GLU A 102 -5.93 3.94 -7.35
C GLU A 102 -6.04 4.63 -6.01
N CYS A 103 -6.86 5.68 -5.95
CA CYS A 103 -7.05 6.43 -4.72
C CYS A 103 -7.31 5.49 -3.55
N ARG A 104 -8.18 4.51 -3.77
CA ARG A 104 -8.52 3.54 -2.73
C ARG A 104 -7.28 2.78 -2.28
N HIS A 105 -6.43 2.42 -3.23
CA HIS A 105 -5.21 1.68 -2.92
C HIS A 105 -4.26 2.52 -2.08
N ARG A 106 -3.95 3.72 -2.56
CA ARG A 106 -3.05 4.63 -1.85
C ARG A 106 -3.39 4.67 -0.36
N LEU A 107 -2.36 4.55 0.48
CA LEU A 107 -2.55 4.57 1.92
C LEU A 107 -1.85 5.78 2.54
N GLU A 108 -2.61 6.84 2.78
CA GLU A 108 -2.06 8.06 3.37
C GLU A 108 -3.16 8.86 4.07
N VAL A 109 -2.77 9.61 5.09
CA VAL A 109 -3.72 10.44 5.83
C VAL A 109 -3.40 11.92 5.68
N ALA A 110 -4.31 12.77 6.14
CA ALA A 110 -4.12 14.21 6.07
C ALA A 110 -5.25 14.95 6.78
N GLY A 111 -4.89 15.95 7.58
CA GLY A 111 -5.89 16.71 8.30
C GLY A 111 -6.70 15.87 9.26
N PRO A 112 -6.03 15.32 10.29
CA PRO A 112 -6.68 14.48 11.30
C PRO A 112 -7.62 15.26 12.19
N ARG A 113 -8.25 14.57 13.14
CA ARG A 113 -9.18 15.20 14.06
C ARG A 113 -8.43 15.98 15.14
N LYS A 114 -8.96 17.15 15.49
CA LYS A 114 -8.34 17.99 16.51
C LYS A 114 -9.39 18.89 17.19
N GLY A 115 -9.59 18.67 18.48
CA GLY A 115 -10.57 19.47 19.21
C GLY A 115 -11.88 19.61 18.48
N PRO A 116 -12.64 20.66 18.81
CA PRO A 116 -13.94 20.92 18.19
C PRO A 116 -13.80 21.38 16.73
N LEU A 117 -14.93 21.72 16.11
CA LEU A 117 -14.93 22.17 14.73
C LEU A 117 -15.74 23.46 14.57
N SER A 118 -15.26 24.35 13.72
CA SER A 118 -15.93 25.63 13.49
C SER A 118 -17.06 25.46 12.47
N PRO A 119 -18.17 26.18 12.70
CA PRO A 119 -19.34 26.13 11.82
C PRO A 119 -19.08 26.78 10.46
N ALA A 120 -18.48 27.97 10.48
CA ALA A 120 -18.17 28.69 9.25
C ALA A 120 -17.33 29.93 9.54
N TRP A 121 -16.83 30.56 8.48
CA TRP A 121 -16.02 31.76 8.63
C TRP A 121 -16.76 33.00 8.10
N MET A 122 -16.49 34.14 8.71
CA MET A 122 -17.13 35.39 8.30
C MET A 122 -16.26 36.59 8.67
N PRO A 123 -15.88 37.37 7.65
CA PRO A 123 -15.05 38.58 7.85
C PRO A 123 -15.79 39.69 8.57
N ALA A 124 -15.07 40.74 8.95
CA ALA A 124 -15.67 41.87 9.64
C ALA A 124 -16.14 42.93 8.65
N TYR A 125 -15.38 43.11 7.58
CA TYR A 125 -15.72 44.10 6.56
C TYR A 125 -16.75 43.54 5.58
N ALA A 126 -17.71 42.79 6.12
CA ALA A 126 -18.76 42.19 5.30
C ALA A 126 -19.99 43.09 5.24
N CYS A 127 -19.76 44.39 5.12
CA CYS A 127 -20.86 45.36 5.07
C CYS A 127 -20.52 46.51 4.13
N SER A 128 -21.39 46.76 3.15
CA SER A 128 -21.18 47.83 2.19
C SER A 128 -22.49 48.21 1.51
N GLY A 129 -22.65 49.51 1.25
CA GLY A 129 -23.86 49.98 0.61
C GLY A 129 -23.93 51.49 0.54
N PRO A 130 -24.12 52.03 -0.68
CA PRO A 130 -24.21 53.47 -0.91
C PRO A 130 -25.48 54.07 -0.32
N SER A 131 -25.70 55.36 -0.60
CA SER A 131 -26.88 56.06 -0.11
C SER A 131 -27.16 57.31 -0.93
N SER A 132 -28.41 57.72 -0.96
CA SER A 132 -28.82 58.90 -1.71
C SER A 132 -30.07 59.54 -1.10
N GLY A 133 -30.29 60.81 -1.43
CA GLY A 133 -31.45 61.51 -0.90
C GLY A 133 -31.65 61.29 0.58
N GLY A 1 19.48 -34.88 -15.12
CA GLY A 1 19.54 -34.08 -16.33
C GLY A 1 18.23 -33.37 -16.62
N SER A 2 18.30 -32.05 -16.79
CA SER A 2 17.11 -31.25 -17.07
C SER A 2 17.50 -29.82 -17.43
N SER A 3 16.65 -29.18 -18.24
CA SER A 3 16.91 -27.81 -18.68
C SER A 3 15.77 -26.89 -18.24
N GLY A 4 16.10 -25.61 -18.06
CA GLY A 4 15.11 -24.64 -17.63
C GLY A 4 15.53 -23.21 -17.90
N SER A 5 14.56 -22.32 -18.04
CA SER A 5 14.84 -20.91 -18.31
C SER A 5 14.61 -20.07 -17.05
N SER A 6 15.60 -19.26 -16.70
CA SER A 6 15.51 -18.40 -15.53
C SER A 6 15.94 -16.98 -15.86
N GLY A 7 14.97 -16.09 -16.06
CA GLY A 7 15.27 -14.71 -16.39
C GLY A 7 15.29 -13.82 -15.16
N SER A 8 14.55 -12.72 -15.22
CA SER A 8 14.48 -11.77 -14.11
C SER A 8 13.05 -11.60 -13.63
N THR A 9 12.23 -10.94 -14.44
CA THR A 9 10.83 -10.70 -14.10
C THR A 9 10.10 -10.02 -15.25
N ARG A 10 8.88 -10.49 -15.52
CA ARG A 10 8.07 -9.92 -16.59
C ARG A 10 8.03 -8.39 -16.50
N PHE A 11 7.87 -7.88 -15.28
CA PHE A 11 7.82 -6.44 -15.07
C PHE A 11 8.94 -6.00 -14.12
N PRO A 12 10.13 -5.77 -14.69
CA PRO A 12 11.30 -5.34 -13.93
C PRO A 12 11.17 -3.91 -13.42
N GLY A 13 10.12 -3.22 -13.87
CA GLY A 13 9.90 -1.85 -13.45
C GLY A 13 8.93 -1.74 -12.30
N VAL A 14 8.74 -2.85 -11.59
CA VAL A 14 7.82 -2.89 -10.45
C VAL A 14 8.36 -3.80 -9.35
N ALA A 15 8.76 -3.18 -8.23
CA ALA A 15 9.29 -3.94 -7.10
C ALA A 15 8.37 -3.82 -5.89
N ILE A 16 7.71 -4.92 -5.53
CA ILE A 16 6.80 -4.93 -4.40
C ILE A 16 7.48 -5.52 -3.17
N TYR A 17 7.09 -5.03 -2.00
CA TYR A 17 7.67 -5.51 -0.74
C TYR A 17 6.57 -5.83 0.26
N LEU A 18 6.57 -7.08 0.74
CA LEU A 18 5.57 -7.51 1.71
C LEU A 18 6.08 -7.35 3.14
N VAL A 19 5.25 -6.79 4.00
CA VAL A 19 5.62 -6.57 5.40
C VAL A 19 5.64 -7.89 6.17
N GLU A 20 6.18 -7.85 7.39
CA GLU A 20 6.26 -9.04 8.22
C GLU A 20 5.21 -8.99 9.33
N PRO A 21 5.42 -8.11 10.31
CA PRO A 21 4.51 -7.94 11.45
C PRO A 21 3.19 -7.31 11.03
N ARG A 22 3.03 -7.07 9.74
CA ARG A 22 1.81 -6.47 9.21
C ARG A 22 1.09 -7.43 8.27
N MET A 23 1.86 -8.26 7.58
CA MET A 23 1.30 -9.23 6.65
C MET A 23 0.96 -10.53 7.36
N GLY A 24 1.98 -11.20 7.88
CA GLY A 24 1.77 -12.46 8.57
C GLY A 24 2.77 -13.52 8.16
N ARG A 25 2.80 -14.63 8.90
CA ARG A 25 3.71 -15.72 8.61
C ARG A 25 3.26 -16.49 7.37
N SER A 26 1.95 -16.76 7.28
CA SER A 26 1.40 -17.48 6.16
C SER A 26 0.85 -16.53 5.11
N ARG A 27 0.04 -15.57 5.56
CA ARG A 27 -0.55 -14.59 4.66
C ARG A 27 0.50 -14.01 3.70
N ARG A 28 1.71 -13.84 4.23
CA ARG A 28 2.80 -13.29 3.42
C ARG A 28 3.29 -14.31 2.41
N ALA A 29 3.78 -15.45 2.91
CA ALA A 29 4.28 -16.52 2.04
C ALA A 29 3.32 -16.79 0.90
N PHE A 30 2.08 -17.16 1.24
CA PHE A 30 1.07 -17.46 0.24
C PHE A 30 1.16 -16.49 -0.93
N LEU A 31 1.34 -15.21 -0.62
CA LEU A 31 1.45 -14.18 -1.65
C LEU A 31 2.83 -14.21 -2.31
N THR A 32 3.88 -14.24 -1.50
CA THR A 32 5.24 -14.27 -2.01
C THR A 32 5.35 -15.17 -3.23
N GLY A 33 5.04 -16.45 -3.04
CA GLY A 33 5.11 -17.40 -4.15
C GLY A 33 4.17 -17.05 -5.27
N LEU A 34 2.96 -16.63 -4.92
CA LEU A 34 1.95 -16.25 -5.91
C LEU A 34 2.50 -15.19 -6.86
N ALA A 35 2.85 -14.03 -6.31
CA ALA A 35 3.39 -12.94 -7.10
C ALA A 35 4.41 -13.44 -8.12
N ARG A 36 5.55 -13.91 -7.62
CA ARG A 36 6.60 -14.41 -8.49
C ARG A 36 6.01 -15.18 -9.68
N SER A 37 5.08 -16.08 -9.38
CA SER A 37 4.44 -16.88 -10.43
C SER A 37 3.71 -15.98 -11.43
N LYS A 38 3.10 -14.92 -10.93
CA LYS A 38 2.37 -13.99 -11.77
C LYS A 38 3.33 -13.16 -12.62
N GLY A 39 4.43 -12.73 -12.01
CA GLY A 39 5.42 -11.93 -12.72
C GLY A 39 5.80 -10.68 -11.97
N PHE A 40 5.72 -10.74 -10.64
CA PHE A 40 6.06 -9.59 -9.81
C PHE A 40 7.29 -9.90 -8.95
N ARG A 41 8.30 -9.05 -9.08
CA ARG A 41 9.54 -9.22 -8.32
C ARG A 41 9.30 -8.98 -6.84
N VAL A 42 9.52 -10.02 -6.03
CA VAL A 42 9.33 -9.91 -4.58
C VAL A 42 10.66 -9.64 -3.87
N LEU A 43 10.66 -8.62 -3.02
CA LEU A 43 11.87 -8.26 -2.27
C LEU A 43 11.88 -8.93 -0.90
N ASP A 44 13.07 -9.34 -0.47
CA ASP A 44 13.22 -10.01 0.82
C ASP A 44 13.33 -8.98 1.95
N ALA A 45 14.10 -7.93 1.71
CA ALA A 45 14.28 -6.87 2.70
C ALA A 45 13.95 -5.50 2.11
N CYS A 46 13.65 -4.54 2.98
CA CYS A 46 13.32 -3.19 2.54
C CYS A 46 14.51 -2.52 1.87
N SER A 47 14.36 -2.19 0.59
CA SER A 47 15.44 -1.56 -0.16
C SER A 47 14.87 -0.53 -1.13
N SER A 48 15.73 0.38 -1.58
CA SER A 48 15.32 1.42 -2.53
C SER A 48 14.34 0.86 -3.56
N GLU A 49 14.67 -0.31 -4.10
CA GLU A 49 13.83 -0.94 -5.09
C GLU A 49 12.35 -0.81 -4.74
N ALA A 50 12.02 -1.07 -3.48
CA ALA A 50 10.64 -0.97 -3.01
C ALA A 50 9.92 0.19 -3.68
N THR A 51 8.92 -0.12 -4.48
CA THR A 51 8.14 0.91 -5.18
C THR A 51 6.66 0.82 -4.81
N HIS A 52 6.25 -0.33 -4.29
CA HIS A 52 4.85 -0.54 -3.90
C HIS A 52 4.76 -1.51 -2.74
N VAL A 53 4.26 -1.03 -1.60
CA VAL A 53 4.12 -1.86 -0.41
C VAL A 53 2.70 -2.40 -0.29
N VAL A 54 2.58 -3.64 0.15
CA VAL A 54 1.28 -4.28 0.32
C VAL A 54 1.02 -4.61 1.78
N MET A 55 -0.15 -4.17 2.28
CA MET A 55 -0.52 -4.43 3.67
C MET A 55 -1.94 -4.97 3.75
N GLU A 56 -2.16 -5.90 4.68
CA GLU A 56 -3.48 -6.50 4.86
C GLU A 56 -4.13 -6.00 6.15
N GLU A 57 -5.42 -5.69 6.07
CA GLU A 57 -6.15 -5.20 7.24
C GLU A 57 -5.38 -4.10 7.95
N THR A 58 -4.96 -3.09 7.18
CA THR A 58 -4.21 -1.97 7.74
C THR A 58 -4.93 -0.65 7.51
N SER A 59 -4.82 0.26 8.46
CA SER A 59 -5.46 1.56 8.37
C SER A 59 -4.62 2.53 7.55
N ALA A 60 -5.28 3.49 6.90
CA ALA A 60 -4.59 4.47 6.08
C ALA A 60 -3.47 5.15 6.86
N GLU A 61 -3.74 5.47 8.13
CA GLU A 61 -2.76 6.11 8.98
C GLU A 61 -1.71 5.12 9.46
N GLU A 62 -2.10 3.86 9.55
CA GLU A 62 -1.20 2.80 10.00
C GLU A 62 -0.01 2.66 9.04
N ALA A 63 -0.31 2.55 7.75
CA ALA A 63 0.72 2.41 6.73
C ALA A 63 1.82 3.45 6.93
N VAL A 64 1.43 4.72 6.97
CA VAL A 64 2.39 5.81 7.14
C VAL A 64 3.37 5.50 8.27
N SER A 65 2.83 5.23 9.45
CA SER A 65 3.67 4.92 10.62
C SER A 65 4.77 3.93 10.23
N TRP A 66 4.40 2.90 9.47
CA TRP A 66 5.35 1.89 9.04
C TRP A 66 6.24 2.41 7.92
N GLN A 67 5.78 3.44 7.24
CA GLN A 67 6.53 4.04 6.14
C GLN A 67 7.64 4.94 6.66
N GLU A 68 7.39 5.58 7.80
CA GLU A 68 8.37 6.48 8.40
C GLU A 68 9.67 5.74 8.68
N ARG A 69 9.57 4.50 9.16
CA ARG A 69 10.74 3.69 9.46
C ARG A 69 11.72 3.69 8.29
N ARG A 70 11.18 3.68 7.07
CA ARG A 70 12.00 3.67 5.87
C ARG A 70 12.90 4.91 5.81
N MET A 71 12.29 6.06 5.57
CA MET A 71 13.03 7.32 5.49
C MET A 71 14.06 7.41 6.62
N ALA A 72 13.79 6.70 7.72
CA ALA A 72 14.69 6.70 8.86
C ALA A 72 15.96 5.91 8.57
N ALA A 73 15.80 4.74 7.96
CA ALA A 73 16.93 3.89 7.62
C ALA A 73 17.14 3.83 6.10
N ALA A 74 16.52 4.77 5.39
CA ALA A 74 16.63 4.83 3.94
C ALA A 74 17.61 5.92 3.51
N PRO A 75 18.21 5.75 2.33
CA PRO A 75 19.17 6.72 1.78
C PRO A 75 18.49 8.02 1.36
N PRO A 76 19.28 9.11 1.33
CA PRO A 76 18.77 10.44 0.95
C PRO A 76 18.44 10.52 -0.53
N GLY A 77 17.38 11.25 -0.86
CA GLY A 77 16.97 11.41 -2.25
C GLY A 77 16.09 10.27 -2.70
N CYS A 78 16.32 9.08 -2.17
CA CYS A 78 15.54 7.90 -2.54
C CYS A 78 14.05 8.17 -2.37
N THR A 79 13.26 7.71 -3.33
CA THR A 79 11.81 7.90 -3.28
C THR A 79 11.13 6.76 -2.54
N PRO A 80 10.24 7.12 -1.60
CA PRO A 80 9.51 6.13 -0.80
C PRO A 80 8.48 5.37 -1.63
N PRO A 81 8.24 4.10 -1.25
CA PRO A 81 7.28 3.24 -1.93
C PRO A 81 5.84 3.68 -1.70
N ALA A 82 4.95 3.28 -2.62
CA ALA A 82 3.54 3.62 -2.51
C ALA A 82 2.80 2.63 -1.61
N LEU A 83 2.33 3.11 -0.46
CA LEU A 83 1.61 2.27 0.48
C LEU A 83 0.21 1.94 -0.06
N LEU A 84 0.08 0.76 -0.66
CA LEU A 84 -1.20 0.32 -1.21
C LEU A 84 -1.83 -0.74 -0.33
N ASP A 85 -3.09 -1.08 -0.61
CA ASP A 85 -3.80 -2.08 0.16
C ASP A 85 -3.93 -3.38 -0.63
N ILE A 86 -4.15 -4.48 0.08
CA ILE A 86 -4.30 -5.78 -0.54
C ILE A 86 -5.18 -5.71 -1.79
N SER A 87 -6.20 -4.85 -1.73
CA SER A 87 -7.11 -4.68 -2.85
C SER A 87 -6.35 -4.52 -4.16
N TRP A 88 -5.24 -3.78 -4.10
CA TRP A 88 -4.42 -3.55 -5.29
C TRP A 88 -3.78 -4.84 -5.77
N LEU A 89 -3.12 -5.55 -4.86
CA LEU A 89 -2.47 -6.81 -5.20
C LEU A 89 -3.45 -7.78 -5.84
N THR A 90 -4.48 -8.16 -5.09
CA THR A 90 -5.49 -9.08 -5.58
C THR A 90 -5.83 -8.79 -7.04
N GLU A 91 -6.07 -7.52 -7.35
CA GLU A 91 -6.40 -7.11 -8.71
C GLU A 91 -5.24 -7.40 -9.66
N SER A 92 -4.04 -7.04 -9.23
CA SER A 92 -2.85 -7.25 -10.05
C SER A 92 -2.66 -8.73 -10.37
N LEU A 93 -2.70 -9.56 -9.33
CA LEU A 93 -2.54 -11.00 -9.50
C LEU A 93 -3.59 -11.56 -10.45
N GLY A 94 -4.84 -11.19 -10.23
CA GLY A 94 -5.91 -11.67 -11.08
C GLY A 94 -5.81 -11.15 -12.50
N ALA A 95 -5.10 -10.04 -12.66
CA ALA A 95 -4.92 -9.44 -13.98
C ALA A 95 -3.61 -9.89 -14.62
N GLY A 96 -2.72 -10.45 -13.79
CA GLY A 96 -1.44 -10.90 -14.30
C GLY A 96 -0.45 -9.77 -14.48
N GLN A 97 -0.95 -8.54 -14.49
CA GLN A 97 -0.09 -7.37 -14.66
C GLN A 97 -0.34 -6.35 -13.56
N PRO A 98 0.69 -5.56 -13.24
CA PRO A 98 0.61 -4.53 -12.20
C PRO A 98 -0.28 -3.36 -12.60
N VAL A 99 -1.45 -3.27 -11.98
CA VAL A 99 -2.39 -2.20 -12.27
C VAL A 99 -1.91 -0.87 -11.71
N PRO A 100 -2.31 0.23 -12.36
CA PRO A 100 -1.93 1.59 -11.95
C PRO A 100 -2.60 1.99 -10.65
N VAL A 101 -1.79 2.35 -9.65
CA VAL A 101 -2.30 2.76 -8.35
C VAL A 101 -3.52 3.66 -8.51
N GLU A 102 -4.43 3.58 -7.55
CA GLU A 102 -5.65 4.38 -7.59
C GLU A 102 -5.74 5.28 -6.35
N CYS A 103 -6.69 6.20 -6.37
CA CYS A 103 -6.88 7.13 -5.26
C CYS A 103 -7.41 6.39 -4.03
N ARG A 104 -7.82 5.14 -4.23
CA ARG A 104 -8.36 4.33 -3.14
C ARG A 104 -7.31 3.34 -2.63
N HIS A 105 -6.36 3.00 -3.50
CA HIS A 105 -5.29 2.08 -3.14
C HIS A 105 -4.34 2.71 -2.13
N ARG A 106 -3.91 3.94 -2.42
CA ARG A 106 -2.99 4.66 -1.54
C ARG A 106 -3.46 4.58 -0.09
N LEU A 107 -2.50 4.54 0.84
CA LEU A 107 -2.81 4.46 2.25
C LEU A 107 -2.21 5.65 3.01
N GLU A 108 -2.94 6.76 3.04
CA GLU A 108 -2.48 7.95 3.72
C GLU A 108 -3.58 8.54 4.60
N VAL A 109 -3.20 9.43 5.51
CA VAL A 109 -4.16 10.07 6.40
C VAL A 109 -3.94 11.58 6.48
N ALA A 110 -4.88 12.28 7.07
CA ALA A 110 -4.80 13.73 7.21
C ALA A 110 -5.95 14.28 8.04
N GLY A 111 -5.61 15.05 9.07
CA GLY A 111 -6.63 15.63 9.93
C GLY A 111 -7.44 14.58 10.66
N PRO A 112 -6.76 13.78 11.49
CA PRO A 112 -7.41 12.71 12.27
C PRO A 112 -8.32 13.26 13.37
N ARG A 113 -9.00 12.36 14.07
CA ARG A 113 -9.90 12.75 15.14
C ARG A 113 -9.35 12.32 16.49
N LYS A 114 -10.07 12.67 17.56
CA LYS A 114 -9.66 12.33 18.91
C LYS A 114 -10.76 12.65 19.91
N GLY A 115 -10.75 11.96 21.05
CA GLY A 115 -11.75 12.19 22.08
C GLY A 115 -13.11 11.64 21.70
N PRO A 116 -13.24 10.31 21.72
CA PRO A 116 -14.49 9.63 21.36
C PRO A 116 -15.57 9.85 22.41
N LEU A 117 -16.79 9.39 22.10
CA LEU A 117 -17.91 9.53 23.03
C LEU A 117 -18.18 8.22 23.75
N SER A 118 -17.71 8.13 25.00
CA SER A 118 -17.90 6.93 25.80
C SER A 118 -17.75 7.25 27.29
N PRO A 119 -18.66 6.71 28.10
CA PRO A 119 -18.65 6.92 29.55
C PRO A 119 -17.49 6.20 30.23
N ALA A 120 -17.34 4.91 29.93
CA ALA A 120 -16.27 4.11 30.51
C ALA A 120 -16.25 2.71 29.92
N TRP A 121 -15.19 1.97 30.21
CA TRP A 121 -15.04 0.61 29.70
C TRP A 121 -15.06 -0.40 30.84
N MET A 122 -15.03 -1.68 30.49
CA MET A 122 -15.03 -2.75 31.48
C MET A 122 -13.78 -3.60 31.37
N PRO A 123 -13.24 -4.02 32.53
CA PRO A 123 -12.04 -4.86 32.59
C PRO A 123 -12.28 -6.27 32.08
N ALA A 124 -11.20 -7.00 31.82
CA ALA A 124 -11.29 -8.37 31.33
C ALA A 124 -11.56 -9.34 32.48
N TYR A 125 -11.27 -8.91 33.70
CA TYR A 125 -11.47 -9.75 34.87
C TYR A 125 -12.82 -9.45 35.52
N ALA A 126 -13.86 -9.40 34.69
CA ALA A 126 -15.21 -9.13 35.19
C ALA A 126 -16.21 -10.13 34.63
N CYS A 127 -16.80 -10.92 35.51
CA CYS A 127 -17.78 -11.93 35.10
C CYS A 127 -18.41 -12.60 36.32
N SER A 128 -19.74 -12.73 36.30
CA SER A 128 -20.46 -13.35 37.41
C SER A 128 -21.75 -14.00 36.91
N GLY A 129 -22.46 -14.66 37.83
CA GLY A 129 -23.70 -15.31 37.47
C GLY A 129 -24.03 -16.48 38.38
N PRO A 130 -25.12 -17.18 38.08
CA PRO A 130 -25.57 -18.34 38.87
C PRO A 130 -24.63 -19.54 38.72
N SER A 131 -23.61 -19.38 37.88
CA SER A 131 -22.65 -20.45 37.65
C SER A 131 -21.23 -19.96 37.87
N SER A 132 -20.95 -18.74 37.41
CA SER A 132 -19.62 -18.15 37.55
C SER A 132 -18.54 -19.13 37.07
N GLY A 133 -18.81 -19.79 35.95
CA GLY A 133 -17.85 -20.73 35.41
C GLY A 133 -18.04 -22.13 35.96
N GLY A 1 22.73 -28.27 -4.37
CA GLY A 1 23.79 -27.69 -3.56
C GLY A 1 23.86 -26.19 -3.68
N SER A 2 24.44 -25.71 -4.78
CA SER A 2 24.56 -24.27 -5.01
C SER A 2 23.23 -23.57 -4.81
N SER A 3 23.25 -22.24 -4.85
CA SER A 3 22.05 -21.44 -4.67
C SER A 3 21.94 -20.36 -5.74
N GLY A 4 22.25 -20.73 -6.98
CA GLY A 4 22.19 -19.79 -8.07
C GLY A 4 21.34 -20.29 -9.23
N SER A 5 20.12 -19.76 -9.34
CA SER A 5 19.21 -20.17 -10.40
C SER A 5 18.76 -18.97 -11.21
N SER A 6 18.30 -19.22 -12.44
CA SER A 6 17.84 -18.16 -13.32
C SER A 6 16.81 -17.28 -12.63
N GLY A 7 16.76 -16.01 -13.02
CA GLY A 7 15.81 -15.09 -12.44
C GLY A 7 15.22 -14.13 -13.45
N SER A 8 14.05 -14.48 -13.97
CA SER A 8 13.37 -13.65 -14.97
C SER A 8 12.06 -13.11 -14.42
N THR A 9 11.59 -12.00 -15.00
CA THR A 9 10.34 -11.39 -14.57
C THR A 9 9.67 -10.66 -15.72
N ARG A 10 8.35 -10.78 -15.80
CA ARG A 10 7.58 -10.11 -16.86
C ARG A 10 7.72 -8.60 -16.77
N PHE A 11 7.54 -8.06 -15.56
CA PHE A 11 7.65 -6.63 -15.35
C PHE A 11 8.81 -6.31 -14.41
N PRO A 12 10.02 -6.23 -14.98
CA PRO A 12 11.25 -5.93 -14.22
C PRO A 12 11.29 -4.49 -13.73
N GLY A 13 10.27 -3.72 -14.11
CA GLY A 13 10.21 -2.31 -13.71
C GLY A 13 9.28 -2.10 -12.53
N VAL A 14 8.91 -3.19 -11.86
CA VAL A 14 8.02 -3.10 -10.71
C VAL A 14 8.53 -3.96 -9.56
N ALA A 15 8.80 -3.33 -8.42
CA ALA A 15 9.29 -4.03 -7.24
C ALA A 15 8.27 -3.99 -6.11
N ILE A 16 7.67 -5.14 -5.82
CA ILE A 16 6.67 -5.24 -4.76
C ILE A 16 7.29 -5.80 -3.48
N TYR A 17 7.04 -5.13 -2.36
CA TYR A 17 7.56 -5.57 -1.08
C TYR A 17 6.43 -5.77 -0.07
N LEU A 18 6.38 -6.95 0.52
CA LEU A 18 5.36 -7.28 1.51
C LEU A 18 5.87 -7.04 2.93
N VAL A 19 5.04 -6.41 3.75
CA VAL A 19 5.40 -6.13 5.13
C VAL A 19 5.59 -7.41 5.93
N GLU A 20 6.84 -7.72 6.27
CA GLU A 20 7.15 -8.92 7.03
C GLU A 20 6.10 -9.18 8.10
N PRO A 21 6.00 -8.25 9.07
CA PRO A 21 5.03 -8.36 10.17
C PRO A 21 3.59 -8.16 9.70
N ARG A 22 3.13 -6.92 9.73
CA ARG A 22 1.77 -6.60 9.31
C ARG A 22 1.35 -7.48 8.14
N MET A 23 0.05 -7.79 8.07
CA MET A 23 -0.49 -8.62 7.00
C MET A 23 -0.08 -10.07 7.19
N GLY A 24 -0.15 -10.54 8.43
CA GLY A 24 0.21 -11.92 8.72
C GLY A 24 1.69 -12.19 8.48
N ARG A 25 2.30 -12.98 9.37
CA ARG A 25 3.71 -13.31 9.25
C ARG A 25 3.90 -14.51 8.32
N SER A 26 2.98 -15.46 8.40
CA SER A 26 3.05 -16.66 7.57
C SER A 26 2.34 -16.44 6.24
N ARG A 27 1.14 -15.88 6.28
CA ARG A 27 0.37 -15.62 5.09
C ARG A 27 1.23 -14.98 4.01
N ARG A 28 2.18 -14.15 4.43
CA ARG A 28 3.08 -13.48 3.50
C ARG A 28 3.56 -14.43 2.41
N ALA A 29 4.20 -15.52 2.83
CA ALA A 29 4.71 -16.51 1.88
C ALA A 29 3.68 -16.80 0.79
N PHE A 30 2.46 -17.12 1.19
CA PHE A 30 1.39 -17.41 0.24
C PHE A 30 1.45 -16.46 -0.96
N LEU A 31 1.50 -15.16 -0.67
CA LEU A 31 1.56 -14.16 -1.72
C LEU A 31 2.90 -14.20 -2.45
N THR A 32 3.99 -14.15 -1.69
CA THR A 32 5.32 -14.19 -2.25
C THR A 32 5.38 -15.12 -3.46
N GLY A 33 5.07 -16.39 -3.24
CA GLY A 33 5.10 -17.35 -4.33
C GLY A 33 4.09 -17.03 -5.41
N LEU A 34 2.86 -16.73 -5.01
CA LEU A 34 1.80 -16.40 -5.96
C LEU A 34 2.29 -15.40 -7.00
N ALA A 35 2.72 -14.24 -6.52
CA ALA A 35 3.23 -13.18 -7.41
C ALA A 35 4.25 -13.74 -8.39
N ARG A 36 5.38 -14.18 -7.88
CA ARG A 36 6.44 -14.73 -8.71
C ARG A 36 5.85 -15.54 -9.87
N SER A 37 4.80 -16.30 -9.58
CA SER A 37 4.15 -17.12 -10.60
C SER A 37 3.47 -16.24 -11.65
N LYS A 38 2.79 -15.20 -11.19
CA LYS A 38 2.09 -14.28 -12.08
C LYS A 38 3.08 -13.54 -12.98
N GLY A 39 4.10 -12.95 -12.37
CA GLY A 39 5.10 -12.22 -13.12
C GLY A 39 5.54 -10.95 -12.43
N PHE A 40 5.59 -10.98 -11.10
CA PHE A 40 5.98 -9.82 -10.31
C PHE A 40 7.27 -10.11 -9.54
N ARG A 41 8.11 -9.09 -9.41
CA ARG A 41 9.38 -9.23 -8.71
C ARG A 41 9.20 -8.95 -7.21
N VAL A 42 9.42 -9.99 -6.40
CA VAL A 42 9.29 -9.85 -4.95
C VAL A 42 10.65 -9.71 -4.28
N LEU A 43 10.82 -8.62 -3.54
CA LEU A 43 12.08 -8.36 -2.84
C LEU A 43 12.13 -9.12 -1.51
N ASP A 44 13.33 -9.48 -1.10
CA ASP A 44 13.53 -10.21 0.15
C ASP A 44 13.56 -9.25 1.34
N ALA A 45 14.32 -8.17 1.19
CA ALA A 45 14.43 -7.17 2.25
C ALA A 45 13.95 -5.80 1.77
N CYS A 46 13.97 -4.83 2.68
CA CYS A 46 13.53 -3.47 2.35
C CYS A 46 14.56 -2.77 1.48
N SER A 47 14.45 -2.96 0.17
CA SER A 47 15.37 -2.35 -0.78
C SER A 47 14.75 -1.10 -1.42
N SER A 48 15.59 -0.19 -1.88
CA SER A 48 15.14 1.04 -2.50
C SER A 48 14.25 0.74 -3.72
N GLU A 49 14.35 -0.49 -4.21
CA GLU A 49 13.57 -0.91 -5.37
C GLU A 49 12.07 -0.93 -5.03
N ALA A 50 11.75 -1.34 -3.81
CA ALA A 50 10.36 -1.40 -3.37
C ALA A 50 9.56 -0.25 -3.93
N THR A 51 8.92 -0.48 -5.08
CA THR A 51 8.11 0.55 -5.72
C THR A 51 6.66 0.50 -5.24
N HIS A 52 6.23 -0.68 -4.82
CA HIS A 52 4.87 -0.88 -4.33
C HIS A 52 4.86 -1.73 -3.07
N VAL A 53 4.07 -1.31 -2.08
CA VAL A 53 3.97 -2.05 -0.82
C VAL A 53 2.54 -2.52 -0.58
N VAL A 54 2.40 -3.75 -0.11
CA VAL A 54 1.09 -4.32 0.16
C VAL A 54 0.82 -4.36 1.67
N MET A 55 -0.36 -3.88 2.06
CA MET A 55 -0.74 -3.85 3.47
C MET A 55 -2.23 -4.14 3.63
N GLU A 56 -2.55 -5.17 4.41
CA GLU A 56 -3.94 -5.55 4.64
C GLU A 56 -4.36 -5.23 6.07
N GLU A 57 -5.63 -4.90 6.25
CA GLU A 57 -6.17 -4.57 7.57
C GLU A 57 -5.33 -3.48 8.23
N THR A 58 -4.80 -2.57 7.41
CA THR A 58 -3.97 -1.48 7.92
C THR A 58 -4.64 -0.13 7.68
N SER A 59 -4.68 0.69 8.72
CA SER A 59 -5.29 2.01 8.62
C SER A 59 -4.45 2.95 7.77
N ALA A 60 -5.11 3.76 6.95
CA ALA A 60 -4.42 4.70 6.08
C ALA A 60 -3.27 5.39 6.82
N GLU A 61 -3.51 5.72 8.09
CA GLU A 61 -2.50 6.39 8.90
C GLU A 61 -1.42 5.40 9.35
N GLU A 62 -1.82 4.15 9.57
CA GLU A 62 -0.89 3.12 10.00
C GLU A 62 0.22 2.92 8.98
N ALA A 63 -0.15 2.91 7.70
CA ALA A 63 0.82 2.74 6.63
C ALA A 63 1.87 3.85 6.64
N VAL A 64 1.40 5.10 6.65
CA VAL A 64 2.30 6.24 6.66
C VAL A 64 3.20 6.23 7.90
N SER A 65 2.71 5.59 8.96
CA SER A 65 3.47 5.50 10.21
C SER A 65 4.45 4.33 10.16
N TRP A 66 4.07 3.27 9.46
CA TRP A 66 4.92 2.09 9.34
C TRP A 66 6.06 2.33 8.36
N GLN A 67 5.84 3.26 7.42
CA GLN A 67 6.86 3.59 6.43
C GLN A 67 7.83 4.62 6.97
N GLU A 68 7.39 5.39 7.95
CA GLU A 68 8.23 6.42 8.57
C GLU A 68 9.50 5.81 9.13
N ARG A 69 9.34 4.85 10.03
CA ARG A 69 10.49 4.19 10.66
C ARG A 69 11.62 3.98 9.65
N ARG A 70 11.25 3.66 8.41
CA ARG A 70 12.23 3.45 7.35
C ARG A 70 12.90 4.76 6.95
N MET A 71 12.12 5.68 6.40
CA MET A 71 12.63 6.97 5.98
C MET A 71 13.49 7.60 7.07
N ALA A 72 13.32 7.13 8.30
CA ALA A 72 14.09 7.64 9.42
C ALA A 72 15.50 7.06 9.43
N ALA A 73 15.62 5.79 9.11
CA ALA A 73 16.92 5.12 9.07
C ALA A 73 17.31 4.75 7.64
N ALA A 74 16.64 5.38 6.67
CA ALA A 74 16.92 5.11 5.26
C ALA A 74 18.07 5.98 4.75
N PRO A 75 18.84 5.44 3.80
CA PRO A 75 19.97 6.15 3.20
C PRO A 75 19.53 7.32 2.33
N PRO A 76 20.46 8.25 2.07
CA PRO A 76 20.19 9.43 1.24
C PRO A 76 19.99 9.08 -0.23
N GLY A 77 19.04 9.75 -0.87
CA GLY A 77 18.79 9.49 -2.27
C GLY A 77 17.77 8.38 -2.48
N CYS A 78 17.55 7.59 -1.44
CA CYS A 78 16.61 6.47 -1.51
C CYS A 78 15.19 6.99 -1.73
N THR A 79 14.46 6.32 -2.63
CA THR A 79 13.10 6.70 -2.94
C THR A 79 12.10 6.04 -1.99
N PRO A 80 11.10 6.81 -1.55
CA PRO A 80 10.07 6.31 -0.63
C PRO A 80 9.13 5.31 -1.30
N PRO A 81 8.83 4.21 -0.59
CA PRO A 81 7.94 3.16 -1.10
C PRO A 81 6.49 3.62 -1.19
N ALA A 82 5.75 3.03 -2.12
CA ALA A 82 4.34 3.38 -2.31
C ALA A 82 3.44 2.46 -1.50
N LEU A 83 2.86 3.00 -0.43
CA LEU A 83 1.97 2.23 0.42
C LEU A 83 0.65 1.93 -0.28
N LEU A 84 0.27 0.66 -0.30
CA LEU A 84 -0.98 0.25 -0.94
C LEU A 84 -1.70 -0.80 -0.11
N ASP A 85 -2.91 -1.16 -0.52
CA ASP A 85 -3.71 -2.15 0.19
C ASP A 85 -3.80 -3.44 -0.62
N ILE A 86 -4.11 -4.54 0.07
CA ILE A 86 -4.22 -5.83 -0.58
C ILE A 86 -5.05 -5.73 -1.87
N SER A 87 -6.07 -4.88 -1.85
CA SER A 87 -6.93 -4.69 -3.00
C SER A 87 -6.11 -4.55 -4.28
N TRP A 88 -4.98 -3.85 -4.16
CA TRP A 88 -4.11 -3.64 -5.31
C TRP A 88 -3.50 -4.96 -5.78
N LEU A 89 -2.75 -5.61 -4.91
CA LEU A 89 -2.11 -6.87 -5.23
C LEU A 89 -3.10 -7.83 -5.89
N THR A 90 -4.17 -8.16 -5.18
CA THR A 90 -5.19 -9.06 -5.70
C THR A 90 -5.58 -8.68 -7.12
N GLU A 91 -5.90 -7.41 -7.33
CA GLU A 91 -6.29 -6.91 -8.65
C GLU A 91 -5.19 -7.16 -9.66
N SER A 92 -3.94 -7.08 -9.21
CA SER A 92 -2.79 -7.28 -10.09
C SER A 92 -2.60 -8.76 -10.39
N LEU A 93 -2.88 -9.61 -9.40
CA LEU A 93 -2.74 -11.05 -9.56
C LEU A 93 -3.80 -11.59 -10.50
N GLY A 94 -5.05 -11.24 -10.26
CA GLY A 94 -6.14 -11.70 -11.10
C GLY A 94 -6.04 -11.17 -12.51
N ALA A 95 -5.33 -10.06 -12.69
CA ALA A 95 -5.17 -9.44 -14.00
C ALA A 95 -3.87 -9.91 -14.65
N GLY A 96 -2.98 -10.48 -13.85
CA GLY A 96 -1.71 -10.95 -14.37
C GLY A 96 -0.70 -9.83 -14.54
N GLN A 97 -1.19 -8.60 -14.55
CA GLN A 97 -0.32 -7.43 -14.70
C GLN A 97 -0.52 -6.45 -13.56
N PRO A 98 0.52 -5.68 -13.25
CA PRO A 98 0.48 -4.68 -12.18
C PRO A 98 -0.41 -3.49 -12.51
N VAL A 99 -1.57 -3.41 -11.86
CA VAL A 99 -2.50 -2.33 -12.10
C VAL A 99 -1.98 -1.00 -11.54
N PRO A 100 -2.40 0.11 -12.14
CA PRO A 100 -1.99 1.45 -11.71
C PRO A 100 -2.58 1.84 -10.37
N VAL A 101 -1.72 2.27 -9.44
CA VAL A 101 -2.17 2.68 -8.12
C VAL A 101 -3.33 3.67 -8.20
N GLU A 102 -4.34 3.44 -7.37
CA GLU A 102 -5.52 4.31 -7.35
C GLU A 102 -5.65 5.01 -6.01
N CYS A 103 -6.68 5.84 -5.88
CA CYS A 103 -6.93 6.58 -4.64
C CYS A 103 -7.15 5.61 -3.48
N ARG A 104 -8.10 4.69 -3.66
CA ARG A 104 -8.41 3.71 -2.64
C ARG A 104 -7.17 2.93 -2.22
N HIS A 105 -6.22 2.82 -3.14
CA HIS A 105 -4.98 2.08 -2.87
C HIS A 105 -4.07 2.89 -1.97
N ARG A 106 -3.99 4.20 -2.23
CA ARG A 106 -3.13 5.08 -1.44
C ARG A 106 -3.53 5.04 0.04
N LEU A 107 -2.54 4.77 0.90
CA LEU A 107 -2.79 4.70 2.33
C LEU A 107 -2.21 5.93 3.04
N GLU A 108 -3.02 6.96 3.18
CA GLU A 108 -2.59 8.18 3.84
C GLU A 108 -3.71 8.77 4.70
N VAL A 109 -3.34 9.59 5.68
CA VAL A 109 -4.32 10.21 6.56
C VAL A 109 -4.21 11.74 6.50
N ALA A 110 -5.19 12.42 7.09
CA ALA A 110 -5.20 13.87 7.11
C ALA A 110 -6.37 14.40 7.95
N GLY A 111 -6.04 15.16 9.00
CA GLY A 111 -7.07 15.71 9.86
C GLY A 111 -7.87 14.63 10.57
N PRO A 112 -7.20 13.91 11.47
CA PRO A 112 -7.84 12.83 12.25
C PRO A 112 -8.85 13.36 13.26
N ARG A 113 -9.51 12.45 13.96
CA ARG A 113 -10.51 12.82 14.96
C ARG A 113 -9.90 12.76 16.37
N LYS A 114 -10.31 13.71 17.21
CA LYS A 114 -9.81 13.76 18.59
C LYS A 114 -10.95 14.02 19.56
N GLY A 115 -10.92 13.36 20.70
CA GLY A 115 -11.96 13.53 21.70
C GLY A 115 -13.25 12.85 21.32
N PRO A 116 -13.27 11.51 21.43
CA PRO A 116 -14.46 10.71 21.09
C PRO A 116 -15.59 10.91 22.09
N LEU A 117 -16.67 10.14 21.92
CA LEU A 117 -17.82 10.24 22.81
C LEU A 117 -18.11 8.89 23.46
N SER A 118 -18.76 8.93 24.62
CA SER A 118 -19.10 7.71 25.35
C SER A 118 -20.45 7.17 24.89
N PRO A 119 -20.55 5.83 24.80
CA PRO A 119 -21.77 5.16 24.37
C PRO A 119 -22.88 5.25 25.41
N ALA A 120 -23.70 6.30 25.29
CA ALA A 120 -24.80 6.51 26.22
C ALA A 120 -26.11 6.75 25.48
N TRP A 121 -26.77 5.66 25.11
CA TRP A 121 -28.04 5.75 24.39
C TRP A 121 -29.20 5.27 25.26
N MET A 122 -30.42 5.42 24.74
CA MET A 122 -31.61 5.00 25.47
C MET A 122 -32.35 3.90 24.72
N PRO A 123 -32.85 2.91 25.48
CA PRO A 123 -33.60 1.78 24.92
C PRO A 123 -34.95 2.19 24.36
N ALA A 124 -35.75 1.21 23.97
CA ALA A 124 -37.08 1.47 23.42
C ALA A 124 -38.17 1.16 24.45
N TYR A 125 -37.94 0.13 25.26
CA TYR A 125 -38.90 -0.26 26.28
C TYR A 125 -38.69 0.54 27.56
N ALA A 126 -38.28 1.79 27.41
CA ALA A 126 -38.04 2.66 28.56
C ALA A 126 -39.32 3.37 28.98
N CYS A 127 -40.43 2.63 28.98
CA CYS A 127 -41.72 3.18 29.36
C CYS A 127 -42.48 2.21 30.27
N SER A 128 -43.27 2.77 31.18
CA SER A 128 -44.04 1.95 32.12
C SER A 128 -45.50 1.83 31.65
N GLY A 129 -46.05 0.63 31.76
CA GLY A 129 -47.42 0.40 31.36
C GLY A 129 -47.64 -1.01 30.82
N PRO A 130 -47.49 -2.00 31.71
CA PRO A 130 -47.69 -3.41 31.35
C PRO A 130 -49.14 -3.75 31.06
N SER A 131 -49.35 -4.66 30.11
CA SER A 131 -50.70 -5.07 29.74
C SER A 131 -51.03 -6.43 30.32
N SER A 132 -52.32 -6.80 30.28
CA SER A 132 -52.76 -8.08 30.81
C SER A 132 -53.08 -9.06 29.67
N GLY A 133 -52.42 -10.21 29.70
CA GLY A 133 -52.63 -11.22 28.67
C GLY A 133 -51.70 -11.04 27.49
N GLY A 1 -1.68 -3.53 -28.78
CA GLY A 1 -1.03 -2.37 -28.19
C GLY A 1 0.10 -2.74 -27.27
N SER A 2 1.25 -3.09 -27.84
CA SER A 2 2.42 -3.48 -27.05
C SER A 2 3.64 -3.63 -27.94
N SER A 3 4.80 -3.25 -27.40
CA SER A 3 6.05 -3.33 -28.15
C SER A 3 6.59 -4.76 -28.14
N GLY A 4 6.87 -5.27 -26.94
CA GLY A 4 7.38 -6.62 -26.82
C GLY A 4 8.47 -6.73 -25.76
N SER A 5 8.40 -7.78 -24.96
CA SER A 5 9.38 -7.99 -23.89
C SER A 5 9.52 -9.48 -23.58
N SER A 6 10.70 -9.87 -23.10
CA SER A 6 10.97 -11.25 -22.76
C SER A 6 12.17 -11.36 -21.81
N GLY A 7 12.45 -12.58 -21.37
CA GLY A 7 13.56 -12.81 -20.46
C GLY A 7 13.24 -12.37 -19.04
N SER A 8 13.93 -11.32 -18.59
CA SER A 8 13.72 -10.81 -17.23
C SER A 8 12.24 -10.83 -16.87
N THR A 9 11.96 -10.79 -15.57
CA THR A 9 10.59 -10.81 -15.08
C THR A 9 9.66 -10.06 -16.03
N ARG A 10 8.39 -10.47 -16.05
CA ARG A 10 7.40 -9.83 -16.91
C ARG A 10 7.48 -8.31 -16.78
N PHE A 11 7.66 -7.83 -15.56
CA PHE A 11 7.74 -6.40 -15.31
C PHE A 11 8.94 -6.06 -14.43
N PRO A 12 10.11 -5.86 -15.07
CA PRO A 12 11.36 -5.54 -14.37
C PRO A 12 11.33 -4.13 -13.77
N GLY A 13 10.33 -3.34 -14.15
CA GLY A 13 10.20 -2.00 -13.63
C GLY A 13 9.19 -1.89 -12.51
N VAL A 14 9.06 -2.96 -11.73
CA VAL A 14 8.11 -2.98 -10.62
C VAL A 14 8.56 -3.93 -9.51
N ALA A 15 8.72 -3.39 -8.31
CA ALA A 15 9.15 -4.20 -7.17
C ALA A 15 8.20 -4.05 -6.00
N ILE A 16 7.71 -5.17 -5.49
CA ILE A 16 6.78 -5.15 -4.36
C ILE A 16 7.42 -5.77 -3.12
N TYR A 17 7.15 -5.17 -1.97
CA TYR A 17 7.69 -5.67 -0.71
C TYR A 17 6.58 -6.11 0.24
N LEU A 18 6.66 -7.35 0.71
CA LEU A 18 5.67 -7.91 1.62
C LEU A 18 6.03 -7.61 3.07
N VAL A 19 5.12 -6.97 3.78
CA VAL A 19 5.34 -6.64 5.18
C VAL A 19 5.18 -7.86 6.08
N GLU A 20 6.30 -8.38 6.56
CA GLU A 20 6.30 -9.56 7.42
C GLU A 20 5.11 -9.51 8.38
N PRO A 21 5.07 -8.47 9.22
CA PRO A 21 4.00 -8.28 10.20
C PRO A 21 2.67 -7.94 9.54
N ARG A 22 1.59 -7.98 10.33
CA ARG A 22 0.26 -7.68 9.83
C ARG A 22 0.05 -8.31 8.45
N MET A 23 0.54 -9.53 8.28
CA MET A 23 0.40 -10.24 7.02
C MET A 23 -0.13 -11.66 7.24
N GLY A 24 0.68 -12.49 7.89
CA GLY A 24 0.28 -13.86 8.16
C GLY A 24 1.43 -14.83 8.03
N ARG A 25 1.35 -15.95 8.74
CA ARG A 25 2.40 -16.96 8.71
C ARG A 25 2.33 -17.77 7.41
N SER A 26 1.11 -18.07 6.97
CA SER A 26 0.92 -18.84 5.75
C SER A 26 0.70 -17.92 4.55
N ARG A 27 -0.01 -16.82 4.79
CA ARG A 27 -0.30 -15.86 3.74
C ARG A 27 0.99 -15.43 3.03
N ARG A 28 1.96 -14.96 3.81
CA ARG A 28 3.24 -14.53 3.25
C ARG A 28 3.65 -15.40 2.08
N ALA A 29 3.96 -16.67 2.36
CA ALA A 29 4.36 -17.60 1.32
C ALA A 29 3.37 -17.62 0.17
N PHE A 30 2.10 -17.89 0.48
CA PHE A 30 1.06 -17.94 -0.52
C PHE A 30 1.25 -16.84 -1.56
N LEU A 31 1.43 -15.61 -1.08
CA LEU A 31 1.62 -14.46 -1.96
C LEU A 31 2.98 -14.53 -2.65
N THR A 32 4.04 -14.72 -1.86
CA THR A 32 5.39 -14.81 -2.40
C THR A 32 5.42 -15.60 -3.69
N GLY A 33 4.78 -16.77 -3.70
CA GLY A 33 4.73 -17.60 -4.89
C GLY A 33 3.71 -17.11 -5.89
N LEU A 34 2.54 -16.72 -5.41
CA LEU A 34 1.48 -16.24 -6.27
C LEU A 34 1.97 -15.15 -7.22
N ALA A 35 2.62 -14.14 -6.65
CA ALA A 35 3.16 -13.03 -7.44
C ALA A 35 4.15 -13.55 -8.48
N ARG A 36 5.18 -14.25 -8.02
CA ARG A 36 6.21 -14.78 -8.91
C ARG A 36 5.56 -15.43 -10.14
N SER A 37 4.51 -16.21 -9.91
CA SER A 37 3.81 -16.89 -10.99
C SER A 37 3.19 -15.88 -11.95
N LYS A 38 2.62 -14.82 -11.39
CA LYS A 38 1.99 -13.78 -12.20
C LYS A 38 3.02 -13.00 -13.00
N GLY A 39 3.99 -12.43 -12.30
CA GLY A 39 5.04 -11.66 -12.97
C GLY A 39 5.51 -10.49 -12.14
N PHE A 40 5.56 -10.68 -10.82
CA PHE A 40 6.01 -9.62 -9.91
C PHE A 40 7.18 -10.10 -9.06
N ARG A 41 8.29 -9.37 -9.14
CA ARG A 41 9.48 -9.72 -8.38
C ARG A 41 9.24 -9.56 -6.88
N VAL A 42 9.69 -10.53 -6.10
CA VAL A 42 9.52 -10.50 -4.66
C VAL A 42 10.85 -10.30 -3.95
N LEU A 43 10.94 -9.26 -3.13
CA LEU A 43 12.17 -8.96 -2.39
C LEU A 43 12.21 -9.73 -1.07
N ASP A 44 13.38 -10.26 -0.74
CA ASP A 44 13.56 -11.02 0.49
C ASP A 44 13.40 -10.11 1.70
N ALA A 45 14.00 -8.94 1.64
CA ALA A 45 13.93 -7.97 2.74
C ALA A 45 13.69 -6.56 2.21
N CYS A 46 13.46 -5.63 3.13
CA CYS A 46 13.22 -4.23 2.76
C CYS A 46 14.48 -3.60 2.17
N SER A 47 14.38 -3.20 0.90
CA SER A 47 15.51 -2.59 0.22
C SER A 47 15.03 -1.50 -0.75
N SER A 48 15.97 -0.68 -1.22
CA SER A 48 15.64 0.40 -2.14
C SER A 48 14.73 -0.10 -3.26
N GLU A 49 15.07 -1.25 -3.82
CA GLU A 49 14.28 -1.84 -4.91
C GLU A 49 12.79 -1.76 -4.59
N ALA A 50 12.45 -1.92 -3.32
CA ALA A 50 11.06 -1.87 -2.88
C ALA A 50 10.39 -0.57 -3.35
N THR A 51 9.42 -0.70 -4.25
CA THR A 51 8.70 0.44 -4.77
C THR A 51 7.27 0.48 -4.26
N HIS A 52 6.65 -0.69 -4.15
CA HIS A 52 5.28 -0.80 -3.67
C HIS A 52 5.19 -1.77 -2.51
N VAL A 53 4.85 -1.24 -1.33
CA VAL A 53 4.73 -2.06 -0.13
C VAL A 53 3.28 -2.46 0.11
N VAL A 54 3.05 -3.76 0.29
CA VAL A 54 1.72 -4.28 0.54
C VAL A 54 1.43 -4.39 2.03
N MET A 55 0.30 -3.84 2.45
CA MET A 55 -0.09 -3.87 3.86
C MET A 55 -1.52 -4.40 4.01
N GLU A 56 -1.64 -5.60 4.58
CA GLU A 56 -2.94 -6.21 4.79
C GLU A 56 -3.52 -5.82 6.15
N GLU A 57 -4.78 -5.38 6.14
CA GLU A 57 -5.45 -4.97 7.36
C GLU A 57 -4.71 -3.81 8.03
N THR A 58 -4.37 -2.80 7.23
CA THR A 58 -3.66 -1.63 7.74
C THR A 58 -4.41 -0.35 7.40
N SER A 59 -4.43 0.58 8.34
CA SER A 59 -5.12 1.86 8.14
C SER A 59 -4.36 2.73 7.14
N ALA A 60 -4.95 3.87 6.80
CA ALA A 60 -4.34 4.79 5.86
C ALA A 60 -3.20 5.58 6.52
N GLU A 61 -3.42 5.97 7.78
CA GLU A 61 -2.43 6.73 8.51
C GLU A 61 -1.31 5.82 9.02
N GLU A 62 -1.67 4.61 9.41
CA GLU A 62 -0.69 3.64 9.91
C GLU A 62 0.48 3.51 8.94
N ALA A 63 0.17 3.43 7.65
CA ALA A 63 1.20 3.30 6.63
C ALA A 63 2.16 4.48 6.66
N VAL A 64 1.60 5.68 6.64
CA VAL A 64 2.41 6.90 6.67
C VAL A 64 3.38 6.90 7.85
N SER A 65 2.96 6.26 8.94
CA SER A 65 3.79 6.17 10.14
C SER A 65 4.83 5.06 10.02
N TRP A 66 4.37 3.88 9.63
CA TRP A 66 5.25 2.73 9.47
C TRP A 66 6.34 3.02 8.44
N GLN A 67 6.01 3.88 7.48
CA GLN A 67 6.96 4.25 6.43
C GLN A 67 7.98 5.25 6.94
N GLU A 68 7.54 6.14 7.82
CA GLU A 68 8.43 7.15 8.38
C GLU A 68 9.54 6.51 9.20
N ARG A 69 9.19 5.50 9.99
CA ARG A 69 10.16 4.80 10.82
C ARG A 69 11.39 4.42 10.02
N ARG A 70 11.17 3.91 8.82
CA ARG A 70 12.27 3.49 7.94
C ARG A 70 13.12 4.69 7.53
N MET A 71 12.47 5.67 6.90
CA MET A 71 13.17 6.88 6.46
C MET A 71 14.17 7.35 7.51
N ALA A 72 13.83 7.14 8.77
CA ALA A 72 14.71 7.53 9.87
C ALA A 72 15.96 6.67 9.93
N ALA A 73 15.76 5.35 9.98
CA ALA A 73 16.87 4.42 10.04
C ALA A 73 17.20 3.88 8.65
N ALA A 74 16.82 4.63 7.62
CA ALA A 74 17.07 4.23 6.24
C ALA A 74 18.33 4.92 5.70
N PRO A 75 18.97 4.29 4.71
CA PRO A 75 20.18 4.82 4.07
C PRO A 75 19.90 6.05 3.23
N PRO A 76 20.96 6.82 2.95
CA PRO A 76 20.85 8.05 2.14
C PRO A 76 20.55 7.75 0.68
N GLY A 77 19.57 8.45 0.13
CA GLY A 77 19.19 8.25 -1.25
C GLY A 77 17.93 7.42 -1.41
N CYS A 78 17.71 6.51 -0.47
CA CYS A 78 16.53 5.65 -0.50
C CYS A 78 15.26 6.48 -0.43
N THR A 79 14.39 6.29 -1.42
CA THR A 79 13.13 7.02 -1.49
C THR A 79 11.99 6.21 -0.88
N PRO A 80 10.96 6.91 -0.38
CA PRO A 80 9.80 6.28 0.25
C PRO A 80 8.93 5.54 -0.76
N PRO A 81 8.70 4.24 -0.52
CA PRO A 81 7.89 3.40 -1.39
C PRO A 81 6.41 3.76 -1.34
N ALA A 82 5.71 3.51 -2.44
CA ALA A 82 4.28 3.82 -2.52
C ALA A 82 3.46 2.84 -1.69
N LEU A 83 2.93 3.32 -0.57
CA LEU A 83 2.12 2.48 0.31
C LEU A 83 0.82 2.09 -0.36
N LEU A 84 0.64 0.80 -0.58
CA LEU A 84 -0.57 0.28 -1.22
C LEU A 84 -1.30 -0.70 -0.29
N ASP A 85 -2.51 -1.08 -0.68
CA ASP A 85 -3.30 -2.01 0.11
C ASP A 85 -3.34 -3.39 -0.55
N ILE A 86 -3.49 -4.42 0.27
CA ILE A 86 -3.54 -5.79 -0.23
C ILE A 86 -4.51 -5.91 -1.40
N SER A 87 -5.65 -5.24 -1.28
CA SER A 87 -6.68 -5.28 -2.32
C SER A 87 -6.05 -5.10 -3.69
N TRP A 88 -5.08 -4.20 -3.78
CA TRP A 88 -4.39 -3.94 -5.05
C TRP A 88 -3.66 -5.17 -5.55
N LEU A 89 -2.94 -5.84 -4.64
CA LEU A 89 -2.19 -7.03 -4.99
C LEU A 89 -3.10 -8.08 -5.64
N THR A 90 -4.17 -8.44 -4.93
CA THR A 90 -5.12 -9.43 -5.44
C THR A 90 -5.68 -9.00 -6.79
N GLU A 91 -5.83 -7.70 -6.98
CA GLU A 91 -6.35 -7.17 -8.23
C GLU A 91 -5.36 -7.35 -9.37
N SER A 92 -4.08 -7.10 -9.07
CA SER A 92 -3.02 -7.22 -10.07
C SER A 92 -2.81 -8.69 -10.45
N LEU A 93 -2.80 -9.56 -9.44
CA LEU A 93 -2.60 -10.98 -9.66
C LEU A 93 -3.73 -11.56 -10.50
N GLY A 94 -4.97 -11.30 -10.10
CA GLY A 94 -6.11 -11.80 -10.82
C GLY A 94 -6.18 -11.27 -12.24
N ALA A 95 -5.41 -10.21 -12.51
CA ALA A 95 -5.38 -9.61 -13.84
C ALA A 95 -4.12 -10.03 -14.61
N GLY A 96 -3.15 -10.57 -13.88
CA GLY A 96 -1.91 -11.01 -14.51
C GLY A 96 -0.95 -9.86 -14.72
N GLN A 97 -1.44 -8.64 -14.58
CA GLN A 97 -0.61 -7.45 -14.76
C GLN A 97 -0.83 -6.45 -13.62
N PRO A 98 0.21 -5.66 -13.33
CA PRO A 98 0.15 -4.65 -12.27
C PRO A 98 -0.77 -3.48 -12.62
N VAL A 99 -1.91 -3.40 -11.94
CA VAL A 99 -2.87 -2.34 -12.19
C VAL A 99 -2.37 -1.00 -11.65
N PRO A 100 -2.82 0.10 -12.26
CA PRO A 100 -2.44 1.45 -11.85
C PRO A 100 -3.02 1.84 -10.51
N VAL A 101 -2.16 2.30 -9.60
CA VAL A 101 -2.59 2.71 -8.28
C VAL A 101 -3.77 3.69 -8.36
N GLU A 102 -4.80 3.43 -7.56
CA GLU A 102 -5.99 4.28 -7.54
C GLU A 102 -6.13 4.99 -6.20
N CYS A 103 -6.97 6.01 -6.16
CA CYS A 103 -7.20 6.77 -4.93
C CYS A 103 -7.55 5.84 -3.77
N ARG A 104 -8.31 4.79 -4.07
CA ARG A 104 -8.71 3.82 -3.05
C ARG A 104 -7.51 3.01 -2.58
N HIS A 105 -6.65 2.64 -3.51
CA HIS A 105 -5.46 1.86 -3.18
C HIS A 105 -4.52 2.65 -2.28
N ARG A 106 -4.22 3.88 -2.68
CA ARG A 106 -3.33 4.74 -1.91
C ARG A 106 -3.69 4.70 -0.43
N LEU A 107 -2.66 4.65 0.42
CA LEU A 107 -2.86 4.60 1.86
C LEU A 107 -2.33 5.88 2.53
N GLU A 108 -3.23 6.84 2.71
CA GLU A 108 -2.85 8.12 3.33
C GLU A 108 -4.04 8.72 4.08
N VAL A 109 -3.74 9.49 5.12
CA VAL A 109 -4.77 10.13 5.92
C VAL A 109 -4.73 11.65 5.76
N ALA A 110 -5.74 12.33 6.30
CA ALA A 110 -5.82 13.78 6.22
C ALA A 110 -7.00 14.31 7.03
N GLY A 111 -6.74 15.27 7.90
CA GLY A 111 -7.78 15.85 8.72
C GLY A 111 -8.64 14.79 9.40
N PRO A 112 -8.04 14.05 10.33
CA PRO A 112 -8.74 13.00 11.07
C PRO A 112 -9.77 13.55 12.03
N ARG A 113 -11.03 13.12 11.85
CA ARG A 113 -12.12 13.57 12.71
C ARG A 113 -11.89 13.14 14.15
N LYS A 114 -11.76 14.12 15.04
CA LYS A 114 -11.55 13.84 16.46
C LYS A 114 -12.22 14.89 17.33
N GLY A 115 -12.74 14.46 18.47
CA GLY A 115 -13.41 15.38 19.38
C GLY A 115 -14.20 16.45 18.64
N PRO A 116 -15.33 16.05 18.05
CA PRO A 116 -16.20 16.97 17.31
C PRO A 116 -16.91 17.96 18.21
N LEU A 117 -17.62 18.91 17.61
CA LEU A 117 -18.34 19.93 18.37
C LEU A 117 -19.83 19.91 18.02
N SER A 118 -20.66 20.31 18.98
CA SER A 118 -22.10 20.34 18.77
C SER A 118 -22.76 21.34 19.72
N PRO A 119 -23.74 22.09 19.18
CA PRO A 119 -24.47 23.11 19.96
C PRO A 119 -25.39 22.47 21.00
N ALA A 120 -26.18 21.50 20.57
CA ALA A 120 -27.11 20.81 21.46
C ALA A 120 -27.74 19.61 20.77
N TRP A 121 -28.61 18.91 21.50
CA TRP A 121 -29.28 17.73 20.96
C TRP A 121 -30.74 18.04 20.62
N MET A 122 -31.19 17.54 19.47
CA MET A 122 -32.56 17.78 19.03
C MET A 122 -33.14 16.51 18.41
N PRO A 123 -34.40 16.20 18.74
CA PRO A 123 -35.10 15.02 18.22
C PRO A 123 -35.43 15.15 16.74
N ALA A 124 -35.92 14.07 16.15
CA ALA A 124 -36.28 14.07 14.74
C ALA A 124 -37.78 14.23 14.55
N TYR A 125 -38.56 13.43 15.28
CA TYR A 125 -40.01 13.48 15.19
C TYR A 125 -40.50 14.94 15.20
N ALA A 126 -39.93 15.74 16.09
CA ALA A 126 -40.30 17.14 16.19
C ALA A 126 -40.47 17.77 14.81
N CYS A 127 -41.72 18.01 14.42
CA CYS A 127 -42.01 18.60 13.12
C CYS A 127 -43.36 19.32 13.16
N SER A 128 -43.35 20.60 12.76
CA SER A 128 -44.57 21.41 12.75
C SER A 128 -45.05 21.61 11.31
N GLY A 129 -46.31 22.03 11.18
CA GLY A 129 -46.89 22.27 9.88
C GLY A 129 -48.40 22.36 9.90
N PRO A 130 -48.91 23.56 10.24
CA PRO A 130 -50.35 23.80 10.31
C PRO A 130 -51.02 23.78 8.94
N SER A 131 -52.23 23.24 8.88
CA SER A 131 -52.97 23.15 7.63
C SER A 131 -54.31 23.87 7.74
N SER A 132 -54.56 24.78 6.79
CA SER A 132 -55.80 25.55 6.79
C SER A 132 -56.30 25.75 5.36
N GLY A 133 -57.51 26.29 5.24
CA GLY A 133 -58.09 26.52 3.93
C GLY A 133 -58.97 25.37 3.47
N GLY A 1 30.65 -2.05 -17.25
CA GLY A 1 29.65 -1.35 -18.04
C GLY A 1 28.31 -2.07 -18.05
N SER A 2 27.57 -1.91 -19.13
CA SER A 2 26.25 -2.55 -19.26
C SER A 2 26.32 -4.00 -18.81
N SER A 3 25.29 -4.43 -18.09
CA SER A 3 25.22 -5.80 -17.58
C SER A 3 24.44 -6.69 -18.56
N GLY A 4 24.84 -7.95 -18.63
CA GLY A 4 24.16 -8.90 -19.52
C GLY A 4 23.55 -10.06 -18.77
N SER A 5 22.22 -10.05 -18.65
CA SER A 5 21.51 -11.10 -17.95
C SER A 5 20.44 -11.72 -18.85
N SER A 6 20.28 -13.04 -18.75
CA SER A 6 19.29 -13.75 -19.55
C SER A 6 17.88 -13.29 -19.21
N GLY A 7 17.52 -13.40 -17.93
CA GLY A 7 16.20 -12.99 -17.48
C GLY A 7 16.22 -12.35 -16.12
N SER A 8 15.46 -11.27 -15.97
CA SER A 8 15.40 -10.56 -14.69
C SER A 8 14.04 -10.76 -14.02
N THR A 9 13.00 -10.24 -14.65
CA THR A 9 11.65 -10.36 -14.12
C THR A 9 10.61 -9.79 -15.09
N ARG A 10 9.46 -10.45 -15.19
CA ARG A 10 8.40 -10.01 -16.08
C ARG A 10 8.26 -8.50 -16.05
N PHE A 11 8.18 -7.93 -14.85
CA PHE A 11 8.05 -6.49 -14.70
C PHE A 11 9.13 -5.93 -13.77
N PRO A 12 10.27 -5.55 -14.37
CA PRO A 12 11.40 -4.99 -13.62
C PRO A 12 11.11 -3.61 -13.04
N GLY A 13 10.22 -2.87 -13.71
CA GLY A 13 9.87 -1.54 -13.25
C GLY A 13 8.76 -1.57 -12.22
N VAL A 14 8.66 -2.68 -11.48
CA VAL A 14 7.65 -2.81 -10.45
C VAL A 14 8.15 -3.69 -9.30
N ALA A 15 8.32 -3.09 -8.13
CA ALA A 15 8.79 -3.81 -6.95
C ALA A 15 7.75 -3.77 -5.83
N ILE A 16 7.30 -4.95 -5.41
CA ILE A 16 6.31 -5.04 -4.34
C ILE A 16 6.92 -5.61 -3.06
N TYR A 17 6.71 -4.91 -1.96
CA TYR A 17 7.25 -5.33 -0.68
C TYR A 17 6.15 -5.83 0.24
N LEU A 18 6.28 -7.08 0.70
CA LEU A 18 5.29 -7.68 1.57
C LEU A 18 5.57 -7.33 3.04
N VAL A 19 4.58 -6.76 3.71
CA VAL A 19 4.72 -6.38 5.11
C VAL A 19 4.61 -7.60 6.02
N GLU A 20 5.76 -8.13 6.43
CA GLU A 20 5.79 -9.29 7.30
C GLU A 20 4.74 -9.18 8.40
N PRO A 21 4.78 -8.07 9.13
CA PRO A 21 3.83 -7.81 10.23
C PRO A 21 2.41 -7.55 9.72
N ARG A 22 1.44 -8.22 10.33
CA ARG A 22 0.04 -8.06 9.94
C ARG A 22 -0.17 -8.52 8.50
N MET A 23 0.26 -9.75 8.21
CA MET A 23 0.10 -10.31 6.88
C MET A 23 -0.44 -11.73 6.95
N GLY A 24 0.15 -12.54 7.83
CA GLY A 24 -0.29 -13.92 7.97
C GLY A 24 0.83 -14.91 7.70
N ARG A 25 0.91 -15.96 8.51
CA ARG A 25 1.93 -16.98 8.35
C ARG A 25 1.79 -17.68 7.00
N SER A 26 0.57 -17.71 6.47
CA SER A 26 0.30 -18.35 5.20
C SER A 26 0.30 -17.33 4.06
N ARG A 27 -0.56 -16.32 4.18
CA ARG A 27 -0.65 -15.28 3.17
C ARG A 27 0.72 -14.94 2.61
N ARG A 28 1.60 -14.46 3.48
CA ARG A 28 2.96 -14.09 3.07
C ARG A 28 3.47 -15.03 1.98
N ALA A 29 3.63 -16.30 2.33
CA ALA A 29 4.12 -17.29 1.38
C ALA A 29 3.17 -17.43 0.19
N PHE A 30 1.90 -17.72 0.48
CA PHE A 30 0.90 -17.88 -0.56
C PHE A 30 1.09 -16.84 -1.67
N LEU A 31 1.35 -15.60 -1.26
CA LEU A 31 1.56 -14.52 -2.22
C LEU A 31 2.96 -14.57 -2.81
N THR A 32 3.96 -14.67 -1.94
CA THR A 32 5.35 -14.73 -2.36
C THR A 32 5.50 -15.58 -3.63
N GLY A 33 5.03 -16.82 -3.56
CA GLY A 33 5.12 -17.70 -4.70
C GLY A 33 4.23 -17.27 -5.85
N LEU A 34 3.01 -16.87 -5.52
CA LEU A 34 2.04 -16.43 -6.53
C LEU A 34 2.64 -15.31 -7.39
N ALA A 35 3.03 -14.22 -6.74
CA ALA A 35 3.61 -13.08 -7.45
C ALA A 35 4.69 -13.54 -8.43
N ARG A 36 5.73 -14.18 -7.91
CA ARG A 36 6.83 -14.67 -8.74
C ARG A 36 6.29 -15.36 -9.99
N SER A 37 5.27 -16.19 -9.81
CA SER A 37 4.68 -16.92 -10.92
C SER A 37 3.99 -15.96 -11.90
N LYS A 38 3.35 -14.94 -11.35
CA LYS A 38 2.67 -13.95 -12.17
C LYS A 38 3.65 -13.11 -12.97
N GLY A 39 4.59 -12.47 -12.26
CA GLY A 39 5.58 -11.65 -12.92
C GLY A 39 5.99 -10.46 -12.08
N PHE A 40 6.00 -10.63 -10.77
CA PHE A 40 6.37 -9.55 -9.85
C PHE A 40 7.55 -9.96 -8.98
N ARG A 41 8.53 -9.06 -8.86
CA ARG A 41 9.71 -9.33 -8.05
C ARG A 41 9.44 -9.06 -6.57
N VAL A 42 9.58 -10.10 -5.75
CA VAL A 42 9.35 -9.98 -4.32
C VAL A 42 10.62 -9.58 -3.59
N LEU A 43 10.54 -8.48 -2.85
CA LEU A 43 11.69 -7.98 -2.10
C LEU A 43 11.74 -8.60 -0.71
N ASP A 44 12.94 -8.97 -0.28
CA ASP A 44 13.13 -9.58 1.04
C ASP A 44 13.14 -8.51 2.13
N ALA A 45 14.14 -7.63 2.08
CA ALA A 45 14.28 -6.56 3.06
C ALA A 45 14.02 -5.20 2.42
N CYS A 46 14.99 -4.71 1.67
CA CYS A 46 14.87 -3.42 1.00
C CYS A 46 16.06 -3.16 0.08
N SER A 47 15.81 -3.19 -1.22
CA SER A 47 16.87 -2.96 -2.20
C SER A 47 16.67 -1.62 -2.91
N SER A 48 15.99 -0.70 -2.24
CA SER A 48 15.74 0.62 -2.80
C SER A 48 14.93 0.52 -4.10
N GLU A 49 14.16 -0.55 -4.21
CA GLU A 49 13.33 -0.77 -5.41
C GLU A 49 11.85 -0.71 -5.07
N ALA A 50 11.53 -1.02 -3.81
CA ALA A 50 10.14 -1.00 -3.35
C ALA A 50 9.38 0.18 -3.95
N THR A 51 8.31 -0.12 -4.67
CA THR A 51 7.50 0.92 -5.30
C THR A 51 6.04 0.81 -4.87
N HIS A 52 5.63 -0.40 -4.50
CA HIS A 52 4.25 -0.63 -4.07
C HIS A 52 4.22 -1.59 -2.88
N VAL A 53 3.82 -1.08 -1.72
CA VAL A 53 3.75 -1.90 -0.52
C VAL A 53 2.35 -2.47 -0.33
N VAL A 54 2.28 -3.73 0.08
CA VAL A 54 1.00 -4.39 0.30
C VAL A 54 0.71 -4.55 1.78
N MET A 55 -0.40 -3.96 2.23
CA MET A 55 -0.80 -4.04 3.63
C MET A 55 -2.16 -4.70 3.78
N GLU A 56 -2.41 -5.27 4.96
CA GLU A 56 -3.67 -5.95 5.22
C GLU A 56 -4.27 -5.49 6.55
N GLU A 57 -5.56 -5.20 6.55
CA GLU A 57 -6.25 -4.75 7.75
C GLU A 57 -5.45 -3.65 8.45
N THR A 58 -5.10 -2.61 7.70
CA THR A 58 -4.34 -1.49 8.25
C THR A 58 -4.94 -0.16 7.83
N SER A 59 -5.05 0.77 8.78
CA SER A 59 -5.61 2.08 8.51
C SER A 59 -4.68 2.89 7.61
N ALA A 60 -5.19 4.01 7.11
CA ALA A 60 -4.41 4.88 6.24
C ALA A 60 -3.27 5.56 7.01
N GLU A 61 -3.58 6.02 8.21
CA GLU A 61 -2.58 6.69 9.05
C GLU A 61 -1.54 5.70 9.54
N GLU A 62 -2.00 4.56 10.06
CA GLU A 62 -1.10 3.53 10.56
C GLU A 62 0.00 3.22 9.55
N ALA A 63 -0.36 3.28 8.27
CA ALA A 63 0.60 3.01 7.21
C ALA A 63 1.73 4.03 7.20
N VAL A 64 1.37 5.30 7.17
CA VAL A 64 2.34 6.38 7.16
C VAL A 64 3.42 6.15 8.21
N SER A 65 2.99 5.92 9.45
CA SER A 65 3.92 5.69 10.56
C SER A 65 4.94 4.62 10.19
N TRP A 66 4.44 3.43 9.83
CA TRP A 66 5.31 2.33 9.45
C TRP A 66 6.27 2.74 8.34
N GLN A 67 5.80 3.55 7.42
CA GLN A 67 6.61 4.02 6.31
C GLN A 67 7.77 4.87 6.80
N GLU A 68 7.46 5.85 7.66
CA GLU A 68 8.49 6.73 8.20
C GLU A 68 9.74 5.95 8.58
N ARG A 69 9.54 4.82 9.26
CA ARG A 69 10.65 3.98 9.68
C ARG A 69 11.73 3.93 8.61
N ARG A 70 11.37 3.43 7.43
CA ARG A 70 12.32 3.33 6.32
C ARG A 70 13.09 4.64 6.15
N MET A 71 12.39 5.69 5.75
CA MET A 71 13.01 6.99 5.55
C MET A 71 13.99 7.31 6.68
N ALA A 72 13.76 6.71 7.84
CA ALA A 72 14.62 6.93 8.99
C ALA A 72 16.00 6.28 8.79
N ALA A 73 15.98 5.03 8.33
CA ALA A 73 17.22 4.30 8.09
C ALA A 73 17.42 4.05 6.60
N ALA A 74 16.82 4.88 5.77
CA ALA A 74 16.93 4.76 4.33
C ALA A 74 17.92 5.77 3.76
N PRO A 75 18.43 5.49 2.55
CA PRO A 75 19.39 6.36 1.88
C PRO A 75 18.77 7.68 1.42
N PRO A 76 19.58 8.73 1.37
CA PRO A 76 19.13 10.06 0.95
C PRO A 76 18.81 10.12 -0.54
N GLY A 77 17.68 10.75 -0.87
CA GLY A 77 17.28 10.87 -2.26
C GLY A 77 16.31 9.78 -2.67
N CYS A 78 16.59 8.54 -2.26
CA CYS A 78 15.73 7.41 -2.59
C CYS A 78 14.29 7.68 -2.18
N THR A 79 13.39 7.70 -3.14
CA THR A 79 11.98 7.95 -2.88
C THR A 79 11.31 6.72 -2.29
N PRO A 80 10.49 6.92 -1.24
CA PRO A 80 9.77 5.84 -0.57
C PRO A 80 8.67 5.25 -1.44
N PRO A 81 8.33 3.98 -1.19
CA PRO A 81 7.29 3.28 -1.94
C PRO A 81 5.89 3.80 -1.63
N ALA A 82 4.91 3.32 -2.38
CA ALA A 82 3.53 3.75 -2.17
C ALA A 82 2.77 2.76 -1.29
N LEU A 83 2.30 3.25 -0.15
CA LEU A 83 1.55 2.41 0.80
C LEU A 83 0.17 2.09 0.26
N LEU A 84 0.00 0.90 -0.29
CA LEU A 84 -1.28 0.47 -0.84
C LEU A 84 -1.89 -0.65 0.00
N ASP A 85 -3.10 -1.06 -0.36
CA ASP A 85 -3.79 -2.12 0.36
C ASP A 85 -3.79 -3.42 -0.45
N ILE A 86 -3.87 -4.54 0.25
CA ILE A 86 -3.88 -5.85 -0.40
C ILE A 86 -4.82 -5.85 -1.60
N SER A 87 -5.83 -4.99 -1.55
CA SER A 87 -6.80 -4.90 -2.63
C SER A 87 -6.10 -4.70 -3.99
N TRP A 88 -5.09 -3.86 -4.00
CA TRP A 88 -4.33 -3.58 -5.22
C TRP A 88 -3.67 -4.85 -5.74
N LEU A 89 -2.90 -5.51 -4.88
CA LEU A 89 -2.22 -6.74 -5.26
C LEU A 89 -3.18 -7.76 -5.85
N THR A 90 -4.11 -8.24 -5.02
CA THR A 90 -5.10 -9.21 -5.48
C THR A 90 -5.49 -8.97 -6.93
N GLU A 91 -5.86 -7.73 -7.24
CA GLU A 91 -6.26 -7.37 -8.58
C GLU A 91 -5.15 -7.66 -9.58
N SER A 92 -3.93 -7.24 -9.25
CA SER A 92 -2.78 -7.46 -10.11
C SER A 92 -2.58 -8.94 -10.39
N LEU A 93 -2.53 -9.74 -9.33
CA LEU A 93 -2.35 -11.18 -9.48
C LEU A 93 -3.45 -11.79 -10.34
N GLY A 94 -4.70 -11.48 -10.01
CA GLY A 94 -5.82 -12.01 -10.77
C GLY A 94 -5.80 -11.55 -12.21
N ALA A 95 -5.01 -10.53 -12.50
CA ALA A 95 -4.90 -9.99 -13.85
C ALA A 95 -3.59 -10.41 -14.50
N GLY A 96 -2.66 -10.90 -13.69
CA GLY A 96 -1.37 -11.33 -14.20
C GLY A 96 -0.43 -10.16 -14.45
N GLN A 97 -0.98 -8.94 -14.40
CA GLN A 97 -0.17 -7.74 -14.62
C GLN A 97 -0.47 -6.69 -13.54
N PRO A 98 0.53 -5.84 -13.27
CA PRO A 98 0.41 -4.78 -12.26
C PRO A 98 -0.54 -3.68 -12.70
N VAL A 99 -1.71 -3.62 -12.06
CA VAL A 99 -2.71 -2.61 -12.39
C VAL A 99 -2.28 -1.23 -11.91
N PRO A 100 -2.77 -0.18 -12.58
CA PRO A 100 -2.44 1.21 -12.25
C PRO A 100 -3.07 1.65 -10.93
N VAL A 101 -2.31 1.50 -9.84
CA VAL A 101 -2.79 1.88 -8.52
C VAL A 101 -3.68 3.12 -8.60
N GLU A 102 -4.68 3.17 -7.72
CA GLU A 102 -5.60 4.30 -7.69
C GLU A 102 -5.45 5.10 -6.39
N CYS A 103 -6.29 6.11 -6.22
CA CYS A 103 -6.24 6.95 -5.03
C CYS A 103 -6.66 6.16 -3.79
N ARG A 104 -7.75 5.42 -3.91
CA ARG A 104 -8.25 4.61 -2.79
C ARG A 104 -7.17 3.68 -2.27
N HIS A 105 -6.44 3.05 -3.19
CA HIS A 105 -5.37 2.14 -2.81
C HIS A 105 -4.38 2.81 -1.86
N ARG A 106 -3.94 4.00 -2.23
CA ARG A 106 -2.99 4.75 -1.42
C ARG A 106 -3.44 4.81 0.04
N LEU A 107 -2.49 4.72 0.95
CA LEU A 107 -2.80 4.77 2.38
C LEU A 107 -2.11 5.95 3.05
N GLU A 108 -2.81 7.08 3.10
CA GLU A 108 -2.26 8.29 3.72
C GLU A 108 -3.33 9.00 4.55
N VAL A 109 -2.88 9.75 5.55
CA VAL A 109 -3.79 10.49 6.42
C VAL A 109 -3.52 11.98 6.37
N ALA A 110 -4.40 12.77 6.98
CA ALA A 110 -4.25 14.21 7.01
C ALA A 110 -5.34 14.86 7.87
N GLY A 111 -4.92 15.74 8.77
CA GLY A 111 -5.86 16.42 9.64
C GLY A 111 -6.75 15.45 10.40
N PRO A 112 -6.14 14.67 11.29
CA PRO A 112 -6.86 13.68 12.10
C PRO A 112 -7.78 14.33 13.14
N ARG A 113 -9.06 14.00 13.07
CA ARG A 113 -10.04 14.56 14.01
C ARG A 113 -11.15 13.56 14.30
N LYS A 114 -11.96 13.86 15.30
CA LYS A 114 -13.07 12.98 15.67
C LYS A 114 -14.35 13.78 15.88
N GLY A 115 -15.48 13.17 15.53
CA GLY A 115 -16.76 13.83 15.70
C GLY A 115 -17.15 14.63 14.46
N PRO A 116 -18.39 15.13 14.45
CA PRO A 116 -18.92 15.92 13.33
C PRO A 116 -18.26 17.29 13.23
N LEU A 117 -18.72 18.09 12.27
CA LEU A 117 -18.18 19.43 12.07
C LEU A 117 -19.23 20.50 12.33
N SER A 118 -18.79 21.71 12.66
CA SER A 118 -19.69 22.81 12.94
C SER A 118 -20.89 22.78 11.99
N PRO A 119 -22.07 23.17 12.51
CA PRO A 119 -23.30 23.20 11.73
C PRO A 119 -23.30 24.30 10.67
N ALA A 120 -22.88 25.50 11.08
CA ALA A 120 -22.83 26.63 10.17
C ALA A 120 -22.13 27.82 10.82
N TRP A 121 -21.87 28.85 10.02
CA TRP A 121 -21.20 30.05 10.52
C TRP A 121 -22.11 31.27 10.41
N MET A 122 -21.79 32.31 11.16
CA MET A 122 -22.58 33.54 11.13
C MET A 122 -21.92 34.64 11.98
N PRO A 123 -22.02 35.89 11.50
CA PRO A 123 -21.44 37.03 12.19
C PRO A 123 -22.16 37.36 13.49
N ALA A 124 -21.45 38.04 14.41
CA ALA A 124 -22.03 38.40 15.69
C ALA A 124 -23.34 39.17 15.51
N TYR A 125 -23.39 40.02 14.50
CA TYR A 125 -24.59 40.81 14.22
C TYR A 125 -25.60 40.00 13.42
N ALA A 126 -25.13 39.42 12.31
CA ALA A 126 -26.00 38.62 11.45
C ALA A 126 -27.42 39.17 11.44
N CYS A 127 -27.54 40.49 11.31
CA CYS A 127 -28.85 41.14 11.28
C CYS A 127 -29.06 41.86 9.96
N SER A 128 -29.65 41.17 8.99
CA SER A 128 -29.90 41.73 7.67
C SER A 128 -31.27 42.41 7.64
N GLY A 129 -31.49 43.24 6.62
CA GLY A 129 -32.76 43.93 6.49
C GLY A 129 -32.65 45.40 6.84
N PRO A 130 -31.95 46.17 6.00
CA PRO A 130 -31.76 47.62 6.21
C PRO A 130 -33.05 48.41 6.02
N SER A 131 -32.93 49.73 6.08
CA SER A 131 -34.10 50.60 5.91
C SER A 131 -33.67 52.06 5.88
N SER A 132 -34.34 52.85 5.04
CA SER A 132 -34.03 54.27 4.91
C SER A 132 -34.84 55.09 5.91
N GLY A 133 -34.37 56.30 6.17
CA GLY A 133 -35.07 57.18 7.10
C GLY A 133 -34.87 56.77 8.55
N GLY A 1 20.69 -23.64 -24.14
CA GLY A 1 20.00 -24.73 -23.47
C GLY A 1 19.12 -24.25 -22.34
N SER A 2 18.98 -25.08 -21.31
CA SER A 2 18.14 -24.73 -20.17
C SER A 2 18.56 -23.38 -19.57
N SER A 3 17.91 -22.32 -20.03
CA SER A 3 18.21 -20.98 -19.54
C SER A 3 18.49 -21.00 -18.04
N GLY A 4 19.25 -20.00 -17.59
CA GLY A 4 19.58 -19.92 -16.17
C GLY A 4 20.28 -18.62 -15.81
N SER A 5 19.56 -17.51 -15.91
CA SER A 5 20.12 -16.20 -15.61
C SER A 5 19.55 -15.66 -14.30
N SER A 6 20.34 -15.76 -13.24
CA SER A 6 19.93 -15.28 -11.92
C SER A 6 19.48 -13.82 -11.99
N GLY A 7 18.18 -13.60 -12.09
CA GLY A 7 17.66 -12.25 -12.16
C GLY A 7 16.78 -12.04 -13.38
N SER A 8 15.53 -12.49 -13.31
CA SER A 8 14.60 -12.36 -14.42
C SER A 8 13.17 -12.19 -13.90
N THR A 9 12.37 -11.42 -14.64
CA THR A 9 10.99 -11.18 -14.26
C THR A 9 10.23 -10.46 -15.37
N ARG A 10 8.97 -10.85 -15.57
CA ARG A 10 8.13 -10.24 -16.60
C ARG A 10 8.15 -8.72 -16.49
N PHE A 11 7.92 -8.22 -15.28
CA PHE A 11 7.91 -6.78 -15.05
C PHE A 11 8.91 -6.40 -13.96
N PRO A 12 10.17 -6.22 -14.35
CA PRO A 12 11.25 -5.85 -13.42
C PRO A 12 11.10 -4.43 -12.91
N GLY A 13 10.73 -3.51 -13.79
CA GLY A 13 10.56 -2.13 -13.41
C GLY A 13 9.69 -1.96 -12.18
N VAL A 14 8.75 -2.89 -12.00
CA VAL A 14 7.85 -2.85 -10.85
C VAL A 14 8.22 -3.91 -9.83
N ALA A 15 8.64 -3.47 -8.65
CA ALA A 15 9.02 -4.38 -7.57
C ALA A 15 8.11 -4.22 -6.36
N ILE A 16 7.39 -5.27 -6.03
CA ILE A 16 6.47 -5.24 -4.89
C ILE A 16 7.12 -5.87 -3.66
N TYR A 17 6.94 -5.23 -2.51
CA TYR A 17 7.50 -5.73 -1.26
C TYR A 17 6.39 -6.02 -0.25
N LEU A 18 6.44 -7.21 0.33
CA LEU A 18 5.44 -7.62 1.32
C LEU A 18 6.02 -7.59 2.72
N VAL A 19 5.29 -6.98 3.66
CA VAL A 19 5.75 -6.88 5.04
C VAL A 19 5.74 -8.25 5.71
N GLU A 20 6.73 -8.49 6.55
CA GLU A 20 6.84 -9.76 7.27
C GLU A 20 5.99 -9.74 8.54
N PRO A 21 6.42 -8.92 9.52
CA PRO A 21 5.72 -8.79 10.80
C PRO A 21 4.38 -8.09 10.66
N ARG A 22 4.40 -6.92 10.03
CA ARG A 22 3.18 -6.14 9.84
C ARG A 22 2.08 -7.00 9.23
N MET A 23 2.36 -7.58 8.06
CA MET A 23 1.39 -8.43 7.38
C MET A 23 1.31 -9.80 8.03
N GLY A 24 2.46 -10.46 8.17
CA GLY A 24 2.50 -11.78 8.78
C GLY A 24 3.60 -12.64 8.22
N ARG A 25 4.07 -13.59 9.02
CA ARG A 25 5.13 -14.50 8.58
C ARG A 25 4.63 -15.47 7.52
N SER A 26 3.53 -16.14 7.82
CA SER A 26 2.94 -17.10 6.90
C SER A 26 2.14 -16.39 5.80
N ARG A 27 1.14 -15.62 6.22
CA ARG A 27 0.30 -14.89 5.28
C ARG A 27 1.13 -14.30 4.15
N ARG A 28 2.17 -13.56 4.51
CA ARG A 28 3.04 -12.94 3.51
C ARG A 28 3.54 -13.98 2.51
N ALA A 29 3.93 -15.15 3.01
CA ALA A 29 4.43 -16.22 2.16
C ALA A 29 3.43 -16.55 1.06
N PHE A 30 2.17 -16.77 1.46
CA PHE A 30 1.11 -17.10 0.50
C PHE A 30 1.21 -16.21 -0.74
N LEU A 31 1.25 -14.91 -0.53
CA LEU A 31 1.34 -13.95 -1.63
C LEU A 31 2.71 -14.01 -2.29
N THR A 32 3.76 -14.04 -1.47
CA THR A 32 5.12 -14.10 -1.98
C THR A 32 5.22 -15.00 -3.20
N GLY A 33 4.90 -16.28 -3.02
CA GLY A 33 4.96 -17.22 -4.11
C GLY A 33 4.01 -16.86 -5.24
N LEU A 34 2.88 -16.26 -4.89
CA LEU A 34 1.89 -15.85 -5.89
C LEU A 34 2.43 -14.73 -6.78
N ALA A 35 2.67 -13.57 -6.17
CA ALA A 35 3.20 -12.42 -6.90
C ALA A 35 4.18 -12.87 -7.98
N ARG A 36 5.35 -13.33 -7.55
CA ARG A 36 6.38 -13.78 -8.49
C ARG A 36 5.80 -14.76 -9.50
N SER A 37 5.04 -15.72 -9.00
CA SER A 37 4.43 -16.73 -9.86
C SER A 37 3.53 -16.09 -10.92
N LYS A 38 2.97 -14.92 -10.58
CA LYS A 38 2.11 -14.19 -11.50
C LYS A 38 2.92 -13.33 -12.45
N GLY A 39 4.04 -12.80 -11.95
CA GLY A 39 4.88 -11.96 -12.78
C GLY A 39 5.28 -10.67 -12.08
N PHE A 40 5.40 -10.73 -10.77
CA PHE A 40 5.77 -9.56 -9.98
C PHE A 40 6.99 -9.86 -9.11
N ARG A 41 8.08 -9.13 -9.35
CA ARG A 41 9.31 -9.31 -8.60
C ARG A 41 9.06 -9.15 -7.11
N VAL A 42 9.29 -10.22 -6.36
CA VAL A 42 9.09 -10.20 -4.92
C VAL A 42 10.39 -9.89 -4.18
N LEU A 43 10.36 -8.85 -3.35
CA LEU A 43 11.54 -8.44 -2.59
C LEU A 43 11.51 -9.03 -1.19
N ASP A 44 12.62 -9.61 -0.76
CA ASP A 44 12.73 -10.21 0.56
C ASP A 44 12.89 -9.13 1.63
N ALA A 45 13.79 -8.19 1.37
CA ALA A 45 14.05 -7.10 2.32
C ALA A 45 13.70 -5.75 1.70
N CYS A 46 13.74 -4.71 2.52
CA CYS A 46 13.42 -3.36 2.05
C CYS A 46 14.60 -2.75 1.31
N SER A 47 14.40 -2.46 0.03
CA SER A 47 15.44 -1.88 -0.80
C SER A 47 14.88 -0.81 -1.72
N SER A 48 15.74 0.09 -2.18
CA SER A 48 15.32 1.18 -3.06
C SER A 48 14.38 0.67 -4.14
N GLU A 49 14.74 -0.46 -4.74
CA GLU A 49 13.94 -1.06 -5.80
C GLU A 49 12.45 -1.01 -5.43
N ALA A 50 12.15 -1.30 -4.17
CA ALA A 50 10.78 -1.28 -3.69
C ALA A 50 9.97 -0.16 -4.34
N THR A 51 9.04 -0.53 -5.21
CA THR A 51 8.21 0.44 -5.90
C THR A 51 6.81 0.50 -5.30
N HIS A 52 6.30 -0.66 -4.89
CA HIS A 52 4.97 -0.74 -4.29
C HIS A 52 4.98 -1.66 -3.08
N VAL A 53 4.36 -1.20 -1.99
CA VAL A 53 4.29 -1.99 -0.77
C VAL A 53 2.86 -2.42 -0.47
N VAL A 54 2.65 -3.73 -0.40
CA VAL A 54 1.33 -4.28 -0.13
C VAL A 54 1.16 -4.55 1.37
N MET A 55 0.14 -3.91 1.96
CA MET A 55 -0.13 -4.08 3.38
C MET A 55 -1.57 -4.54 3.60
N GLU A 56 -1.74 -5.53 4.48
CA GLU A 56 -3.08 -6.05 4.77
C GLU A 56 -3.55 -5.59 6.15
N GLU A 57 -4.86 -5.57 6.35
CA GLU A 57 -5.44 -5.16 7.62
C GLU A 57 -4.65 -4.01 8.22
N THR A 58 -4.24 -3.06 7.38
CA THR A 58 -3.47 -1.92 7.83
C THR A 58 -4.29 -0.63 7.71
N SER A 59 -4.35 0.12 8.81
CA SER A 59 -5.10 1.37 8.82
C SER A 59 -4.43 2.43 7.95
N ALA A 60 -5.23 3.33 7.40
CA ALA A 60 -4.72 4.39 6.55
C ALA A 60 -3.49 5.04 7.15
N GLU A 61 -3.49 5.18 8.48
CA GLU A 61 -2.35 5.78 9.18
C GLU A 61 -1.27 4.75 9.46
N GLU A 62 -1.68 3.55 9.86
CA GLU A 62 -0.74 2.48 10.15
C GLU A 62 0.23 2.26 8.99
N ALA A 63 -0.29 2.40 7.77
CA ALA A 63 0.54 2.23 6.58
C ALA A 63 1.57 3.34 6.45
N VAL A 64 1.10 4.55 6.16
CA VAL A 64 1.98 5.70 6.01
C VAL A 64 2.95 5.80 7.17
N SER A 65 2.50 5.41 8.36
CA SER A 65 3.33 5.46 9.55
C SER A 65 4.49 4.47 9.44
N TRP A 66 4.17 3.19 9.31
CA TRP A 66 5.18 2.15 9.18
C TRP A 66 6.26 2.55 8.19
N GLN A 67 5.92 3.46 7.29
CA GLN A 67 6.86 3.93 6.28
C GLN A 67 7.82 4.95 6.86
N GLU A 68 7.28 5.94 7.58
CA GLU A 68 8.09 6.97 8.19
C GLU A 68 9.28 6.37 8.95
N ARG A 69 9.04 5.24 9.61
CA ARG A 69 10.08 4.56 10.36
C ARG A 69 11.27 4.24 9.47
N ARG A 70 10.99 3.89 8.22
CA ARG A 70 12.05 3.55 7.27
C ARG A 70 12.89 4.78 6.93
N MET A 71 12.26 5.75 6.29
CA MET A 71 12.95 6.99 5.91
C MET A 71 13.90 7.45 7.01
N ALA A 72 13.57 7.08 8.25
CA ALA A 72 14.40 7.46 9.40
C ALA A 72 15.71 6.67 9.40
N ALA A 73 15.61 5.35 9.31
CA ALA A 73 16.79 4.49 9.30
C ALA A 73 17.13 4.04 7.89
N ALA A 74 16.59 4.74 6.90
CA ALA A 74 16.83 4.40 5.50
C ALA A 74 18.21 4.88 5.05
N PRO A 75 18.82 4.13 4.12
CA PRO A 75 20.15 4.47 3.60
C PRO A 75 20.13 5.72 2.71
N PRO A 76 21.32 6.27 2.44
CA PRO A 76 21.45 7.47 1.61
C PRO A 76 21.15 7.19 0.14
N GLY A 77 20.32 8.04 -0.45
CA GLY A 77 19.97 7.87 -1.85
C GLY A 77 18.78 6.94 -2.03
N CYS A 78 18.11 6.62 -0.94
CA CYS A 78 16.95 5.74 -0.98
C CYS A 78 15.75 6.43 -1.63
N THR A 79 14.80 5.64 -2.11
CA THR A 79 13.61 6.19 -2.75
C THR A 79 12.35 5.76 -2.02
N PRO A 80 11.43 6.71 -1.80
CA PRO A 80 10.16 6.45 -1.12
C PRO A 80 9.22 5.59 -1.94
N PRO A 81 8.95 4.37 -1.46
CA PRO A 81 8.07 3.42 -2.15
C PRO A 81 6.61 3.86 -2.10
N ALA A 82 5.76 3.19 -2.88
CA ALA A 82 4.34 3.51 -2.92
C ALA A 82 3.54 2.55 -2.05
N LEU A 83 3.19 3.01 -0.84
CA LEU A 83 2.42 2.19 0.09
C LEU A 83 0.99 2.00 -0.40
N LEU A 84 0.66 0.76 -0.79
CA LEU A 84 -0.67 0.45 -1.28
C LEU A 84 -1.34 -0.61 -0.41
N ASP A 85 -2.59 -0.92 -0.71
CA ASP A 85 -3.34 -1.91 0.05
C ASP A 85 -3.51 -3.20 -0.76
N ILE A 86 -3.65 -4.32 -0.05
CA ILE A 86 -3.81 -5.61 -0.71
C ILE A 86 -4.80 -5.52 -1.87
N SER A 87 -5.75 -4.59 -1.76
CA SER A 87 -6.75 -4.40 -2.80
C SER A 87 -6.09 -4.22 -4.16
N TRP A 88 -5.01 -3.44 -4.20
CA TRP A 88 -4.29 -3.18 -5.43
C TRP A 88 -3.63 -4.45 -5.95
N LEU A 89 -3.25 -5.33 -5.04
CA LEU A 89 -2.61 -6.59 -5.41
C LEU A 89 -3.63 -7.58 -5.97
N THR A 90 -4.60 -7.95 -5.13
CA THR A 90 -5.65 -8.89 -5.55
C THR A 90 -6.08 -8.63 -6.98
N GLU A 91 -6.09 -7.36 -7.38
CA GLU A 91 -6.49 -6.98 -8.73
C GLU A 91 -5.40 -7.33 -9.73
N SER A 92 -4.15 -7.05 -9.37
CA SER A 92 -3.01 -7.34 -10.25
C SER A 92 -2.84 -8.84 -10.44
N LEU A 93 -2.91 -9.58 -9.35
CA LEU A 93 -2.76 -11.03 -9.39
C LEU A 93 -3.80 -11.65 -10.31
N GLY A 94 -5.06 -11.31 -10.08
CA GLY A 94 -6.14 -11.85 -10.90
C GLY A 94 -6.10 -11.32 -12.32
N ALA A 95 -5.27 -10.32 -12.56
CA ALA A 95 -5.14 -9.73 -13.89
C ALA A 95 -3.84 -10.16 -14.56
N GLY A 96 -2.93 -10.71 -13.76
CA GLY A 96 -1.66 -11.17 -14.30
C GLY A 96 -0.70 -10.03 -14.56
N GLN A 97 -1.21 -8.80 -14.47
CA GLN A 97 -0.39 -7.62 -14.70
C GLN A 97 -0.63 -6.57 -13.62
N PRO A 98 0.39 -5.74 -13.37
CA PRO A 98 0.32 -4.68 -12.35
C PRO A 98 -0.62 -3.55 -12.77
N VAL A 99 -1.77 -3.48 -12.10
CA VAL A 99 -2.76 -2.44 -12.40
C VAL A 99 -2.27 -1.07 -11.93
N PRO A 100 -2.77 -0.02 -12.59
CA PRO A 100 -2.41 1.37 -12.26
C PRO A 100 -2.99 1.81 -10.92
N VAL A 101 -2.13 1.85 -9.89
CA VAL A 101 -2.56 2.26 -8.56
C VAL A 101 -3.51 3.45 -8.63
N GLU A 102 -4.39 3.55 -7.64
CA GLU A 102 -5.36 4.63 -7.59
C GLU A 102 -5.37 5.29 -6.20
N CYS A 103 -5.98 6.46 -6.12
CA CYS A 103 -6.07 7.20 -4.85
C CYS A 103 -6.70 6.33 -3.77
N ARG A 104 -7.64 5.49 -4.17
CA ARG A 104 -8.34 4.60 -3.24
C ARG A 104 -7.40 3.53 -2.71
N HIS A 105 -6.38 3.19 -3.50
CA HIS A 105 -5.41 2.17 -3.12
C HIS A 105 -4.42 2.72 -2.10
N ARG A 106 -3.90 3.91 -2.37
CA ARG A 106 -2.94 4.55 -1.48
C ARG A 106 -3.39 4.45 -0.03
N LEU A 107 -2.44 4.58 0.89
CA LEU A 107 -2.74 4.50 2.32
C LEU A 107 -2.20 5.72 3.05
N GLU A 108 -3.11 6.48 3.66
CA GLU A 108 -2.72 7.68 4.40
C GLU A 108 -3.87 8.18 5.26
N VAL A 109 -3.55 9.01 6.26
CA VAL A 109 -4.56 9.55 7.15
C VAL A 109 -4.52 11.08 7.14
N ALA A 110 -5.52 11.69 7.77
CA ALA A 110 -5.60 13.15 7.85
C ALA A 110 -6.77 13.59 8.72
N GLY A 111 -6.45 14.23 9.85
CA GLY A 111 -7.49 14.69 10.75
C GLY A 111 -8.25 13.55 11.39
N PRO A 112 -7.54 12.75 12.22
CA PRO A 112 -8.14 11.60 12.91
C PRO A 112 -9.11 12.04 14.00
N ARG A 113 -10.03 11.14 14.36
CA ARG A 113 -11.02 11.42 15.38
C ARG A 113 -10.69 10.67 16.68
N LYS A 114 -11.15 11.21 17.80
CA LYS A 114 -10.92 10.59 19.09
C LYS A 114 -11.78 11.22 20.17
N GLY A 115 -12.08 10.46 21.22
CA GLY A 115 -12.89 10.96 22.31
C GLY A 115 -14.04 11.84 21.81
N PRO A 116 -15.08 11.20 21.25
CA PRO A 116 -16.25 11.91 20.73
C PRO A 116 -17.10 12.53 21.84
N LEU A 117 -18.10 13.30 21.44
CA LEU A 117 -18.98 13.95 22.40
C LEU A 117 -20.45 13.69 22.06
N SER A 118 -21.28 13.58 23.08
CA SER A 118 -22.71 13.33 22.89
C SER A 118 -23.54 14.54 23.32
N PRO A 119 -23.99 15.34 22.34
CA PRO A 119 -24.80 16.53 22.60
C PRO A 119 -26.19 16.18 23.09
N ALA A 120 -26.82 15.21 22.45
CA ALA A 120 -28.16 14.78 22.83
C ALA A 120 -28.60 13.56 22.03
N TRP A 121 -29.76 13.01 22.38
CA TRP A 121 -30.28 11.84 21.70
C TRP A 121 -31.66 12.12 21.12
N MET A 122 -32.01 11.39 20.07
CA MET A 122 -33.31 11.56 19.42
C MET A 122 -33.64 10.36 18.54
N PRO A 123 -34.92 9.94 18.57
CA PRO A 123 -35.40 8.80 17.79
C PRO A 123 -35.43 9.09 16.30
N ALA A 124 -35.55 8.04 15.49
CA ALA A 124 -35.59 8.18 14.05
C ALA A 124 -36.91 8.79 13.58
N TYR A 125 -37.98 8.46 14.29
CA TYR A 125 -39.30 8.98 13.96
C TYR A 125 -39.53 10.36 14.57
N ALA A 126 -38.47 11.17 14.58
CA ALA A 126 -38.55 12.51 15.13
C ALA A 126 -37.86 13.52 14.23
N CYS A 127 -38.63 14.48 13.73
CA CYS A 127 -38.10 15.51 12.83
C CYS A 127 -38.97 16.76 12.86
N SER A 128 -38.44 17.86 12.33
CA SER A 128 -39.17 19.11 12.31
C SER A 128 -39.02 19.80 10.95
N GLY A 129 -40.05 20.54 10.55
CA GLY A 129 -40.01 21.23 9.27
C GLY A 129 -41.25 22.08 9.03
N PRO A 130 -41.33 23.22 9.73
CA PRO A 130 -42.47 24.13 9.61
C PRO A 130 -42.51 24.84 8.26
N SER A 131 -43.70 25.27 7.85
CA SER A 131 -43.86 25.96 6.57
C SER A 131 -44.08 27.45 6.79
N SER A 132 -45.18 27.79 7.46
CA SER A 132 -45.50 29.19 7.73
C SER A 132 -44.33 29.91 8.40
N GLY A 133 -43.84 30.95 7.75
CA GLY A 133 -42.73 31.70 8.29
C GLY A 133 -41.76 32.18 7.22
#